data_6JP4
#
_entry.id   6JP4
#
_cell.length_a   261.324
_cell.length_b   394.812
_cell.length_c   112.187
_cell.angle_alpha   90.000
_cell.angle_beta   90.000
_cell.angle_gamma   90.000
#
_symmetry.space_group_name_H-M   'C 2 2 21'
#
loop_
_entity.id
_entity.type
_entity.pdbx_description
1 polymer 'Alginate lyase'
2 non-polymer 'MANGANESE (II) ION'
3 non-polymer 'MAGNESIUM ION'
4 non-polymer 'CALCIUM ION'
5 non-polymer 'ACETATE ION'
6 non-polymer 1,2-ETHANEDIOL
7 non-polymer 'CACODYLATE ION'
8 water water
#
_entity_poly.entity_id   1
_entity_poly.type   'polypeptide(L)'
_entity_poly.pdbx_seq_one_letter_code
;ANYETYDGFKVSEEPVLPEKEVHPSLWFTKSDIQKIKEKKNEDSFTAELWEEISNSPYLTMEIPTDIPSATDSDTDIHKY
YGNMSRIAKYNAFMYLMTGKSEYRLRATEALKRAFDGPIYEMDPTVSGSGVDEIYRAVWAQNFATAYDWIQPYLSDEDDE
IIRERLAKEAQVVYENLYTWGPRPHNHLSKPAWGLGTLALTLSDHPDASKWLNRALEAANTNTLYFFNKDGHYREGAHYY
VYSLVNLIPFLYHYKNVSGVNYFPEYKNIFEWAVKIRNGRGWMPNVEDSWIKPAPTHMVASQYKDTDTDLHSTAKLANIL
QWSYFNTDFRPWEPDGSYTGASYDDTWDIDQYLTYDSTIEQIKPDVSGTVFMNNSGQTVFRSDWNFNNPNSRYLLFQGVA
EADNHYHYDHLSFIIHAENQMMASDSGYSRNSYGEGIRTSWYLTAEAHNVITANGEHPKDVSENTTPVSRYDMDTDFFDF
QEKEAVYDGFTFPEKNSYDFSGKQIRAIGFPRQDYFVVADQLFSDKEVQYDLYLHGGRGEMSGEGNYRLWTYEDDRYGQE
AKMAAWVFPSKESIFIDKEGEVNYEAGAFNSYGYLNARQIAKDTMFMQIIVPLSKYADIPEVVDLSTDDVVGGTVVKDNE
KDTFMQQLNNAENSLGDITTDATFAYTNENSNNELQHFSVRQGTSLDYKGENIFVSNKPITFALDISDETQYKGTIAALN
ETVELRVKNPVGVPTESVVVNGENIEFSVEDGYTVIQVAEGGDININFGE
;
_entity_poly.pdbx_strand_id   A,B,C,D
#
# COMPACT_ATOMS: atom_id res chain seq x y z
N ALA A 1 -40.27 17.91 22.22
CA ALA A 1 -39.35 18.02 21.03
C ALA A 1 -39.63 16.89 20.03
N ASN A 2 -39.71 17.21 18.75
CA ASN A 2 -39.80 16.22 17.66
C ASN A 2 -38.39 15.81 17.22
N TYR A 3 -37.97 14.58 17.53
CA TYR A 3 -36.60 14.07 17.24
C TYR A 3 -36.49 13.55 15.80
N GLU A 4 -37.55 13.61 15.01
CA GLU A 4 -37.61 12.91 13.70
C GLU A 4 -37.61 13.89 12.54
N THR A 5 -37.76 15.20 12.78
CA THR A 5 -38.05 16.17 11.70
C THR A 5 -36.84 17.07 11.40
N TYR A 6 -35.66 16.82 11.97
CA TYR A 6 -34.41 17.54 11.58
C TYR A 6 -33.71 16.78 10.45
N ASP A 7 -33.09 17.50 9.52
CA ASP A 7 -32.41 16.94 8.32
C ASP A 7 -31.01 16.42 8.68
N GLY A 8 -30.94 15.46 9.61
CA GLY A 8 -29.70 14.75 9.97
C GLY A 8 -29.46 13.55 9.09
N PHE A 9 -28.66 12.59 9.56
CA PHE A 9 -28.29 11.40 8.75
C PHE A 9 -28.33 10.16 9.66
N LYS A 10 -28.29 9.01 9.02
CA LYS A 10 -28.33 7.70 9.70
C LYS A 10 -27.61 6.70 8.79
N VAL A 11 -27.15 5.59 9.37
CA VAL A 11 -26.46 4.49 8.65
C VAL A 11 -27.30 3.24 8.87
N SER A 12 -26.95 2.15 8.19
CA SER A 12 -27.63 0.84 8.36
C SER A 12 -27.59 0.45 9.85
N GLU A 13 -28.65 -0.19 10.31
CA GLU A 13 -28.75 -0.77 11.67
C GLU A 13 -28.56 -2.29 11.62
N GLU A 14 -28.27 -2.87 10.45
CA GLU A 14 -28.01 -4.32 10.26
C GLU A 14 -26.76 -4.65 11.06
N PRO A 15 -26.85 -5.56 12.05
CA PRO A 15 -25.67 -5.98 12.79
C PRO A 15 -24.81 -6.93 11.93
N VAL A 16 -23.60 -6.52 11.56
CA VAL A 16 -22.66 -7.37 10.78
C VAL A 16 -21.52 -7.82 11.70
N LEU A 17 -21.35 -9.13 11.84
CA LEU A 17 -20.38 -9.78 12.75
C LEU A 17 -19.57 -10.78 11.95
N PRO A 18 -18.26 -10.93 12.20
CA PRO A 18 -17.49 -11.97 11.52
C PRO A 18 -17.94 -13.36 12.02
N GLU A 19 -17.54 -14.39 11.31
CA GLU A 19 -17.93 -15.80 11.57
C GLU A 19 -17.35 -16.23 12.92
N LYS A 20 -16.17 -15.74 13.26
CA LYS A 20 -15.40 -16.15 14.44
C LYS A 20 -14.64 -14.93 14.97
N GLU A 21 -14.55 -14.80 16.29
CA GLU A 21 -13.73 -13.73 16.92
C GLU A 21 -12.26 -13.91 16.50
N VAL A 22 -11.60 -12.81 16.18
CA VAL A 22 -10.12 -12.69 16.06
C VAL A 22 -9.69 -11.65 17.08
N HIS A 23 -8.64 -11.96 17.84
CA HIS A 23 -8.00 -11.01 18.78
C HIS A 23 -6.50 -11.08 18.56
N PRO A 24 -5.78 -9.98 18.31
CA PRO A 24 -6.38 -8.65 18.19
C PRO A 24 -7.05 -8.39 16.83
N SER A 25 -8.06 -7.52 16.79
CA SER A 25 -8.74 -7.08 15.55
C SER A 25 -9.36 -5.67 15.67
N LEU A 26 -9.62 -5.12 16.87
CA LEU A 26 -10.40 -3.85 16.99
C LEU A 26 -9.66 -2.74 16.21
N TRP A 27 -8.35 -2.61 16.44
CA TRP A 27 -7.48 -1.54 15.90
C TRP A 27 -6.50 -2.12 14.86
N PHE A 28 -6.15 -3.39 14.97
CA PHE A 28 -5.05 -4.03 14.20
C PHE A 28 -5.08 -5.52 14.48
N THR A 29 -4.41 -6.32 13.63
CA THR A 29 -4.27 -7.80 13.78
C THR A 29 -2.87 -8.14 14.29
N LYS A 30 -2.64 -9.41 14.64
CA LYS A 30 -1.34 -9.96 15.09
C LYS A 30 -0.20 -9.48 14.20
N SER A 31 -0.39 -9.51 12.87
CA SER A 31 0.67 -9.24 11.84
C SER A 31 1.08 -7.75 11.86
N ASP A 32 0.22 -6.86 12.38
CA ASP A 32 0.49 -5.40 12.40
C ASP A 32 1.44 -5.01 13.54
N ILE A 33 1.63 -5.88 14.56
CA ILE A 33 2.15 -5.48 15.89
C ILE A 33 3.54 -4.85 15.76
N GLN A 34 4.44 -5.44 14.98
CA GLN A 34 5.86 -5.03 14.90
C GLN A 34 5.93 -3.67 14.18
N LYS A 35 5.10 -3.43 13.16
CA LYS A 35 4.96 -2.12 12.49
C LYS A 35 4.46 -1.07 13.50
N ILE A 36 3.49 -1.42 14.35
CA ILE A 36 2.98 -0.51 15.42
C ILE A 36 4.07 -0.26 16.47
N LYS A 37 4.88 -1.26 16.84
CA LYS A 37 6.02 -1.09 17.79
C LYS A 37 7.05 -0.12 17.20
N GLU A 38 7.29 -0.19 15.88
CA GLU A 38 8.31 0.59 15.12
C GLU A 38 7.77 2.00 14.84
N LYS A 39 6.45 2.21 14.89
CA LYS A 39 5.77 3.47 14.46
C LYS A 39 6.32 4.67 15.23
N LYS A 40 6.82 4.45 16.44
CA LYS A 40 7.38 5.52 17.33
C LYS A 40 8.51 6.27 16.62
N ASN A 41 9.22 5.63 15.68
CA ASN A 41 10.44 6.18 15.04
C ASN A 41 10.09 6.95 13.75
N GLU A 42 8.82 7.04 13.35
CA GLU A 42 8.42 7.66 12.05
C GLU A 42 8.69 9.17 12.03
N ASP A 43 8.27 9.92 13.06
CA ASP A 43 8.43 11.41 13.13
C ASP A 43 8.37 11.88 14.59
N SER A 44 8.55 13.18 14.82
CA SER A 44 8.59 13.79 16.18
C SER A 44 7.24 13.59 16.90
N PHE A 45 6.13 13.49 16.17
CA PHE A 45 4.77 13.32 16.74
C PHE A 45 4.62 11.91 17.31
N THR A 46 4.95 10.88 16.52
CA THR A 46 4.92 9.47 16.98
C THR A 46 5.88 9.28 18.15
N ALA A 47 7.03 9.95 18.13
CA ALA A 47 8.05 9.87 19.20
C ALA A 47 7.48 10.47 20.50
N GLU A 48 6.82 11.61 20.43
CA GLU A 48 6.19 12.29 21.60
C GLU A 48 5.09 11.38 22.17
N LEU A 49 4.22 10.85 21.31
CA LEU A 49 3.10 9.94 21.72
C LEU A 49 3.69 8.73 22.44
N TRP A 50 4.76 8.14 21.88
CA TRP A 50 5.42 6.93 22.45
C TRP A 50 6.01 7.25 23.84
N GLU A 51 6.71 8.39 23.96
CA GLU A 51 7.26 8.91 25.24
C GLU A 51 6.15 9.04 26.30
N GLU A 52 4.95 9.52 25.93
CA GLU A 52 3.79 9.65 26.86
C GLU A 52 3.26 8.26 27.24
N ILE A 53 2.98 7.39 26.26
CA ILE A 53 2.35 6.05 26.50
C ILE A 53 3.28 5.23 27.40
N SER A 54 4.56 5.16 27.06
CA SER A 54 5.55 4.26 27.70
C SER A 54 5.93 4.78 29.09
N ASN A 55 5.56 6.02 29.44
CA ASN A 55 5.85 6.59 30.79
C ASN A 55 4.56 6.83 31.55
N SER A 56 3.44 6.26 31.10
CA SER A 56 2.13 6.45 31.76
C SER A 56 2.22 5.97 33.19
N PRO A 57 1.76 6.75 34.18
CA PRO A 57 1.70 6.29 35.55
C PRO A 57 0.83 5.02 35.71
N TYR A 58 -0.02 4.70 34.72
CA TYR A 58 -0.92 3.51 34.76
C TYR A 58 -0.10 2.22 34.58
N LEU A 59 1.16 2.33 34.16
CA LEU A 59 2.08 1.18 34.02
C LEU A 59 2.70 0.83 35.37
N THR A 60 2.86 1.82 36.27
CA THR A 60 3.60 1.66 37.56
C THR A 60 2.66 1.75 38.78
N MET A 61 1.47 2.34 38.67
CA MET A 61 0.64 2.60 39.87
C MET A 61 0.18 1.26 40.45
N GLU A 62 0.09 1.18 41.78
CA GLU A 62 -0.51 0.02 42.48
C GLU A 62 -1.95 -0.10 41.99
N ILE A 63 -2.35 -1.31 41.59
CA ILE A 63 -3.78 -1.62 41.31
C ILE A 63 -4.46 -1.49 42.65
N PRO A 64 -5.51 -0.65 42.81
CA PRO A 64 -6.05 -0.38 44.15
C PRO A 64 -6.69 -1.66 44.70
N THR A 65 -6.33 -2.06 45.93
CA THR A 65 -6.95 -3.21 46.65
C THR A 65 -8.25 -2.74 47.32
N ASP A 66 -8.41 -1.43 47.51
CA ASP A 66 -9.65 -0.81 48.07
C ASP A 66 -10.70 -0.60 46.98
N ILE A 67 -11.73 -1.45 46.95
CA ILE A 67 -12.97 -1.30 46.14
C ILE A 67 -13.86 -0.28 46.84
N PRO A 68 -14.36 0.78 46.15
CA PRO A 68 -15.25 1.73 46.81
C PRO A 68 -16.59 1.07 47.21
N SER A 69 -17.34 1.70 48.12
CA SER A 69 -18.74 1.33 48.47
C SER A 69 -19.71 2.24 47.71
N ALA A 70 -21.00 1.88 47.62
CA ALA A 70 -22.05 2.68 46.95
C ALA A 70 -22.18 4.08 47.59
N THR A 71 -21.73 4.25 48.85
CA THR A 71 -21.86 5.50 49.64
C THR A 71 -20.57 6.36 49.62
N ASP A 72 -19.56 6.02 48.79
CA ASP A 72 -18.36 6.88 48.57
C ASP A 72 -18.77 7.97 47.58
N SER A 73 -17.98 9.04 47.48
CA SER A 73 -18.25 10.17 46.55
C SER A 73 -18.34 9.64 45.11
N ASP A 74 -19.13 10.35 44.30
CA ASP A 74 -19.33 10.06 42.86
C ASP A 74 -17.97 10.22 42.18
N THR A 75 -17.15 11.19 42.60
CA THR A 75 -15.78 11.46 42.10
C THR A 75 -14.90 10.23 42.30
N ASP A 76 -14.89 9.67 43.52
CA ASP A 76 -14.04 8.51 43.87
C ASP A 76 -14.47 7.29 43.05
N ILE A 77 -15.77 7.06 42.89
CA ILE A 77 -16.30 5.87 42.18
C ILE A 77 -15.91 5.99 40.71
N HIS A 78 -16.09 7.18 40.12
CA HIS A 78 -15.73 7.52 38.72
C HIS A 78 -14.24 7.23 38.52
N LYS A 79 -13.37 7.79 39.35
CA LYS A 79 -11.91 7.62 39.24
C LYS A 79 -11.50 6.15 39.41
N TYR A 80 -12.17 5.40 40.28
CA TYR A 80 -11.89 3.94 40.45
C TYR A 80 -12.06 3.21 39.10
N TYR A 81 -13.20 3.36 38.42
CA TYR A 81 -13.50 2.66 37.15
C TYR A 81 -12.65 3.21 36.01
N GLY A 82 -12.47 4.53 35.96
CA GLY A 82 -11.56 5.20 35.02
C GLY A 82 -10.15 4.62 35.11
N ASN A 83 -9.62 4.59 36.34
CA ASN A 83 -8.25 4.10 36.64
C ASN A 83 -8.13 2.61 36.29
N MET A 84 -9.10 1.79 36.67
CA MET A 84 -9.05 0.32 36.40
C MET A 84 -9.09 0.09 34.89
N SER A 85 -9.96 0.79 34.17
CA SER A 85 -10.09 0.70 32.69
C SER A 85 -8.77 1.13 32.04
N ARG A 86 -8.09 2.13 32.58
CA ARG A 86 -6.81 2.66 32.04
C ARG A 86 -5.67 1.69 32.35
N ILE A 87 -5.63 1.11 33.55
CA ILE A 87 -4.64 0.06 33.93
C ILE A 87 -4.75 -1.10 32.91
N ALA A 88 -5.96 -1.60 32.67
CA ALA A 88 -6.23 -2.67 31.70
C ALA A 88 -5.62 -2.29 30.33
N LYS A 89 -5.99 -1.14 29.77
CA LYS A 89 -5.68 -0.79 28.37
C LYS A 89 -4.19 -0.43 28.20
N TYR A 90 -3.61 0.38 29.09
CA TYR A 90 -2.18 0.80 28.99
C TYR A 90 -1.27 -0.43 29.12
N ASN A 91 -1.55 -1.29 30.10
CA ASN A 91 -0.72 -2.48 30.40
C ASN A 91 -0.87 -3.50 29.26
N ALA A 92 -2.07 -3.71 28.73
CA ALA A 92 -2.32 -4.61 27.57
C ALA A 92 -1.52 -4.11 26.36
N PHE A 93 -1.53 -2.80 26.12
CA PHE A 93 -0.83 -2.19 24.95
C PHE A 93 0.68 -2.43 25.11
N MET A 94 1.23 -2.08 26.27
CA MET A 94 2.69 -2.16 26.51
C MET A 94 3.17 -3.63 26.55
N TYR A 95 2.29 -4.59 26.84
CA TYR A 95 2.58 -6.03 26.75
C TYR A 95 2.80 -6.39 25.28
N LEU A 96 1.89 -5.98 24.41
CA LEU A 96 2.02 -6.16 22.93
C LEU A 96 3.28 -5.48 22.41
N MET A 97 3.59 -4.28 22.88
CA MET A 97 4.75 -3.50 22.38
C MET A 97 6.08 -4.05 22.90
N THR A 98 6.15 -4.61 24.12
CA THR A 98 7.43 -4.93 24.80
C THR A 98 7.55 -6.40 25.20
N GLY A 99 6.44 -7.11 25.45
CA GLY A 99 6.47 -8.50 25.98
C GLY A 99 6.81 -8.59 27.46
N LYS A 100 6.87 -7.48 28.20
CA LYS A 100 7.25 -7.53 29.65
C LYS A 100 6.10 -8.20 30.41
N SER A 101 6.44 -9.28 31.11
CA SER A 101 5.52 -10.17 31.84
C SER A 101 4.55 -9.36 32.72
N GLU A 102 5.08 -8.39 33.46
CA GLU A 102 4.35 -7.55 34.45
C GLU A 102 3.14 -6.89 33.76
N TYR A 103 3.32 -6.43 32.53
CA TYR A 103 2.25 -5.75 31.75
C TYR A 103 1.08 -6.72 31.51
N ARG A 104 1.34 -7.97 31.14
CA ARG A 104 0.26 -8.97 30.92
C ARG A 104 -0.45 -9.27 32.26
N LEU A 105 0.33 -9.44 33.34
CA LEU A 105 -0.21 -9.79 34.68
C LEU A 105 -1.12 -8.66 35.17
N ARG A 106 -0.67 -7.40 35.04
CA ARG A 106 -1.42 -6.18 35.46
C ARG A 106 -2.69 -6.02 34.60
N ALA A 107 -2.59 -6.22 33.29
CA ALA A 107 -3.75 -6.13 32.35
C ALA A 107 -4.78 -7.18 32.73
N THR A 108 -4.31 -8.38 33.04
CA THR A 108 -5.15 -9.55 33.44
C THR A 108 -5.86 -9.26 34.77
N GLU A 109 -5.15 -8.79 35.80
CA GLU A 109 -5.76 -8.52 37.14
C GLU A 109 -6.84 -7.43 36.99
N ALA A 110 -6.55 -6.33 36.29
CA ALA A 110 -7.49 -5.21 36.03
C ALA A 110 -8.74 -5.72 35.31
N LEU A 111 -8.59 -6.57 34.29
CA LEU A 111 -9.73 -7.09 33.51
C LEU A 111 -10.56 -8.04 34.38
N LYS A 112 -9.93 -8.83 35.24
CA LYS A 112 -10.66 -9.76 36.14
C LYS A 112 -11.49 -8.95 37.15
N ARG A 113 -11.12 -7.68 37.41
CA ARG A 113 -11.84 -6.78 38.35
C ARG A 113 -12.67 -5.73 37.60
N ALA A 114 -12.89 -5.90 36.29
CA ALA A 114 -13.67 -4.94 35.46
C ALA A 114 -15.10 -4.89 35.99
N PHE A 115 -15.56 -3.71 36.41
CA PHE A 115 -16.96 -3.50 36.85
C PHE A 115 -17.26 -4.35 38.08
N ASP A 116 -16.27 -4.59 38.95
CA ASP A 116 -16.49 -5.01 40.36
C ASP A 116 -17.00 -3.77 41.12
N GLY A 117 -17.10 -3.84 42.44
CA GLY A 117 -17.53 -2.72 43.29
C GLY A 117 -19.02 -2.40 43.10
N PRO A 118 -19.44 -1.16 43.41
CA PRO A 118 -20.86 -0.86 43.58
C PRO A 118 -21.65 -0.50 42.32
N ILE A 119 -21.02 -0.48 41.14
CA ILE A 119 -21.61 0.05 39.87
C ILE A 119 -23.06 -0.45 39.66
N TYR A 120 -23.32 -1.75 39.80
CA TYR A 120 -24.63 -2.34 39.44
C TYR A 120 -25.63 -2.12 40.59
N GLU A 121 -25.17 -1.64 41.75
CA GLU A 121 -26.06 -1.22 42.89
C GLU A 121 -26.53 0.21 42.65
N MET A 122 -25.84 0.97 41.79
CA MET A 122 -26.05 2.43 41.66
C MET A 122 -27.05 2.73 40.55
N ASP A 123 -27.58 3.96 40.52
CA ASP A 123 -28.64 4.41 39.59
C ASP A 123 -28.08 5.55 38.73
N PRO A 124 -27.73 5.28 37.45
CA PRO A 124 -27.19 6.30 36.56
C PRO A 124 -28.17 7.40 36.16
N THR A 125 -29.47 7.27 36.45
CA THR A 125 -30.49 8.33 36.20
C THR A 125 -30.38 9.41 37.28
N VAL A 126 -29.62 9.17 38.36
CA VAL A 126 -29.35 10.22 39.39
C VAL A 126 -28.32 11.19 38.80
N SER A 127 -28.67 12.46 38.68
CA SER A 127 -27.80 13.52 38.13
C SER A 127 -26.42 13.46 38.81
N GLY A 128 -25.33 13.44 38.05
CA GLY A 128 -23.96 13.42 38.59
C GLY A 128 -23.52 12.05 39.14
N SER A 129 -24.25 10.97 38.83
CA SER A 129 -23.82 9.57 39.11
C SER A 129 -22.36 9.39 38.69
N GLY A 130 -21.55 8.82 39.59
CA GLY A 130 -20.17 8.43 39.31
C GLY A 130 -20.06 7.33 38.26
N VAL A 131 -21.18 6.69 37.91
CA VAL A 131 -21.26 5.58 36.90
C VAL A 131 -22.26 5.98 35.83
N ASP A 132 -22.35 7.27 35.52
CA ASP A 132 -23.18 7.79 34.41
C ASP A 132 -22.76 7.10 33.11
N GLU A 133 -23.73 6.85 32.24
CA GLU A 133 -23.54 6.21 30.91
C GLU A 133 -22.42 6.90 30.10
N ILE A 134 -22.18 8.20 30.27
CA ILE A 134 -21.15 8.95 29.47
C ILE A 134 -19.74 8.49 29.86
N TYR A 135 -19.53 8.07 31.11
CA TYR A 135 -18.21 7.63 31.63
C TYR A 135 -17.99 6.15 31.30
N ARG A 136 -19.01 5.30 31.47
CA ARG A 136 -18.87 3.84 31.32
C ARG A 136 -18.80 3.48 29.83
N ALA A 137 -19.15 4.42 28.94
CA ALA A 137 -18.92 4.32 27.48
C ALA A 137 -17.42 4.19 27.24
N VAL A 138 -16.62 5.06 27.86
CA VAL A 138 -15.14 5.05 27.78
C VAL A 138 -14.61 3.80 28.50
N TRP A 139 -15.13 3.48 29.69
CA TRP A 139 -14.66 2.29 30.45
C TRP A 139 -14.85 1.04 29.60
N ALA A 140 -16.03 0.88 28.99
CA ALA A 140 -16.38 -0.28 28.13
C ALA A 140 -15.36 -0.39 27.00
N GLN A 141 -15.06 0.72 26.31
CA GLN A 141 -14.12 0.69 25.16
C GLN A 141 -12.72 0.36 25.69
N ASN A 142 -12.31 0.92 26.83
CA ASN A 142 -10.99 0.69 27.44
C ASN A 142 -10.85 -0.81 27.79
N PHE A 143 -11.81 -1.39 28.51
CA PHE A 143 -11.73 -2.80 28.96
C PHE A 143 -11.83 -3.75 27.75
N ALA A 144 -12.73 -3.47 26.80
CA ALA A 144 -12.92 -4.31 25.59
C ALA A 144 -11.62 -4.34 24.77
N THR A 145 -10.96 -3.20 24.62
CA THR A 145 -9.70 -3.06 23.85
C THR A 145 -8.58 -3.82 24.55
N ALA A 146 -8.46 -3.67 25.87
CA ALA A 146 -7.48 -4.40 26.68
C ALA A 146 -7.68 -5.92 26.48
N TYR A 147 -8.94 -6.38 26.48
CA TYR A 147 -9.29 -7.80 26.28
C TYR A 147 -8.89 -8.24 24.86
N ASP A 148 -9.22 -7.43 23.85
CA ASP A 148 -8.86 -7.68 22.43
C ASP A 148 -7.34 -7.90 22.33
N TRP A 149 -6.55 -7.10 23.05
CA TRP A 149 -5.07 -7.10 23.00
C TRP A 149 -4.49 -8.25 23.82
N ILE A 150 -5.11 -8.67 24.93
CA ILE A 150 -4.49 -9.66 25.86
C ILE A 150 -5.09 -11.06 25.66
N GLN A 151 -6.24 -11.18 25.00
CA GLN A 151 -7.05 -12.44 24.95
C GLN A 151 -6.18 -13.63 24.55
N PRO A 152 -5.28 -13.55 23.55
CA PRO A 152 -4.51 -14.73 23.13
C PRO A 152 -3.53 -15.26 24.18
N TYR A 153 -3.23 -14.49 25.23
CA TYR A 153 -2.26 -14.87 26.27
C TYR A 153 -2.98 -15.31 27.55
N LEU A 154 -4.31 -15.25 27.60
CA LEU A 154 -5.09 -15.63 28.81
C LEU A 154 -5.16 -17.16 28.92
N SER A 155 -5.15 -17.70 30.14
CA SER A 155 -5.62 -19.08 30.44
C SER A 155 -7.11 -19.18 30.07
N ASP A 156 -7.57 -20.40 29.76
CA ASP A 156 -9.00 -20.65 29.44
C ASP A 156 -9.86 -20.12 30.61
N GLU A 157 -9.44 -20.36 31.85
CA GLU A 157 -10.15 -19.94 33.07
C GLU A 157 -10.30 -18.42 33.07
N ASP A 158 -9.20 -17.67 32.88
CA ASP A 158 -9.18 -16.18 32.92
C ASP A 158 -10.02 -15.62 31.77
N ASP A 159 -9.97 -16.21 30.57
CA ASP A 159 -10.77 -15.80 29.40
C ASP A 159 -12.27 -15.87 29.76
N GLU A 160 -12.73 -16.99 30.31
CA GLU A 160 -14.15 -17.20 30.70
C GLU A 160 -14.57 -16.12 31.73
N ILE A 161 -13.71 -15.86 32.73
CA ILE A 161 -13.97 -14.88 33.84
C ILE A 161 -14.16 -13.51 33.21
N ILE A 162 -13.20 -13.09 32.38
CA ILE A 162 -13.14 -11.71 31.83
C ILE A 162 -14.29 -11.54 30.82
N ARG A 163 -14.59 -12.56 30.01
CA ARG A 163 -15.72 -12.49 29.06
C ARG A 163 -17.03 -12.26 29.82
N GLU A 164 -17.24 -12.96 30.93
CA GLU A 164 -18.48 -12.88 31.74
C GLU A 164 -18.64 -11.44 32.26
N ARG A 165 -17.56 -10.82 32.71
CA ARG A 165 -17.55 -9.40 33.16
C ARG A 165 -17.91 -8.45 32.01
N LEU A 166 -17.29 -8.60 30.83
CA LEU A 166 -17.57 -7.72 29.67
C LEU A 166 -19.02 -7.94 29.18
N ALA A 167 -19.49 -9.19 29.15
CA ALA A 167 -20.83 -9.58 28.66
C ALA A 167 -21.93 -9.01 29.57
N LYS A 168 -21.69 -9.01 30.89
CA LYS A 168 -22.65 -8.48 31.87
C LYS A 168 -22.81 -6.97 31.63
N GLU A 169 -21.72 -6.21 31.51
CA GLU A 169 -21.81 -4.75 31.24
C GLU A 169 -22.52 -4.52 29.91
N ALA A 170 -22.25 -5.32 28.87
CA ALA A 170 -22.95 -5.19 27.57
C ALA A 170 -24.46 -5.39 27.79
N GLN A 171 -24.86 -6.43 28.54
CA GLN A 171 -26.29 -6.75 28.75
C GLN A 171 -26.94 -5.58 29.49
N VAL A 172 -26.27 -5.05 30.52
CA VAL A 172 -26.83 -3.98 31.39
C VAL A 172 -26.99 -2.71 30.55
N VAL A 173 -26.00 -2.37 29.72
CA VAL A 173 -26.10 -1.19 28.80
C VAL A 173 -27.23 -1.42 27.80
N TYR A 174 -27.29 -2.60 27.18
CA TYR A 174 -28.35 -2.95 26.20
C TYR A 174 -29.74 -2.75 26.82
N GLU A 175 -29.95 -3.26 28.04
CA GLU A 175 -31.26 -3.23 28.74
C GLU A 175 -31.63 -1.81 29.18
N ASN A 176 -30.65 -0.92 29.44
CA ASN A 176 -30.88 0.38 30.12
C ASN A 176 -30.61 1.58 29.22
N LEU A 177 -30.09 1.36 28.01
CA LEU A 177 -29.63 2.44 27.09
C LEU A 177 -30.71 3.54 27.03
N TYR A 178 -31.95 3.15 26.74
CA TYR A 178 -33.06 4.08 26.45
C TYR A 178 -33.65 4.66 27.76
N THR A 179 -33.47 3.99 28.91
CA THR A 179 -33.85 4.55 30.25
C THR A 179 -32.79 5.57 30.67
N TRP A 180 -31.51 5.25 30.56
CA TRP A 180 -30.39 6.19 30.88
C TRP A 180 -30.34 7.40 29.93
N GLY A 181 -30.71 7.19 28.66
CA GLY A 181 -30.71 8.19 27.57
C GLY A 181 -32.09 8.33 26.94
N PRO A 182 -33.09 8.86 27.68
CA PRO A 182 -34.45 8.96 27.14
C PRO A 182 -34.57 10.07 26.08
N ARG A 183 -33.54 10.89 25.91
CA ARG A 183 -33.46 11.94 24.86
C ARG A 183 -32.16 11.73 24.10
N PRO A 184 -32.20 11.81 22.74
CA PRO A 184 -31.10 11.28 21.92
C PRO A 184 -29.87 12.18 21.82
N HIS A 185 -29.45 12.83 22.91
CA HIS A 185 -28.19 13.60 22.98
C HIS A 185 -27.01 12.67 23.24
N ASN A 186 -25.85 13.24 23.56
CA ASN A 186 -24.57 12.49 23.71
C ASN A 186 -24.68 11.46 24.84
N HIS A 187 -25.63 11.58 25.78
CA HIS A 187 -25.84 10.54 26.83
C HIS A 187 -26.41 9.25 26.22
N LEU A 188 -27.02 9.34 25.03
CA LEU A 188 -27.49 8.13 24.32
C LEU A 188 -26.37 7.64 23.40
N SER A 189 -25.79 8.52 22.59
CA SER A 189 -24.87 8.12 21.49
C SER A 189 -23.59 7.52 22.08
N LYS A 190 -23.00 8.15 23.08
CA LYS A 190 -21.71 7.70 23.67
C LYS A 190 -21.79 6.26 24.16
N PRO A 191 -22.71 5.89 25.08
CA PRO A 191 -22.79 4.50 25.52
C PRO A 191 -23.30 3.55 24.42
N ALA A 192 -23.99 4.06 23.40
CA ALA A 192 -24.37 3.26 22.21
C ALA A 192 -23.09 2.78 21.49
N TRP A 193 -22.14 3.68 21.26
CA TRP A 193 -20.83 3.38 20.63
C TRP A 193 -20.00 2.45 21.53
N GLY A 194 -20.07 2.62 22.86
CA GLY A 194 -19.52 1.69 23.85
C GLY A 194 -20.10 0.29 23.70
N LEU A 195 -21.42 0.18 23.60
CA LEU A 195 -22.10 -1.11 23.41
C LEU A 195 -21.66 -1.74 22.09
N GLY A 196 -21.56 -0.93 21.04
CA GLY A 196 -21.05 -1.36 19.72
C GLY A 196 -19.70 -2.03 19.82
N THR A 197 -18.75 -1.37 20.47
CA THR A 197 -17.39 -1.91 20.72
C THR A 197 -17.50 -3.23 21.47
N LEU A 198 -18.29 -3.31 22.54
CA LEU A 198 -18.44 -4.56 23.34
C LEU A 198 -18.95 -5.69 22.43
N ALA A 199 -19.95 -5.43 21.59
CA ALA A 199 -20.57 -6.45 20.71
C ALA A 199 -19.53 -6.97 19.72
N LEU A 200 -18.70 -6.08 19.18
CA LEU A 200 -17.67 -6.41 18.17
C LEU A 200 -16.51 -7.16 18.83
N THR A 201 -16.20 -6.86 20.08
CA THR A 201 -15.19 -7.58 20.89
C THR A 201 -15.68 -9.00 21.19
N LEU A 202 -16.95 -9.14 21.61
CA LEU A 202 -17.56 -10.44 21.98
C LEU A 202 -18.46 -10.91 20.82
N SER A 203 -18.00 -10.82 19.56
CA SER A 203 -18.84 -11.10 18.34
C SER A 203 -19.38 -12.54 18.35
N ASP A 204 -18.77 -13.47 19.10
CA ASP A 204 -19.26 -14.88 19.20
C ASP A 204 -20.27 -15.03 20.34
N HIS A 205 -20.45 -14.03 21.21
CA HIS A 205 -21.47 -14.10 22.29
C HIS A 205 -22.84 -14.21 21.62
N PRO A 206 -23.76 -15.07 22.13
CA PRO A 206 -25.07 -15.24 21.49
C PRO A 206 -25.90 -13.96 21.34
N ASP A 207 -25.68 -12.92 22.17
CA ASP A 207 -26.49 -11.68 22.18
C ASP A 207 -25.80 -10.55 21.41
N ALA A 208 -24.63 -10.80 20.79
CA ALA A 208 -23.81 -9.75 20.13
C ALA A 208 -24.59 -9.05 19.01
N SER A 209 -25.39 -9.78 18.21
CA SER A 209 -26.24 -9.21 17.13
C SER A 209 -27.24 -8.20 17.71
N LYS A 210 -27.98 -8.61 18.73
CA LYS A 210 -28.97 -7.78 19.45
C LYS A 210 -28.28 -6.49 19.95
N TRP A 211 -27.13 -6.63 20.63
CA TRP A 211 -26.33 -5.51 21.19
C TRP A 211 -25.97 -4.53 20.08
N LEU A 212 -25.36 -5.03 19.00
CA LEU A 212 -24.83 -4.18 17.90
C LEU A 212 -25.97 -3.43 17.22
N ASN A 213 -27.09 -4.12 16.98
CA ASN A 213 -28.30 -3.56 16.35
C ASN A 213 -28.83 -2.41 17.19
N ARG A 214 -28.97 -2.60 18.51
CA ARG A 214 -29.52 -1.55 19.39
C ARG A 214 -28.54 -0.37 19.44
N ALA A 215 -27.24 -0.65 19.49
CA ALA A 215 -26.17 0.36 19.46
C ALA A 215 -26.35 1.26 18.23
N LEU A 216 -26.52 0.65 17.05
CA LEU A 216 -26.64 1.36 15.76
C LEU A 216 -27.95 2.14 15.72
N GLU A 217 -29.04 1.53 16.15
CA GLU A 217 -30.38 2.16 16.22
C GLU A 217 -30.32 3.42 17.10
N ALA A 218 -29.76 3.30 18.30
CA ALA A 218 -29.66 4.38 19.31
C ALA A 218 -28.78 5.52 18.78
N ALA A 219 -27.61 5.21 18.21
CA ALA A 219 -26.68 6.21 17.65
C ALA A 219 -27.37 6.96 16.50
N ASN A 220 -28.14 6.25 15.67
CA ASN A 220 -28.90 6.87 14.54
C ASN A 220 -29.87 7.93 15.09
N THR A 221 -30.53 7.72 16.23
CA THR A 221 -31.52 8.70 16.76
C THR A 221 -30.78 10.00 17.13
N ASN A 222 -29.50 9.92 17.51
CA ASN A 222 -28.65 11.12 17.76
C ASN A 222 -28.24 11.76 16.42
N THR A 223 -27.75 10.98 15.46
CA THR A 223 -27.21 11.56 14.17
C THR A 223 -28.35 12.13 13.32
N LEU A 224 -29.58 11.67 13.49
CA LEU A 224 -30.77 12.16 12.77
C LEU A 224 -31.22 13.53 13.29
N TYR A 225 -31.01 13.83 14.58
CA TYR A 225 -31.59 15.01 15.28
C TYR A 225 -30.51 16.03 15.66
N PHE A 226 -29.41 15.62 16.25
CA PHE A 226 -28.37 16.58 16.72
C PHE A 226 -27.37 16.92 15.61
N PHE A 227 -27.16 16.01 14.66
CA PHE A 227 -26.32 16.30 13.46
C PHE A 227 -27.24 16.75 12.33
N ASN A 228 -26.71 17.65 11.51
CA ASN A 228 -27.24 17.92 10.16
C ASN A 228 -26.51 16.96 9.20
N LYS A 229 -27.14 16.61 8.08
CA LYS A 229 -26.47 15.92 6.94
C LYS A 229 -25.16 16.65 6.59
N ASP A 230 -25.08 17.98 6.74
CA ASP A 230 -23.87 18.75 6.32
C ASP A 230 -22.78 18.61 7.38
N GLY A 231 -23.02 17.88 8.48
CA GLY A 231 -21.96 17.55 9.47
C GLY A 231 -22.00 18.41 10.73
N HIS A 232 -22.75 19.51 10.73
CA HIS A 232 -22.94 20.42 11.90
C HIS A 232 -23.48 19.62 13.09
N TYR A 233 -22.95 19.85 14.31
CA TYR A 233 -23.45 19.25 15.56
C TYR A 233 -24.15 20.31 16.40
N ARG A 234 -25.44 20.15 16.67
CA ARG A 234 -26.30 21.20 17.27
C ARG A 234 -26.05 21.36 18.78
N GLU A 235 -25.35 20.44 19.46
CA GLU A 235 -24.99 20.59 20.89
C GLU A 235 -23.73 21.46 21.04
N GLY A 236 -23.07 21.80 19.93
CA GLY A 236 -21.86 22.64 19.94
C GLY A 236 -20.60 21.82 19.85
N ALA A 237 -19.47 22.52 19.72
CA ALA A 237 -18.13 21.96 19.49
C ALA A 237 -17.68 21.06 20.64
N HIS A 238 -17.94 21.49 21.87
CA HIS A 238 -17.48 20.75 23.08
C HIS A 238 -18.18 19.38 23.14
N TYR A 239 -19.50 19.30 22.95
CA TYR A 239 -20.23 18.01 23.04
C TYR A 239 -20.00 17.18 21.75
N TYR A 240 -19.61 17.83 20.65
CA TYR A 240 -19.12 17.14 19.41
C TYR A 240 -17.85 16.35 19.75
N VAL A 241 -16.84 17.03 20.27
CA VAL A 241 -15.56 16.39 20.61
C VAL A 241 -15.83 15.29 21.66
N TYR A 242 -16.67 15.58 22.66
CA TYR A 242 -17.05 14.62 23.71
C TYR A 242 -17.63 13.34 23.06
N SER A 243 -18.45 13.51 22.02
CA SER A 243 -19.05 12.40 21.24
C SER A 243 -17.93 11.64 20.48
N LEU A 244 -16.95 12.35 19.90
CA LEU A 244 -15.88 11.75 19.08
C LEU A 244 -15.07 10.76 19.93
N VAL A 245 -15.02 10.94 21.25
CA VAL A 245 -14.21 10.07 22.15
C VAL A 245 -14.68 8.61 21.98
N ASN A 246 -15.97 8.38 21.80
CA ASN A 246 -16.55 7.03 21.64
C ASN A 246 -16.81 6.71 20.16
N LEU A 247 -17.19 7.71 19.35
CA LEU A 247 -17.56 7.52 17.91
C LEU A 247 -16.34 7.09 17.09
N ILE A 248 -15.22 7.80 17.22
CA ILE A 248 -14.02 7.53 16.38
C ILE A 248 -13.54 6.10 16.61
N PRO A 249 -13.36 5.63 17.87
CA PRO A 249 -13.03 4.22 18.09
C PRO A 249 -14.05 3.27 17.47
N PHE A 250 -15.35 3.50 17.67
CA PHE A 250 -16.41 2.61 17.14
C PHE A 250 -16.27 2.49 15.61
N LEU A 251 -16.03 3.60 14.90
CA LEU A 251 -15.95 3.60 13.41
C LEU A 251 -14.82 2.68 12.95
N TYR A 252 -13.63 2.80 13.56
CA TYR A 252 -12.48 1.94 13.30
C TYR A 252 -12.83 0.50 13.67
N HIS A 253 -13.40 0.27 14.86
CA HIS A 253 -13.75 -1.09 15.36
C HIS A 253 -14.64 -1.80 14.32
N TYR A 254 -15.68 -1.12 13.84
CA TYR A 254 -16.70 -1.75 12.98
C TYR A 254 -16.07 -2.08 11.61
N LYS A 255 -15.24 -1.17 11.11
CA LYS A 255 -14.49 -1.36 9.85
C LYS A 255 -13.51 -2.54 10.02
N ASN A 256 -12.65 -2.49 11.03
CA ASN A 256 -11.58 -3.47 11.28
C ASN A 256 -12.19 -4.85 11.56
N VAL A 257 -13.24 -4.97 12.37
CA VAL A 257 -13.75 -6.31 12.81
C VAL A 257 -14.67 -6.91 11.74
N SER A 258 -15.63 -6.16 11.20
CA SER A 258 -16.74 -6.69 10.39
C SER A 258 -16.62 -6.24 8.93
N GLY A 259 -15.75 -5.28 8.61
CA GLY A 259 -15.61 -4.73 7.25
C GLY A 259 -16.70 -3.71 6.94
N VAL A 260 -17.50 -3.27 7.92
CA VAL A 260 -18.52 -2.22 7.67
C VAL A 260 -17.83 -0.87 7.86
N ASN A 261 -17.70 -0.12 6.76
CA ASN A 261 -16.94 1.15 6.67
C ASN A 261 -17.95 2.30 6.61
N TYR A 262 -18.14 3.01 7.73
CA TYR A 262 -19.10 4.13 7.85
C TYR A 262 -18.36 5.46 7.67
N PHE A 263 -17.05 5.43 7.41
CA PHE A 263 -16.26 6.69 7.28
C PHE A 263 -16.85 7.56 6.17
N PRO A 264 -17.28 7.02 4.99
CA PRO A 264 -17.95 7.85 3.98
C PRO A 264 -19.18 8.58 4.50
N GLU A 265 -20.06 7.89 5.22
CA GLU A 265 -21.33 8.47 5.70
C GLU A 265 -21.11 9.50 6.81
N TYR A 266 -20.00 9.43 7.56
CA TYR A 266 -19.67 10.36 8.68
C TYR A 266 -18.72 11.47 8.22
N LYS A 267 -18.26 11.43 6.96
CA LYS A 267 -17.29 12.38 6.39
C LYS A 267 -17.61 13.84 6.76
N ASN A 268 -18.86 14.26 6.59
CA ASN A 268 -19.25 15.69 6.73
C ASN A 268 -19.00 16.17 8.18
N ILE A 269 -19.05 15.29 9.19
CA ILE A 269 -18.91 15.76 10.59
C ILE A 269 -17.46 16.25 10.79
N PHE A 270 -16.50 15.73 10.00
CA PHE A 270 -15.08 16.13 10.10
C PHE A 270 -14.82 17.37 9.22
N GLU A 271 -15.41 17.42 8.04
CA GLU A 271 -15.27 18.58 7.12
C GLU A 271 -15.88 19.83 7.78
N TRP A 272 -16.99 19.65 8.49
CA TRP A 272 -17.68 20.72 9.27
C TRP A 272 -16.67 21.48 10.16
N ALA A 273 -15.84 20.75 10.90
CA ALA A 273 -14.86 21.33 11.84
C ALA A 273 -13.88 22.24 11.08
N VAL A 274 -13.45 21.83 9.88
CA VAL A 274 -12.48 22.62 9.07
C VAL A 274 -13.18 23.86 8.51
N LYS A 275 -14.45 23.73 8.13
CA LYS A 275 -15.25 24.86 7.60
C LYS A 275 -15.43 25.97 8.65
N ILE A 276 -15.49 25.67 9.95
CA ILE A 276 -15.86 26.72 10.95
C ILE A 276 -14.65 27.13 11.81
N ARG A 277 -13.47 26.58 11.57
CA ARG A 277 -12.25 26.90 12.34
C ARG A 277 -11.94 28.39 12.19
N ASN A 278 -11.51 29.03 13.28
CA ASN A 278 -10.96 30.41 13.25
C ASN A 278 -9.50 30.31 12.77
N GLY A 279 -8.80 31.42 12.69
CA GLY A 279 -7.44 31.48 12.12
C GLY A 279 -6.42 30.68 12.91
N ARG A 280 -6.73 30.28 14.16
CA ARG A 280 -5.82 29.43 14.97
C ARG A 280 -6.39 28.01 15.13
N GLY A 281 -7.40 27.66 14.34
CA GLY A 281 -7.95 26.28 14.27
C GLY A 281 -8.99 25.99 15.35
N TRP A 282 -9.52 27.02 16.02
CA TRP A 282 -10.48 26.79 17.14
C TRP A 282 -11.90 26.77 16.61
N MET A 283 -12.66 25.74 16.99
CA MET A 283 -14.12 25.71 16.78
C MET A 283 -14.75 26.72 17.75
N PRO A 284 -15.88 27.37 17.40
CA PRO A 284 -16.43 28.46 18.19
C PRO A 284 -17.14 28.03 19.49
N ASN A 285 -17.16 28.98 20.43
CA ASN A 285 -17.81 28.85 21.76
C ASN A 285 -19.29 29.19 21.61
N VAL A 286 -20.02 28.41 20.81
CA VAL A 286 -21.44 28.61 20.42
C VAL A 286 -22.28 27.44 20.98
N GLU A 287 -23.46 27.73 21.49
CA GLU A 287 -24.28 26.86 22.39
C GLU A 287 -23.51 26.62 23.69
N ASP A 288 -23.77 25.51 24.39
CA ASP A 288 -23.02 25.14 25.62
C ASP A 288 -21.64 24.60 25.18
N SER A 289 -20.75 25.51 24.75
CA SER A 289 -19.42 25.14 24.21
C SER A 289 -18.36 26.15 24.62
N TRP A 290 -17.14 25.64 24.76
CA TRP A 290 -15.85 26.35 24.83
C TRP A 290 -15.28 26.42 23.42
N ILE A 291 -14.19 27.16 23.23
CA ILE A 291 -13.28 26.96 22.07
C ILE A 291 -12.72 25.52 22.15
N LYS A 292 -12.61 24.86 21.00
CA LYS A 292 -12.14 23.46 20.90
C LYS A 292 -11.21 23.33 19.71
N PRO A 293 -10.18 22.45 19.77
CA PRO A 293 -9.56 21.93 18.55
C PRO A 293 -10.44 20.77 18.05
N ALA A 294 -10.29 20.39 16.79
CA ALA A 294 -11.01 19.25 16.19
C ALA A 294 -9.98 18.18 15.82
N PRO A 295 -10.03 16.97 16.42
CA PRO A 295 -8.98 15.96 16.23
C PRO A 295 -9.09 15.24 14.88
N THR A 296 -8.99 16.00 13.79
CA THR A 296 -9.26 15.54 12.39
C THR A 296 -8.11 14.63 11.93
N HIS A 297 -6.94 14.70 12.57
CA HIS A 297 -5.78 13.81 12.30
C HIS A 297 -6.13 12.35 12.62
N MET A 298 -7.11 12.08 13.47
CA MET A 298 -7.38 10.67 13.91
C MET A 298 -8.27 9.96 12.89
N VAL A 299 -8.81 10.67 11.88
CA VAL A 299 -9.64 10.06 10.81
C VAL A 299 -9.08 10.42 9.42
N ALA A 300 -8.04 11.26 9.34
CA ALA A 300 -7.45 11.69 8.05
C ALA A 300 -7.15 10.45 7.16
N SER A 301 -6.60 9.40 7.76
CA SER A 301 -6.14 8.17 7.07
C SER A 301 -7.30 7.51 6.30
N GLN A 302 -8.56 7.79 6.63
CA GLN A 302 -9.73 7.13 5.98
C GLN A 302 -10.26 7.95 4.79
N TYR A 303 -9.64 9.09 4.47
CA TYR A 303 -10.20 10.04 3.48
C TYR A 303 -9.15 10.35 2.39
N LYS A 304 -8.25 9.41 2.15
CA LYS A 304 -7.15 9.51 1.14
C LYS A 304 -7.71 9.42 -0.30
N ASP A 305 -8.94 8.91 -0.45
CA ASP A 305 -9.65 8.75 -1.75
C ASP A 305 -10.95 9.52 -1.78
N THR A 306 -11.08 10.56 -0.96
CA THR A 306 -12.30 11.39 -0.81
C THR A 306 -12.02 12.80 -1.32
N ASP A 307 -12.82 13.25 -2.29
CA ASP A 307 -12.80 14.63 -2.80
C ASP A 307 -13.33 15.58 -1.74
N THR A 308 -12.87 16.83 -1.76
CA THR A 308 -13.37 17.91 -0.90
C THR A 308 -13.51 19.21 -1.71
N ASP A 309 -14.55 20.00 -1.47
CA ASP A 309 -14.67 21.38 -2.02
C ASP A 309 -13.66 22.30 -1.35
N LEU A 310 -12.89 21.82 -0.38
CA LEU A 310 -11.85 22.67 0.28
C LEU A 310 -10.55 22.74 -0.56
N HIS A 311 -10.39 21.92 -1.61
CA HIS A 311 -9.17 21.96 -2.46
C HIS A 311 -9.49 21.62 -3.92
N SER A 312 -8.85 22.36 -4.84
CA SER A 312 -8.96 22.14 -6.30
C SER A 312 -8.51 20.72 -6.66
N THR A 313 -7.46 20.16 -6.03
CA THR A 313 -6.85 18.87 -6.40
C THR A 313 -6.71 17.93 -5.20
N ALA A 314 -6.31 18.42 -4.02
CA ALA A 314 -5.91 17.54 -2.89
C ALA A 314 -7.16 16.81 -2.35
N LYS A 315 -6.95 15.64 -1.77
CA LYS A 315 -8.01 14.81 -1.14
C LYS A 315 -8.25 15.31 0.30
N LEU A 316 -9.41 14.99 0.86
CA LEU A 316 -9.85 15.45 2.19
C LEU A 316 -8.79 15.10 3.23
N ALA A 317 -8.15 13.92 3.10
CA ALA A 317 -7.17 13.43 4.09
C ALA A 317 -6.12 14.53 4.37
N ASN A 318 -5.60 15.17 3.33
CA ASN A 318 -4.49 16.14 3.45
C ASN A 318 -4.99 17.41 4.16
N ILE A 319 -6.26 17.79 3.95
CA ILE A 319 -6.87 19.00 4.56
C ILE A 319 -7.18 18.70 6.04
N LEU A 320 -7.73 17.53 6.36
CA LEU A 320 -7.96 17.06 7.75
C LEU A 320 -6.62 17.07 8.52
N GLN A 321 -5.53 16.67 7.88
CA GLN A 321 -4.20 16.60 8.52
C GLN A 321 -3.68 18.02 8.75
N TRP A 322 -3.81 18.87 7.74
CA TRP A 322 -3.44 20.30 7.80
C TRP A 322 -4.15 20.97 8.99
N SER A 323 -5.44 20.72 9.15
CA SER A 323 -6.33 21.47 10.08
C SER A 323 -5.88 21.22 11.52
N TYR A 324 -5.65 19.96 11.90
CA TYR A 324 -5.24 19.63 13.27
C TYR A 324 -3.90 20.28 13.60
N PHE A 325 -2.91 20.14 12.73
CA PHE A 325 -1.53 20.58 13.03
C PHE A 325 -1.43 22.10 12.90
N ASN A 326 -2.35 22.77 12.19
CA ASN A 326 -2.42 24.26 12.15
C ASN A 326 -3.48 24.73 13.18
N THR A 327 -3.27 24.34 14.43
CA THR A 327 -4.08 24.71 15.61
C THR A 327 -3.13 25.20 16.68
N ASP A 328 -3.50 26.29 17.37
CA ASP A 328 -2.78 26.77 18.56
C ASP A 328 -3.25 25.93 19.75
N PHE A 329 -2.37 25.09 20.32
CA PHE A 329 -2.74 24.13 21.40
C PHE A 329 -2.42 24.70 22.79
N ARG A 330 -1.94 25.94 22.85
CA ARG A 330 -1.50 26.57 24.14
C ARG A 330 -2.65 26.62 25.15
N PRO A 331 -3.93 26.86 24.78
CA PRO A 331 -5.03 26.81 25.76
C PRO A 331 -5.27 25.44 26.41
N TRP A 332 -4.58 24.39 25.98
CA TRP A 332 -4.67 23.05 26.60
C TRP A 332 -3.34 22.63 27.23
N GLU A 333 -2.31 23.47 27.21
CA GLU A 333 -1.05 23.27 28.02
C GLU A 333 -1.35 23.47 29.51
N PRO A 334 -0.63 22.80 30.44
CA PRO A 334 0.46 21.88 30.09
C PRO A 334 -0.02 20.43 29.90
N ASP A 335 -1.13 20.07 30.56
CA ASP A 335 -1.83 18.76 30.56
C ASP A 335 -1.98 18.24 29.12
N GLY A 336 -2.66 19.00 28.26
CA GLY A 336 -2.85 18.69 26.83
C GLY A 336 -4.24 18.17 26.52
N SER A 337 -5.11 17.93 27.52
CA SER A 337 -6.44 17.32 27.30
C SER A 337 -7.49 18.36 26.85
N TYR A 338 -8.15 18.07 25.73
CA TYR A 338 -9.27 18.83 25.12
C TYR A 338 -10.47 17.91 24.91
N THR A 339 -10.43 16.63 25.32
CA THR A 339 -11.51 15.67 25.00
C THR A 339 -12.75 15.87 25.89
N GLY A 340 -12.53 16.40 27.10
CA GLY A 340 -13.57 16.45 28.16
C GLY A 340 -13.64 15.15 28.95
N ALA A 341 -12.75 14.18 28.67
CA ALA A 341 -12.79 12.83 29.28
C ALA A 341 -11.42 12.46 29.89
N SER A 342 -10.71 13.43 30.45
CA SER A 342 -9.28 13.29 30.86
C SER A 342 -9.11 12.41 32.12
N TYR A 343 -10.16 11.93 32.78
CA TYR A 343 -10.07 10.92 33.87
C TYR A 343 -10.19 9.50 33.31
N ASP A 344 -10.70 9.39 32.08
CA ASP A 344 -11.19 8.09 31.53
C ASP A 344 -10.43 7.68 30.25
N ASP A 345 -10.08 8.63 29.39
CA ASP A 345 -9.69 8.36 27.97
C ASP A 345 -8.26 7.81 27.92
N THR A 346 -7.85 7.28 26.77
CA THR A 346 -6.45 6.86 26.48
C THR A 346 -6.08 7.53 25.16
N TRP A 347 -6.09 8.86 25.15
CA TRP A 347 -6.03 9.69 23.92
C TRP A 347 -4.66 9.53 23.26
N ASP A 348 -3.60 9.35 24.05
CA ASP A 348 -2.22 9.20 23.54
C ASP A 348 -2.15 7.90 22.72
N ILE A 349 -2.67 6.78 23.25
CA ILE A 349 -2.74 5.46 22.55
C ILE A 349 -3.59 5.61 21.27
N ASP A 350 -4.79 6.18 21.37
CA ASP A 350 -5.75 6.27 20.26
C ASP A 350 -5.13 7.11 19.13
N GLN A 351 -4.38 8.16 19.46
CA GLN A 351 -3.64 8.98 18.47
C GLN A 351 -2.51 8.17 17.85
N TYR A 352 -1.71 7.48 18.66
CA TYR A 352 -0.58 6.64 18.22
C TYR A 352 -1.08 5.62 17.20
N LEU A 353 -2.30 5.10 17.37
CA LEU A 353 -2.88 4.05 16.51
C LEU A 353 -3.55 4.65 15.27
N THR A 354 -3.99 5.91 15.28
CA THR A 354 -4.81 6.45 14.15
C THR A 354 -4.00 7.38 13.26
N TYR A 355 -3.04 8.10 13.83
CA TYR A 355 -2.22 9.11 13.11
C TYR A 355 -1.47 8.42 11.97
N ASP A 356 -1.52 9.04 10.79
CA ASP A 356 -0.79 8.56 9.59
C ASP A 356 0.32 9.57 9.29
N SER A 357 1.57 9.20 9.52
CA SER A 357 2.76 10.08 9.33
C SER A 357 3.08 10.27 7.83
N THR A 358 2.37 9.59 6.91
CA THR A 358 2.62 9.69 5.45
C THR A 358 1.66 10.68 4.79
N ILE A 359 0.66 11.21 5.49
CA ILE A 359 -0.30 12.18 4.91
C ILE A 359 0.31 13.60 5.00
N GLU A 360 0.56 14.20 3.84
CA GLU A 360 1.06 15.58 3.72
C GLU A 360 -0.05 16.54 4.18
N GLN A 361 0.34 17.54 4.95
CA GLN A 361 -0.52 18.69 5.35
C GLN A 361 -0.66 19.61 4.13
N ILE A 362 -1.86 19.77 3.61
CA ILE A 362 -2.16 20.68 2.48
C ILE A 362 -3.24 21.66 2.93
N LYS A 363 -2.88 22.95 2.91
CA LYS A 363 -3.76 24.08 3.21
C LYS A 363 -4.83 24.16 2.13
N PRO A 364 -6.13 24.36 2.49
CA PRO A 364 -7.18 24.56 1.49
C PRO A 364 -6.76 25.70 0.54
N ASP A 365 -7.08 25.58 -0.75
CA ASP A 365 -6.63 26.57 -1.78
C ASP A 365 -7.86 27.30 -2.36
N VAL A 366 -9.07 26.96 -1.89
CA VAL A 366 -10.34 27.58 -2.37
C VAL A 366 -10.58 28.86 -1.57
N SER A 367 -11.60 29.61 -2.00
CA SER A 367 -12.17 30.77 -1.28
C SER A 367 -12.40 30.37 0.19
N GLY A 368 -11.98 31.25 1.10
CA GLY A 368 -12.20 31.12 2.56
C GLY A 368 -13.66 31.03 2.93
N THR A 369 -14.52 31.77 2.22
CA THR A 369 -15.94 31.95 2.57
C THR A 369 -16.69 30.67 2.20
N VAL A 370 -17.54 30.20 3.12
CA VAL A 370 -18.33 28.94 2.94
C VAL A 370 -19.72 29.19 3.49
N PHE A 371 -20.70 28.69 2.76
CA PHE A 371 -22.14 28.82 3.06
C PHE A 371 -22.66 27.41 3.36
N MET A 372 -23.04 27.13 4.61
CA MET A 372 -23.58 25.78 4.99
C MET A 372 -25.05 25.96 5.35
N ASN A 373 -25.86 26.22 4.33
CA ASN A 373 -27.23 26.76 4.43
C ASN A 373 -28.17 25.67 4.92
N ASN A 374 -27.79 24.39 4.80
CA ASN A 374 -28.65 23.30 5.30
C ASN A 374 -28.71 23.34 6.84
N SER A 375 -27.60 23.57 7.52
CA SER A 375 -27.54 23.71 9.01
C SER A 375 -27.76 25.16 9.41
N GLY A 376 -27.23 26.10 8.59
CA GLY A 376 -27.44 27.55 8.71
C GLY A 376 -26.23 28.28 9.28
N GLN A 377 -25.02 27.71 9.19
CA GLN A 377 -23.79 28.45 9.57
C GLN A 377 -23.11 28.92 8.29
N THR A 378 -22.70 30.18 8.27
CA THR A 378 -21.91 30.78 7.18
C THR A 378 -20.62 31.30 7.77
N VAL A 379 -19.50 31.10 7.08
CA VAL A 379 -18.22 31.71 7.51
C VAL A 379 -17.70 32.61 6.39
N PHE A 380 -17.49 33.88 6.73
CA PHE A 380 -16.80 34.85 5.86
C PHE A 380 -15.35 34.77 6.28
N ARG A 381 -14.45 34.45 5.35
CA ARG A 381 -13.02 34.19 5.66
C ARG A 381 -12.16 34.70 4.52
N SER A 382 -11.20 35.56 4.81
CA SER A 382 -10.28 36.14 3.80
C SER A 382 -9.37 35.03 3.27
N ASP A 383 -8.82 34.19 4.14
CA ASP A 383 -7.77 33.21 3.81
C ASP A 383 -7.74 32.11 4.87
N TRP A 384 -6.98 31.06 4.59
CA TRP A 384 -6.82 29.87 5.46
C TRP A 384 -5.51 29.96 6.23
N ASN A 385 -4.84 31.10 6.22
CA ASN A 385 -3.52 31.24 6.88
C ASN A 385 -3.68 30.98 8.39
N PHE A 386 -2.69 30.31 8.98
CA PHE A 386 -2.64 29.96 10.41
C PHE A 386 -1.95 31.09 11.17
N ASN A 387 -2.62 31.63 12.20
CA ASN A 387 -1.97 32.55 13.17
C ASN A 387 -1.41 33.78 12.45
N ASN A 388 -2.12 34.28 11.45
CA ASN A 388 -1.75 35.46 10.63
C ASN A 388 -2.68 36.60 10.97
N PRO A 389 -2.17 37.76 11.45
CA PRO A 389 -3.05 38.86 11.88
C PRO A 389 -3.82 39.52 10.73
N ASN A 390 -3.40 39.30 9.47
CA ASN A 390 -4.08 39.88 8.28
C ASN A 390 -5.36 39.11 7.98
N SER A 391 -5.54 37.92 8.54
CA SER A 391 -6.78 37.10 8.35
C SER A 391 -8.00 37.79 8.97
N ARG A 392 -9.16 37.54 8.39
CA ARG A 392 -10.46 37.97 8.93
C ARG A 392 -11.40 36.78 8.84
N TYR A 393 -12.10 36.51 9.93
CA TYR A 393 -13.10 35.43 10.09
C TYR A 393 -14.32 36.04 10.78
N LEU A 394 -15.50 35.80 10.21
CA LEU A 394 -16.80 36.00 10.89
C LEU A 394 -17.62 34.74 10.70
N LEU A 395 -18.11 34.18 11.79
CA LEU A 395 -19.12 33.10 11.79
C LEU A 395 -20.48 33.76 11.95
N PHE A 396 -21.41 33.44 11.03
CA PHE A 396 -22.80 33.91 11.00
C PHE A 396 -23.65 32.73 11.37
N GLN A 397 -24.25 32.75 12.57
CA GLN A 397 -24.93 31.61 13.22
C GLN A 397 -26.43 31.74 12.96
N GLY A 398 -27.03 30.75 12.28
CA GLY A 398 -28.48 30.69 12.02
C GLY A 398 -28.98 29.28 11.98
N VAL A 399 -28.77 28.55 13.09
CA VAL A 399 -29.09 27.10 13.21
C VAL A 399 -30.43 26.92 13.91
N ALA A 400 -31.28 26.04 13.41
CA ALA A 400 -32.51 25.65 14.11
C ALA A 400 -32.16 25.14 15.51
N GLU A 401 -32.92 25.58 16.52
CA GLU A 401 -32.66 25.25 17.95
C GLU A 401 -32.94 23.76 18.17
N ALA A 402 -32.06 23.09 18.91
CA ALA A 402 -32.25 21.73 19.44
C ALA A 402 -32.62 21.84 20.92
N ASP A 403 -33.23 20.80 21.49
CA ASP A 403 -33.77 20.85 22.88
C ASP A 403 -32.69 20.52 23.93
N ASN A 404 -31.41 20.45 23.59
CA ASN A 404 -30.33 20.20 24.58
C ASN A 404 -29.12 21.11 24.30
N HIS A 405 -28.60 21.76 25.36
CA HIS A 405 -27.38 22.58 25.39
C HIS A 405 -27.54 23.86 24.57
N TYR A 406 -28.77 24.32 24.39
CA TYR A 406 -29.11 25.43 23.48
C TYR A 406 -28.86 26.79 24.16
N HIS A 407 -28.40 27.73 23.35
CA HIS A 407 -28.29 29.19 23.64
C HIS A 407 -29.16 29.92 22.62
N TYR A 408 -29.70 31.08 22.97
CA TYR A 408 -30.49 31.92 22.03
C TYR A 408 -29.51 32.80 21.28
N ASP A 409 -29.11 32.38 20.08
CA ASP A 409 -28.02 33.04 19.30
C ASP A 409 -28.41 33.20 17.83
N HIS A 410 -29.69 33.14 17.47
CA HIS A 410 -30.15 33.25 16.06
C HIS A 410 -29.66 34.56 15.45
N LEU A 411 -28.98 34.47 14.30
CA LEU A 411 -28.52 35.61 13.47
C LEU A 411 -27.40 36.35 14.19
N SER A 412 -26.79 35.72 15.19
CA SER A 412 -25.57 36.24 15.89
C SER A 412 -24.33 35.98 15.03
N PHE A 413 -23.20 36.55 15.47
CA PHE A 413 -21.90 36.44 14.76
C PHE A 413 -20.77 36.57 15.76
N ILE A 414 -19.63 35.98 15.45
CA ILE A 414 -18.35 36.19 16.18
C ILE A 414 -17.29 36.51 15.12
N ILE A 415 -16.26 37.22 15.53
CA ILE A 415 -15.17 37.70 14.64
C ILE A 415 -13.84 37.24 15.24
N HIS A 416 -12.94 36.77 14.38
CA HIS A 416 -11.55 36.42 14.70
C HIS A 416 -10.68 37.12 13.67
N ALA A 417 -9.74 37.93 14.12
CA ALA A 417 -9.00 38.89 13.25
C ALA A 417 -7.86 39.48 14.04
N GLU A 418 -6.77 39.86 13.34
CA GLU A 418 -5.56 40.41 13.97
C GLU A 418 -5.08 39.45 15.06
N ASN A 419 -5.30 38.15 14.85
CA ASN A 419 -4.83 37.08 15.77
C ASN A 419 -5.48 37.23 17.15
N GLN A 420 -6.71 37.73 17.22
CA GLN A 420 -7.44 37.89 18.50
C GLN A 420 -8.91 37.57 18.28
N MET A 421 -9.52 36.99 19.31
CA MET A 421 -10.99 36.81 19.38
C MET A 421 -11.61 38.16 19.70
N MET A 422 -12.52 38.61 18.85
CA MET A 422 -13.13 39.96 18.93
C MET A 422 -14.63 39.79 19.19
N ALA A 423 -15.52 40.44 18.43
CA ALA A 423 -16.98 40.31 18.61
C ALA A 423 -17.29 38.86 19.03
N SER A 424 -17.99 38.70 20.17
CA SER A 424 -17.97 37.45 20.99
C SER A 424 -19.37 36.84 21.15
N ASP A 425 -19.37 35.51 21.22
CA ASP A 425 -20.39 34.72 21.92
C ASP A 425 -19.94 34.68 23.39
N SER A 426 -20.85 34.71 24.37
CA SER A 426 -20.46 34.80 25.80
C SER A 426 -19.92 33.44 26.30
N GLY A 427 -20.11 32.37 25.52
CA GLY A 427 -19.62 31.02 25.88
C GLY A 427 -20.60 30.25 26.74
N TYR A 428 -20.18 29.03 27.10
CA TYR A 428 -20.98 27.97 27.78
C TYR A 428 -21.55 28.53 29.09
N SER A 429 -20.65 28.87 30.00
CA SER A 429 -20.94 29.22 31.40
C SER A 429 -19.65 29.71 32.06
N ARG A 430 -19.65 29.91 33.37
CA ARG A 430 -18.40 30.08 34.14
C ARG A 430 -17.61 28.77 34.15
N ASN A 431 -18.28 27.65 34.43
CA ASN A 431 -17.62 26.33 34.65
C ASN A 431 -18.48 25.19 34.13
N SER A 432 -19.79 25.19 34.36
CA SER A 432 -20.61 23.97 34.15
C SER A 432 -22.08 24.30 33.86
N TYR A 433 -22.79 23.25 33.45
CA TYR A 433 -24.19 23.23 33.01
C TYR A 433 -25.12 23.77 34.12
N GLY A 434 -24.88 23.35 35.36
CA GLY A 434 -25.82 23.50 36.49
C GLY A 434 -25.77 24.85 37.17
N GLU A 435 -24.80 25.72 36.85
CA GLU A 435 -24.68 27.05 37.50
C GLU A 435 -25.92 27.88 37.13
N GLY A 436 -26.52 28.59 38.11
CA GLY A 436 -27.65 29.51 37.84
C GLY A 436 -27.32 30.55 36.79
N ILE A 437 -26.07 31.04 36.78
CA ILE A 437 -25.60 32.11 35.83
C ILE A 437 -25.71 31.62 34.38
N ARG A 438 -25.68 30.32 34.12
CA ARG A 438 -25.87 29.80 32.73
C ARG A 438 -27.27 30.14 32.22
N THR A 439 -28.29 30.03 33.09
CA THR A 439 -29.72 30.27 32.72
C THR A 439 -30.02 31.77 32.76
N SER A 440 -29.48 32.49 33.74
CA SER A 440 -29.79 33.93 33.93
C SER A 440 -28.96 34.77 32.97
N TRP A 441 -27.82 34.30 32.48
CA TRP A 441 -26.96 35.10 31.57
C TRP A 441 -26.55 34.35 30.28
N TYR A 442 -25.72 33.31 30.36
CA TYR A 442 -24.91 32.78 29.24
C TYR A 442 -25.79 32.30 28.08
N LEU A 443 -26.87 31.58 28.36
CA LEU A 443 -27.76 31.06 27.28
C LEU A 443 -28.69 32.15 26.73
N THR A 444 -28.84 33.30 27.42
CA THR A 444 -29.90 34.30 27.12
C THR A 444 -29.56 35.06 25.85
N ALA A 445 -30.57 35.60 25.18
CA ALA A 445 -30.43 36.39 23.94
C ALA A 445 -29.40 37.49 24.17
N GLU A 446 -29.51 38.17 25.32
CA GLU A 446 -28.75 39.42 25.57
C GLU A 446 -27.25 39.14 25.64
N ALA A 447 -26.84 37.89 25.89
CA ALA A 447 -25.42 37.46 25.98
C ALA A 447 -24.80 37.28 24.59
N HIS A 448 -25.56 37.55 23.52
CA HIS A 448 -25.21 37.30 22.11
C HIS A 448 -25.36 38.56 21.27
N ASN A 449 -24.75 38.56 20.08
CA ASN A 449 -24.79 39.67 19.11
C ASN A 449 -26.08 39.55 18.30
N VAL A 450 -27.20 39.84 18.95
CA VAL A 450 -28.55 39.70 18.36
C VAL A 450 -29.33 41.01 18.51
N ILE A 451 -30.51 41.02 17.90
CA ILE A 451 -31.56 42.05 18.10
C ILE A 451 -32.77 41.35 18.67
N THR A 452 -33.22 41.79 19.85
CA THR A 452 -34.50 41.33 20.45
C THR A 452 -35.57 42.37 20.16
N ALA A 453 -36.82 41.92 20.24
CA ALA A 453 -38.05 42.72 20.07
C ALA A 453 -38.89 42.49 21.33
N ASN A 454 -39.04 43.52 22.16
CA ASN A 454 -39.68 43.39 23.49
C ASN A 454 -39.00 42.26 24.27
N GLY A 455 -37.68 42.14 24.18
CA GLY A 455 -36.90 41.10 24.89
C GLY A 455 -37.00 39.71 24.26
N GLU A 456 -37.88 39.49 23.28
CA GLU A 456 -38.03 38.18 22.58
C GLU A 456 -36.87 37.97 21.63
N HIS A 457 -36.30 36.77 21.63
CA HIS A 457 -35.15 36.42 20.76
C HIS A 457 -35.66 36.08 19.37
N PRO A 458 -34.83 36.32 18.33
CA PRO A 458 -35.13 35.83 17.00
C PRO A 458 -35.12 34.30 17.11
N LYS A 459 -36.01 33.65 16.37
CA LYS A 459 -36.20 32.19 16.50
C LYS A 459 -36.68 31.58 15.18
N ASP A 460 -36.80 30.25 15.20
CA ASP A 460 -37.22 29.41 14.06
C ASP A 460 -38.67 29.72 13.71
N VAL A 461 -38.99 29.66 12.42
CA VAL A 461 -40.37 29.74 11.90
C VAL A 461 -41.10 28.51 12.42
N SER A 462 -40.45 27.35 12.41
CA SER A 462 -41.04 26.09 12.93
C SER A 462 -39.91 25.19 13.42
N GLU A 463 -40.26 24.25 14.27
CA GLU A 463 -39.29 23.33 14.92
C GLU A 463 -38.46 22.63 13.83
N ASN A 464 -37.15 22.63 14.00
CA ASN A 464 -36.16 21.88 13.22
C ASN A 464 -36.03 22.43 11.78
N THR A 465 -36.61 23.59 11.46
CA THR A 465 -36.47 24.23 10.13
C THR A 465 -35.39 25.30 10.22
N THR A 466 -34.35 25.15 9.43
CA THR A 466 -33.22 26.09 9.38
C THR A 466 -33.75 27.46 8.96
N PRO A 467 -33.37 28.54 9.68
CA PRO A 467 -33.64 29.90 9.18
C PRO A 467 -33.18 30.03 7.72
N VAL A 468 -34.04 30.62 6.90
CA VAL A 468 -33.82 30.80 5.42
C VAL A 468 -32.63 31.74 5.22
N SER A 469 -31.73 31.36 4.31
CA SER A 469 -30.60 32.15 3.78
C SER A 469 -30.97 32.61 2.35
N ARG A 470 -30.46 33.76 1.94
CA ARG A 470 -30.62 34.30 0.57
C ARG A 470 -29.43 35.15 0.18
N TYR A 471 -29.25 35.35 -1.13
CA TYR A 471 -28.36 36.35 -1.78
C TYR A 471 -26.90 36.01 -1.51
N ASP A 472 -26.59 34.74 -1.29
CA ASP A 472 -25.20 34.26 -1.11
C ASP A 472 -24.36 34.82 -2.26
N MET A 473 -23.28 35.52 -1.95
CA MET A 473 -22.32 36.01 -2.97
C MET A 473 -20.92 35.91 -2.40
N ASP A 474 -20.00 35.36 -3.18
CA ASP A 474 -18.57 35.19 -2.81
C ASP A 474 -17.73 35.71 -4.00
N THR A 475 -16.90 36.73 -3.75
CA THR A 475 -15.96 37.32 -4.73
C THR A 475 -14.64 37.57 -3.98
N ASP A 476 -13.67 38.15 -4.67
CA ASP A 476 -12.36 38.53 -4.09
C ASP A 476 -12.49 39.82 -3.29
N PHE A 477 -13.58 40.58 -3.41
CA PHE A 477 -13.64 41.99 -2.92
C PHE A 477 -14.86 42.25 -2.01
N PHE A 478 -15.88 41.39 -2.03
CA PHE A 478 -17.14 41.57 -1.28
C PHE A 478 -17.92 40.25 -1.25
N ASP A 479 -18.23 39.79 -0.04
CA ASP A 479 -19.09 38.60 0.22
C ASP A 479 -20.33 39.07 0.98
N PHE A 480 -21.42 38.34 0.81
CA PHE A 480 -22.76 38.75 1.26
C PHE A 480 -23.61 37.50 1.52
N GLN A 481 -24.46 37.60 2.54
CA GLN A 481 -25.62 36.70 2.77
C GLN A 481 -26.59 37.41 3.72
N GLU A 482 -27.87 37.13 3.55
CA GLU A 482 -28.93 37.52 4.52
C GLU A 482 -29.57 36.26 5.08
N LYS A 483 -30.03 36.34 6.33
CA LYS A 483 -30.75 35.25 7.02
C LYS A 483 -31.98 35.90 7.67
N GLU A 484 -33.06 35.15 7.75
CA GLU A 484 -34.36 35.59 8.25
C GLU A 484 -34.78 34.70 9.44
N ALA A 485 -35.15 35.36 10.53
CA ALA A 485 -35.75 34.74 11.73
C ALA A 485 -36.96 35.56 12.19
N VAL A 486 -37.85 34.94 12.96
CA VAL A 486 -39.13 35.54 13.40
C VAL A 486 -39.08 35.68 14.94
N TYR A 487 -39.88 36.60 15.48
CA TYR A 487 -39.95 36.82 16.95
C TYR A 487 -41.05 35.93 17.54
N ASP A 488 -42.11 35.64 16.77
CA ASP A 488 -43.29 34.87 17.23
C ASP A 488 -43.23 33.46 16.61
N GLY A 489 -42.13 32.77 16.75
CA GLY A 489 -41.93 31.42 16.18
C GLY A 489 -41.76 30.39 17.27
N PHE A 490 -40.86 29.45 17.04
CA PHE A 490 -40.71 28.20 17.80
C PHE A 490 -39.41 28.31 18.56
N THR A 491 -39.42 27.98 19.85
CA THR A 491 -38.18 27.95 20.67
C THR A 491 -38.35 26.91 21.76
N PHE A 492 -37.34 26.79 22.60
CA PHE A 492 -37.31 25.97 23.84
C PHE A 492 -36.93 26.90 24.99
N PRO A 493 -37.58 26.81 26.16
CA PRO A 493 -38.81 26.03 26.34
C PRO A 493 -39.93 26.61 25.45
N GLU A 494 -40.98 25.83 25.22
CA GLU A 494 -42.00 26.15 24.19
C GLU A 494 -42.85 27.31 24.69
N LYS A 495 -43.16 28.23 23.75
CA LYS A 495 -43.92 29.48 24.00
C LYS A 495 -44.83 29.63 22.78
N ASN A 496 -46.14 29.65 22.98
CA ASN A 496 -47.14 29.45 21.89
C ASN A 496 -47.75 30.78 21.46
N SER A 497 -47.70 31.82 22.30
CA SER A 497 -48.42 33.09 22.03
C SER A 497 -47.59 34.31 22.39
N TYR A 498 -47.73 35.35 21.57
CA TYR A 498 -46.93 36.59 21.53
C TYR A 498 -47.90 37.77 21.41
N ASP A 499 -47.55 38.96 21.90
CA ASP A 499 -48.42 40.16 21.82
C ASP A 499 -48.22 40.83 20.46
N PHE A 500 -47.34 40.30 19.62
CA PHE A 500 -47.04 40.91 18.31
C PHE A 500 -46.49 39.83 17.39
N SER A 501 -46.31 40.23 16.12
CA SER A 501 -45.74 39.37 15.06
C SER A 501 -44.65 40.20 14.39
N GLY A 502 -43.45 39.65 14.28
CA GLY A 502 -42.31 40.38 13.71
C GLY A 502 -41.22 39.46 13.23
N LYS A 503 -40.27 40.05 12.51
CA LYS A 503 -39.15 39.28 11.94
C LYS A 503 -37.94 40.19 11.79
N GLN A 504 -36.78 39.56 11.72
CA GLN A 504 -35.47 40.20 11.48
C GLN A 504 -34.92 39.61 10.19
N ILE A 505 -34.45 40.45 9.27
CA ILE A 505 -33.64 40.01 8.11
C ILE A 505 -32.28 40.65 8.30
N ARG A 506 -31.29 39.84 8.65
CA ARG A 506 -29.90 40.29 8.87
C ARG A 506 -29.06 39.93 7.65
N ALA A 507 -28.44 40.94 7.05
CA ALA A 507 -27.45 40.81 5.97
C ALA A 507 -26.08 41.12 6.58
N ILE A 508 -25.11 40.27 6.30
CA ILE A 508 -23.69 40.56 6.59
C ILE A 508 -22.91 40.65 5.27
N GLY A 509 -22.08 41.70 5.17
CA GLY A 509 -21.15 41.91 4.05
C GLY A 509 -19.73 42.00 4.56
N PHE A 510 -18.79 41.71 3.67
CA PHE A 510 -17.36 41.55 3.97
C PHE A 510 -16.59 42.50 3.03
N PRO A 511 -16.77 43.82 3.16
CA PRO A 511 -16.11 44.78 2.29
C PRO A 511 -14.58 44.64 2.29
N ARG A 512 -14.01 44.50 1.09
CA ARG A 512 -12.57 44.36 0.80
C ARG A 512 -12.02 43.11 1.46
N GLN A 513 -12.86 42.17 1.86
CA GLN A 513 -12.50 41.02 2.76
C GLN A 513 -11.66 41.55 3.94
N ASP A 514 -11.96 42.74 4.46
CA ASP A 514 -11.11 43.44 5.47
C ASP A 514 -11.89 43.81 6.75
N TYR A 515 -13.18 44.11 6.65
CA TYR A 515 -14.04 44.46 7.80
C TYR A 515 -15.47 44.03 7.46
N PHE A 516 -16.43 44.35 8.33
CA PHE A 516 -17.80 43.80 8.24
C PHE A 516 -18.83 44.92 8.33
N VAL A 517 -19.91 44.72 7.60
CA VAL A 517 -21.16 45.49 7.73
C VAL A 517 -22.25 44.49 8.12
N VAL A 518 -23.00 44.82 9.17
CA VAL A 518 -24.21 44.06 9.58
C VAL A 518 -25.41 44.96 9.40
N ALA A 519 -26.28 44.62 8.44
CA ALA A 519 -27.42 45.46 8.03
C ALA A 519 -28.73 44.71 8.30
N ASP A 520 -29.53 45.24 9.23
CA ASP A 520 -30.77 44.61 9.72
C ASP A 520 -31.98 45.34 9.16
N GLN A 521 -32.94 44.58 8.70
CA GLN A 521 -34.33 45.03 8.46
C GLN A 521 -35.18 44.39 9.55
N LEU A 522 -36.05 45.19 10.18
CA LEU A 522 -36.94 44.75 11.27
C LEU A 522 -38.36 45.12 10.87
N PHE A 523 -39.25 44.13 10.87
CA PHE A 523 -40.69 44.31 10.54
C PHE A 523 -41.51 43.80 11.73
N SER A 524 -42.50 44.58 12.13
CA SER A 524 -43.46 44.20 13.18
C SER A 524 -44.85 44.71 12.81
N ASP A 525 -45.89 44.01 13.27
CA ASP A 525 -47.30 44.46 13.10
C ASP A 525 -47.65 45.53 14.15
N LYS A 526 -46.74 45.81 15.10
CA LYS A 526 -46.97 46.79 16.20
C LYS A 526 -45.65 47.48 16.58
N GLU A 527 -45.76 48.65 17.19
CA GLU A 527 -44.64 49.35 17.88
C GLU A 527 -44.07 48.43 18.96
N VAL A 528 -42.77 48.20 18.93
CA VAL A 528 -42.02 47.36 19.90
C VAL A 528 -40.70 48.04 20.22
N GLN A 529 -39.99 47.55 21.24
CA GLN A 529 -38.63 48.01 21.58
C GLN A 529 -37.64 47.04 20.97
N TYR A 530 -36.79 47.53 20.07
CA TYR A 530 -35.68 46.75 19.48
C TYR A 530 -34.41 47.05 20.28
N ASP A 531 -33.78 46.02 20.83
CA ASP A 531 -32.47 46.09 21.50
C ASP A 531 -31.45 45.32 20.67
N LEU A 532 -30.45 46.04 20.17
CA LEU A 532 -29.27 45.47 19.46
C LEU A 532 -28.17 45.38 20.50
N TYR A 533 -27.57 44.21 20.65
CA TYR A 533 -26.41 43.97 21.53
C TYR A 533 -25.18 43.70 20.66
N LEU A 534 -24.08 44.40 20.96
CA LEU A 534 -22.75 44.14 20.36
C LEU A 534 -21.77 43.89 21.49
N HIS A 535 -21.30 42.64 21.60
CA HIS A 535 -20.27 42.20 22.58
C HIS A 535 -18.91 42.21 21.88
N GLY A 536 -17.91 42.82 22.50
CA GLY A 536 -16.56 42.93 21.95
C GLY A 536 -15.59 41.93 22.52
N GLY A 537 -16.06 40.80 23.05
CA GLY A 537 -15.19 39.80 23.69
C GLY A 537 -14.42 40.40 24.85
N ARG A 538 -13.22 39.89 25.10
CA ARG A 538 -12.44 40.18 26.31
C ARG A 538 -11.62 41.44 26.11
N GLY A 539 -12.27 42.56 25.76
CA GLY A 539 -11.59 43.85 25.55
C GLY A 539 -12.09 44.95 26.47
N GLU A 540 -11.23 45.93 26.74
CA GLU A 540 -11.57 47.20 27.45
C GLU A 540 -12.42 48.05 26.49
N MET A 541 -13.68 48.32 26.86
CA MET A 541 -14.61 49.11 26.03
C MET A 541 -14.45 50.61 26.34
N SER A 542 -14.29 51.43 25.30
CA SER A 542 -14.26 52.91 25.38
C SER A 542 -15.16 53.43 24.27
N GLY A 543 -15.41 54.74 24.24
CA GLY A 543 -16.19 55.39 23.18
C GLY A 543 -17.52 55.96 23.68
N GLU A 544 -18.04 56.97 23.00
CA GLU A 544 -19.33 57.63 23.30
C GLU A 544 -20.18 57.72 22.03
N GLY A 545 -21.44 58.08 22.19
CA GLY A 545 -22.42 58.16 21.09
C GLY A 545 -22.59 56.80 20.44
N ASN A 546 -22.51 56.74 19.12
CA ASN A 546 -22.77 55.52 18.31
C ASN A 546 -21.46 54.74 18.05
N TYR A 547 -20.36 55.12 18.71
CA TYR A 547 -19.00 54.57 18.49
C TYR A 547 -18.52 53.82 19.75
N ARG A 548 -18.03 52.60 19.58
CA ARG A 548 -17.38 51.82 20.65
C ARG A 548 -16.09 51.20 20.13
N LEU A 549 -15.07 51.22 20.97
CA LEU A 549 -13.75 50.58 20.73
C LEU A 549 -13.51 49.56 21.85
N TRP A 550 -13.20 48.33 21.48
CA TRP A 550 -12.70 47.29 22.41
C TRP A 550 -11.21 47.09 22.14
N THR A 551 -10.38 47.31 23.15
CA THR A 551 -8.91 47.14 23.10
C THR A 551 -8.54 45.83 23.82
N TYR A 552 -7.86 44.92 23.11
CA TYR A 552 -7.40 43.61 23.61
C TYR A 552 -5.94 43.72 24.05
N GLU A 553 -5.51 42.81 24.91
CA GLU A 553 -4.09 42.64 25.29
C GLU A 553 -3.62 41.25 24.83
N ASP A 554 -2.30 41.01 24.87
CA ASP A 554 -1.71 39.64 24.78
C ASP A 554 -2.34 38.80 25.89
N ASP A 555 -3.15 37.79 25.53
CA ASP A 555 -3.80 36.92 26.54
C ASP A 555 -3.74 35.47 26.05
N ARG A 556 -4.48 34.57 26.70
CA ARG A 556 -4.42 33.13 26.38
C ARG A 556 -5.06 32.85 25.01
N TYR A 557 -5.73 33.84 24.40
CA TYR A 557 -6.58 33.63 23.21
C TYR A 557 -6.05 34.39 22.00
N GLY A 558 -5.04 35.25 22.15
CA GLY A 558 -4.65 36.14 21.05
C GLY A 558 -3.73 37.26 21.45
N GLN A 559 -3.48 38.14 20.50
CA GLN A 559 -2.50 39.25 20.60
C GLN A 559 -3.22 40.55 20.88
N GLU A 560 -2.48 41.54 21.38
CA GLU A 560 -2.92 42.95 21.44
C GLU A 560 -3.51 43.32 20.11
N ALA A 561 -4.65 43.99 20.12
CA ALA A 561 -5.38 44.43 18.92
C ALA A 561 -6.56 45.28 19.39
N LYS A 562 -7.43 45.69 18.48
CA LYS A 562 -8.68 46.40 18.88
C LYS A 562 -9.73 46.20 17.79
N MET A 563 -10.99 46.41 18.15
CA MET A 563 -12.17 46.32 17.26
C MET A 563 -12.96 47.63 17.43
N ALA A 564 -13.12 48.38 16.35
CA ALA A 564 -13.90 49.64 16.30
C ALA A 564 -15.27 49.31 15.72
N ALA A 565 -16.33 49.84 16.32
CA ALA A 565 -17.70 49.66 15.82
C ALA A 565 -18.45 50.98 15.84
N TRP A 566 -19.30 51.16 14.84
CA TRP A 566 -20.27 52.27 14.71
C TRP A 566 -21.65 51.67 14.50
N VAL A 567 -22.68 52.28 15.07
CA VAL A 567 -24.08 51.86 14.85
C VAL A 567 -24.85 53.01 14.22
N PHE A 568 -25.63 52.69 13.18
CA PHE A 568 -26.63 53.59 12.53
C PHE A 568 -28.01 52.99 12.75
N PRO A 569 -29.12 53.78 12.86
CA PRO A 569 -29.09 55.26 12.83
C PRO A 569 -28.92 55.97 14.19
N SER A 570 -27.82 56.69 14.31
CA SER A 570 -27.37 57.60 15.39
C SER A 570 -28.55 58.34 16.01
N LYS A 571 -29.34 59.00 15.19
CA LYS A 571 -30.32 60.04 15.60
C LYS A 571 -31.64 59.41 16.05
N GLU A 572 -31.87 58.12 15.76
CA GLU A 572 -33.17 57.44 16.07
C GLU A 572 -32.99 56.42 17.21
N SER A 573 -31.78 56.26 17.72
CA SER A 573 -31.37 55.21 18.69
C SER A 573 -30.75 55.87 19.91
N ILE A 574 -30.78 55.16 21.04
CA ILE A 574 -29.92 55.50 22.20
C ILE A 574 -28.91 54.37 22.39
N PHE A 575 -27.79 54.71 23.02
CA PHE A 575 -26.63 53.81 23.22
C PHE A 575 -26.42 53.65 24.71
N ILE A 576 -26.51 52.41 25.19
CA ILE A 576 -26.38 52.07 26.63
C ILE A 576 -25.18 51.17 26.81
N ASP A 577 -24.23 51.59 27.66
CA ASP A 577 -23.09 50.76 28.11
C ASP A 577 -23.58 49.76 29.14
N LYS A 578 -23.27 48.49 28.97
CA LYS A 578 -23.56 47.45 29.97
C LYS A 578 -22.29 46.63 30.17
N GLU A 579 -22.36 45.68 31.08
CA GLU A 579 -21.24 44.79 31.44
C GLU A 579 -21.75 43.37 31.50
N GLY A 580 -21.00 42.44 30.93
CA GLY A 580 -21.43 41.03 30.85
C GLY A 580 -20.24 40.09 30.86
N GLU A 581 -20.46 38.85 31.30
CA GLU A 581 -19.40 37.83 31.34
C GLU A 581 -19.17 37.30 29.92
N VAL A 582 -17.90 37.17 29.55
CA VAL A 582 -17.42 36.46 28.33
C VAL A 582 -16.50 35.34 28.79
N ASN A 583 -16.71 34.12 28.33
CA ASN A 583 -15.85 32.98 28.76
C ASN A 583 -15.62 32.04 27.57
N TYR A 584 -14.35 31.69 27.31
CA TYR A 584 -13.94 30.81 26.18
C TYR A 584 -13.62 29.41 26.70
N GLU A 585 -13.35 29.24 28.01
CA GLU A 585 -12.96 27.94 28.59
C GLU A 585 -13.36 27.91 30.07
N ALA A 586 -13.60 26.72 30.61
CA ALA A 586 -14.01 26.49 32.01
C ALA A 586 -13.09 27.31 32.93
N GLY A 587 -13.66 28.10 33.84
CA GLY A 587 -12.92 28.76 34.93
C GLY A 587 -12.34 30.11 34.58
N ALA A 588 -12.39 30.56 33.32
CA ALA A 588 -11.65 31.77 32.87
C ALA A 588 -12.59 32.97 32.62
N PHE A 589 -13.76 33.00 33.25
CA PHE A 589 -14.81 34.03 33.04
C PHE A 589 -14.30 35.36 33.60
N ASN A 590 -14.67 36.43 32.90
CA ASN A 590 -14.49 37.82 33.37
C ASN A 590 -15.61 38.66 32.76
N SER A 591 -15.77 39.88 33.24
CA SER A 591 -16.81 40.84 32.82
C SER A 591 -16.19 41.89 31.90
N TYR A 592 -16.88 42.25 30.82
CA TYR A 592 -16.42 43.28 29.87
C TYR A 592 -17.61 44.12 29.44
N GLY A 593 -17.34 45.34 28.99
CA GLY A 593 -18.34 46.23 28.43
C GLY A 593 -18.96 45.62 27.18
N TYR A 594 -20.26 45.74 27.03
CA TYR A 594 -20.95 45.55 25.73
C TYR A 594 -21.90 46.73 25.51
N LEU A 595 -22.32 46.89 24.26
CA LEU A 595 -23.18 48.02 23.81
C LEU A 595 -24.61 47.49 23.66
N ASN A 596 -25.57 48.27 24.16
CA ASN A 596 -27.00 48.08 23.88
C ASN A 596 -27.48 49.31 23.11
N ALA A 597 -27.77 49.17 21.83
CA ALA A 597 -28.42 50.21 21.00
C ALA A 597 -29.92 49.92 20.98
N ARG A 598 -30.76 50.96 21.10
CA ARG A 598 -32.21 50.78 21.32
C ARG A 598 -33.00 51.74 20.44
N GLN A 599 -34.06 51.22 19.84
CA GLN A 599 -35.10 51.98 19.11
C GLN A 599 -36.45 51.51 19.63
N ILE A 600 -37.42 52.40 19.56
CA ILE A 600 -38.85 52.06 19.63
C ILE A 600 -39.40 52.39 18.25
N ALA A 601 -39.99 51.39 17.60
CA ALA A 601 -40.31 51.44 16.16
C ALA A 601 -41.22 50.27 15.81
N LYS A 602 -41.80 50.34 14.62
CA LYS A 602 -42.61 49.25 14.04
C LYS A 602 -41.70 48.51 13.04
N ASP A 603 -41.54 49.08 11.86
CA ASP A 603 -40.58 48.65 10.81
C ASP A 603 -39.39 49.59 10.93
N THR A 604 -38.17 49.09 10.99
CA THR A 604 -36.97 49.97 11.09
C THR A 604 -35.74 49.17 10.65
N MET A 605 -34.58 49.79 10.80
CA MET A 605 -33.29 49.23 10.39
C MET A 605 -32.24 49.57 11.44
N PHE A 606 -31.24 48.71 11.56
CA PHE A 606 -29.93 49.05 12.15
C PHE A 606 -28.86 48.71 11.13
N MET A 607 -27.71 49.34 11.29
CA MET A 607 -26.49 48.98 10.56
C MET A 607 -25.33 49.06 11.55
N GLN A 608 -24.47 48.03 11.55
CA GLN A 608 -23.17 48.08 12.26
C GLN A 608 -22.05 48.09 11.23
N ILE A 609 -21.07 48.95 11.45
CA ILE A 609 -19.74 48.89 10.81
C ILE A 609 -18.77 48.38 11.87
N ILE A 610 -18.14 47.23 11.63
CA ILE A 610 -17.26 46.55 12.62
C ILE A 610 -15.89 46.30 11.97
N VAL A 611 -14.85 46.95 12.49
CA VAL A 611 -13.50 47.00 11.88
C VAL A 611 -12.46 46.41 12.82
N PRO A 612 -11.91 45.21 12.53
CA PRO A 612 -10.71 44.74 13.21
C PRO A 612 -9.53 45.67 12.89
N LEU A 613 -8.70 45.96 13.89
CA LEU A 613 -7.53 46.87 13.73
C LEU A 613 -6.36 46.31 14.53
N SER A 614 -5.13 46.47 14.04
CA SER A 614 -3.90 46.24 14.85
C SER A 614 -3.84 47.31 15.94
N LYS A 615 -3.09 47.03 17.00
CA LYS A 615 -2.92 47.85 18.23
C LYS A 615 -2.84 49.34 17.86
N TYR A 616 -1.96 49.74 16.93
CA TYR A 616 -1.60 51.16 16.70
C TYR A 616 -2.18 51.64 15.37
N ALA A 617 -3.13 50.92 14.77
CA ALA A 617 -3.77 51.35 13.51
C ALA A 617 -4.61 52.60 13.76
N ASP A 618 -4.67 53.50 12.78
CA ASP A 618 -5.61 54.64 12.75
C ASP A 618 -7.03 54.11 12.86
N ILE A 619 -7.91 54.85 13.52
CA ILE A 619 -9.38 54.56 13.56
C ILE A 619 -9.96 55.12 12.26
N PRO A 620 -10.68 54.32 11.45
CA PRO A 620 -11.32 54.84 10.25
C PRO A 620 -12.25 56.03 10.53
N GLU A 621 -12.47 56.89 9.54
CA GLU A 621 -13.44 58.02 9.62
C GLU A 621 -14.76 57.45 9.12
N VAL A 622 -15.77 57.40 9.99
CA VAL A 622 -17.10 56.81 9.69
C VAL A 622 -18.16 57.86 9.96
N VAL A 623 -19.00 58.14 8.96
CA VAL A 623 -20.04 59.20 9.03
C VAL A 623 -21.40 58.54 8.79
N ASP A 624 -22.34 58.74 9.71
CA ASP A 624 -23.75 58.27 9.60
C ASP A 624 -24.46 59.22 8.65
N LEU A 625 -25.05 58.73 7.56
CA LEU A 625 -25.82 59.58 6.62
C LEU A 625 -27.28 59.13 6.62
N SER A 626 -27.70 58.37 7.64
CA SER A 626 -29.10 57.88 7.80
C SER A 626 -30.09 59.05 7.75
N THR A 627 -31.24 58.84 7.09
CA THR A 627 -32.41 59.76 7.07
C THR A 627 -33.66 58.92 7.34
N ASP A 628 -34.84 59.49 7.06
CA ASP A 628 -36.15 58.83 7.30
C ASP A 628 -36.17 57.39 6.77
N ASP A 629 -35.95 57.16 5.47
CA ASP A 629 -36.26 55.87 4.79
C ASP A 629 -34.98 55.05 4.50
N VAL A 630 -33.83 55.63 4.81
CA VAL A 630 -32.49 55.17 4.38
C VAL A 630 -31.55 55.16 5.59
N VAL A 631 -30.90 54.02 5.83
CA VAL A 631 -29.87 53.89 6.89
C VAL A 631 -28.55 53.52 6.21
N GLY A 632 -27.48 54.16 6.65
CA GLY A 632 -26.14 53.84 6.13
C GLY A 632 -25.20 55.00 6.36
N GLY A 633 -24.03 54.94 5.75
CA GLY A 633 -22.94 55.91 5.94
C GLY A 633 -21.73 55.57 5.13
N THR A 634 -20.64 56.29 5.40
CA THR A 634 -19.36 56.17 4.68
C THR A 634 -18.30 55.76 5.68
N VAL A 635 -17.33 55.03 5.18
CA VAL A 635 -16.12 54.60 5.90
C VAL A 635 -14.92 54.98 5.04
N VAL A 636 -14.03 55.81 5.58
CA VAL A 636 -12.73 56.12 4.95
C VAL A 636 -11.69 55.34 5.75
N LYS A 637 -11.12 54.31 5.14
CA LYS A 637 -10.07 53.42 5.71
C LYS A 637 -8.99 53.18 4.66
N ASP A 638 -7.71 53.37 5.04
CA ASP A 638 -6.55 53.12 4.15
C ASP A 638 -6.75 53.92 2.85
N ASN A 639 -7.22 55.16 2.94
CA ASN A 639 -7.34 56.16 1.86
C ASN A 639 -8.39 55.79 0.83
N GLU A 640 -9.34 54.92 1.16
CA GLU A 640 -10.45 54.54 0.24
C GLU A 640 -11.77 54.78 0.97
N LYS A 641 -12.77 55.27 0.26
CA LYS A 641 -14.13 55.55 0.81
C LYS A 641 -15.11 54.49 0.33
N ASP A 642 -15.68 53.78 1.28
CA ASP A 642 -16.80 52.83 1.08
C ASP A 642 -18.10 53.53 1.48
N THR A 643 -19.19 53.18 0.84
CA THR A 643 -20.54 53.67 1.16
C THR A 643 -21.46 52.46 1.34
N PHE A 644 -22.31 52.50 2.36
CA PHE A 644 -23.30 51.45 2.66
C PHE A 644 -24.66 52.11 2.78
N MET A 645 -25.67 51.51 2.16
CA MET A 645 -27.04 52.03 2.14
C MET A 645 -28.00 50.87 2.27
N GLN A 646 -29.02 51.02 3.10
CA GLN A 646 -30.10 50.02 3.30
C GLN A 646 -31.43 50.77 3.34
N GLN A 647 -32.46 50.15 2.78
CA GLN A 647 -33.86 50.62 2.95
C GLN A 647 -34.75 49.38 3.03
N LEU A 648 -36.02 49.60 3.36
CA LEU A 648 -37.00 48.51 3.62
C LEU A 648 -37.74 48.10 2.35
N ASN A 649 -37.73 48.97 1.33
CA ASN A 649 -38.54 48.87 0.09
C ASN A 649 -37.68 49.21 -1.12
N ASN A 650 -38.12 48.79 -2.31
CA ASN A 650 -37.46 49.10 -3.61
C ASN A 650 -38.00 50.46 -4.06
N ALA A 651 -37.44 51.54 -3.54
CA ALA A 651 -37.78 52.92 -3.89
C ALA A 651 -36.48 53.66 -4.21
N GLU A 652 -36.49 54.52 -5.19
CA GLU A 652 -35.28 55.31 -5.55
C GLU A 652 -34.96 56.25 -4.39
N ASN A 653 -33.79 56.09 -3.80
CA ASN A 653 -33.27 56.93 -2.70
C ASN A 653 -31.77 57.09 -2.84
N SER A 654 -31.20 58.06 -2.16
CA SER A 654 -29.77 58.43 -2.25
C SER A 654 -29.16 58.37 -0.85
N LEU A 655 -27.87 58.10 -0.79
CA LEU A 655 -27.06 58.24 0.45
C LEU A 655 -25.61 58.39 0.00
N GLY A 656 -24.96 59.45 0.47
CA GLY A 656 -23.66 59.91 -0.07
C GLY A 656 -23.68 59.86 -1.58
N ASP A 657 -22.71 59.19 -2.22
CA ASP A 657 -22.60 59.24 -3.71
C ASP A 657 -23.54 58.22 -4.39
N ILE A 658 -24.28 57.42 -3.63
CA ILE A 658 -25.13 56.33 -4.16
C ILE A 658 -26.54 56.86 -4.43
N THR A 659 -27.12 56.50 -5.57
CA THR A 659 -28.58 56.55 -5.81
C THR A 659 -28.98 55.20 -6.36
N THR A 660 -30.05 54.60 -5.82
CA THR A 660 -30.46 53.21 -6.13
C THR A 660 -31.87 52.98 -5.59
N ASP A 661 -32.60 52.04 -6.22
CA ASP A 661 -33.85 51.44 -5.66
C ASP A 661 -33.55 50.12 -4.94
N ALA A 662 -32.27 49.76 -4.76
CA ALA A 662 -31.83 48.52 -4.08
C ALA A 662 -32.11 48.60 -2.58
N THR A 663 -32.44 47.48 -1.92
CA THR A 663 -32.67 47.42 -0.44
C THR A 663 -31.35 47.38 0.30
N PHE A 664 -30.24 47.13 -0.39
CA PHE A 664 -28.86 47.23 0.16
C PHE A 664 -27.93 47.59 -0.98
N ALA A 665 -26.94 48.44 -0.72
CA ALA A 665 -25.91 48.81 -1.71
C ALA A 665 -24.61 49.04 -0.97
N TYR A 666 -23.52 48.64 -1.61
CA TYR A 666 -22.11 48.82 -1.18
C TYR A 666 -21.35 49.39 -2.37
N THR A 667 -20.51 50.40 -2.12
CA THR A 667 -19.56 50.94 -3.13
C THR A 667 -18.22 51.12 -2.45
N ASN A 668 -17.15 50.88 -3.19
CA ASN A 668 -15.73 51.08 -2.81
C ASN A 668 -15.12 51.95 -3.91
N GLU A 669 -14.42 53.01 -3.48
CA GLU A 669 -13.55 53.87 -4.30
C GLU A 669 -12.09 53.55 -4.05
N ASN A 670 -11.20 53.94 -4.97
CA ASN A 670 -9.73 53.91 -4.74
C ASN A 670 -9.30 55.30 -4.21
N SER A 671 -8.01 55.41 -3.86
CA SER A 671 -7.21 56.65 -3.62
C SER A 671 -7.75 57.86 -4.40
N ASN A 672 -8.15 57.64 -5.66
CA ASN A 672 -8.41 58.64 -6.72
C ASN A 672 -9.90 58.97 -6.82
N ASN A 673 -10.72 58.49 -5.88
CA ASN A 673 -12.18 58.78 -5.81
C ASN A 673 -12.91 58.20 -7.03
N GLU A 674 -12.38 57.13 -7.62
CA GLU A 674 -13.02 56.39 -8.73
C GLU A 674 -13.76 55.17 -8.16
N LEU A 675 -15.02 54.97 -8.54
CA LEU A 675 -15.76 53.73 -8.19
C LEU A 675 -14.94 52.53 -8.71
N GLN A 676 -14.69 51.53 -7.86
CA GLN A 676 -13.82 50.36 -8.15
C GLN A 676 -14.63 49.07 -8.00
N HIS A 677 -15.48 48.99 -6.97
CA HIS A 677 -16.31 47.81 -6.63
C HIS A 677 -17.69 48.27 -6.17
N PHE A 678 -18.73 47.51 -6.50
CA PHE A 678 -20.08 47.73 -5.95
C PHE A 678 -20.83 46.40 -5.82
N SER A 679 -21.89 46.40 -5.01
CA SER A 679 -22.86 45.29 -4.87
C SER A 679 -24.23 45.87 -4.55
N VAL A 680 -25.29 45.20 -5.00
CA VAL A 680 -26.68 45.59 -4.69
C VAL A 680 -27.48 44.34 -4.32
N ARG A 681 -28.44 44.53 -3.41
CA ARG A 681 -29.51 43.56 -3.12
C ARG A 681 -30.78 44.05 -3.80
N GLN A 682 -31.27 43.29 -4.79
CA GLN A 682 -32.59 43.49 -5.45
C GLN A 682 -32.71 44.92 -5.98
N GLY A 683 -31.70 45.40 -6.72
CA GLY A 683 -31.72 46.69 -7.43
C GLY A 683 -32.15 46.53 -8.88
N THR A 684 -32.73 47.58 -9.47
CA THR A 684 -32.93 47.71 -10.94
C THR A 684 -32.08 48.86 -11.47
N SER A 685 -31.32 49.54 -10.62
CA SER A 685 -30.51 50.72 -11.02
C SER A 685 -29.54 51.10 -9.90
N LEU A 686 -28.35 51.55 -10.28
CA LEU A 686 -27.40 52.20 -9.36
C LEU A 686 -26.68 53.31 -10.11
N ASP A 687 -26.67 54.51 -9.52
CA ASP A 687 -25.84 55.66 -9.97
C ASP A 687 -24.81 55.94 -8.87
N TYR A 688 -23.63 56.43 -9.26
CA TYR A 688 -22.55 56.84 -8.33
C TYR A 688 -22.07 58.22 -8.77
N LYS A 689 -22.22 59.22 -7.90
CA LYS A 689 -21.99 60.65 -8.23
C LYS A 689 -22.85 61.05 -9.45
N GLY A 690 -24.10 60.57 -9.56
CA GLY A 690 -25.04 60.95 -10.63
C GLY A 690 -24.82 60.21 -11.95
N GLU A 691 -23.77 59.37 -12.07
CA GLU A 691 -23.47 58.55 -13.28
C GLU A 691 -24.06 57.14 -13.13
N ASN A 692 -24.90 56.71 -14.06
CA ASN A 692 -25.52 55.37 -14.02
C ASN A 692 -24.42 54.31 -14.26
N ILE A 693 -24.39 53.28 -13.40
CA ILE A 693 -23.40 52.16 -13.46
C ILE A 693 -24.08 50.94 -14.11
N PHE A 694 -25.35 50.70 -13.77
CA PHE A 694 -26.14 49.57 -14.33
C PHE A 694 -27.63 49.87 -14.23
N VAL A 695 -28.41 49.22 -15.08
CA VAL A 695 -29.90 49.15 -15.00
C VAL A 695 -30.30 47.72 -15.34
N SER A 696 -31.44 47.27 -14.82
CA SER A 696 -32.03 45.96 -15.14
C SER A 696 -33.54 46.13 -15.30
N ASN A 697 -34.20 45.23 -16.00
CA ASN A 697 -35.67 45.26 -16.20
C ASN A 697 -36.37 44.61 -14.98
N LYS A 698 -35.64 43.93 -14.12
CA LYS A 698 -36.17 43.27 -12.90
C LYS A 698 -35.12 43.31 -11.82
N PRO A 699 -35.50 43.19 -10.53
CA PRO A 699 -34.57 43.27 -9.44
C PRO A 699 -33.53 42.15 -9.55
N ILE A 700 -32.28 42.51 -9.29
CA ILE A 700 -31.12 41.59 -9.37
C ILE A 700 -30.21 41.89 -8.19
N THR A 701 -29.57 40.84 -7.66
CA THR A 701 -28.56 40.90 -6.61
C THR A 701 -27.24 40.45 -7.21
N PHE A 702 -26.21 41.30 -7.14
CA PHE A 702 -24.89 40.94 -7.74
C PHE A 702 -23.81 41.84 -7.13
N ALA A 703 -22.58 41.53 -7.45
CA ALA A 703 -21.37 42.24 -7.00
C ALA A 703 -20.40 42.29 -8.19
N LEU A 704 -19.81 43.45 -8.46
CA LEU A 704 -18.96 43.64 -9.66
C LEU A 704 -17.72 44.45 -9.29
N ASP A 705 -16.58 43.97 -9.77
CA ASP A 705 -15.27 44.64 -9.73
C ASP A 705 -15.08 45.31 -11.11
N ILE A 706 -14.97 46.63 -11.14
CA ILE A 706 -14.82 47.45 -12.37
C ILE A 706 -13.46 48.14 -12.34
N SER A 707 -12.51 47.61 -11.55
CA SER A 707 -11.12 48.14 -11.44
C SER A 707 -10.32 47.90 -12.73
N ASP A 708 -10.61 46.81 -13.44
CA ASP A 708 -9.88 46.43 -14.68
C ASP A 708 -10.76 46.76 -15.89
N GLU A 709 -10.38 47.77 -16.66
CA GLU A 709 -11.15 48.29 -17.83
C GLU A 709 -11.10 47.32 -19.02
N THR A 710 -10.32 46.24 -18.95
CA THR A 710 -10.30 45.14 -19.95
C THR A 710 -11.20 43.98 -19.49
N GLN A 711 -11.64 43.96 -18.24
CA GLN A 711 -12.47 42.84 -17.73
C GLN A 711 -13.14 43.23 -16.41
N TYR A 712 -14.45 43.44 -16.41
CA TYR A 712 -15.31 43.54 -15.21
C TYR A 712 -15.60 42.11 -14.74
N LYS A 713 -15.48 41.84 -13.44
CA LYS A 713 -15.64 40.48 -12.88
C LYS A 713 -16.42 40.54 -11.57
N GLY A 714 -17.30 39.57 -11.36
CA GLY A 714 -17.94 39.38 -10.05
C GLY A 714 -18.87 38.20 -10.05
N THR A 715 -19.99 38.30 -9.36
CA THR A 715 -20.93 37.17 -9.24
C THR A 715 -22.35 37.72 -9.17
N ILE A 716 -23.28 36.90 -9.63
CA ILE A 716 -24.74 37.20 -9.60
C ILE A 716 -25.34 36.15 -8.68
N ALA A 717 -26.07 36.57 -7.64
CA ALA A 717 -26.78 35.67 -6.71
C ALA A 717 -27.84 34.88 -7.49
N ALA A 718 -28.31 33.76 -6.94
CA ALA A 718 -29.23 32.80 -7.59
C ALA A 718 -30.44 33.55 -8.17
N LEU A 719 -30.94 33.18 -9.35
CA LEU A 719 -32.03 33.92 -10.05
C LEU A 719 -33.30 33.06 -10.14
N ASN A 720 -34.47 33.63 -9.82
CA ASN A 720 -35.81 33.00 -9.93
C ASN A 720 -36.25 32.98 -11.40
N GLU A 721 -35.93 34.05 -12.13
CA GLU A 721 -36.42 34.31 -13.51
C GLU A 721 -35.32 34.98 -14.34
N THR A 722 -35.56 35.13 -15.63
CA THR A 722 -34.62 35.79 -16.56
C THR A 722 -34.66 37.30 -16.34
N VAL A 723 -33.49 37.90 -16.20
CA VAL A 723 -33.30 39.36 -16.02
C VAL A 723 -32.51 39.90 -17.20
N GLU A 724 -32.94 40.99 -17.80
CA GLU A 724 -32.11 41.77 -18.73
C GLU A 724 -31.27 42.78 -17.93
N LEU A 725 -29.96 42.55 -17.89
CA LEU A 725 -28.98 43.37 -17.15
C LEU A 725 -28.20 44.19 -18.17
N ARG A 726 -27.96 45.47 -17.84
CA ARG A 726 -27.25 46.43 -18.71
C ARG A 726 -26.16 47.07 -17.85
N VAL A 727 -24.91 46.78 -18.17
CA VAL A 727 -23.75 47.32 -17.42
C VAL A 727 -23.02 48.32 -18.31
N LYS A 728 -22.71 49.51 -17.78
CA LYS A 728 -22.05 50.58 -18.54
C LYS A 728 -20.60 50.18 -18.80
N ASN A 729 -20.16 50.26 -20.04
CA ASN A 729 -18.78 49.95 -20.45
C ASN A 729 -17.88 51.09 -20.04
N PRO A 730 -16.55 50.85 -19.86
CA PRO A 730 -15.59 51.95 -19.89
C PRO A 730 -15.84 52.73 -21.19
N VAL A 731 -15.75 54.05 -21.14
CA VAL A 731 -16.20 54.91 -22.28
C VAL A 731 -15.33 54.56 -23.48
N GLY A 732 -15.97 54.32 -24.63
CA GLY A 732 -15.32 54.13 -25.94
C GLY A 732 -14.76 52.73 -26.11
N VAL A 733 -15.14 51.79 -25.24
CA VAL A 733 -14.54 50.44 -25.18
C VAL A 733 -15.60 49.44 -25.62
N PRO A 734 -15.29 48.55 -26.60
CA PRO A 734 -16.25 47.52 -26.99
C PRO A 734 -16.26 46.38 -25.93
N THR A 735 -17.33 45.58 -25.98
CA THR A 735 -17.40 44.23 -25.37
C THR A 735 -16.98 43.13 -26.36
N GLU A 736 -16.14 42.19 -25.92
CA GLU A 736 -15.65 41.04 -26.75
C GLU A 736 -16.38 39.76 -26.35
N SER A 737 -16.71 39.55 -25.07
CA SER A 737 -17.53 38.40 -24.64
C SER A 737 -18.06 38.61 -23.23
N VAL A 738 -19.06 37.82 -22.88
CA VAL A 738 -19.62 37.72 -21.51
C VAL A 738 -19.68 36.25 -21.18
N VAL A 739 -19.04 35.88 -20.06
CA VAL A 739 -19.02 34.49 -19.52
C VAL A 739 -19.74 34.50 -18.18
N VAL A 740 -20.76 33.66 -18.05
CA VAL A 740 -21.46 33.36 -16.76
C VAL A 740 -21.36 31.84 -16.56
N ASN A 741 -20.68 31.38 -15.50
CA ASN A 741 -20.42 29.94 -15.22
C ASN A 741 -19.67 29.26 -16.35
N GLY A 742 -18.58 29.85 -16.82
CA GLY A 742 -17.68 29.22 -17.80
C GLY A 742 -18.26 29.13 -19.21
N GLU A 743 -19.47 29.66 -19.42
CA GLU A 743 -20.16 29.63 -20.74
C GLU A 743 -20.36 31.05 -21.27
N ASN A 744 -19.97 31.28 -22.52
CA ASN A 744 -20.40 32.48 -23.27
C ASN A 744 -21.92 32.61 -23.15
N ILE A 745 -22.41 33.83 -22.92
CA ILE A 745 -23.85 34.14 -23.12
C ILE A 745 -23.93 35.18 -24.25
N GLU A 746 -25.06 35.22 -24.94
CA GLU A 746 -25.31 36.25 -25.95
C GLU A 746 -25.30 37.63 -25.29
N PHE A 747 -24.66 38.59 -25.94
CA PHE A 747 -24.60 40.00 -25.52
C PHE A 747 -24.81 40.88 -26.74
N SER A 748 -25.35 42.07 -26.49
CA SER A 748 -25.29 43.23 -27.42
C SER A 748 -24.74 44.42 -26.65
N VAL A 749 -24.36 45.46 -27.37
CA VAL A 749 -23.87 46.75 -26.83
C VAL A 749 -24.81 47.83 -27.36
N GLU A 750 -25.47 48.55 -26.46
CA GLU A 750 -26.44 49.63 -26.80
C GLU A 750 -26.13 50.84 -25.94
N ASP A 751 -25.84 51.97 -26.60
CA ASP A 751 -25.54 53.28 -25.96
C ASP A 751 -24.47 53.08 -24.88
N GLY A 752 -23.41 52.32 -25.20
CA GLY A 752 -22.24 52.15 -24.31
C GLY A 752 -22.51 51.28 -23.10
N TYR A 753 -23.52 50.41 -23.16
CA TYR A 753 -23.83 49.39 -22.13
C TYR A 753 -23.78 47.99 -22.77
N THR A 754 -23.18 47.03 -22.07
CA THR A 754 -23.30 45.58 -22.34
C THR A 754 -24.68 45.11 -21.87
N VAL A 755 -25.48 44.54 -22.77
CA VAL A 755 -26.87 44.07 -22.53
C VAL A 755 -26.87 42.55 -22.65
N ILE A 756 -27.30 41.88 -21.58
CA ILE A 756 -27.35 40.38 -21.49
C ILE A 756 -28.67 40.00 -20.81
N GLN A 757 -29.29 38.92 -21.30
CA GLN A 757 -30.33 38.14 -20.60
C GLN A 757 -29.62 37.12 -19.71
N VAL A 758 -29.85 37.15 -18.39
CA VAL A 758 -29.25 36.16 -17.45
C VAL A 758 -30.41 35.39 -16.79
N ALA A 759 -30.40 34.07 -16.96
CA ALA A 759 -31.46 33.16 -16.47
C ALA A 759 -30.95 32.40 -15.26
N GLU A 760 -29.66 32.50 -14.95
CA GLU A 760 -29.08 31.82 -13.77
C GLU A 760 -27.89 32.64 -13.28
N GLY A 761 -27.67 32.58 -11.99
CA GLY A 761 -26.57 33.31 -11.33
C GLY A 761 -25.28 32.58 -11.48
N GLY A 762 -24.26 33.09 -10.80
CA GLY A 762 -22.89 32.54 -10.83
C GLY A 762 -21.91 33.65 -11.15
N ASP A 763 -20.67 33.27 -11.37
CA ASP A 763 -19.54 34.18 -11.66
C ASP A 763 -19.74 34.74 -13.05
N ILE A 764 -19.40 36.04 -13.22
CA ILE A 764 -19.57 36.77 -14.50
C ILE A 764 -18.26 37.47 -14.80
N ASN A 765 -17.82 37.34 -16.06
CA ASN A 765 -16.75 38.15 -16.67
C ASN A 765 -17.37 38.88 -17.87
N ILE A 766 -17.24 40.20 -17.90
CA ILE A 766 -17.46 41.03 -19.10
C ILE A 766 -16.06 41.37 -19.64
N ASN A 767 -15.68 40.74 -20.75
CA ASN A 767 -14.36 40.91 -21.41
C ASN A 767 -14.48 42.04 -22.44
N PHE A 768 -13.66 43.07 -22.29
CA PHE A 768 -13.60 44.26 -23.20
C PHE A 768 -12.38 44.18 -24.13
N GLY A 769 -12.48 44.83 -25.28
CA GLY A 769 -11.34 45.12 -26.15
C GLY A 769 -10.81 46.51 -25.93
N GLU A 770 -9.90 46.96 -26.78
CA GLU A 770 -9.56 48.40 -26.94
C GLU A 770 -10.41 48.95 -28.09
N ALA B 1 -47.87 -30.65 18.47
CA ALA B 1 -48.88 -30.40 17.35
C ALA B 1 -49.29 -31.73 16.73
N ASN B 2 -50.58 -31.87 16.42
CA ASN B 2 -51.09 -33.05 15.69
C ASN B 2 -51.04 -32.76 14.18
N TYR B 3 -50.12 -33.41 13.44
CA TYR B 3 -49.91 -33.16 11.99
C TYR B 3 -50.90 -33.97 11.14
N GLU B 4 -51.77 -34.78 11.77
CA GLU B 4 -52.59 -35.77 11.02
C GLU B 4 -54.06 -35.36 10.97
N THR B 5 -54.50 -34.34 11.72
CA THR B 5 -55.95 -34.08 11.91
C THR B 5 -56.42 -32.83 11.16
N TYR B 6 -55.59 -32.20 10.31
CA TYR B 6 -56.05 -31.09 9.43
C TYR B 6 -56.55 -31.65 8.10
N ASP B 7 -57.59 -31.03 7.53
CA ASP B 7 -58.26 -31.48 6.29
C ASP B 7 -57.47 -31.02 5.05
N GLY B 8 -56.22 -31.47 4.93
CA GLY B 8 -55.35 -31.21 3.75
C GLY B 8 -55.52 -32.27 2.68
N PHE B 9 -54.54 -32.42 1.80
CA PHE B 9 -54.61 -33.41 0.69
C PHE B 9 -53.28 -34.13 0.57
N LYS B 10 -53.29 -35.23 -0.19
CA LYS B 10 -52.08 -35.99 -0.51
C LYS B 10 -52.27 -36.67 -1.87
N VAL B 11 -51.18 -37.12 -2.45
CA VAL B 11 -51.14 -37.83 -3.77
C VAL B 11 -50.50 -39.17 -3.51
N SER B 12 -50.54 -40.08 -4.49
CA SER B 12 -49.91 -41.40 -4.37
C SER B 12 -48.44 -41.24 -3.98
N GLU B 13 -47.93 -42.16 -3.17
CA GLU B 13 -46.49 -42.26 -2.82
C GLU B 13 -45.81 -43.38 -3.62
N GLU B 14 -46.53 -44.05 -4.53
CA GLU B 14 -45.97 -45.13 -5.39
C GLU B 14 -44.93 -44.50 -6.33
N PRO B 15 -43.64 -44.90 -6.23
CA PRO B 15 -42.60 -44.35 -7.11
C PRO B 15 -42.74 -44.91 -8.53
N VAL B 16 -43.05 -44.07 -9.53
CA VAL B 16 -43.16 -44.49 -10.96
C VAL B 16 -41.95 -43.96 -11.76
N LEU B 17 -41.21 -44.87 -12.39
CA LEU B 17 -39.95 -44.56 -13.14
C LEU B 17 -40.07 -45.10 -14.56
N PRO B 18 -39.55 -44.40 -15.60
CA PRO B 18 -39.52 -44.98 -16.94
C PRO B 18 -38.57 -46.19 -17.00
N GLU B 19 -38.70 -47.01 -18.04
CA GLU B 19 -37.87 -48.25 -18.25
C GLU B 19 -36.39 -47.88 -18.32
N LYS B 20 -36.06 -46.74 -18.93
CA LYS B 20 -34.67 -46.29 -19.18
C LYS B 20 -34.60 -44.77 -19.14
N GLU B 21 -33.47 -44.23 -18.68
CA GLU B 21 -33.26 -42.75 -18.63
C GLU B 21 -33.31 -42.20 -20.05
N VAL B 22 -34.00 -41.08 -20.23
CA VAL B 22 -33.95 -40.23 -21.45
C VAL B 22 -33.43 -38.86 -20.99
N HIS B 23 -32.44 -38.30 -21.69
CA HIS B 23 -31.96 -36.91 -21.46
C HIS B 23 -31.86 -36.23 -22.82
N PRO B 24 -32.47 -35.05 -23.04
CA PRO B 24 -33.30 -34.39 -22.06
C PRO B 24 -34.71 -35.00 -21.91
N SER B 25 -35.35 -34.88 -20.73
CA SER B 25 -36.75 -35.31 -20.47
C SER B 25 -37.42 -34.50 -19.35
N LEU B 26 -36.68 -33.86 -18.43
CA LEU B 26 -37.30 -33.22 -17.24
C LEU B 26 -38.34 -32.19 -17.69
N TRP B 27 -37.95 -31.31 -18.61
CA TRP B 27 -38.79 -30.17 -19.10
C TRP B 27 -39.27 -30.42 -20.53
N PHE B 28 -38.50 -31.18 -21.31
CA PHE B 28 -38.69 -31.33 -22.76
C PHE B 28 -37.75 -32.44 -23.23
N THR B 29 -38.03 -33.00 -24.41
CA THR B 29 -37.22 -34.06 -25.07
C THR B 29 -36.42 -33.45 -26.21
N LYS B 30 -35.50 -34.21 -26.80
CA LYS B 30 -34.64 -33.79 -27.95
C LYS B 30 -35.48 -33.11 -29.03
N SER B 31 -36.62 -33.68 -29.37
CA SER B 31 -37.51 -33.23 -30.50
C SER B 31 -38.14 -31.85 -30.20
N ASP B 32 -38.22 -31.43 -28.94
CA ASP B 32 -38.85 -30.14 -28.54
C ASP B 32 -37.88 -28.96 -28.74
N ILE B 33 -36.58 -29.21 -28.93
CA ILE B 33 -35.52 -28.19 -28.69
C ILE B 33 -35.69 -27.01 -29.63
N GLN B 34 -35.99 -27.24 -30.91
CA GLN B 34 -36.05 -26.17 -31.94
C GLN B 34 -37.29 -25.30 -31.65
N LYS B 35 -38.42 -25.88 -31.24
CA LYS B 35 -39.62 -25.14 -30.78
C LYS B 35 -39.25 -24.26 -29.56
N ILE B 36 -38.47 -24.80 -28.60
CA ILE B 36 -38.01 -24.02 -27.40
C ILE B 36 -37.04 -22.91 -27.84
N LYS B 37 -36.16 -23.14 -28.82
CA LYS B 37 -35.23 -22.08 -29.34
C LYS B 37 -36.04 -20.95 -30.00
N GLU B 38 -37.11 -21.30 -30.70
CA GLU B 38 -38.00 -20.37 -31.47
C GLU B 38 -39.00 -19.67 -30.53
N LYS B 39 -39.24 -20.20 -29.34
CA LYS B 39 -40.28 -19.73 -28.38
C LYS B 39 -40.10 -18.25 -28.07
N LYS B 40 -38.86 -17.75 -28.10
CA LYS B 40 -38.54 -16.35 -27.80
C LYS B 40 -39.31 -15.38 -28.71
N ASN B 41 -39.71 -15.79 -29.91
CA ASN B 41 -40.33 -14.91 -30.93
C ASN B 41 -41.86 -14.96 -30.85
N GLU B 42 -42.46 -15.74 -29.93
CA GLU B 42 -43.93 -15.95 -29.84
C GLU B 42 -44.66 -14.66 -29.43
N ASP B 43 -44.20 -13.94 -28.39
CA ASP B 43 -44.81 -12.66 -27.91
C ASP B 43 -43.76 -11.82 -27.17
N SER B 44 -44.14 -10.61 -26.74
CA SER B 44 -43.26 -9.66 -26.01
C SER B 44 -42.75 -10.28 -24.68
N PHE B 45 -43.52 -11.18 -24.06
CA PHE B 45 -43.15 -11.79 -22.75
C PHE B 45 -42.03 -12.81 -22.97
N THR B 46 -42.18 -13.72 -23.94
CA THR B 46 -41.10 -14.69 -24.30
C THR B 46 -39.85 -13.93 -24.74
N ALA B 47 -39.99 -12.81 -25.45
CA ALA B 47 -38.86 -11.97 -25.92
C ALA B 47 -38.11 -11.37 -24.73
N GLU B 48 -38.84 -10.83 -23.74
CA GLU B 48 -38.25 -10.25 -22.50
C GLU B 48 -37.48 -11.35 -21.75
N LEU B 49 -38.10 -12.52 -21.55
CA LEU B 49 -37.51 -13.67 -20.81
C LEU B 49 -36.21 -14.09 -21.52
N TRP B 50 -36.25 -14.17 -22.86
CA TRP B 50 -35.07 -14.55 -23.69
C TRP B 50 -33.94 -13.53 -23.52
N GLU B 51 -34.25 -12.24 -23.58
CA GLU B 51 -33.31 -11.12 -23.33
C GLU B 51 -32.64 -11.27 -21.95
N GLU B 52 -33.39 -11.68 -20.91
CA GLU B 52 -32.82 -11.88 -19.56
C GLU B 52 -31.91 -13.12 -19.54
N ILE B 53 -32.40 -14.26 -20.02
CA ILE B 53 -31.65 -15.57 -19.96
C ILE B 53 -30.33 -15.42 -20.71
N SER B 54 -30.39 -14.92 -21.95
CA SER B 54 -29.24 -14.89 -22.89
C SER B 54 -28.22 -13.81 -22.45
N ASN B 55 -28.56 -12.95 -21.50
CA ASN B 55 -27.64 -11.91 -20.99
C ASN B 55 -27.29 -12.16 -19.52
N SER B 56 -27.60 -13.34 -19.00
CA SER B 56 -27.34 -13.69 -17.58
C SER B 56 -25.83 -13.57 -17.32
N PRO B 57 -25.45 -12.87 -16.24
CA PRO B 57 -24.04 -12.84 -15.85
C PRO B 57 -23.45 -14.24 -15.59
N TYR B 58 -24.29 -15.26 -15.38
CA TYR B 58 -23.82 -16.65 -15.11
C TYR B 58 -23.25 -17.30 -16.37
N LEU B 59 -23.46 -16.68 -17.54
CA LEU B 59 -22.87 -17.13 -18.83
C LEU B 59 -21.42 -16.63 -18.95
N THR B 60 -21.08 -15.49 -18.34
CA THR B 60 -19.76 -14.79 -18.50
C THR B 60 -18.93 -14.82 -17.21
N MET B 61 -19.51 -15.04 -16.04
CA MET B 61 -18.74 -14.91 -14.78
C MET B 61 -17.68 -16.00 -14.72
N GLU B 62 -16.51 -15.69 -14.17
CA GLU B 62 -15.47 -16.71 -13.90
C GLU B 62 -16.08 -17.74 -12.95
N ILE B 63 -15.92 -19.02 -13.27
CA ILE B 63 -16.20 -20.14 -12.33
C ILE B 63 -15.24 -19.94 -11.17
N PRO B 64 -15.70 -19.83 -9.91
CA PRO B 64 -14.79 -19.49 -8.81
C PRO B 64 -13.78 -20.62 -8.61
N THR B 65 -12.48 -20.31 -8.60
CA THR B 65 -11.38 -21.28 -8.34
C THR B 65 -11.26 -21.54 -6.83
N ASP B 66 -11.69 -20.56 -6.01
CA ASP B 66 -11.66 -20.64 -4.53
C ASP B 66 -12.94 -21.33 -4.02
N ILE B 67 -12.77 -22.56 -3.54
CA ILE B 67 -13.75 -23.34 -2.73
C ILE B 67 -13.76 -22.79 -1.31
N PRO B 68 -14.92 -22.43 -0.72
CA PRO B 68 -14.93 -21.98 0.67
C PRO B 68 -14.50 -23.09 1.64
N SER B 69 -14.13 -22.73 2.87
CA SER B 69 -13.90 -23.68 4.00
C SER B 69 -15.15 -23.70 4.89
N ALA B 70 -15.27 -24.69 5.77
CA ALA B 70 -16.41 -24.84 6.73
C ALA B 70 -16.50 -23.61 7.65
N THR B 71 -15.42 -22.82 7.80
CA THR B 71 -15.32 -21.65 8.72
C THR B 71 -15.54 -20.32 8.00
N ASP B 72 -15.95 -20.30 6.72
CA ASP B 72 -16.32 -19.04 6.00
C ASP B 72 -17.77 -18.69 6.38
N SER B 73 -18.24 -17.48 6.05
CA SER B 73 -19.61 -17.02 6.42
C SER B 73 -20.66 -17.92 5.77
N ASP B 74 -21.82 -18.05 6.42
CA ASP B 74 -22.95 -18.87 5.92
C ASP B 74 -23.45 -18.24 4.62
N THR B 75 -23.44 -16.92 4.50
CA THR B 75 -23.81 -16.17 3.27
C THR B 75 -22.87 -16.55 2.11
N ASP B 76 -21.57 -16.55 2.35
CA ASP B 76 -20.55 -16.88 1.31
C ASP B 76 -20.72 -18.34 0.87
N ILE B 77 -20.95 -19.26 1.78
CA ILE B 77 -21.08 -20.71 1.45
C ILE B 77 -22.35 -20.90 0.60
N HIS B 78 -23.46 -20.26 1.01
CA HIS B 78 -24.76 -20.27 0.30
C HIS B 78 -24.55 -19.75 -1.12
N LYS B 79 -23.95 -18.58 -1.28
CA LYS B 79 -23.73 -17.95 -2.60
C LYS B 79 -22.81 -18.81 -3.48
N TYR B 80 -21.79 -19.47 -2.91
CA TYR B 80 -20.89 -20.39 -3.65
C TYR B 80 -21.74 -21.49 -4.33
N TYR B 81 -22.57 -22.23 -3.59
CA TYR B 81 -23.37 -23.35 -4.13
C TYR B 81 -24.47 -22.83 -5.06
N GLY B 82 -25.14 -21.73 -4.68
CA GLY B 82 -26.12 -21.03 -5.53
C GLY B 82 -25.52 -20.68 -6.90
N ASN B 83 -24.37 -20.02 -6.88
CA ASN B 83 -23.64 -19.58 -8.08
C ASN B 83 -23.20 -20.78 -8.93
N MET B 84 -22.65 -21.82 -8.31
CA MET B 84 -22.20 -23.02 -9.04
C MET B 84 -23.40 -23.71 -9.71
N SER B 85 -24.50 -23.86 -8.98
CA SER B 85 -25.74 -24.50 -9.49
C SER B 85 -26.29 -23.66 -10.65
N ARG B 86 -26.18 -22.32 -10.58
CA ARG B 86 -26.72 -21.41 -11.63
C ARG B 86 -25.80 -21.45 -12.86
N ILE B 87 -24.49 -21.50 -12.66
CA ILE B 87 -23.51 -21.65 -13.77
C ILE B 87 -23.86 -22.93 -14.54
N ALA B 88 -24.02 -24.05 -13.84
CA ALA B 88 -24.39 -25.34 -14.44
C ALA B 88 -25.65 -25.16 -15.30
N LYS B 89 -26.75 -24.67 -14.73
CA LYS B 89 -28.07 -24.66 -15.41
C LYS B 89 -28.12 -23.62 -16.54
N TYR B 90 -27.65 -22.38 -16.34
CA TYR B 90 -27.68 -21.30 -17.38
C TYR B 90 -26.83 -21.73 -18.59
N ASN B 91 -25.63 -22.24 -18.34
CA ASN B 91 -24.65 -22.64 -19.39
C ASN B 91 -25.18 -23.87 -20.13
N ALA B 92 -25.75 -24.86 -19.43
CA ALA B 92 -26.36 -26.05 -20.04
C ALA B 92 -27.52 -25.62 -20.96
N PHE B 93 -28.35 -24.69 -20.51
CA PHE B 93 -29.53 -24.21 -21.27
C PHE B 93 -29.03 -23.52 -22.55
N MET B 94 -28.11 -22.58 -22.42
CA MET B 94 -27.60 -21.76 -23.56
C MET B 94 -26.80 -22.63 -24.53
N TYR B 95 -26.21 -23.75 -24.08
CA TYR B 95 -25.56 -24.72 -24.98
C TYR B 95 -26.62 -25.36 -25.89
N LEU B 96 -27.72 -25.83 -25.31
CA LEU B 96 -28.88 -26.39 -26.06
C LEU B 96 -29.43 -25.32 -27.01
N MET B 97 -29.56 -24.07 -26.56
CA MET B 97 -30.16 -22.99 -27.39
C MET B 97 -29.24 -22.53 -28.50
N THR B 98 -27.91 -22.50 -28.31
CA THR B 98 -26.96 -21.82 -29.23
C THR B 98 -25.88 -22.75 -29.78
N GLY B 99 -25.48 -23.80 -29.07
CA GLY B 99 -24.36 -24.67 -29.45
C GLY B 99 -22.98 -24.04 -29.21
N LYS B 100 -22.88 -22.93 -28.49
CA LYS B 100 -21.56 -22.30 -28.21
C LYS B 100 -20.77 -23.22 -27.27
N SER B 101 -19.61 -23.62 -27.72
CA SER B 101 -18.74 -24.65 -27.09
C SER B 101 -18.52 -24.34 -25.61
N GLU B 102 -18.22 -23.08 -25.31
CA GLU B 102 -17.86 -22.53 -23.98
C GLU B 102 -18.99 -22.88 -23.00
N TYR B 103 -20.26 -22.79 -23.42
CA TYR B 103 -21.44 -23.11 -22.57
C TYR B 103 -21.39 -24.59 -22.15
N ARG B 104 -21.06 -25.52 -23.04
CA ARG B 104 -20.96 -26.96 -22.67
C ARG B 104 -19.80 -27.18 -21.70
N LEU B 105 -18.66 -26.55 -21.95
CA LEU B 105 -17.44 -26.71 -21.13
C LEU B 105 -17.70 -26.16 -19.73
N ARG B 106 -18.33 -25.00 -19.62
CA ARG B 106 -18.65 -24.32 -18.33
C ARG B 106 -19.69 -25.16 -17.57
N ALA B 107 -20.73 -25.67 -18.26
CA ALA B 107 -21.77 -26.53 -17.64
C ALA B 107 -21.11 -27.79 -17.09
N THR B 108 -20.19 -28.38 -17.86
CA THR B 108 -19.44 -29.61 -17.51
C THR B 108 -18.55 -29.36 -16.28
N GLU B 109 -17.76 -28.28 -16.26
CA GLU B 109 -16.85 -28.01 -15.11
C GLU B 109 -17.67 -27.77 -13.83
N ALA B 110 -18.73 -26.96 -13.89
CA ALA B 110 -19.65 -26.67 -12.76
C ALA B 110 -20.26 -27.97 -12.23
N LEU B 111 -20.72 -28.87 -13.12
CA LEU B 111 -21.35 -30.14 -12.69
C LEU B 111 -20.31 -31.05 -12.04
N LYS B 112 -19.08 -31.06 -12.55
CA LYS B 112 -18.00 -31.90 -11.98
C LYS B 112 -17.64 -31.40 -10.56
N ARG B 113 -17.93 -30.12 -10.25
CA ARG B 113 -17.68 -29.50 -8.93
C ARG B 113 -18.97 -29.36 -8.10
N ALA B 114 -20.06 -30.02 -8.49
CA ALA B 114 -21.37 -29.93 -7.79
C ALA B 114 -21.18 -30.47 -6.37
N PHE B 115 -21.46 -29.66 -5.35
CA PHE B 115 -21.42 -30.10 -3.94
C PHE B 115 -20.00 -30.53 -3.57
N ASP B 116 -18.97 -29.90 -4.16
CA ASP B 116 -17.58 -29.93 -3.63
C ASP B 116 -17.55 -29.03 -2.39
N GLY B 117 -16.38 -28.77 -1.82
CA GLY B 117 -16.22 -27.88 -0.65
C GLY B 117 -16.82 -28.48 0.62
N PRO B 118 -17.18 -27.61 1.60
CA PRO B 118 -17.44 -28.07 2.97
C PRO B 118 -18.84 -28.61 3.28
N ILE B 119 -19.76 -28.65 2.31
CA ILE B 119 -21.20 -28.95 2.51
C ILE B 119 -21.40 -30.17 3.42
N TYR B 120 -20.72 -31.27 3.14
CA TYR B 120 -20.97 -32.57 3.83
C TYR B 120 -20.26 -32.57 5.19
N GLU B 121 -19.38 -31.60 5.46
CA GLU B 121 -18.73 -31.40 6.80
C GLU B 121 -19.69 -30.63 7.71
N MET B 122 -20.65 -29.91 7.14
CA MET B 122 -21.50 -28.94 7.89
C MET B 122 -22.78 -29.62 8.36
N ASP B 123 -23.46 -29.01 9.34
CA ASP B 123 -24.69 -29.57 9.97
C ASP B 123 -25.85 -28.62 9.66
N PRO B 124 -26.77 -29.00 8.74
CA PRO B 124 -27.90 -28.15 8.39
C PRO B 124 -28.94 -27.91 9.51
N THR B 125 -28.89 -28.70 10.59
CA THR B 125 -29.77 -28.48 11.77
C THR B 125 -29.26 -27.30 12.60
N VAL B 126 -28.06 -26.78 12.34
CA VAL B 126 -27.54 -25.56 13.00
C VAL B 126 -28.25 -24.35 12.38
N SER B 127 -28.94 -23.58 13.22
CA SER B 127 -29.66 -22.34 12.86
C SER B 127 -28.79 -21.51 11.91
N GLY B 128 -29.35 -21.10 10.76
CA GLY B 128 -28.68 -20.22 9.78
C GLY B 128 -27.61 -20.90 8.94
N SER B 129 -27.53 -22.23 8.92
CA SER B 129 -26.61 -23.01 8.04
C SER B 129 -26.68 -22.46 6.60
N GLY B 130 -25.52 -22.20 6.01
CA GLY B 130 -25.38 -21.81 4.60
C GLY B 130 -25.75 -22.95 3.66
N VAL B 131 -25.92 -24.16 4.17
CA VAL B 131 -26.29 -25.37 3.38
C VAL B 131 -27.58 -25.95 3.97
N ASP B 132 -28.47 -25.08 4.44
CA ASP B 132 -29.82 -25.48 4.91
C ASP B 132 -30.54 -26.20 3.75
N GLU B 133 -31.35 -27.21 4.10
CA GLU B 133 -32.17 -28.02 3.17
C GLU B 133 -32.99 -27.12 2.23
N ILE B 134 -33.44 -25.93 2.64
CA ILE B 134 -34.30 -25.05 1.80
C ILE B 134 -33.50 -24.52 0.58
N TYR B 135 -32.19 -24.32 0.72
CA TYR B 135 -31.29 -23.80 -0.34
C TYR B 135 -30.85 -24.95 -1.27
N ARG B 136 -30.45 -26.09 -0.71
CA ARG B 136 -29.90 -27.23 -1.49
C ARG B 136 -31.00 -27.95 -2.26
N ALA B 137 -32.27 -27.68 -1.93
CA ALA B 137 -33.45 -28.07 -2.73
C ALA B 137 -33.34 -27.44 -4.12
N VAL B 138 -33.06 -26.14 -4.18
CA VAL B 138 -32.90 -25.38 -5.45
C VAL B 138 -31.60 -25.86 -6.12
N TRP B 139 -30.51 -26.02 -5.36
CA TRP B 139 -29.22 -26.45 -5.93
C TRP B 139 -29.41 -27.80 -6.64
N ALA B 140 -30.07 -28.75 -5.99
CA ALA B 140 -30.33 -30.11 -6.50
C ALA B 140 -31.09 -29.98 -7.82
N GLN B 141 -32.16 -29.17 -7.86
CA GLN B 141 -32.97 -29.03 -9.10
C GLN B 141 -32.12 -28.37 -10.20
N ASN B 142 -31.31 -27.37 -9.85
CA ASN B 142 -30.42 -26.65 -10.81
C ASN B 142 -29.42 -27.65 -11.41
N PHE B 143 -28.69 -28.39 -10.58
CA PHE B 143 -27.64 -29.33 -11.05
C PHE B 143 -28.28 -30.49 -11.81
N ALA B 144 -29.38 -31.06 -11.32
CA ALA B 144 -30.08 -32.20 -11.97
C ALA B 144 -30.53 -31.78 -13.38
N THR B 145 -31.11 -30.59 -13.52
CA THR B 145 -31.62 -30.05 -14.79
C THR B 145 -30.45 -29.83 -15.77
N ALA B 146 -29.36 -29.23 -15.30
CA ALA B 146 -28.13 -29.00 -16.09
C ALA B 146 -27.64 -30.35 -16.61
N TYR B 147 -27.64 -31.38 -15.75
CA TYR B 147 -27.22 -32.76 -16.14
C TYR B 147 -28.16 -33.33 -17.21
N ASP B 148 -29.48 -33.20 -17.00
CA ASP B 148 -30.52 -33.65 -17.97
C ASP B 148 -30.24 -33.02 -19.34
N TRP B 149 -29.84 -31.75 -19.37
CA TRP B 149 -29.62 -30.95 -20.61
C TRP B 149 -28.28 -31.30 -21.26
N ILE B 150 -27.23 -31.58 -20.49
CA ILE B 150 -25.85 -31.72 -21.04
C ILE B 150 -25.45 -33.19 -21.20
N GLN B 151 -26.17 -34.11 -20.56
CA GLN B 151 -25.76 -35.54 -20.43
C GLN B 151 -25.38 -36.12 -21.79
N PRO B 152 -26.13 -35.89 -22.89
CA PRO B 152 -25.81 -36.51 -24.18
C PRO B 152 -24.47 -36.04 -24.80
N TYR B 153 -23.88 -34.95 -24.32
CA TYR B 153 -22.60 -34.39 -24.84
C TYR B 153 -21.43 -34.73 -23.93
N LEU B 154 -21.64 -35.41 -22.81
CA LEU B 154 -20.56 -35.74 -21.85
C LEU B 154 -19.74 -36.93 -22.38
N SER B 155 -18.43 -36.96 -22.14
CA SER B 155 -17.61 -38.20 -22.20
C SER B 155 -18.14 -39.20 -21.17
N ASP B 156 -17.94 -40.50 -21.38
CA ASP B 156 -18.34 -41.58 -20.45
C ASP B 156 -17.72 -41.26 -19.09
N GLU B 157 -16.46 -40.83 -19.05
CA GLU B 157 -15.71 -40.48 -17.81
C GLU B 157 -16.47 -39.37 -17.06
N ASP B 158 -16.79 -38.25 -17.74
CA ASP B 158 -17.44 -37.08 -17.13
C ASP B 158 -18.85 -37.46 -16.63
N ASP B 159 -19.60 -38.27 -17.40
CA ASP B 159 -20.95 -38.75 -17.02
C ASP B 159 -20.88 -39.50 -15.68
N GLU B 160 -19.94 -40.45 -15.55
CA GLU B 160 -19.75 -41.26 -14.32
C GLU B 160 -19.44 -40.32 -13.14
N ILE B 161 -18.53 -39.36 -13.33
CA ILE B 161 -18.10 -38.38 -12.27
C ILE B 161 -19.33 -37.61 -11.81
N ILE B 162 -20.08 -37.02 -12.74
CA ILE B 162 -21.22 -36.11 -12.42
C ILE B 162 -22.35 -36.94 -11.78
N ARG B 163 -22.61 -38.15 -12.29
CA ARG B 163 -23.68 -39.02 -11.72
C ARG B 163 -23.34 -39.34 -10.24
N GLU B 164 -22.07 -39.62 -9.94
CA GLU B 164 -21.63 -39.98 -8.56
C GLU B 164 -21.89 -38.78 -7.62
N ARG B 165 -21.60 -37.55 -8.08
CA ARG B 165 -21.89 -36.30 -7.35
C ARG B 165 -23.39 -36.15 -7.10
N LEU B 166 -24.24 -36.30 -8.13
CA LEU B 166 -25.71 -36.14 -8.00
C LEU B 166 -26.28 -37.23 -7.09
N ALA B 167 -25.82 -38.47 -7.24
CA ALA B 167 -26.30 -39.65 -6.47
C ALA B 167 -25.96 -39.50 -4.97
N LYS B 168 -24.77 -38.96 -4.66
CA LYS B 168 -24.33 -38.76 -3.27
C LYS B 168 -25.26 -37.74 -2.59
N GLU B 169 -25.54 -36.59 -3.23
CA GLU B 169 -26.46 -35.57 -2.66
C GLU B 169 -27.84 -36.22 -2.49
N ALA B 170 -28.32 -37.01 -3.45
CA ALA B 170 -29.62 -37.70 -3.33
C ALA B 170 -29.61 -38.61 -2.09
N GLN B 171 -28.54 -39.39 -1.89
CA GLN B 171 -28.44 -40.34 -0.75
C GLN B 171 -28.48 -39.54 0.56
N VAL B 172 -27.71 -38.45 0.63
CA VAL B 172 -27.57 -37.62 1.85
C VAL B 172 -28.93 -36.99 2.18
N VAL B 173 -29.64 -36.47 1.18
CA VAL B 173 -30.99 -35.89 1.37
C VAL B 173 -31.95 -36.98 1.84
N TYR B 174 -31.95 -38.13 1.15
CA TYR B 174 -32.81 -39.31 1.49
C TYR B 174 -32.61 -39.67 2.98
N GLU B 175 -31.36 -39.78 3.42
CA GLU B 175 -30.99 -40.25 4.78
C GLU B 175 -31.34 -39.20 5.84
N ASN B 176 -31.37 -37.90 5.51
CA ASN B 176 -31.42 -36.79 6.49
C ASN B 176 -32.74 -36.01 6.41
N LEU B 177 -33.60 -36.30 5.45
CA LEU B 177 -34.81 -35.48 5.14
C LEU B 177 -35.57 -35.20 6.45
N TYR B 178 -35.86 -36.25 7.22
CA TYR B 178 -36.71 -36.21 8.43
C TYR B 178 -35.94 -35.65 9.63
N THR B 179 -34.61 -35.75 9.65
CA THR B 179 -33.74 -35.10 10.68
C THR B 179 -33.66 -33.59 10.41
N TRP B 180 -33.41 -33.17 9.17
CA TRP B 180 -33.35 -31.73 8.77
C TRP B 180 -34.72 -31.06 8.90
N GLY B 181 -35.79 -31.81 8.60
CA GLY B 181 -37.19 -31.35 8.61
C GLY B 181 -38.05 -32.16 9.57
N PRO B 182 -37.84 -32.06 10.90
CA PRO B 182 -38.58 -32.90 11.85
C PRO B 182 -40.04 -32.46 12.01
N ARG B 183 -40.40 -31.30 11.45
CA ARG B 183 -41.78 -30.77 11.41
C ARG B 183 -42.12 -30.50 9.94
N PRO B 184 -43.32 -30.89 9.48
CA PRO B 184 -43.60 -30.97 8.04
C PRO B 184 -43.89 -29.63 7.34
N HIS B 185 -43.16 -28.57 7.69
CA HIS B 185 -43.28 -27.26 7.03
C HIS B 185 -42.41 -27.26 5.75
N ASN B 186 -42.19 -26.08 5.15
CA ASN B 186 -41.54 -25.94 3.82
C ASN B 186 -40.09 -26.45 3.90
N HIS B 187 -39.49 -26.56 5.09
CA HIS B 187 -38.13 -27.15 5.25
C HIS B 187 -38.15 -28.66 4.96
N LEU B 188 -39.31 -29.30 5.00
CA LEU B 188 -39.45 -30.73 4.66
C LEU B 188 -39.84 -30.81 3.18
N SER B 189 -40.87 -30.07 2.76
CA SER B 189 -41.47 -30.23 1.42
C SER B 189 -40.46 -29.83 0.34
N LYS B 190 -39.77 -28.70 0.51
CA LYS B 190 -38.83 -28.15 -0.52
C LYS B 190 -37.74 -29.15 -0.85
N PRO B 191 -36.92 -29.65 0.11
CA PRO B 191 -35.90 -30.65 -0.24
C PRO B 191 -36.50 -32.00 -0.66
N ALA B 192 -37.74 -32.30 -0.27
CA ALA B 192 -38.46 -33.51 -0.75
C ALA B 192 -38.63 -33.41 -2.28
N TRP B 193 -39.11 -32.26 -2.77
CA TRP B 193 -39.30 -31.98 -4.21
C TRP B 193 -37.94 -31.99 -4.95
N GLY B 194 -36.89 -31.47 -4.32
CA GLY B 194 -35.49 -31.59 -4.78
C GLY B 194 -35.07 -33.04 -4.95
N LEU B 195 -35.31 -33.87 -3.94
CA LEU B 195 -34.98 -35.32 -3.99
C LEU B 195 -35.77 -35.97 -5.12
N GLY B 196 -37.05 -35.62 -5.28
CA GLY B 196 -37.92 -36.12 -6.35
C GLY B 196 -37.29 -35.86 -7.71
N THR B 197 -36.88 -34.61 -7.97
CA THR B 197 -36.18 -34.22 -9.22
C THR B 197 -34.93 -35.10 -9.41
N LEU B 198 -34.09 -35.25 -8.38
CA LEU B 198 -32.85 -36.06 -8.47
C LEU B 198 -33.19 -37.51 -8.87
N ALA B 199 -34.22 -38.09 -8.27
CA ALA B 199 -34.61 -39.50 -8.51
C ALA B 199 -35.06 -39.65 -9.97
N LEU B 200 -35.81 -38.69 -10.48
CA LEU B 200 -36.37 -38.72 -11.85
C LEU B 200 -35.25 -38.47 -12.89
N THR B 201 -34.24 -37.68 -12.53
CA THR B 201 -33.02 -37.44 -13.34
C THR B 201 -32.20 -38.73 -13.42
N LEU B 202 -31.98 -39.39 -12.27
CA LEU B 202 -31.16 -40.62 -12.18
C LEU B 202 -32.09 -41.83 -12.06
N SER B 203 -33.14 -41.90 -12.90
CA SER B 203 -34.22 -42.93 -12.80
C SER B 203 -33.65 -44.36 -12.90
N ASP B 204 -32.46 -44.54 -13.49
CA ASP B 204 -31.83 -45.89 -13.63
C ASP B 204 -30.95 -46.21 -12.42
N HIS B 205 -30.65 -45.24 -11.55
CA HIS B 205 -29.85 -45.51 -10.32
C HIS B 205 -30.62 -46.53 -9.48
N PRO B 206 -29.94 -47.54 -8.88
CA PRO B 206 -30.65 -48.58 -8.13
C PRO B 206 -31.51 -48.07 -6.96
N ASP B 207 -31.23 -46.90 -6.38
CA ASP B 207 -31.95 -46.37 -5.19
C ASP B 207 -33.02 -45.33 -5.60
N ALA B 208 -33.23 -45.08 -6.89
CA ALA B 208 -34.14 -44.03 -7.41
C ALA B 208 -35.58 -44.26 -6.89
N SER B 209 -36.06 -45.50 -6.84
CA SER B 209 -37.39 -45.90 -6.30
C SER B 209 -37.56 -45.44 -4.86
N LYS B 210 -36.59 -45.81 -4.01
CA LYS B 210 -36.54 -45.46 -2.57
C LYS B 210 -36.59 -43.93 -2.44
N TRP B 211 -35.73 -43.22 -3.17
CA TRP B 211 -35.63 -41.74 -3.16
C TRP B 211 -36.98 -41.11 -3.48
N LEU B 212 -37.57 -41.50 -4.62
CA LEU B 212 -38.83 -40.87 -5.12
C LEU B 212 -39.97 -41.13 -4.12
N ASN B 213 -40.05 -42.35 -3.59
CA ASN B 213 -41.08 -42.77 -2.62
C ASN B 213 -40.98 -41.90 -1.35
N ARG B 214 -39.78 -41.72 -0.80
CA ARG B 214 -39.60 -40.93 0.43
C ARG B 214 -39.90 -39.46 0.12
N ALA B 215 -39.49 -38.98 -1.05
CA ALA B 215 -39.80 -37.60 -1.51
C ALA B 215 -41.31 -37.37 -1.46
N LEU B 216 -42.08 -38.29 -2.03
CA LEU B 216 -43.57 -38.19 -2.13
C LEU B 216 -44.18 -38.28 -0.73
N GLU B 217 -43.71 -39.21 0.08
CA GLU B 217 -44.19 -39.44 1.47
C GLU B 217 -43.99 -38.14 2.27
N ALA B 218 -42.78 -37.57 2.23
CA ALA B 218 -42.39 -36.37 3.00
C ALA B 218 -43.22 -35.17 2.56
N ALA B 219 -43.36 -34.95 1.26
CA ALA B 219 -44.15 -33.83 0.70
C ALA B 219 -45.61 -33.97 1.15
N ASN B 220 -46.15 -35.19 1.14
CA ASN B 220 -47.54 -35.48 1.58
C ASN B 220 -47.77 -35.03 3.04
N THR B 221 -46.79 -35.21 3.94
CA THR B 221 -46.96 -34.78 5.36
C THR B 221 -47.11 -33.24 5.42
N ASN B 222 -46.53 -32.50 4.47
CA ASN B 222 -46.72 -31.04 4.36
C ASN B 222 -48.10 -30.72 3.78
N THR B 223 -48.50 -31.37 2.68
CA THR B 223 -49.79 -31.02 2.00
C THR B 223 -51.00 -31.46 2.87
N LEU B 224 -50.83 -32.44 3.75
CA LEU B 224 -51.91 -32.94 4.64
C LEU B 224 -52.18 -31.94 5.79
N TYR B 225 -51.16 -31.20 6.24
CA TYR B 225 -51.19 -30.36 7.47
C TYR B 225 -51.15 -28.86 7.15
N PHE B 226 -50.25 -28.40 6.28
CA PHE B 226 -50.12 -26.94 5.99
C PHE B 226 -51.08 -26.51 4.88
N PHE B 227 -51.47 -27.41 3.97
CA PHE B 227 -52.48 -27.10 2.93
C PHE B 227 -53.84 -27.60 3.45
N ASN B 228 -54.89 -26.88 3.07
CA ASN B 228 -56.28 -27.37 3.08
C ASN B 228 -56.56 -28.02 1.72
N LYS B 229 -57.46 -28.98 1.65
CA LYS B 229 -58.04 -29.53 0.40
C LYS B 229 -58.43 -28.38 -0.52
N ASP B 230 -58.90 -27.24 0.02
CA ASP B 230 -59.42 -26.15 -0.85
C ASP B 230 -58.26 -25.32 -1.40
N GLY B 231 -57.01 -25.65 -1.09
CA GLY B 231 -55.81 -25.03 -1.71
C GLY B 231 -55.14 -23.98 -0.85
N HIS B 232 -55.77 -23.54 0.24
CA HIS B 232 -55.21 -22.57 1.20
C HIS B 232 -53.89 -23.11 1.76
N TYR B 233 -52.85 -22.27 1.88
CA TYR B 233 -51.57 -22.63 2.57
C TYR B 233 -51.45 -21.89 3.90
N ARG B 234 -51.35 -22.63 5.00
CA ARG B 234 -51.46 -22.06 6.38
C ARG B 234 -50.19 -21.30 6.81
N GLU B 235 -49.04 -21.45 6.12
CA GLU B 235 -47.81 -20.68 6.45
C GLU B 235 -47.87 -19.28 5.81
N GLY B 236 -48.87 -19.00 4.99
CA GLY B 236 -49.06 -17.70 4.34
C GLY B 236 -48.52 -17.70 2.90
N ALA B 237 -48.77 -16.60 2.20
CA ALA B 237 -48.50 -16.37 0.78
C ALA B 237 -46.99 -16.47 0.49
N HIS B 238 -46.16 -15.89 1.34
CA HIS B 238 -44.69 -15.84 1.15
C HIS B 238 -44.12 -17.27 1.16
N TYR B 239 -44.48 -18.10 2.15
CA TYR B 239 -43.94 -19.48 2.25
C TYR B 239 -44.61 -20.40 1.23
N TYR B 240 -45.80 -20.04 0.75
CA TYR B 240 -46.47 -20.70 -0.40
C TYR B 240 -45.62 -20.53 -1.65
N VAL B 241 -45.31 -19.29 -2.03
CA VAL B 241 -44.49 -19.01 -3.23
C VAL B 241 -43.13 -19.68 -3.06
N TYR B 242 -42.52 -19.58 -1.88
CA TYR B 242 -41.22 -20.21 -1.54
C TYR B 242 -41.29 -21.72 -1.82
N SER B 243 -42.41 -22.36 -1.50
CA SER B 243 -42.69 -23.80 -1.76
C SER B 243 -42.80 -24.04 -3.26
N LEU B 244 -43.48 -23.14 -3.99
CA LEU B 244 -43.72 -23.28 -5.45
C LEU B 244 -42.39 -23.33 -6.21
N VAL B 245 -41.33 -22.73 -5.67
CA VAL B 245 -39.98 -22.71 -6.31
C VAL B 245 -39.53 -24.14 -6.59
N ASN B 246 -39.79 -25.08 -5.69
CA ASN B 246 -39.37 -26.50 -5.85
C ASN B 246 -40.55 -27.34 -6.33
N LEU B 247 -41.79 -27.04 -5.92
CA LEU B 247 -42.99 -27.86 -6.26
C LEU B 247 -43.30 -27.80 -7.76
N ILE B 248 -43.36 -26.60 -8.34
CA ILE B 248 -43.76 -26.42 -9.76
C ILE B 248 -42.80 -27.20 -10.66
N PRO B 249 -41.47 -27.08 -10.54
CA PRO B 249 -40.56 -27.93 -11.32
C PRO B 249 -40.82 -29.43 -11.09
N PHE B 250 -40.96 -29.88 -9.86
CA PHE B 250 -41.21 -31.32 -9.55
C PHE B 250 -42.47 -31.82 -10.29
N LEU B 251 -43.55 -31.03 -10.32
CA LEU B 251 -44.84 -31.46 -10.95
C LEU B 251 -44.60 -31.71 -12.44
N TYR B 252 -43.92 -30.80 -13.12
CA TYR B 252 -43.55 -30.94 -14.55
C TYR B 252 -42.61 -32.13 -14.72
N HIS B 253 -41.57 -32.24 -13.89
CA HIS B 253 -40.58 -33.34 -13.95
C HIS B 253 -41.31 -34.68 -13.92
N TYR B 254 -42.23 -34.88 -12.96
CA TYR B 254 -42.86 -36.19 -12.71
C TYR B 254 -43.79 -36.52 -13.89
N LYS B 255 -44.51 -35.53 -14.39
CA LYS B 255 -45.38 -35.67 -15.57
C LYS B 255 -44.54 -36.00 -16.81
N ASN B 256 -43.52 -35.18 -17.13
CA ASN B 256 -42.66 -35.32 -18.33
C ASN B 256 -41.88 -36.64 -18.27
N VAL B 257 -41.31 -37.03 -17.13
CA VAL B 257 -40.40 -38.23 -17.07
C VAL B 257 -41.20 -39.52 -16.97
N SER B 258 -42.18 -39.60 -16.06
CA SER B 258 -42.84 -40.87 -15.66
C SER B 258 -44.30 -40.92 -16.15
N GLY B 259 -44.85 -39.82 -16.64
CA GLY B 259 -46.26 -39.73 -17.05
C GLY B 259 -47.21 -39.59 -15.85
N VAL B 260 -46.71 -39.39 -14.62
CA VAL B 260 -47.56 -39.20 -13.42
C VAL B 260 -47.88 -37.70 -13.34
N ASN B 261 -49.16 -37.38 -13.58
CA ASN B 261 -49.70 -36.01 -13.71
C ASN B 261 -50.46 -35.68 -12.42
N TYR B 262 -49.86 -34.87 -11.54
CA TYR B 262 -50.43 -34.48 -10.23
C TYR B 262 -51.08 -33.10 -10.35
N PHE B 263 -51.11 -32.51 -11.56
CA PHE B 263 -51.68 -31.16 -11.74
C PHE B 263 -53.13 -31.14 -11.28
N PRO B 264 -53.97 -32.16 -11.57
CA PRO B 264 -55.35 -32.19 -11.06
C PRO B 264 -55.43 -32.11 -9.53
N GLU B 265 -54.62 -32.90 -8.82
CA GLU B 265 -54.65 -32.99 -7.35
C GLU B 265 -54.15 -31.68 -6.70
N TYR B 266 -53.30 -30.89 -7.38
CA TYR B 266 -52.72 -29.63 -6.87
C TYR B 266 -53.50 -28.42 -7.35
N LYS B 267 -54.48 -28.62 -8.23
CA LYS B 267 -55.26 -27.53 -8.89
C LYS B 267 -55.70 -26.45 -7.87
N ASN B 268 -56.25 -26.85 -6.73
CA ASN B 268 -56.85 -25.88 -5.76
C ASN B 268 -55.78 -24.91 -5.24
N ILE B 269 -54.51 -25.30 -5.12
CA ILE B 269 -53.48 -24.40 -4.53
C ILE B 269 -53.28 -23.20 -5.45
N PHE B 270 -53.56 -23.34 -6.77
CA PHE B 270 -53.42 -22.24 -7.74
C PHE B 270 -54.70 -21.40 -7.80
N GLU B 271 -55.86 -22.03 -7.76
CA GLU B 271 -57.18 -21.34 -7.73
C GLU B 271 -57.27 -20.51 -6.44
N TRP B 272 -56.73 -21.01 -5.33
CA TRP B 272 -56.70 -20.30 -4.02
C TRP B 272 -56.10 -18.90 -4.19
N ALA B 273 -54.97 -18.79 -4.91
CA ALA B 273 -54.27 -17.50 -5.12
C ALA B 273 -55.19 -16.52 -5.85
N VAL B 274 -55.99 -16.99 -6.81
CA VAL B 274 -56.91 -16.14 -7.62
C VAL B 274 -58.07 -15.72 -6.73
N LYS B 275 -58.56 -16.61 -5.88
CA LYS B 275 -59.69 -16.32 -4.96
C LYS B 275 -59.31 -15.21 -3.95
N ILE B 276 -58.05 -15.08 -3.51
CA ILE B 276 -57.72 -14.12 -2.42
C ILE B 276 -56.96 -12.88 -2.91
N ARG B 277 -56.73 -12.77 -4.21
CA ARG B 277 -55.99 -11.61 -4.79
C ARG B 277 -56.76 -10.32 -4.49
N ASN B 278 -56.02 -9.25 -4.17
CA ASN B 278 -56.60 -7.88 -4.08
C ASN B 278 -56.73 -7.35 -5.50
N GLY B 279 -57.19 -6.10 -5.65
CA GLY B 279 -57.48 -5.47 -6.96
C GLY B 279 -56.25 -5.36 -7.85
N ARG B 280 -55.05 -5.44 -7.28
CA ARG B 280 -53.77 -5.37 -8.03
C ARG B 280 -53.08 -6.73 -8.08
N GLY B 281 -53.78 -7.81 -7.69
CA GLY B 281 -53.28 -9.18 -7.83
C GLY B 281 -52.40 -9.64 -6.70
N TRP B 282 -52.35 -8.91 -5.59
CA TRP B 282 -51.44 -9.25 -4.46
C TRP B 282 -52.14 -10.19 -3.48
N MET B 283 -51.46 -11.27 -3.13
CA MET B 283 -51.87 -12.15 -2.03
C MET B 283 -51.61 -11.39 -0.72
N PRO B 284 -52.43 -11.63 0.34
CA PRO B 284 -52.35 -10.80 1.55
C PRO B 284 -51.15 -11.08 2.45
N ASN B 285 -50.77 -10.06 3.22
CA ASN B 285 -49.67 -10.09 4.21
C ASN B 285 -50.24 -10.66 5.52
N VAL B 286 -50.70 -11.92 5.48
CA VAL B 286 -51.34 -12.66 6.60
C VAL B 286 -50.45 -13.83 7.01
N GLU B 287 -50.36 -14.10 8.32
CA GLU B 287 -49.33 -14.94 8.98
C GLU B 287 -47.94 -14.32 8.75
N ASP B 288 -46.86 -15.11 8.77
CA ASP B 288 -45.50 -14.62 8.48
C ASP B 288 -45.40 -14.43 6.96
N SER B 289 -46.04 -13.39 6.41
CA SER B 289 -46.12 -13.11 4.96
C SER B 289 -46.00 -11.62 4.66
N TRP B 290 -45.43 -11.35 3.48
CA TRP B 290 -45.48 -10.05 2.75
C TRP B 290 -46.63 -10.11 1.76
N ILE B 291 -46.91 -9.01 1.08
CA ILE B 291 -47.70 -9.02 -0.18
C ILE B 291 -46.89 -9.81 -1.20
N LYS B 292 -47.54 -10.61 -2.02
CA LYS B 292 -46.88 -11.51 -3.01
C LYS B 292 -47.72 -11.52 -4.27
N PRO B 293 -47.09 -11.66 -5.47
CA PRO B 293 -47.82 -12.11 -6.65
C PRO B 293 -47.87 -13.64 -6.58
N ALA B 294 -48.75 -14.25 -7.37
CA ALA B 294 -48.87 -15.72 -7.47
C ALA B 294 -48.52 -16.13 -8.89
N PRO B 295 -47.46 -16.93 -9.11
CA PRO B 295 -46.99 -17.23 -10.48
C PRO B 295 -47.86 -18.28 -11.19
N THR B 296 -49.13 -17.95 -11.39
CA THR B 296 -50.16 -18.88 -11.90
C THR B 296 -49.95 -19.14 -13.40
N HIS B 297 -49.24 -18.24 -14.09
CA HIS B 297 -48.84 -18.40 -15.52
C HIS B 297 -47.94 -19.63 -15.70
N MET B 298 -47.23 -20.10 -14.67
CA MET B 298 -46.25 -21.18 -14.82
C MET B 298 -46.94 -22.54 -14.77
N VAL B 299 -48.25 -22.60 -14.45
CA VAL B 299 -49.01 -23.87 -14.43
C VAL B 299 -50.27 -23.76 -15.31
N ALA B 300 -50.57 -22.57 -15.86
CA ALA B 300 -51.79 -22.32 -16.65
C ALA B 300 -51.94 -23.39 -17.73
N SER B 301 -50.84 -23.73 -18.40
CA SER B 301 -50.80 -24.68 -19.54
C SER B 301 -51.36 -26.05 -19.17
N GLN B 302 -51.43 -26.40 -17.88
CA GLN B 302 -51.86 -27.76 -17.44
C GLN B 302 -53.36 -27.77 -17.11
N TYR B 303 -54.09 -26.67 -17.27
CA TYR B 303 -55.49 -26.52 -16.77
C TYR B 303 -56.39 -26.08 -17.93
N LYS B 304 -56.03 -26.42 -19.17
CA LYS B 304 -56.74 -26.04 -20.42
C LYS B 304 -58.05 -26.81 -20.55
N ASP B 305 -58.18 -27.95 -19.85
CA ASP B 305 -59.43 -28.76 -19.82
C ASP B 305 -59.89 -28.97 -18.39
N THR B 306 -59.72 -27.96 -17.53
CA THR B 306 -60.19 -27.94 -16.13
C THR B 306 -61.27 -26.86 -15.99
N ASP B 307 -62.44 -27.27 -15.50
CA ASP B 307 -63.55 -26.35 -15.14
C ASP B 307 -63.16 -25.58 -13.89
N THR B 308 -63.67 -24.36 -13.73
CA THR B 308 -63.48 -23.50 -12.56
C THR B 308 -64.80 -22.81 -12.21
N ASP B 309 -65.08 -22.68 -10.90
CA ASP B 309 -66.15 -21.83 -10.29
C ASP B 309 -66.01 -20.38 -10.76
N LEU B 310 -64.82 -19.98 -11.23
CA LEU B 310 -64.50 -18.56 -11.47
C LEU B 310 -65.01 -18.09 -12.85
N HIS B 311 -65.49 -19.00 -13.72
CA HIS B 311 -66.05 -18.60 -15.02
C HIS B 311 -67.22 -19.51 -15.42
N SER B 312 -68.24 -18.88 -16.03
CA SER B 312 -69.43 -19.57 -16.57
C SER B 312 -69.01 -20.57 -17.65
N THR B 313 -68.04 -20.21 -18.52
CA THR B 313 -67.67 -21.02 -19.71
C THR B 313 -66.15 -21.29 -19.77
N ALA B 314 -65.28 -20.31 -19.52
CA ALA B 314 -63.81 -20.43 -19.75
C ALA B 314 -63.20 -21.43 -18.77
N LYS B 315 -62.10 -22.06 -19.19
CA LYS B 315 -61.36 -23.08 -18.41
C LYS B 315 -60.39 -22.38 -17.46
N LEU B 316 -59.95 -23.08 -16.42
CA LEU B 316 -59.09 -22.51 -15.34
C LEU B 316 -57.83 -21.88 -15.96
N ALA B 317 -57.27 -22.51 -17.00
CA ALA B 317 -56.02 -22.06 -17.65
C ALA B 317 -56.11 -20.57 -17.97
N ASN B 318 -57.21 -20.12 -18.54
CA ASN B 318 -57.35 -18.72 -19.03
C ASN B 318 -57.43 -17.77 -17.82
N ILE B 319 -58.00 -18.22 -16.70
CA ILE B 319 -58.17 -17.41 -15.46
C ILE B 319 -56.80 -17.32 -14.76
N LEU B 320 -56.08 -18.43 -14.64
CA LEU B 320 -54.68 -18.48 -14.12
C LEU B 320 -53.79 -17.51 -14.93
N GLN B 321 -53.95 -17.45 -16.23
CA GLN B 321 -53.13 -16.58 -17.12
C GLN B 321 -53.53 -15.11 -16.89
N TRP B 322 -54.82 -14.84 -16.84
CA TRP B 322 -55.38 -13.50 -16.52
C TRP B 322 -54.79 -12.98 -15.19
N SER B 323 -54.75 -13.84 -14.16
CA SER B 323 -54.45 -13.42 -12.77
C SER B 323 -53.01 -12.91 -12.70
N TYR B 324 -52.05 -13.68 -13.23
CA TYR B 324 -50.62 -13.29 -13.16
C TYR B 324 -50.41 -11.96 -13.88
N PHE B 325 -50.93 -11.82 -15.09
CA PHE B 325 -50.64 -10.63 -15.94
C PHE B 325 -51.44 -9.42 -15.44
N ASN B 326 -52.53 -9.61 -14.71
CA ASN B 326 -53.26 -8.48 -14.05
C ASN B 326 -52.77 -8.36 -12.60
N THR B 327 -51.46 -8.17 -12.45
CA THR B 327 -50.75 -7.93 -11.19
C THR B 327 -49.89 -6.68 -11.35
N ASP B 328 -49.85 -5.83 -10.33
CA ASP B 328 -48.93 -4.67 -10.25
C ASP B 328 -47.59 -5.19 -9.76
N PHE B 329 -46.55 -5.19 -10.59
CA PHE B 329 -45.23 -5.81 -10.27
C PHE B 329 -44.25 -4.74 -9.79
N ARG B 330 -44.69 -3.50 -9.63
CA ARG B 330 -43.80 -2.37 -9.22
C ARG B 330 -43.12 -2.66 -7.87
N PRO B 331 -43.75 -3.27 -6.85
CA PRO B 331 -43.04 -3.61 -5.61
C PRO B 331 -41.87 -4.59 -5.76
N TRP B 332 -41.68 -5.18 -6.95
CA TRP B 332 -40.52 -6.07 -7.21
C TRP B 332 -39.55 -5.47 -8.23
N GLU B 333 -39.79 -4.26 -8.75
CA GLU B 333 -38.81 -3.51 -9.60
C GLU B 333 -37.61 -3.06 -8.73
N PRO B 334 -36.39 -2.91 -9.31
CA PRO B 334 -36.13 -3.17 -10.73
C PRO B 334 -35.71 -4.63 -11.00
N ASP B 335 -35.09 -5.27 -10.00
CA ASP B 335 -34.59 -6.67 -9.99
C ASP B 335 -35.66 -7.62 -10.52
N GLY B 336 -36.84 -7.66 -9.90
CA GLY B 336 -38.00 -8.46 -10.37
C GLY B 336 -38.22 -9.71 -9.53
N SER B 337 -37.37 -10.02 -8.53
CA SER B 337 -37.51 -11.26 -7.72
C SER B 337 -38.60 -11.15 -6.64
N TYR B 338 -39.54 -12.10 -6.64
CA TYR B 338 -40.60 -12.29 -5.63
C TYR B 338 -40.56 -13.74 -5.09
N THR B 339 -39.59 -14.59 -5.50
CA THR B 339 -39.60 -16.02 -5.11
C THR B 339 -39.14 -16.24 -3.66
N GLY B 340 -38.32 -15.33 -3.12
CA GLY B 340 -37.57 -15.49 -1.86
C GLY B 340 -36.30 -16.31 -2.03
N ALA B 341 -35.94 -16.66 -3.27
CA ALA B 341 -34.81 -17.57 -3.58
C ALA B 341 -33.86 -16.92 -4.60
N SER B 342 -33.67 -15.60 -4.52
CA SER B 342 -33.00 -14.80 -5.56
C SER B 342 -31.47 -15.04 -5.60
N TYR B 343 -30.87 -15.79 -4.67
CA TYR B 343 -29.45 -16.20 -4.74
C TYR B 343 -29.31 -17.54 -5.49
N ASP B 344 -30.41 -18.29 -5.62
CA ASP B 344 -30.39 -19.72 -5.99
C ASP B 344 -31.18 -20.01 -7.28
N ASP B 345 -32.32 -19.34 -7.51
CA ASP B 345 -33.35 -19.74 -8.50
C ASP B 345 -32.90 -19.39 -9.93
N THR B 346 -33.57 -19.97 -10.92
CA THR B 346 -33.41 -19.67 -12.37
C THR B 346 -34.80 -19.34 -12.91
N TRP B 347 -35.43 -18.28 -12.36
CA TRP B 347 -36.86 -18.01 -12.54
C TRP B 347 -37.16 -17.66 -14.00
N ASP B 348 -36.24 -16.95 -14.65
CA ASP B 348 -36.40 -16.51 -16.06
C ASP B 348 -36.46 -17.76 -16.95
N ILE B 349 -35.56 -18.73 -16.77
CA ILE B 349 -35.56 -20.04 -17.49
C ILE B 349 -36.86 -20.78 -17.24
N ASP B 350 -37.23 -20.97 -15.97
CA ASP B 350 -38.42 -21.78 -15.56
C ASP B 350 -39.69 -21.14 -16.14
N GLN B 351 -39.77 -19.80 -16.21
CA GLN B 351 -40.91 -19.08 -16.86
C GLN B 351 -40.87 -19.33 -18.38
N TYR B 352 -39.72 -19.17 -19.02
CA TYR B 352 -39.53 -19.38 -20.48
C TYR B 352 -40.00 -20.78 -20.86
N LEU B 353 -39.80 -21.76 -19.97
CA LEU B 353 -40.14 -23.18 -20.25
C LEU B 353 -41.60 -23.49 -19.91
N THR B 354 -42.27 -22.73 -19.05
CA THR B 354 -43.63 -23.10 -18.57
C THR B 354 -44.70 -22.24 -19.24
N TYR B 355 -44.39 -20.98 -19.52
CA TYR B 355 -45.36 -20.01 -20.08
C TYR B 355 -45.90 -20.51 -21.42
N ASP B 356 -47.22 -20.45 -21.58
CA ASP B 356 -47.91 -20.80 -22.84
C ASP B 356 -48.48 -19.52 -23.45
N SER B 357 -47.89 -19.04 -24.53
CA SER B 357 -48.27 -17.77 -25.19
C SER B 357 -49.59 -17.88 -25.96
N THR B 358 -50.19 -19.09 -26.05
CA THR B 358 -51.47 -19.33 -26.78
C THR B 358 -52.67 -19.29 -25.82
N ILE B 359 -52.47 -19.20 -24.49
CA ILE B 359 -53.59 -19.14 -23.52
C ILE B 359 -54.05 -17.69 -23.39
N GLU B 360 -55.28 -17.41 -23.82
CA GLU B 360 -55.91 -16.08 -23.72
C GLU B 360 -56.15 -15.77 -22.24
N GLN B 361 -55.88 -14.53 -21.85
CA GLN B 361 -56.25 -13.96 -20.52
C GLN B 361 -57.76 -13.72 -20.47
N ILE B 362 -58.48 -14.43 -19.63
CA ILE B 362 -59.95 -14.26 -19.45
C ILE B 362 -60.23 -13.94 -17.97
N LYS B 363 -60.77 -12.75 -17.75
CA LYS B 363 -61.19 -12.23 -16.42
C LYS B 363 -62.34 -13.09 -15.91
N PRO B 364 -62.34 -13.52 -14.61
CA PRO B 364 -63.49 -14.22 -14.05
C PRO B 364 -64.77 -13.42 -14.31
N ASP B 365 -65.88 -14.10 -14.61
CA ASP B 365 -67.16 -13.42 -14.98
C ASP B 365 -68.22 -13.67 -13.89
N VAL B 366 -67.87 -14.43 -12.84
CA VAL B 366 -68.78 -14.76 -11.71
C VAL B 366 -68.72 -13.63 -10.67
N SER B 367 -69.59 -13.75 -9.67
CA SER B 367 -69.60 -12.92 -8.45
C SER B 367 -68.18 -12.87 -7.87
N GLY B 368 -67.73 -11.65 -7.52
CA GLY B 368 -66.47 -11.36 -6.83
C GLY B 368 -66.36 -12.07 -5.50
N THR B 369 -67.46 -12.18 -4.76
CA THR B 369 -67.46 -12.67 -3.37
C THR B 369 -67.31 -14.20 -3.39
N VAL B 370 -66.43 -14.74 -2.56
CA VAL B 370 -66.14 -16.20 -2.48
C VAL B 370 -65.99 -16.58 -1.02
N PHE B 371 -66.53 -17.74 -0.69
CA PHE B 371 -66.59 -18.34 0.65
C PHE B 371 -65.78 -19.63 0.59
N MET B 372 -64.61 -19.69 1.24
CA MET B 372 -63.78 -20.91 1.29
C MET B 372 -63.80 -21.42 2.73
N ASN B 373 -64.95 -21.98 3.13
CA ASN B 373 -65.35 -22.23 4.53
C ASN B 373 -64.55 -23.42 5.05
N ASN B 374 -64.00 -24.25 4.18
CA ASN B 374 -63.23 -25.45 4.64
C ASN B 374 -61.94 -24.98 5.28
N SER B 375 -61.26 -23.98 4.70
CA SER B 375 -60.01 -23.40 5.28
C SER B 375 -60.37 -22.25 6.23
N GLY B 376 -61.38 -21.46 5.85
CA GLY B 376 -61.97 -20.40 6.68
C GLY B 376 -61.61 -19.00 6.20
N GLN B 377 -61.25 -18.84 4.93
CA GLN B 377 -61.06 -17.49 4.35
C GLN B 377 -62.30 -17.18 3.52
N THR B 378 -62.80 -15.96 3.64
CA THR B 378 -63.89 -15.42 2.81
C THR B 378 -63.40 -14.11 2.21
N VAL B 379 -63.76 -13.84 0.97
CA VAL B 379 -63.46 -12.54 0.33
C VAL B 379 -64.77 -11.92 -0.13
N PHE B 380 -65.01 -10.69 0.29
CA PHE B 380 -66.09 -9.83 -0.21
C PHE B 380 -65.43 -8.99 -1.29
N ARG B 381 -65.94 -9.04 -2.51
CA ARG B 381 -65.30 -8.38 -3.68
C ARG B 381 -66.38 -7.88 -4.63
N SER B 382 -66.36 -6.58 -4.95
CA SER B 382 -67.34 -5.94 -5.85
C SER B 382 -67.18 -6.49 -7.27
N ASP B 383 -65.93 -6.57 -7.74
CA ASP B 383 -65.62 -6.87 -9.16
C ASP B 383 -64.20 -7.43 -9.24
N TRP B 384 -63.84 -7.95 -10.42
CA TRP B 384 -62.53 -8.56 -10.68
C TRP B 384 -61.62 -7.56 -11.42
N ASN B 385 -62.04 -6.32 -11.52
CA ASN B 385 -61.28 -5.29 -12.29
C ASN B 385 -59.88 -5.15 -11.68
N PHE B 386 -58.90 -4.93 -12.56
CA PHE B 386 -57.48 -4.70 -12.19
C PHE B 386 -57.26 -3.21 -12.00
N ASN B 387 -56.72 -2.81 -10.84
CA ASN B 387 -56.16 -1.45 -10.63
C ASN B 387 -57.26 -0.41 -10.86
N ASN B 388 -58.49 -0.71 -10.43
CA ASN B 388 -59.68 0.18 -10.58
C ASN B 388 -60.05 0.68 -9.19
N PRO B 389 -60.07 2.01 -8.96
CA PRO B 389 -60.32 2.54 -7.62
C PRO B 389 -61.76 2.30 -7.13
N ASN B 390 -62.70 1.98 -8.03
CA ASN B 390 -64.12 1.70 -7.67
C ASN B 390 -64.25 0.31 -7.04
N SER B 391 -63.25 -0.56 -7.18
CA SER B 391 -63.26 -1.92 -6.61
C SER B 391 -63.23 -1.85 -5.07
N ARG B 392 -63.85 -2.85 -4.43
CA ARG B 392 -63.79 -3.03 -2.98
C ARG B 392 -63.49 -4.51 -2.73
N TYR B 393 -62.50 -4.75 -1.88
CA TYR B 393 -62.04 -6.08 -1.43
C TYR B 393 -61.93 -6.06 0.09
N LEU B 394 -62.47 -7.07 0.75
CA LEU B 394 -62.20 -7.38 2.17
C LEU B 394 -61.96 -8.87 2.27
N LEU B 395 -60.82 -9.23 2.87
CA LEU B 395 -60.53 -10.63 3.23
C LEU B 395 -60.91 -10.78 4.71
N PHE B 396 -61.73 -11.80 5.01
CA PHE B 396 -62.20 -12.20 6.33
C PHE B 396 -61.45 -13.48 6.67
N GLN B 397 -60.52 -13.38 7.62
CA GLN B 397 -59.55 -14.44 8.02
C GLN B 397 -60.13 -15.23 9.20
N GLY B 398 -60.36 -16.53 9.03
CA GLY B 398 -60.86 -17.43 10.08
C GLY B 398 -60.30 -18.83 9.94
N VAL B 399 -58.98 -18.95 9.90
CA VAL B 399 -58.28 -20.22 9.56
C VAL B 399 -57.76 -20.84 10.85
N ALA B 400 -57.92 -22.15 11.00
CA ALA B 400 -57.33 -22.88 12.13
C ALA B 400 -55.82 -22.63 12.16
N GLU B 401 -55.28 -22.39 13.35
CA GLU B 401 -53.85 -22.05 13.51
C GLU B 401 -53.00 -23.30 13.24
N ALA B 402 -51.88 -23.12 12.56
CA ALA B 402 -50.82 -24.13 12.36
C ALA B 402 -49.64 -23.78 13.29
N ASP B 403 -48.78 -24.75 13.60
CA ASP B 403 -47.68 -24.58 14.58
C ASP B 403 -46.43 -23.92 13.95
N ASN B 404 -46.48 -23.40 12.72
CA ASN B 404 -45.33 -22.71 12.10
C ASN B 404 -45.79 -21.44 11.39
N HIS B 405 -45.09 -20.33 11.63
CA HIS B 405 -45.24 -19.01 10.95
C HIS B 405 -46.59 -18.35 11.31
N TYR B 406 -47.17 -18.72 12.45
CA TYR B 406 -48.54 -18.29 12.84
C TYR B 406 -48.52 -16.88 13.46
N HIS B 407 -49.57 -16.13 13.13
CA HIS B 407 -49.99 -14.85 13.75
C HIS B 407 -51.35 -15.09 14.40
N TYR B 408 -51.68 -14.38 15.48
CA TYR B 408 -53.03 -14.40 16.11
C TYR B 408 -53.94 -13.43 15.38
N ASP B 409 -54.70 -13.92 14.39
CA ASP B 409 -55.49 -13.07 13.47
C ASP B 409 -56.92 -13.62 13.29
N HIS B 410 -57.42 -14.50 14.17
CA HIS B 410 -58.78 -15.06 14.07
C HIS B 410 -59.83 -13.94 13.98
N LEU B 411 -60.67 -14.00 12.94
CA LEU B 411 -61.83 -13.13 12.70
C LEU B 411 -61.36 -11.72 12.33
N SER B 412 -60.10 -11.57 11.96
CA SER B 412 -59.53 -10.30 11.43
C SER B 412 -59.94 -10.12 9.97
N PHE B 413 -59.65 -8.93 9.43
CA PHE B 413 -59.98 -8.55 8.04
C PHE B 413 -58.97 -7.51 7.55
N ILE B 414 -58.76 -7.49 6.23
CA ILE B 414 -57.99 -6.42 5.55
C ILE B 414 -58.85 -5.94 4.38
N ILE B 415 -58.66 -4.69 4.00
CA ILE B 415 -59.48 -4.01 2.96
C ILE B 415 -58.53 -3.47 1.90
N HIS B 416 -58.91 -3.63 0.64
CA HIS B 416 -58.23 -3.01 -0.53
C HIS B 416 -59.30 -2.31 -1.35
N ALA B 417 -59.13 -1.02 -1.58
CA ALA B 417 -60.17 -0.17 -2.19
C ALA B 417 -59.55 1.17 -2.58
N GLU B 418 -60.14 1.84 -3.56
CA GLU B 418 -59.63 3.12 -4.11
C GLU B 418 -58.15 2.95 -4.48
N ASN B 419 -57.77 1.74 -4.90
CA ASN B 419 -56.39 1.42 -5.37
C ASN B 419 -55.38 1.68 -4.26
N GLN B 420 -55.77 1.43 -3.00
CA GLN B 420 -54.85 1.55 -1.85
C GLN B 420 -55.16 0.44 -0.84
N MET B 421 -54.11 -0.03 -0.18
CA MET B 421 -54.23 -0.95 0.97
C MET B 421 -54.69 -0.12 2.17
N MET B 422 -55.82 -0.52 2.76
CA MET B 422 -56.48 0.22 3.87
C MET B 422 -56.42 -0.65 5.13
N ALA B 423 -57.52 -0.84 5.85
CA ALA B 423 -57.55 -1.67 7.09
C ALA B 423 -56.58 -2.85 6.92
N SER B 424 -55.63 -3.00 7.85
CA SER B 424 -54.35 -3.74 7.65
C SER B 424 -54.15 -4.90 8.63
N ASP B 425 -53.47 -5.91 8.15
CA ASP B 425 -52.66 -6.89 8.94
C ASP B 425 -51.29 -6.22 9.08
N SER B 426 -50.60 -6.38 10.21
CA SER B 426 -49.32 -5.65 10.47
C SER B 426 -48.16 -6.27 9.64
N GLY B 427 -48.38 -7.45 9.05
CA GLY B 427 -47.38 -8.14 8.23
C GLY B 427 -46.43 -9.00 9.04
N TYR B 428 -45.50 -9.63 8.35
CA TYR B 428 -44.54 -10.67 8.82
C TYR B 428 -43.75 -10.11 10.01
N SER B 429 -42.95 -9.10 9.75
CA SER B 429 -41.93 -8.56 10.69
C SER B 429 -41.38 -7.28 10.09
N ARG B 430 -40.32 -6.71 10.68
CA ARG B 430 -39.52 -5.67 10.01
C ARG B 430 -38.75 -6.28 8.82
N ASN B 431 -38.09 -7.41 9.04
CA ASN B 431 -37.18 -8.02 8.05
C ASN B 431 -37.30 -9.55 8.05
N SER B 432 -37.30 -10.20 9.22
CA SER B 432 -37.08 -11.66 9.30
C SER B 432 -37.73 -12.29 10.53
N TYR B 433 -37.73 -13.62 10.54
CA TYR B 433 -38.34 -14.53 11.52
C TYR B 433 -37.80 -14.26 12.93
N GLY B 434 -36.47 -14.11 13.01
CA GLY B 434 -35.67 -14.13 14.25
C GLY B 434 -35.76 -12.85 15.09
N GLU B 435 -36.25 -11.75 14.53
CA GLU B 435 -36.29 -10.44 15.24
C GLU B 435 -37.23 -10.53 16.45
N GLY B 436 -36.82 -10.02 17.61
CA GLY B 436 -37.66 -9.94 18.82
C GLY B 436 -39.00 -9.27 18.55
N ILE B 437 -39.01 -8.22 17.73
CA ILE B 437 -40.24 -7.43 17.39
C ILE B 437 -41.31 -8.33 16.72
N ARG B 438 -40.93 -9.43 16.08
CA ARG B 438 -41.94 -10.35 15.48
C ARG B 438 -42.79 -10.99 16.59
N THR B 439 -42.16 -11.35 17.72
CA THR B 439 -42.83 -12.02 18.86
C THR B 439 -43.52 -10.98 19.75
N SER B 440 -42.89 -9.83 19.97
CA SER B 440 -43.44 -8.80 20.91
C SER B 440 -44.53 -8.00 20.19
N TRP B 441 -44.55 -7.93 18.85
CA TRP B 441 -45.57 -7.11 18.13
C TRP B 441 -46.28 -7.86 16.99
N TYR B 442 -45.58 -8.20 15.91
CA TYR B 442 -46.18 -8.52 14.58
C TYR B 442 -47.13 -9.74 14.67
N LEU B 443 -46.75 -10.80 15.38
CA LEU B 443 -47.61 -12.02 15.48
C LEU B 443 -48.73 -11.82 16.53
N THR B 444 -48.68 -10.80 17.38
CA THR B 444 -49.60 -10.66 18.55
C THR B 444 -50.98 -10.24 18.07
N ALA B 445 -51.99 -10.56 18.87
CA ALA B 445 -53.41 -10.26 18.56
C ALA B 445 -53.55 -8.77 18.28
N GLU B 446 -52.89 -7.95 19.08
CA GLU B 446 -53.11 -6.48 19.07
C GLU B 446 -52.65 -5.88 17.73
N ALA B 447 -51.79 -6.56 16.98
CA ALA B 447 -51.26 -6.11 15.66
C ALA B 447 -52.29 -6.35 14.54
N HIS B 448 -53.48 -6.88 14.88
CA HIS B 448 -54.53 -7.33 13.93
C HIS B 448 -55.87 -6.70 14.27
N ASN B 449 -56.79 -6.75 13.32
CA ASN B 449 -58.15 -6.18 13.46
C ASN B 449 -59.03 -7.23 14.15
N VAL B 450 -58.78 -7.43 15.44
CA VAL B 450 -59.47 -8.47 16.26
C VAL B 450 -60.09 -7.84 17.50
N ILE B 451 -60.82 -8.66 18.26
CA ILE B 451 -61.31 -8.32 19.61
C ILE B 451 -60.72 -9.33 20.58
N THR B 452 -59.97 -8.86 21.57
CA THR B 452 -59.44 -9.70 22.68
C THR B 452 -60.36 -9.56 23.91
N ALA B 453 -60.29 -10.56 24.77
CA ALA B 453 -61.02 -10.63 26.06
C ALA B 453 -59.98 -10.86 27.14
N ASN B 454 -59.74 -9.85 27.98
CA ASN B 454 -58.65 -9.88 28.98
C ASN B 454 -57.33 -10.18 28.23
N GLY B 455 -57.13 -9.58 27.05
CA GLY B 455 -55.89 -9.76 26.25
C GLY B 455 -55.83 -11.11 25.52
N GLU B 456 -56.73 -12.05 25.80
CA GLU B 456 -56.74 -13.40 25.16
C GLU B 456 -57.29 -13.26 23.74
N HIS B 457 -56.65 -13.91 22.78
CA HIS B 457 -57.04 -13.82 21.34
C HIS B 457 -58.17 -14.79 21.07
N PRO B 458 -59.05 -14.47 20.10
CA PRO B 458 -60.04 -15.42 19.62
C PRO B 458 -59.24 -16.58 19.00
N LYS B 459 -59.72 -17.80 19.20
CA LYS B 459 -58.97 -19.00 18.81
C LYS B 459 -59.90 -20.17 18.45
N ASP B 460 -59.29 -21.27 18.02
CA ASP B 460 -59.97 -22.49 17.56
C ASP B 460 -60.69 -23.13 18.75
N VAL B 461 -61.86 -23.72 18.50
CA VAL B 461 -62.55 -24.60 19.47
C VAL B 461 -61.65 -25.80 19.76
N SER B 462 -60.99 -26.34 18.74
CA SER B 462 -60.03 -27.48 18.91
C SER B 462 -58.99 -27.42 17.81
N GLU B 463 -57.87 -28.11 18.03
CA GLU B 463 -56.72 -28.12 17.12
C GLU B 463 -57.18 -28.53 15.73
N ASN B 464 -56.81 -27.75 14.71
CA ASN B 464 -56.98 -28.07 13.26
C ASN B 464 -58.46 -28.03 12.85
N THR B 465 -59.36 -27.50 13.67
CA THR B 465 -60.79 -27.37 13.31
C THR B 465 -61.05 -25.94 12.89
N THR B 466 -61.50 -25.75 11.66
CA THR B 466 -61.78 -24.41 11.11
C THR B 466 -62.86 -23.76 11.97
N PRO B 467 -62.69 -22.49 12.40
CA PRO B 467 -63.79 -21.71 12.94
C PRO B 467 -65.03 -21.81 12.04
N VAL B 468 -66.18 -22.08 12.66
CA VAL B 468 -67.49 -22.29 11.98
C VAL B 468 -67.90 -20.98 11.31
N SER B 469 -68.41 -21.09 10.08
CA SER B 469 -69.04 -20.00 9.29
C SER B 469 -70.54 -20.29 9.23
N ARG B 470 -71.36 -19.24 9.07
CA ARG B 470 -72.83 -19.33 8.94
C ARG B 470 -73.36 -18.13 8.18
N TYR B 471 -74.56 -18.29 7.61
CA TYR B 471 -75.41 -17.24 7.00
C TYR B 471 -74.76 -16.63 5.75
N ASP B 472 -73.88 -17.38 5.08
CA ASP B 472 -73.29 -16.98 3.77
C ASP B 472 -74.42 -16.48 2.86
N MET B 473 -74.28 -15.26 2.35
CA MET B 473 -75.24 -14.68 1.38
C MET B 473 -74.46 -13.80 0.43
N ASP B 474 -74.74 -13.94 -0.87
CA ASP B 474 -74.10 -13.17 -1.97
C ASP B 474 -75.20 -12.68 -2.90
N THR B 475 -75.30 -11.37 -3.11
CA THR B 475 -76.28 -10.70 -4.00
C THR B 475 -75.53 -9.57 -4.71
N ASP B 476 -76.25 -8.81 -5.52
CA ASP B 476 -75.74 -7.60 -6.23
C ASP B 476 -75.60 -6.44 -5.26
N PHE B 477 -76.25 -6.47 -4.08
CA PHE B 477 -76.50 -5.25 -3.26
C PHE B 477 -76.03 -5.43 -1.80
N PHE B 478 -75.84 -6.64 -1.32
CA PHE B 478 -75.48 -6.94 0.08
C PHE B 478 -74.99 -8.39 0.20
N ASP B 479 -73.78 -8.55 0.75
CA ASP B 479 -73.17 -9.86 1.05
C ASP B 479 -72.94 -9.93 2.56
N PHE B 480 -72.93 -11.15 3.09
CA PHE B 480 -72.91 -11.38 4.55
C PHE B 480 -72.28 -12.74 4.82
N GLN B 481 -71.55 -12.81 5.93
CA GLN B 481 -71.17 -14.08 6.61
C GLN B 481 -70.84 -13.74 8.08
N GLU B 482 -71.02 -14.71 8.96
CA GLU B 482 -70.56 -14.67 10.36
C GLU B 482 -69.61 -15.84 10.58
N LYS B 483 -68.63 -15.62 11.46
CA LYS B 483 -67.67 -16.65 11.89
C LYS B 483 -67.62 -16.61 13.41
N GLU B 484 -67.30 -17.74 14.02
CA GLU B 484 -67.35 -17.94 15.48
C GLU B 484 -66.00 -18.48 15.93
N ALA B 485 -65.42 -17.79 16.93
CA ALA B 485 -64.21 -18.23 17.65
C ALA B 485 -64.41 -18.10 19.15
N VAL B 486 -63.62 -18.84 19.93
CA VAL B 486 -63.72 -18.89 21.41
C VAL B 486 -62.44 -18.30 22.01
N TYR B 487 -62.52 -17.81 23.24
CA TYR B 487 -61.35 -17.24 23.97
C TYR B 487 -60.64 -18.36 24.73
N ASP B 488 -61.36 -19.39 25.18
CA ASP B 488 -60.79 -20.46 26.03
C ASP B 488 -60.64 -21.74 25.19
N GLY B 489 -60.01 -21.64 24.03
CA GLY B 489 -59.86 -22.77 23.09
C GLY B 489 -58.40 -23.15 22.93
N PHE B 490 -58.03 -23.49 21.70
CA PHE B 490 -56.74 -24.13 21.38
C PHE B 490 -55.91 -23.10 20.61
N THR B 491 -54.63 -22.97 20.96
CA THR B 491 -53.68 -22.07 20.27
C THR B 491 -52.28 -22.63 20.41
N PHE B 492 -51.31 -21.91 19.88
CA PHE B 492 -49.85 -22.15 20.02
C PHE B 492 -49.25 -20.84 20.52
N PRO B 493 -48.29 -20.90 21.48
CA PRO B 493 -47.99 -22.11 22.24
C PRO B 493 -49.21 -22.56 23.05
N GLU B 494 -49.22 -23.81 23.50
CA GLU B 494 -50.44 -24.44 24.06
C GLU B 494 -50.70 -23.82 25.45
N LYS B 495 -51.97 -23.57 25.74
CA LYS B 495 -52.47 -22.94 26.97
C LYS B 495 -53.73 -23.70 27.33
N ASN B 496 -53.78 -24.34 28.50
CA ASN B 496 -54.84 -25.33 28.84
C ASN B 496 -55.93 -24.71 29.70
N SER B 497 -55.67 -23.60 30.40
CA SER B 497 -56.59 -23.07 31.43
C SER B 497 -56.70 -21.55 31.35
N TYR B 498 -57.93 -21.09 31.53
CA TYR B 498 -58.41 -19.69 31.40
C TYR B 498 -59.26 -19.39 32.64
N ASP B 499 -59.34 -18.13 33.07
CA ASP B 499 -60.14 -17.74 34.27
C ASP B 499 -61.58 -17.49 33.84
N PHE B 500 -61.89 -17.65 32.56
CA PHE B 500 -63.27 -17.42 32.06
C PHE B 500 -63.50 -18.25 30.79
N SER B 501 -64.74 -18.23 30.33
CA SER B 501 -65.17 -18.90 29.10
C SER B 501 -65.96 -17.88 28.28
N GLY B 502 -65.59 -17.71 27.00
CA GLY B 502 -66.30 -16.77 26.14
C GLY B 502 -66.04 -17.02 24.67
N LYS B 503 -66.78 -16.29 23.84
CA LYS B 503 -66.73 -16.46 22.39
C LYS B 503 -67.09 -15.14 21.70
N GLN B 504 -66.64 -15.03 20.46
CA GLN B 504 -66.94 -13.90 19.56
C GLN B 504 -67.68 -14.48 18.35
N ILE B 505 -68.78 -13.85 17.95
CA ILE B 505 -69.44 -14.13 16.66
C ILE B 505 -69.34 -12.83 15.87
N ARG B 506 -68.52 -12.84 14.83
CA ARG B 506 -68.26 -11.68 13.98
C ARG B 506 -69.00 -11.89 12.66
N ALA B 507 -69.86 -10.94 12.33
CA ALA B 507 -70.57 -10.84 11.05
C ALA B 507 -69.95 -9.68 10.30
N ILE B 508 -69.66 -9.92 9.01
CA ILE B 508 -69.30 -8.82 8.07
C ILE B 508 -70.36 -8.74 6.98
N GLY B 509 -70.77 -7.52 6.67
CA GLY B 509 -71.71 -7.17 5.60
C GLY B 509 -71.09 -6.19 4.65
N PHE B 510 -71.55 -6.21 3.39
CA PHE B 510 -70.97 -5.45 2.27
C PHE B 510 -72.08 -4.60 1.66
N PRO B 511 -72.61 -3.60 2.41
CA PRO B 511 -73.69 -2.76 1.93
C PRO B 511 -73.37 -2.05 0.61
N ARG B 512 -74.27 -2.22 -0.37
CA ARG B 512 -74.18 -1.65 -1.75
C ARG B 512 -72.91 -2.14 -2.46
N GLN B 513 -72.29 -3.22 -1.98
CA GLN B 513 -70.92 -3.66 -2.40
C GLN B 513 -69.98 -2.44 -2.42
N ASP B 514 -70.13 -1.49 -1.49
CA ASP B 514 -69.43 -0.17 -1.56
C ASP B 514 -68.63 0.14 -0.27
N TYR B 515 -69.09 -0.35 0.89
CA TYR B 515 -68.40 -0.18 2.20
C TYR B 515 -68.74 -1.38 3.06
N PHE B 516 -68.28 -1.38 4.32
CA PHE B 516 -68.34 -2.58 5.19
C PHE B 516 -68.95 -2.24 6.54
N VAL B 517 -69.70 -3.21 7.06
CA VAL B 517 -70.15 -3.22 8.47
C VAL B 517 -69.55 -4.47 9.10
N VAL B 518 -68.91 -4.31 10.25
CA VAL B 518 -68.39 -5.43 11.09
C VAL B 518 -69.18 -5.39 12.40
N ALA B 519 -69.98 -6.43 12.63
CA ALA B 519 -70.94 -6.52 13.75
C ALA B 519 -70.57 -7.73 14.62
N ASP B 520 -70.16 -7.45 15.86
CA ASP B 520 -69.64 -8.47 16.80
C ASP B 520 -70.69 -8.70 17.89
N GLN B 521 -70.92 -9.96 18.20
CA GLN B 521 -71.60 -10.42 19.44
C GLN B 521 -70.51 -11.05 20.31
N LEU B 522 -70.46 -10.68 21.59
CA LEU B 522 -69.47 -11.20 22.56
C LEU B 522 -70.24 -11.79 23.75
N PHE B 523 -69.94 -13.04 24.10
CA PHE B 523 -70.53 -13.78 25.22
C PHE B 523 -69.39 -14.25 26.13
N SER B 524 -69.56 -14.02 27.44
CA SER B 524 -68.63 -14.49 28.49
C SER B 524 -69.44 -14.96 29.71
N ASP B 525 -68.88 -15.90 30.48
CA ASP B 525 -69.48 -16.35 31.76
C ASP B 525 -69.08 -15.37 32.89
N LYS B 526 -68.24 -14.37 32.61
CA LYS B 526 -67.72 -13.41 33.63
C LYS B 526 -67.49 -12.04 32.99
N GLU B 527 -67.54 -10.99 33.80
CA GLU B 527 -67.13 -9.62 33.40
C GLU B 527 -65.66 -9.66 32.94
N VAL B 528 -65.39 -9.15 31.74
CA VAL B 528 -64.02 -9.10 31.15
C VAL B 528 -63.84 -7.76 30.46
N GLN B 529 -62.60 -7.43 30.10
CA GLN B 529 -62.28 -6.26 29.27
C GLN B 529 -62.19 -6.72 27.81
N TYR B 530 -63.04 -6.16 26.96
CA TYR B 530 -63.00 -6.38 25.49
C TYR B 530 -62.24 -5.23 24.86
N ASP B 531 -61.17 -5.55 24.10
CA ASP B 531 -60.39 -4.58 23.32
C ASP B 531 -60.57 -4.89 21.84
N LEU B 532 -61.19 -3.96 21.12
CA LEU B 532 -61.33 -3.97 19.65
C LEU B 532 -60.18 -3.12 19.10
N TYR B 533 -59.42 -3.68 18.18
CA TYR B 533 -58.33 -2.96 17.45
C TYR B 533 -58.76 -2.77 15.99
N LEU B 534 -58.63 -1.54 15.51
CA LEU B 534 -58.79 -1.19 14.07
C LEU B 534 -57.51 -0.52 13.60
N HIS B 535 -56.74 -1.21 12.77
CA HIS B 535 -55.50 -0.71 12.11
C HIS B 535 -55.86 -0.20 10.71
N GLY B 536 -55.42 1.01 10.37
CA GLY B 536 -55.77 1.65 9.09
C GLY B 536 -54.64 1.55 8.08
N GLY B 537 -53.76 0.56 8.18
CA GLY B 537 -52.57 0.45 7.32
C GLY B 537 -51.70 1.69 7.38
N ARG B 538 -51.05 2.02 6.26
CA ARG B 538 -49.97 3.05 6.24
C ARG B 538 -50.59 4.42 6.00
N GLY B 539 -51.53 4.84 6.85
CA GLY B 539 -52.20 6.15 6.73
C GLY B 539 -52.01 7.04 7.96
N GLU B 540 -52.10 8.35 7.76
CA GLU B 540 -52.17 9.38 8.82
C GLU B 540 -53.52 9.25 9.52
N MET B 541 -53.53 8.91 10.81
CA MET B 541 -54.79 8.77 11.59
C MET B 541 -55.16 10.14 12.20
N SER B 542 -56.42 10.54 12.00
CA SER B 542 -57.03 11.75 12.61
C SER B 542 -58.40 11.34 13.13
N GLY B 543 -59.09 12.24 13.84
CA GLY B 543 -60.45 12.00 14.36
C GLY B 543 -60.49 11.86 15.88
N GLU B 544 -61.65 12.15 16.47
CA GLU B 544 -61.90 12.09 17.93
C GLU B 544 -63.17 11.29 18.21
N GLY B 545 -63.38 10.93 19.48
CA GLY B 545 -64.56 10.12 19.89
C GLY B 545 -64.55 8.78 19.19
N ASN B 546 -65.68 8.39 18.60
CA ASN B 546 -65.89 7.04 17.99
C ASN B 546 -65.54 7.06 16.49
N TYR B 547 -64.95 8.14 15.98
CA TYR B 547 -64.63 8.36 14.54
C TYR B 547 -63.11 8.42 14.34
N ARG B 548 -62.60 7.68 13.35
CA ARG B 548 -61.20 7.77 12.91
C ARG B 548 -61.16 7.83 11.38
N LEU B 549 -60.25 8.66 10.87
CA LEU B 549 -59.93 8.78 9.43
C LEU B 549 -58.44 8.45 9.24
N TRP B 550 -58.16 7.52 8.33
CA TRP B 550 -56.77 7.26 7.85
C TRP B 550 -56.64 7.84 6.43
N THR B 551 -55.70 8.75 6.24
CA THR B 551 -55.40 9.42 4.94
C THR B 551 -54.10 8.82 4.37
N TYR B 552 -54.18 8.24 3.18
CA TYR B 552 -53.06 7.60 2.46
C TYR B 552 -52.51 8.59 1.44
N GLU B 553 -51.25 8.41 1.08
CA GLU B 553 -50.62 9.18 -0.02
C GLU B 553 -50.22 8.19 -1.14
N ASP B 554 -49.85 8.72 -2.29
CA ASP B 554 -49.18 7.96 -3.38
C ASP B 554 -47.95 7.29 -2.77
N ASP B 555 -47.93 5.96 -2.71
CA ASP B 555 -46.77 5.22 -2.13
C ASP B 555 -46.53 3.98 -3.00
N ARG B 556 -45.66 3.08 -2.53
CA ARG B 556 -45.26 1.86 -3.29
C ARG B 556 -46.43 0.88 -3.39
N TYR B 557 -47.54 1.11 -2.68
CA TYR B 557 -48.62 0.11 -2.51
C TYR B 557 -49.93 0.62 -3.12
N GLY B 558 -50.02 1.90 -3.51
CA GLY B 558 -51.33 2.47 -3.91
C GLY B 558 -51.34 3.96 -4.05
N GLN B 559 -52.53 4.51 -4.25
CA GLN B 559 -52.78 5.93 -4.56
C GLN B 559 -53.25 6.65 -3.30
N GLU B 560 -53.14 7.98 -3.31
CA GLU B 560 -53.86 8.90 -2.41
C GLU B 560 -55.30 8.44 -2.27
N ALA B 561 -55.79 8.33 -1.04
CA ALA B 561 -57.16 7.87 -0.70
C ALA B 561 -57.35 8.02 0.81
N LYS B 562 -58.49 7.60 1.34
CA LYS B 562 -58.70 7.63 2.81
C LYS B 562 -59.74 6.58 3.18
N MET B 563 -59.72 6.18 4.45
CA MET B 563 -60.68 5.21 5.04
C MET B 563 -61.28 5.84 6.30
N ALA B 564 -62.59 6.04 6.31
CA ALA B 564 -63.37 6.61 7.44
C ALA B 564 -63.96 5.44 8.21
N ALA B 565 -63.87 5.46 9.54
CA ALA B 565 -64.44 4.40 10.40
C ALA B 565 -65.17 5.03 11.60
N TRP B 566 -66.29 4.43 11.98
CA TRP B 566 -67.07 4.75 13.20
C TRP B 566 -67.23 3.46 14.01
N VAL B 567 -67.16 3.56 15.34
CA VAL B 567 -67.42 2.39 16.23
C VAL B 567 -68.62 2.70 17.11
N PHE B 568 -69.53 1.73 17.22
CA PHE B 568 -70.67 1.69 18.16
C PHE B 568 -70.46 0.54 19.15
N PRO B 569 -70.91 0.61 20.42
CA PRO B 569 -71.59 1.78 20.99
C PRO B 569 -70.69 2.84 21.67
N SER B 570 -70.75 4.05 21.11
CA SER B 570 -70.15 5.32 21.54
C SER B 570 -70.15 5.44 23.07
N LYS B 571 -71.32 5.27 23.66
CA LYS B 571 -71.63 5.69 25.06
C LYS B 571 -71.22 4.61 26.05
N GLU B 572 -70.90 3.39 25.60
CA GLU B 572 -70.51 2.26 26.49
C GLU B 572 -69.02 1.93 26.36
N SER B 573 -68.28 2.65 25.51
CA SER B 573 -66.89 2.33 25.13
C SER B 573 -66.00 3.54 25.35
N ILE B 574 -64.71 3.33 25.51
CA ILE B 574 -63.68 4.40 25.40
C ILE B 574 -62.83 4.11 24.15
N PHE B 575 -62.25 5.16 23.60
CA PHE B 575 -61.49 5.17 22.33
C PHE B 575 -60.08 5.63 22.65
N ILE B 576 -59.10 4.76 22.41
CA ILE B 576 -57.66 5.04 22.73
C ILE B 576 -56.87 5.03 21.44
N ASP B 577 -56.18 6.12 21.17
CA ASP B 577 -55.20 6.20 20.05
C ASP B 577 -53.92 5.48 20.45
N LYS B 578 -53.42 4.62 19.59
CA LYS B 578 -52.13 3.92 19.80
C LYS B 578 -51.34 4.04 18.50
N GLU B 579 -50.11 3.55 18.53
CA GLU B 579 -49.18 3.55 17.39
C GLU B 579 -48.57 2.16 17.27
N GLY B 580 -48.50 1.63 16.05
CA GLY B 580 -47.94 0.30 15.80
C GLY B 580 -47.32 0.18 14.42
N GLU B 581 -46.40 -0.76 14.25
CA GLU B 581 -45.72 -0.98 12.96
C GLU B 581 -46.65 -1.69 12.01
N VAL B 582 -46.72 -1.21 10.77
CA VAL B 582 -47.36 -1.92 9.62
C VAL B 582 -46.29 -2.15 8.57
N ASN B 583 -46.15 -3.39 8.07
CA ASN B 583 -45.11 -3.69 7.06
C ASN B 583 -45.66 -4.66 6.01
N TYR B 584 -45.53 -4.31 4.73
CA TYR B 584 -46.04 -5.10 3.58
C TYR B 584 -44.88 -5.86 2.90
N GLU B 585 -43.63 -5.45 3.12
CA GLU B 585 -42.44 -6.07 2.47
C GLU B 585 -41.21 -5.87 3.36
N ALA B 586 -40.24 -6.77 3.30
CA ALA B 586 -39.00 -6.76 4.10
C ALA B 586 -38.39 -5.34 4.04
N GLY B 587 -38.04 -4.77 5.19
CA GLY B 587 -37.26 -3.53 5.30
C GLY B 587 -38.11 -2.24 5.27
N ALA B 588 -39.41 -2.31 4.99
CA ALA B 588 -40.24 -1.11 4.69
C ALA B 588 -41.19 -0.76 5.85
N PHE B 589 -40.86 -1.17 7.08
CA PHE B 589 -41.69 -0.98 8.30
C PHE B 589 -41.72 0.50 8.66
N ASN B 590 -42.88 0.97 9.10
CA ASN B 590 -43.10 2.29 9.72
C ASN B 590 -44.23 2.15 10.73
N SER B 591 -44.41 3.18 11.56
CA SER B 591 -45.41 3.24 12.66
C SER B 591 -46.60 4.11 12.23
N TYR B 592 -47.81 3.62 12.48
CA TYR B 592 -49.05 4.36 12.14
C TYR B 592 -50.01 4.27 13.31
N GLY B 593 -50.88 5.27 13.43
CA GLY B 593 -51.97 5.30 14.41
C GLY B 593 -52.90 4.12 14.19
N TYR B 594 -53.30 3.45 15.27
CA TYR B 594 -54.46 2.53 15.26
C TYR B 594 -55.37 2.87 16.43
N LEU B 595 -56.61 2.39 16.35
CA LEU B 595 -57.68 2.66 17.34
C LEU B 595 -57.81 1.44 18.25
N ASN B 596 -57.92 1.68 19.55
CA ASN B 596 -58.28 0.66 20.56
C ASN B 596 -59.59 1.14 21.19
N ALA B 597 -60.69 0.47 20.87
CA ALA B 597 -62.02 0.68 21.52
C ALA B 597 -62.14 -0.35 22.63
N ARG B 598 -62.67 0.06 23.79
CA ARG B 598 -62.67 -0.79 24.99
C ARG B 598 -64.03 -0.74 25.69
N GLN B 599 -64.50 -1.92 26.11
CA GLN B 599 -65.67 -2.08 27.00
C GLN B 599 -65.27 -3.03 28.13
N ILE B 600 -65.92 -2.87 29.27
CA ILE B 600 -65.91 -3.86 30.36
C ILE B 600 -67.37 -4.33 30.47
N ALA B 601 -67.59 -5.63 30.34
CA ALA B 601 -68.91 -6.22 30.03
C ALA B 601 -68.81 -7.73 30.17
N LYS B 602 -69.96 -8.38 30.21
CA LYS B 602 -70.05 -9.86 30.16
C LYS B 602 -70.44 -10.25 28.74
N ASP B 603 -71.71 -10.11 28.41
CA ASP B 603 -72.27 -10.23 27.03
C ASP B 603 -72.41 -8.81 26.49
N THR B 604 -71.91 -8.51 25.29
CA THR B 604 -72.04 -7.16 24.68
C THR B 604 -71.84 -7.27 23.17
N MET B 605 -71.80 -6.12 22.50
CA MET B 605 -71.65 -6.00 21.05
C MET B 605 -70.71 -4.85 20.74
N PHE B 606 -70.02 -4.95 19.59
CA PHE B 606 -69.45 -3.80 18.88
C PHE B 606 -69.98 -3.79 17.45
N MET B 607 -69.97 -2.62 16.84
CA MET B 607 -70.22 -2.48 15.39
C MET B 607 -69.19 -1.49 14.86
N GLN B 608 -68.57 -1.80 13.73
CA GLN B 608 -67.73 -0.85 12.96
C GLN B 608 -68.42 -0.58 11.61
N ILE B 609 -68.48 0.68 11.23
CA ILE B 609 -68.82 1.16 9.87
C ILE B 609 -67.50 1.61 9.25
N ILE B 610 -67.05 0.97 8.17
CA ILE B 610 -65.71 1.22 7.56
C ILE B 610 -65.90 1.53 6.07
N VAL B 611 -65.57 2.75 5.64
CA VAL B 611 -65.92 3.34 4.32
C VAL B 611 -64.64 3.75 3.58
N PRO B 612 -64.22 3.00 2.55
CA PRO B 612 -63.21 3.49 1.61
C PRO B 612 -63.72 4.74 0.89
N LEU B 613 -62.86 5.74 0.70
CA LEU B 613 -63.20 7.03 0.06
C LEU B 613 -62.03 7.48 -0.82
N SER B 614 -62.33 8.10 -1.97
CA SER B 614 -61.31 8.84 -2.76
C SER B 614 -60.83 10.05 -1.96
N LYS B 615 -59.64 10.54 -2.30
CA LYS B 615 -58.93 11.66 -1.65
C LYS B 615 -59.92 12.75 -1.20
N TYR B 616 -60.75 13.28 -2.11
CA TYR B 616 -61.54 14.52 -1.89
C TYR B 616 -63.02 14.18 -1.71
N ALA B 617 -63.38 12.92 -1.48
CA ALA B 617 -64.80 12.52 -1.29
C ALA B 617 -65.32 13.12 0.02
N ASP B 618 -66.60 13.49 0.06
CA ASP B 618 -67.32 13.88 1.30
C ASP B 618 -67.24 12.72 2.29
N ILE B 619 -67.15 13.02 3.57
CA ILE B 619 -67.24 12.03 4.68
C ILE B 619 -68.73 11.76 4.88
N PRO B 620 -69.19 10.50 4.86
CA PRO B 620 -70.58 10.20 5.16
C PRO B 620 -71.05 10.73 6.52
N GLU B 621 -72.35 11.00 6.67
CA GLU B 621 -72.99 11.38 7.95
C GLU B 621 -73.40 10.07 8.62
N VAL B 622 -72.81 9.78 9.78
CA VAL B 622 -73.03 8.50 10.52
C VAL B 622 -73.52 8.84 11.93
N VAL B 623 -74.64 8.27 12.35
CA VAL B 623 -75.25 8.54 13.69
C VAL B 623 -75.34 7.21 14.43
N ASP B 624 -74.80 7.17 15.65
CA ASP B 624 -74.91 6.01 16.57
C ASP B 624 -76.30 6.07 17.21
N LEU B 625 -77.11 5.03 17.06
CA LEU B 625 -78.45 4.95 17.68
C LEU B 625 -78.47 3.80 18.69
N SER B 626 -77.29 3.33 19.11
CA SER B 626 -77.17 2.25 20.13
C SER B 626 -77.92 2.64 21.42
N THR B 627 -78.58 1.68 22.04
CA THR B 627 -79.24 1.79 23.37
C THR B 627 -78.87 0.53 24.15
N ASP B 628 -79.62 0.21 25.21
CA ASP B 628 -79.29 -0.90 26.14
C ASP B 628 -79.02 -2.20 25.38
N ASP B 629 -80.00 -2.74 24.64
CA ASP B 629 -79.96 -4.14 24.12
C ASP B 629 -79.70 -4.17 22.61
N VAL B 630 -79.55 -2.98 22.02
CA VAL B 630 -79.48 -2.77 20.55
C VAL B 630 -78.28 -1.89 20.20
N VAL B 631 -77.43 -2.36 19.29
CA VAL B 631 -76.27 -1.59 18.79
C VAL B 631 -76.44 -1.38 17.29
N GLY B 632 -76.18 -0.16 16.84
CA GLY B 632 -76.24 0.14 15.40
C GLY B 632 -76.43 1.62 15.18
N GLY B 633 -76.74 2.01 13.94
CA GLY B 633 -76.85 3.42 13.54
C GLY B 633 -77.19 3.56 12.08
N THR B 634 -77.11 4.79 11.59
CA THR B 634 -77.46 5.16 10.21
C THR B 634 -76.22 5.74 9.53
N VAL B 635 -76.18 5.54 8.23
CA VAL B 635 -75.13 6.08 7.32
C VAL B 635 -75.84 6.76 6.17
N VAL B 636 -75.59 8.05 5.97
CA VAL B 636 -76.06 8.82 4.78
C VAL B 636 -74.83 9.00 3.90
N LYS B 637 -74.80 8.29 2.78
CA LYS B 637 -73.70 8.27 1.78
C LYS B 637 -74.31 8.37 0.38
N ASP B 638 -73.83 9.32 -0.42
CA ASP B 638 -74.32 9.55 -1.82
C ASP B 638 -75.85 9.65 -1.82
N ASN B 639 -76.42 10.36 -0.83
CA ASN B 639 -77.85 10.76 -0.77
C ASN B 639 -78.77 9.56 -0.50
N GLU B 640 -78.24 8.48 0.06
CA GLU B 640 -79.04 7.29 0.44
C GLU B 640 -78.75 6.98 1.92
N LYS B 641 -79.77 6.58 2.67
CA LYS B 641 -79.67 6.29 4.12
C LYS B 641 -79.76 4.79 4.34
N ASP B 642 -78.69 4.23 4.90
CA ASP B 642 -78.63 2.81 5.32
C ASP B 642 -78.80 2.78 6.85
N THR B 643 -79.38 1.71 7.36
CA THR B 643 -79.54 1.47 8.80
C THR B 643 -78.99 0.08 9.13
N PHE B 644 -78.28 -0.03 10.24
CA PHE B 644 -77.69 -1.29 10.74
C PHE B 644 -78.14 -1.47 12.19
N MET B 645 -78.57 -2.67 12.52
CA MET B 645 -79.05 -3.02 13.88
C MET B 645 -78.54 -4.41 14.21
N GLN B 646 -78.07 -4.57 15.44
CA GLN B 646 -77.62 -5.86 15.98
C GLN B 646 -78.15 -5.98 17.40
N GLN B 647 -78.48 -7.21 17.80
CA GLN B 647 -78.81 -7.54 19.20
C GLN B 647 -78.33 -8.96 19.44
N LEU B 648 -78.37 -9.40 20.69
CA LEU B 648 -77.80 -10.68 21.16
C LEU B 648 -78.88 -11.76 21.14
N ASN B 649 -80.16 -11.36 21.11
CA ASN B 649 -81.34 -12.26 21.28
C ASN B 649 -82.38 -11.96 20.20
N ASN B 650 -83.28 -12.90 19.94
CA ASN B 650 -84.46 -12.72 19.07
C ASN B 650 -85.58 -12.09 19.91
N ALA B 651 -85.52 -10.78 20.09
CA ALA B 651 -86.55 -9.97 20.78
C ALA B 651 -86.92 -8.81 19.88
N GLU B 652 -88.19 -8.43 19.85
CA GLU B 652 -88.65 -7.30 19.04
C GLU B 652 -88.01 -6.01 19.60
N ASN B 653 -87.20 -5.35 18.77
CA ASN B 653 -86.56 -4.06 19.10
C ASN B 653 -86.58 -3.16 17.88
N SER B 654 -86.33 -1.88 18.09
CA SER B 654 -86.34 -0.84 17.05
C SER B 654 -84.99 -0.11 17.06
N LEU B 655 -84.56 0.37 15.91
CA LEU B 655 -83.40 1.29 15.77
C LEU B 655 -83.61 2.07 14.49
N GLY B 656 -83.57 3.41 14.58
CA GLY B 656 -84.03 4.29 13.50
C GLY B 656 -85.37 3.82 12.96
N ASP B 657 -85.48 3.64 11.64
CA ASP B 657 -86.77 3.27 10.98
C ASP B 657 -87.03 1.76 11.06
N ILE B 658 -86.12 0.97 11.62
CA ILE B 658 -86.23 -0.53 11.59
C ILE B 658 -86.93 -0.98 12.87
N THR B 659 -87.84 -1.95 12.76
CA THR B 659 -88.30 -2.78 13.89
C THR B 659 -88.18 -4.24 13.45
N THR B 660 -87.62 -5.12 14.28
CA THR B 660 -87.37 -6.54 13.95
C THR B 660 -87.04 -7.31 15.23
N ASP B 661 -87.24 -8.63 15.22
CA ASP B 661 -86.70 -9.58 16.23
C ASP B 661 -85.39 -10.22 15.73
N ALA B 662 -84.86 -9.78 14.58
CA ALA B 662 -83.62 -10.32 13.97
C ALA B 662 -82.39 -9.91 14.80
N THR B 663 -81.37 -10.78 14.88
CA THR B 663 -80.10 -10.48 15.60
C THR B 663 -79.21 -9.57 14.77
N PHE B 664 -79.49 -9.41 13.48
CA PHE B 664 -78.85 -8.41 12.59
C PHE B 664 -79.86 -7.97 11.53
N ALA B 665 -79.85 -6.69 11.18
CA ALA B 665 -80.72 -6.15 10.11
C ALA B 665 -79.97 -5.01 9.42
N TYR B 666 -80.12 -4.98 8.10
CA TYR B 666 -79.61 -3.92 7.19
C TYR B 666 -80.76 -3.43 6.34
N THR B 667 -80.87 -2.12 6.15
CA THR B 667 -81.83 -1.50 5.20
C THR B 667 -81.09 -0.42 4.42
N ASN B 668 -81.45 -0.28 3.15
CA ASN B 668 -80.98 0.80 2.24
C ASN B 668 -82.24 1.49 1.70
N GLU B 669 -82.24 2.83 1.72
CA GLU B 669 -83.23 3.71 1.07
C GLU B 669 -82.64 4.34 -0.19
N ASN B 670 -83.49 4.90 -1.06
CA ASN B 670 -83.05 5.72 -2.21
C ASN B 670 -83.16 7.20 -1.82
N SER B 671 -82.73 8.10 -2.72
CA SER B 671 -82.95 9.57 -2.74
C SER B 671 -84.29 9.96 -2.11
N ASN B 672 -85.35 9.16 -2.34
CA ASN B 672 -86.76 9.49 -2.02
C ASN B 672 -87.22 8.85 -0.72
N ASN B 673 -86.30 8.33 0.08
CA ASN B 673 -86.58 7.79 1.45
C ASN B 673 -87.50 6.56 1.36
N GLU B 674 -87.44 5.83 0.25
CA GLU B 674 -88.16 4.55 0.04
C GLU B 674 -87.20 3.40 0.32
N LEU B 675 -87.63 2.42 1.13
CA LEU B 675 -86.90 1.14 1.32
C LEU B 675 -86.64 0.52 -0.05
N GLN B 676 -85.39 0.15 -0.35
CA GLN B 676 -84.98 -0.41 -1.68
C GLN B 676 -84.36 -1.81 -1.50
N HIS B 677 -83.58 -2.01 -0.43
CA HIS B 677 -82.89 -3.30 -0.12
C HIS B 677 -82.93 -3.53 1.39
N PHE B 678 -82.99 -4.79 1.80
CA PHE B 678 -82.86 -5.17 3.23
C PHE B 678 -82.25 -6.56 3.34
N SER B 679 -81.72 -6.89 4.52
CA SER B 679 -81.28 -8.26 4.91
C SER B 679 -81.48 -8.45 6.41
N VAL B 680 -81.73 -9.68 6.84
CA VAL B 680 -81.88 -10.04 8.26
C VAL B 680 -81.13 -11.34 8.53
N ARG B 681 -80.56 -11.43 9.73
CA ARG B 681 -80.07 -12.67 10.35
C ARG B 681 -81.13 -13.16 11.35
N GLN B 682 -81.72 -14.32 11.07
CA GLN B 682 -82.61 -15.08 11.99
C GLN B 682 -83.77 -14.19 12.48
N GLY B 683 -84.45 -13.51 11.55
CA GLY B 683 -85.68 -12.73 11.83
C GLY B 683 -86.93 -13.55 11.57
N THR B 684 -88.03 -13.21 12.26
CA THR B 684 -89.40 -13.68 11.93
C THR B 684 -90.26 -12.50 11.51
N SER B 685 -89.70 -11.29 11.49
CA SER B 685 -90.45 -10.05 11.13
C SER B 685 -89.49 -8.88 10.93
N LEU B 686 -89.88 -7.97 10.04
CA LEU B 686 -89.18 -6.67 9.83
C LEU B 686 -90.22 -5.65 9.40
N ASP B 687 -90.26 -4.49 10.07
CA ASP B 687 -91.04 -3.29 9.69
C ASP B 687 -90.04 -2.19 9.35
N TYR B 688 -90.44 -1.25 8.51
CA TYR B 688 -89.62 -0.05 8.14
C TYR B 688 -90.57 1.15 8.14
N LYS B 689 -90.31 2.13 9.01
CA LYS B 689 -91.24 3.26 9.30
C LYS B 689 -92.64 2.72 9.66
N GLY B 690 -92.73 1.63 10.44
CA GLY B 690 -94.01 1.06 10.93
C GLY B 690 -94.76 0.20 9.93
N GLU B 691 -94.27 0.07 8.69
CA GLU B 691 -94.87 -0.79 7.62
C GLU B 691 -94.18 -2.17 7.63
N ASN B 692 -94.93 -3.26 7.82
CA ASN B 692 -94.38 -4.63 7.80
C ASN B 692 -93.93 -4.97 6.36
N ILE B 693 -92.71 -5.50 6.23
CA ILE B 693 -92.06 -5.87 4.94
C ILE B 693 -92.18 -7.38 4.76
N PHE B 694 -92.01 -8.15 5.83
CA PHE B 694 -92.12 -9.63 5.82
C PHE B 694 -92.41 -10.15 7.22
N VAL B 695 -92.99 -11.35 7.28
CA VAL B 695 -93.11 -12.18 8.51
C VAL B 695 -92.80 -13.63 8.10
N SER B 696 -92.33 -14.44 9.05
CA SER B 696 -92.09 -15.89 8.87
C SER B 696 -92.55 -16.62 10.11
N ASN B 697 -92.85 -17.92 9.99
CA ASN B 697 -93.29 -18.78 11.12
C ASN B 697 -92.07 -19.29 11.92
N LYS B 698 -90.87 -19.14 11.37
CA LYS B 698 -89.61 -19.55 12.03
C LYS B 698 -88.51 -18.58 11.59
N PRO B 699 -87.40 -18.49 12.37
CA PRO B 699 -86.32 -17.56 12.05
C PRO B 699 -85.72 -17.91 10.68
N ILE B 700 -85.48 -16.89 9.88
CA ILE B 700 -84.92 -17.03 8.51
C ILE B 700 -83.84 -15.94 8.34
N THR B 701 -82.79 -16.28 7.60
CA THR B 701 -81.73 -15.34 7.18
C THR B 701 -81.81 -15.18 5.66
N PHE B 702 -82.01 -13.95 5.18
CA PHE B 702 -82.15 -13.69 3.73
C PHE B 702 -81.87 -12.22 3.46
N ALA B 703 -81.82 -11.87 2.17
CA ALA B 703 -81.54 -10.52 1.64
C ALA B 703 -82.42 -10.31 0.42
N LEU B 704 -83.06 -9.16 0.29
CA LEU B 704 -84.04 -8.92 -0.80
C LEU B 704 -83.87 -7.50 -1.35
N ASP B 705 -83.88 -7.42 -2.69
CA ASP B 705 -83.94 -6.18 -3.50
C ASP B 705 -85.41 -5.99 -3.88
N ILE B 706 -86.02 -4.90 -3.45
CA ILE B 706 -87.46 -4.57 -3.68
C ILE B 706 -87.53 -3.27 -4.49
N SER B 707 -86.44 -2.91 -5.18
CA SER B 707 -86.35 -1.69 -6.03
C SER B 707 -87.21 -1.85 -7.28
N ASP B 708 -87.37 -3.07 -7.79
CA ASP B 708 -88.16 -3.35 -9.02
C ASP B 708 -89.52 -3.93 -8.62
N GLU B 709 -90.60 -3.18 -8.84
CA GLU B 709 -91.98 -3.56 -8.40
C GLU B 709 -92.56 -4.67 -9.28
N THR B 710 -91.87 -5.08 -10.36
CA THR B 710 -92.25 -6.24 -11.22
C THR B 710 -91.47 -7.49 -10.79
N GLN B 711 -90.44 -7.35 -9.95
CA GLN B 711 -89.61 -8.51 -9.55
C GLN B 711 -88.75 -8.16 -8.34
N TYR B 712 -89.09 -8.73 -7.18
CA TYR B 712 -88.20 -8.76 -5.98
C TYR B 712 -87.18 -9.87 -6.21
N LYS B 713 -85.91 -9.63 -5.91
CA LYS B 713 -84.84 -10.64 -6.10
C LYS B 713 -83.87 -10.59 -4.91
N GLY B 714 -83.40 -11.76 -4.48
CA GLY B 714 -82.31 -11.85 -3.50
C GLY B 714 -81.93 -13.29 -3.23
N THR B 715 -81.53 -13.60 -2.00
CA THR B 715 -81.02 -14.94 -1.66
C THR B 715 -81.43 -15.28 -0.25
N ILE B 716 -81.57 -16.57 0.02
CA ILE B 716 -81.95 -17.14 1.34
C ILE B 716 -80.79 -18.01 1.74
N ALA B 717 -80.23 -17.77 2.93
CA ALA B 717 -79.11 -18.55 3.49
C ALA B 717 -79.60 -19.99 3.73
N ALA B 718 -78.67 -20.93 3.87
CA ALA B 718 -78.95 -22.39 4.02
C ALA B 718 -80.00 -22.60 5.11
N LEU B 719 -80.92 -23.55 4.94
CA LEU B 719 -82.06 -23.79 5.88
C LEU B 719 -81.94 -25.16 6.55
N ASN B 720 -82.12 -25.20 7.87
CA ASN B 720 -82.13 -26.43 8.72
C ASN B 720 -83.46 -27.18 8.51
N GLU B 721 -84.55 -26.43 8.38
CA GLU B 721 -85.96 -26.92 8.36
C GLU B 721 -86.80 -26.07 7.42
N THR B 722 -88.05 -26.46 7.17
CA THR B 722 -88.97 -25.72 6.27
C THR B 722 -89.49 -24.49 7.00
N VAL B 723 -89.45 -23.34 6.33
CA VAL B 723 -89.94 -22.04 6.86
C VAL B 723 -91.08 -21.57 5.96
N GLU B 724 -92.20 -21.13 6.56
CA GLU B 724 -93.23 -20.34 5.84
C GLU B 724 -92.83 -18.87 5.88
N LEU B 725 -92.48 -18.31 4.72
CA LEU B 725 -92.10 -16.89 4.54
C LEU B 725 -93.25 -16.16 3.86
N ARG B 726 -93.50 -14.92 4.28
CA ARG B 726 -94.58 -14.07 3.76
C ARG B 726 -93.99 -12.69 3.47
N VAL B 727 -93.94 -12.32 2.20
CA VAL B 727 -93.34 -11.04 1.74
C VAL B 727 -94.45 -10.16 1.19
N LYS B 728 -94.47 -8.90 1.61
CA LYS B 728 -95.52 -7.93 1.20
C LYS B 728 -95.30 -7.56 -0.27
N ASN B 729 -96.35 -7.68 -1.07
CA ASN B 729 -96.35 -7.30 -2.51
C ASN B 729 -96.38 -5.78 -2.60
N PRO B 730 -95.89 -5.17 -3.70
CA PRO B 730 -96.24 -3.80 -4.03
C PRO B 730 -97.78 -3.73 -4.00
N VAL B 731 -98.33 -2.62 -3.54
CA VAL B 731 -99.79 -2.52 -3.25
C VAL B 731 -100.56 -2.79 -4.55
N GLY B 732 -101.54 -3.68 -4.49
CA GLY B 732 -102.51 -3.97 -5.57
C GLY B 732 -101.94 -4.82 -6.69
N VAL B 733 -100.79 -5.46 -6.47
CA VAL B 733 -100.01 -6.15 -7.53
C VAL B 733 -100.08 -7.66 -7.30
N PRO B 734 -100.47 -8.48 -8.31
CA PRO B 734 -100.52 -9.92 -8.15
C PRO B 734 -99.11 -10.54 -8.23
N THR B 735 -98.95 -11.75 -7.68
CA THR B 735 -97.76 -12.60 -7.87
C THR B 735 -97.98 -13.57 -9.03
N GLU B 736 -97.02 -13.70 -9.95
CA GLU B 736 -97.13 -14.58 -11.16
C GLU B 736 -96.33 -15.88 -10.94
N SER B 737 -95.18 -15.82 -10.27
CA SER B 737 -94.40 -17.03 -9.90
C SER B 737 -93.34 -16.68 -8.88
N VAL B 738 -92.83 -17.72 -8.24
CA VAL B 738 -91.70 -17.62 -7.29
C VAL B 738 -90.71 -18.70 -7.70
N VAL B 739 -89.48 -18.27 -8.03
CA VAL B 739 -88.37 -19.15 -8.48
C VAL B 739 -87.26 -19.12 -7.44
N VAL B 740 -86.90 -20.29 -6.92
CA VAL B 740 -85.79 -20.53 -5.96
C VAL B 740 -84.90 -21.61 -6.60
N ASN B 741 -83.65 -21.28 -6.92
CA ASN B 741 -82.69 -22.22 -7.56
C ASN B 741 -83.21 -22.65 -8.92
N GLY B 742 -83.74 -21.72 -9.72
CA GLY B 742 -84.17 -21.93 -11.10
C GLY B 742 -85.43 -22.77 -11.24
N GLU B 743 -86.11 -23.12 -10.16
CA GLU B 743 -87.40 -23.88 -10.21
C GLU B 743 -88.53 -23.08 -9.55
N ASN B 744 -89.70 -23.09 -10.17
CA ASN B 744 -90.98 -22.67 -9.54
C ASN B 744 -91.09 -23.33 -8.17
N ILE B 745 -91.52 -22.60 -7.15
CA ILE B 745 -92.00 -23.20 -5.88
C ILE B 745 -93.47 -22.80 -5.73
N GLU B 746 -94.23 -23.60 -4.99
CA GLU B 746 -95.65 -23.33 -4.74
C GLU B 746 -95.77 -22.00 -3.98
N PHE B 747 -96.72 -21.16 -4.38
CA PHE B 747 -97.02 -19.87 -3.71
C PHE B 747 -98.53 -19.66 -3.61
N SER B 748 -98.98 -18.92 -2.60
CA SER B 748 -100.31 -18.30 -2.52
C SER B 748 -100.14 -16.80 -2.20
N VAL B 749 -101.19 -16.02 -2.36
CA VAL B 749 -101.22 -14.57 -2.02
C VAL B 749 -102.37 -14.38 -1.02
N GLU B 750 -102.08 -13.84 0.17
CA GLU B 750 -103.05 -13.58 1.27
C GLU B 750 -102.80 -12.19 1.83
N ASP B 751 -103.84 -11.36 1.88
CA ASP B 751 -103.82 -9.96 2.37
C ASP B 751 -102.62 -9.21 1.77
N GLY B 752 -102.37 -9.35 0.47
CA GLY B 752 -101.32 -8.61 -0.27
C GLY B 752 -99.91 -9.06 0.05
N TYR B 753 -99.74 -10.30 0.53
CA TYR B 753 -98.42 -10.95 0.79
C TYR B 753 -98.30 -12.22 -0.05
N THR B 754 -97.13 -12.44 -0.65
CA THR B 754 -96.72 -13.74 -1.24
C THR B 754 -96.32 -14.69 -0.11
N VAL B 755 -96.96 -15.86 -0.05
CA VAL B 755 -96.75 -16.91 0.99
C VAL B 755 -96.12 -18.13 0.31
N ILE B 756 -94.95 -18.54 0.80
CA ILE B 756 -94.17 -19.70 0.28
C ILE B 756 -93.64 -20.52 1.46
N GLN B 757 -93.65 -21.84 1.31
CA GLN B 757 -92.83 -22.82 2.09
C GLN B 757 -91.45 -22.90 1.44
N VAL B 758 -90.38 -22.58 2.16
CA VAL B 758 -88.98 -22.74 1.64
C VAL B 758 -88.27 -23.76 2.52
N ALA B 759 -87.81 -24.86 1.92
CA ALA B 759 -87.17 -26.02 2.57
C ALA B 759 -85.68 -25.99 2.25
N GLU B 760 -85.22 -25.08 1.40
CA GLU B 760 -83.77 -24.99 1.04
C GLU B 760 -83.47 -23.57 0.57
N GLY B 761 -82.28 -23.09 0.91
CA GLY B 761 -81.84 -21.73 0.56
C GLY B 761 -81.39 -21.65 -0.89
N GLY B 762 -81.08 -20.43 -1.30
CA GLY B 762 -80.63 -20.13 -2.66
C GLY B 762 -81.20 -18.81 -3.10
N ASP B 763 -80.96 -18.47 -4.35
CA ASP B 763 -81.44 -17.23 -4.99
C ASP B 763 -82.95 -17.37 -5.20
N ILE B 764 -83.67 -16.27 -5.02
CA ILE B 764 -85.16 -16.20 -5.10
C ILE B 764 -85.53 -15.01 -5.98
N ASN B 765 -86.49 -15.23 -6.85
CA ASN B 765 -87.22 -14.20 -7.62
C ASN B 765 -88.70 -14.34 -7.25
N ILE B 766 -89.31 -13.23 -6.85
CA ILE B 766 -90.79 -13.11 -6.76
C ILE B 766 -91.21 -12.27 -7.96
N ASN B 767 -91.84 -12.91 -8.95
CA ASN B 767 -92.25 -12.26 -10.23
C ASN B 767 -93.69 -11.76 -10.06
N PHE B 768 -93.89 -10.45 -10.25
CA PHE B 768 -95.21 -9.79 -10.14
C PHE B 768 -95.78 -9.45 -11.53
N GLY B 769 -97.10 -9.35 -11.64
CA GLY B 769 -97.82 -8.75 -12.78
C GLY B 769 -98.12 -7.28 -12.52
N GLU B 770 -98.83 -6.58 -13.41
CA GLU B 770 -99.15 -5.14 -13.22
C GLU B 770 -100.57 -4.96 -12.67
N ALA C 1 24.88 -52.28 -5.09
CA ALA C 1 24.47 -50.86 -4.72
C ALA C 1 22.99 -50.64 -5.03
N ASN C 2 22.27 -49.98 -4.14
CA ASN C 2 20.85 -49.60 -4.34
C ASN C 2 20.80 -48.22 -5.00
N TYR C 3 20.45 -48.15 -6.29
CA TYR C 3 20.44 -46.90 -7.10
C TYR C 3 19.15 -46.12 -6.89
N GLU C 4 18.20 -46.61 -6.09
CA GLU C 4 16.85 -46.02 -6.01
C GLU C 4 16.61 -45.28 -4.68
N THR C 5 17.50 -45.41 -3.69
CA THR C 5 17.19 -44.97 -2.30
C THR C 5 17.97 -43.71 -1.89
N TYR C 6 18.67 -43.03 -2.80
CA TYR C 6 19.27 -41.70 -2.51
C TYR C 6 18.28 -40.58 -2.84
N ASP C 7 18.30 -39.49 -2.09
CA ASP C 7 17.35 -38.34 -2.21
C ASP C 7 17.77 -37.40 -3.35
N GLY C 8 17.85 -37.92 -4.59
CA GLY C 8 18.19 -37.14 -5.79
C GLY C 8 16.94 -36.55 -6.44
N PHE C 9 17.01 -36.23 -7.73
CA PHE C 9 15.87 -35.62 -8.46
C PHE C 9 15.73 -36.29 -9.82
N LYS C 10 14.58 -36.05 -10.44
CA LYS C 10 14.27 -36.57 -11.79
C LYS C 10 13.31 -35.56 -12.45
N VAL C 11 13.24 -35.59 -13.78
CA VAL C 11 12.32 -34.75 -14.58
C VAL C 11 11.42 -35.70 -15.36
N SER C 12 10.38 -35.18 -16.00
CA SER C 12 9.47 -35.97 -16.86
C SER C 12 10.30 -36.75 -17.89
N GLU C 13 9.86 -37.97 -18.20
CA GLU C 13 10.43 -38.82 -19.27
C GLU C 13 9.54 -38.80 -20.51
N GLU C 14 8.45 -38.01 -20.50
CA GLU C 14 7.52 -37.88 -21.66
C GLU C 14 8.30 -37.22 -22.80
N PRO C 15 8.45 -37.91 -23.96
CA PRO C 15 9.19 -37.35 -25.09
C PRO C 15 8.33 -36.26 -25.78
N VAL C 16 8.78 -35.00 -25.76
CA VAL C 16 8.06 -33.88 -26.44
C VAL C 16 8.86 -33.45 -27.69
N LEU C 17 8.22 -33.52 -28.85
CA LEU C 17 8.84 -33.21 -30.17
C LEU C 17 8.00 -32.18 -30.89
N PRO C 18 8.57 -31.24 -31.66
CA PRO C 18 7.77 -30.34 -32.49
C PRO C 18 7.08 -31.11 -33.62
N GLU C 19 6.08 -30.48 -34.25
CA GLU C 19 5.27 -31.04 -35.37
C GLU C 19 6.19 -31.41 -36.54
N LYS C 20 7.19 -30.58 -36.81
CA LYS C 20 8.07 -30.66 -37.99
C LYS C 20 9.46 -30.16 -37.59
N GLU C 21 10.52 -30.77 -38.13
CA GLU C 21 11.91 -30.31 -37.91
C GLU C 21 12.06 -28.87 -38.40
N VAL C 22 12.74 -28.05 -37.62
CA VAL C 22 13.27 -26.72 -38.05
C VAL C 22 14.79 -26.78 -37.91
N HIS C 23 15.53 -26.34 -38.91
CA HIS C 23 17.01 -26.19 -38.85
C HIS C 23 17.37 -24.82 -39.40
N PRO C 24 18.13 -23.97 -38.69
CA PRO C 24 18.60 -24.27 -37.35
C PRO C 24 17.54 -24.09 -36.25
N SER C 25 17.64 -24.84 -35.14
CA SER C 25 16.74 -24.69 -33.95
C SER C 25 17.42 -25.11 -32.64
N LEU C 26 18.49 -25.94 -32.65
CA LEU C 26 19.07 -26.49 -31.39
C LEU C 26 19.46 -25.34 -30.45
N TRP C 27 20.20 -24.36 -30.99
CA TRP C 27 20.77 -23.21 -30.23
C TRP C 27 20.04 -21.90 -30.59
N PHE C 28 19.49 -21.80 -31.80
CA PHE C 28 18.98 -20.54 -32.37
C PHE C 28 18.26 -20.88 -33.68
N THR C 29 17.42 -19.95 -34.18
CA THR C 29 16.69 -20.08 -35.47
C THR C 29 17.38 -19.21 -36.53
N LYS C 30 16.96 -19.37 -37.79
CA LYS C 30 17.46 -18.58 -38.96
C LYS C 30 17.50 -17.08 -38.62
N SER C 31 16.45 -16.55 -37.98
CA SER C 31 16.27 -15.10 -37.70
C SER C 31 17.34 -14.58 -36.70
N ASP C 32 17.92 -15.46 -35.88
CA ASP C 32 18.87 -15.07 -34.82
C ASP C 32 20.28 -14.84 -35.39
N ILE C 33 20.58 -15.31 -36.62
CA ILE C 33 21.98 -15.54 -37.09
C ILE C 33 22.78 -14.24 -37.05
N GLN C 34 22.22 -13.13 -37.52
CA GLN C 34 22.95 -11.84 -37.68
C GLN C 34 23.23 -11.26 -36.28
N LYS C 35 22.32 -11.40 -35.32
CA LYS C 35 22.58 -11.04 -33.90
C LYS C 35 23.72 -11.88 -33.32
N ILE C 36 23.76 -13.18 -33.62
CA ILE C 36 24.86 -14.08 -33.18
C ILE C 36 26.19 -13.68 -33.87
N LYS C 37 26.15 -13.29 -35.15
CA LYS C 37 27.36 -12.82 -35.87
C LYS C 37 27.90 -11.54 -35.22
N GLU C 38 27.00 -10.65 -34.79
CA GLU C 38 27.32 -9.31 -34.22
C GLU C 38 27.73 -9.43 -32.74
N LYS C 39 27.39 -10.55 -32.10
CA LYS C 39 27.61 -10.78 -30.64
C LYS C 39 29.09 -10.58 -30.26
N LYS C 40 30.02 -10.82 -31.19
CA LYS C 40 31.47 -10.69 -30.95
C LYS C 40 31.84 -9.28 -30.48
N ASN C 41 31.03 -8.26 -30.83
CA ASN C 41 31.35 -6.83 -30.54
C ASN C 41 30.76 -6.36 -29.20
N GLU C 42 30.04 -7.22 -28.45
CA GLU C 42 29.33 -6.82 -27.20
C GLU C 42 30.31 -6.41 -26.09
N ASP C 43 31.35 -7.21 -25.81
CA ASP C 43 32.34 -6.94 -24.74
C ASP C 43 33.66 -7.69 -25.03
N SER C 44 34.67 -7.52 -24.17
CA SER C 44 36.02 -8.12 -24.34
C SER C 44 35.93 -9.66 -24.31
N PHE C 45 34.95 -10.23 -23.60
CA PHE C 45 34.78 -11.70 -23.46
C PHE C 45 34.27 -12.29 -24.78
N THR C 46 33.20 -11.72 -25.36
CA THR C 46 32.67 -12.15 -26.69
C THR C 46 33.75 -11.96 -27.76
N ALA C 47 34.56 -10.91 -27.67
CA ALA C 47 35.66 -10.62 -28.62
C ALA C 47 36.73 -11.72 -28.53
N GLU C 48 37.12 -12.11 -27.32
CA GLU C 48 38.13 -13.19 -27.08
C GLU C 48 37.58 -14.51 -27.63
N LEU C 49 36.33 -14.86 -27.33
CA LEU C 49 35.67 -16.11 -27.79
C LEU C 49 35.68 -16.13 -29.32
N TRP C 50 35.34 -15.01 -29.95
CA TRP C 50 35.27 -14.89 -31.43
C TRP C 50 36.68 -15.08 -32.03
N GLU C 51 37.69 -14.42 -31.47
CA GLU C 51 39.12 -14.57 -31.83
C GLU C 51 39.54 -16.05 -31.78
N GLU C 52 39.11 -16.82 -30.77
CA GLU C 52 39.43 -18.27 -30.66
C GLU C 52 38.68 -19.06 -31.74
N ILE C 53 37.36 -18.89 -31.87
CA ILE C 53 36.52 -19.68 -32.81
C ILE C 53 37.03 -19.45 -34.25
N SER C 54 37.20 -18.20 -34.64
CA SER C 54 37.52 -17.79 -36.04
C SER C 54 38.97 -18.14 -36.40
N ASN C 55 39.80 -18.52 -35.42
CA ASN C 55 41.22 -18.91 -35.67
C ASN C 55 41.43 -20.39 -35.34
N SER C 56 40.35 -21.15 -35.18
CA SER C 56 40.42 -22.59 -34.81
C SER C 56 41.20 -23.32 -35.90
N PRO C 57 42.20 -24.15 -35.53
CA PRO C 57 42.88 -24.98 -36.51
C PRO C 57 41.93 -25.90 -37.28
N TYR C 58 40.72 -26.15 -36.77
CA TYR C 58 39.72 -27.04 -37.39
C TYR C 58 39.13 -26.40 -38.65
N LEU C 59 39.34 -25.10 -38.86
CA LEU C 59 38.90 -24.36 -40.07
C LEU C 59 39.89 -24.59 -41.21
N THR C 60 41.19 -24.80 -40.90
CA THR C 60 42.30 -24.83 -41.89
C THR C 60 42.91 -26.23 -42.02
N MET C 61 42.75 -27.12 -41.04
CA MET C 61 43.46 -28.42 -41.07
C MET C 61 42.94 -29.26 -42.25
N GLU C 62 43.83 -30.04 -42.87
CA GLU C 62 43.41 -31.04 -43.87
C GLU C 62 42.44 -32.00 -43.21
N ILE C 63 41.29 -32.25 -43.84
CA ILE C 63 40.37 -33.35 -43.44
C ILE C 63 41.17 -34.62 -43.66
N PRO C 64 41.34 -35.50 -42.64
CA PRO C 64 42.19 -36.67 -42.80
C PRO C 64 41.62 -37.60 -43.87
N THR C 65 42.44 -37.98 -44.86
CA THR C 65 42.10 -38.99 -45.91
C THR C 65 42.23 -40.39 -45.31
N ASP C 66 43.07 -40.54 -44.28
CA ASP C 66 43.39 -41.83 -43.62
C ASP C 66 42.36 -42.13 -42.51
N ILE C 67 41.46 -43.07 -42.79
CA ILE C 67 40.52 -43.70 -41.82
C ILE C 67 41.30 -44.72 -40.98
N PRO C 68 41.25 -44.68 -39.63
CA PRO C 68 41.96 -45.67 -38.83
C PRO C 68 41.38 -47.07 -39.04
N SER C 69 42.13 -48.12 -38.67
CA SER C 69 41.65 -49.53 -38.61
C SER C 69 41.29 -49.86 -37.16
N ALA C 70 40.54 -50.96 -36.94
CA ALA C 70 40.13 -51.45 -35.60
C ALA C 70 41.36 -51.73 -34.71
N THR C 71 42.54 -51.94 -35.31
CA THR C 71 43.80 -52.32 -34.60
C THR C 71 44.75 -51.13 -34.38
N ASP C 72 44.33 -49.88 -34.64
CA ASP C 72 45.15 -48.67 -34.33
C ASP C 72 44.98 -48.35 -32.84
N SER C 73 45.84 -47.47 -32.29
CA SER C 73 45.80 -47.09 -30.85
C SER C 73 44.43 -46.47 -30.51
N ASP C 74 44.00 -46.64 -29.26
CA ASP C 74 42.68 -46.12 -28.78
C ASP C 74 42.74 -44.59 -28.81
N THR C 75 43.90 -43.98 -28.52
CA THR C 75 44.17 -42.52 -28.61
C THR C 75 43.92 -42.03 -30.05
N ASP C 76 44.49 -42.73 -31.04
CA ASP C 76 44.39 -42.32 -32.47
C ASP C 76 42.93 -42.43 -32.93
N ILE C 77 42.20 -43.49 -32.55
CA ILE C 77 40.79 -43.70 -32.97
C ILE C 77 39.93 -42.59 -32.35
N HIS C 78 40.13 -42.30 -31.07
CA HIS C 78 39.45 -41.22 -30.30
C HIS C 78 39.66 -39.89 -31.01
N LYS C 79 40.93 -39.52 -31.28
CA LYS C 79 41.27 -38.22 -31.91
C LYS C 79 40.67 -38.14 -33.32
N TYR C 80 40.62 -39.23 -34.08
CA TYR C 80 39.99 -39.26 -35.44
C TYR C 80 38.53 -38.78 -35.33
N TYR C 81 37.71 -39.39 -34.48
CA TYR C 81 36.27 -39.07 -34.37
C TYR C 81 36.09 -37.68 -33.72
N GLY C 82 36.89 -37.36 -32.71
CA GLY C 82 36.94 -36.02 -32.10
C GLY C 82 37.19 -34.94 -33.16
N ASN C 83 38.24 -35.12 -33.95
CA ASN C 83 38.68 -34.18 -35.02
C ASN C 83 37.59 -34.06 -36.09
N MET C 84 37.01 -35.17 -36.55
CA MET C 84 35.94 -35.15 -37.59
C MET C 84 34.72 -34.40 -37.05
N SER C 85 34.30 -34.69 -35.83
CA SER C 85 33.14 -34.04 -35.17
C SER C 85 33.42 -32.53 -35.04
N ARG C 86 34.66 -32.13 -34.74
CA ARG C 86 35.05 -30.72 -34.55
C ARG C 86 35.10 -30.01 -35.91
N ILE C 87 35.64 -30.66 -36.94
CA ILE C 87 35.65 -30.12 -38.33
C ILE C 87 34.21 -29.82 -38.74
N ALA C 88 33.28 -30.78 -38.58
CA ALA C 88 31.86 -30.60 -38.90
C ALA C 88 31.33 -29.33 -38.20
N LYS C 89 31.46 -29.24 -36.87
CA LYS C 89 30.78 -28.18 -36.07
C LYS C 89 31.44 -26.82 -36.27
N TYR C 90 32.77 -26.70 -36.24
CA TYR C 90 33.49 -25.40 -36.40
C TYR C 90 33.21 -24.83 -37.79
N ASN C 91 33.29 -25.67 -38.83
CA ASN C 91 33.12 -25.24 -40.24
C ASN C 91 31.65 -24.87 -40.46
N ALA C 92 30.69 -25.64 -39.93
CA ALA C 92 29.24 -25.32 -40.03
C ALA C 92 28.96 -23.97 -39.37
N PHE C 93 29.55 -23.70 -38.20
CA PHE C 93 29.34 -22.45 -37.44
C PHE C 93 29.88 -21.27 -38.26
N MET C 94 31.13 -21.38 -38.73
CA MET C 94 31.81 -20.26 -39.44
C MET C 94 31.13 -20.03 -40.81
N TYR C 95 30.46 -21.05 -41.39
CA TYR C 95 29.65 -20.88 -42.63
C TYR C 95 28.46 -19.97 -42.33
N LEU C 96 27.73 -20.24 -41.25
CA LEU C 96 26.60 -19.40 -40.78
C LEU C 96 27.10 -17.99 -40.47
N MET C 97 28.25 -17.86 -39.82
CA MET C 97 28.77 -16.52 -39.40
C MET C 97 29.32 -15.71 -40.59
N THR C 98 29.92 -16.36 -41.61
CA THR C 98 30.71 -15.65 -42.67
C THR C 98 30.18 -15.92 -44.08
N GLY C 99 29.53 -17.05 -44.35
CA GLY C 99 29.11 -17.45 -45.71
C GLY C 99 30.26 -17.92 -46.61
N LYS C 100 31.47 -18.14 -46.08
CA LYS C 100 32.62 -18.60 -46.90
C LYS C 100 32.34 -20.03 -47.37
N SER C 101 32.37 -20.19 -48.69
CA SER C 101 32.03 -21.44 -49.42
C SER C 101 32.73 -22.66 -48.79
N GLU C 102 34.03 -22.50 -48.52
CA GLU C 102 34.95 -23.57 -48.05
C GLU C 102 34.37 -24.20 -46.76
N TYR C 103 33.83 -23.35 -45.88
CA TYR C 103 33.26 -23.78 -44.58
C TYR C 103 32.07 -24.72 -44.83
N ARG C 104 31.18 -24.44 -45.78
CA ARG C 104 30.02 -25.33 -46.08
C ARG C 104 30.52 -26.65 -46.65
N LEU C 105 31.49 -26.60 -47.57
CA LEU C 105 32.03 -27.80 -48.26
C LEU C 105 32.69 -28.71 -47.22
N ARG C 106 33.51 -28.15 -46.33
CA ARG C 106 34.26 -28.88 -45.27
C ARG C 106 33.26 -29.50 -44.27
N ALA C 107 32.25 -28.72 -43.84
CA ALA C 107 31.21 -29.20 -42.90
C ALA C 107 30.45 -30.38 -43.53
N THR C 108 30.13 -30.25 -44.81
CA THR C 108 29.39 -31.28 -45.60
C THR C 108 30.22 -32.57 -45.70
N GLU C 109 31.52 -32.49 -46.07
CA GLU C 109 32.36 -33.69 -46.25
C GLU C 109 32.53 -34.41 -44.89
N ALA C 110 32.81 -33.67 -43.81
CA ALA C 110 32.94 -34.20 -42.44
C ALA C 110 31.66 -34.93 -42.02
N LEU C 111 30.49 -34.33 -42.26
CA LEU C 111 29.19 -34.94 -41.88
C LEU C 111 28.93 -36.21 -42.69
N LYS C 112 29.30 -36.23 -43.97
CA LYS C 112 29.12 -37.41 -44.84
C LYS C 112 30.01 -38.57 -44.33
N ARG C 113 31.09 -38.26 -43.61
CA ARG C 113 32.06 -39.26 -43.06
C ARG C 113 31.86 -39.45 -41.54
N ALA C 114 30.76 -38.96 -40.97
CA ALA C 114 30.45 -39.07 -39.52
C ALA C 114 30.35 -40.56 -39.17
N PHE C 115 31.17 -41.04 -38.24
CA PHE C 115 31.10 -42.44 -37.74
C PHE C 115 31.36 -43.43 -38.88
N ASP C 116 32.21 -43.06 -39.85
CA ASP C 116 32.88 -44.04 -40.77
C ASP C 116 33.96 -44.75 -39.95
N GLY C 117 34.81 -45.55 -40.59
CA GLY C 117 35.92 -46.26 -39.93
C GLY C 117 35.43 -47.38 -39.01
N PRO C 118 36.26 -47.78 -38.01
CA PRO C 118 36.02 -49.03 -37.29
C PRO C 118 35.03 -49.00 -36.10
N ILE C 119 34.45 -47.84 -35.79
CA ILE C 119 33.63 -47.60 -34.55
C ILE C 119 32.65 -48.76 -34.31
N TYR C 120 31.87 -49.17 -35.30
CA TYR C 120 30.76 -50.14 -35.12
C TYR C 120 31.32 -51.56 -35.08
N GLU C 121 32.60 -51.76 -35.45
CA GLU C 121 33.30 -53.06 -35.32
C GLU C 121 33.83 -53.21 -33.88
N MET C 122 33.94 -52.12 -33.13
CA MET C 122 34.63 -52.10 -31.81
C MET C 122 33.60 -52.31 -30.70
N ASP C 123 34.07 -52.66 -29.50
CA ASP C 123 33.25 -52.94 -28.29
C ASP C 123 33.60 -51.88 -27.24
N PRO C 124 32.69 -50.91 -26.99
CA PRO C 124 32.94 -49.85 -26.00
C PRO C 124 33.06 -50.33 -24.54
N THR C 125 32.63 -51.56 -24.22
CA THR C 125 32.76 -52.16 -22.87
C THR C 125 34.21 -52.62 -22.63
N VAL C 126 35.08 -52.60 -23.64
CA VAL C 126 36.53 -52.89 -23.49
C VAL C 126 37.18 -51.68 -22.80
N SER C 127 37.82 -51.93 -21.65
CA SER C 127 38.63 -50.95 -20.90
C SER C 127 39.46 -50.09 -21.85
N GLY C 128 39.34 -48.77 -21.77
CA GLY C 128 40.13 -47.79 -22.55
C GLY C 128 39.69 -47.65 -24.00
N SER C 129 38.52 -48.17 -24.40
CA SER C 129 38.01 -48.09 -25.79
C SER C 129 38.12 -46.65 -26.30
N GLY C 130 38.70 -46.49 -27.49
CA GLY C 130 38.78 -45.21 -28.21
C GLY C 130 37.41 -44.68 -28.62
N VAL C 131 36.37 -45.52 -28.54
CA VAL C 131 34.97 -45.17 -28.91
C VAL C 131 34.06 -45.42 -27.70
N ASP C 132 34.58 -45.18 -26.50
CA ASP C 132 33.78 -45.23 -25.24
C ASP C 132 32.59 -44.27 -25.37
N GLU C 133 31.45 -44.66 -24.80
CA GLU C 133 30.18 -43.87 -24.76
C GLU C 133 30.43 -42.43 -24.27
N ILE C 134 31.40 -42.17 -23.38
CA ILE C 134 31.65 -40.80 -22.84
C ILE C 134 32.16 -39.86 -23.94
N TYR C 135 32.90 -40.39 -24.93
CA TYR C 135 33.48 -39.58 -26.04
C TYR C 135 32.44 -39.39 -27.15
N ARG C 136 31.70 -40.44 -27.51
CA ARG C 136 30.75 -40.41 -28.65
C ARG C 136 29.49 -39.60 -28.29
N ALA C 137 29.28 -39.34 -26.99
CA ALA C 137 28.27 -38.39 -26.49
C ALA C 137 28.57 -37.00 -27.07
N VAL C 138 29.83 -36.55 -26.96
CA VAL C 138 30.32 -35.24 -27.50
C VAL C 138 30.27 -35.32 -29.03
N TRP C 139 30.74 -36.43 -29.63
CA TRP C 139 30.76 -36.56 -31.11
C TRP C 139 29.34 -36.40 -31.64
N ALA C 140 28.36 -37.09 -31.03
CA ALA C 140 26.95 -37.06 -31.44
C ALA C 140 26.46 -35.59 -31.38
N GLN C 141 26.73 -34.87 -30.29
CA GLN C 141 26.26 -33.46 -30.14
C GLN C 141 26.97 -32.59 -31.18
N ASN C 142 28.27 -32.80 -31.42
CA ASN C 142 29.05 -32.02 -32.42
C ASN C 142 28.45 -32.23 -33.82
N PHE C 143 28.25 -33.48 -34.25
CA PHE C 143 27.74 -33.81 -35.60
C PHE C 143 26.28 -33.34 -35.74
N ALA C 144 25.45 -33.58 -34.73
CA ALA C 144 24.01 -33.19 -34.74
C ALA C 144 23.89 -31.66 -34.90
N THR C 145 24.72 -30.91 -34.17
CA THR C 145 24.73 -29.42 -34.19
C THR C 145 25.18 -28.93 -35.57
N ALA C 146 26.26 -29.50 -36.11
CA ALA C 146 26.78 -29.18 -37.46
C ALA C 146 25.66 -29.41 -38.48
N TYR C 147 24.93 -30.51 -38.35
CA TYR C 147 23.78 -30.86 -39.25
C TYR C 147 22.68 -29.83 -39.10
N ASP C 148 22.30 -29.49 -37.87
CA ASP C 148 21.27 -28.45 -37.56
C ASP C 148 21.64 -27.14 -38.28
N TRP C 149 22.92 -26.78 -38.27
CA TRP C 149 23.45 -25.50 -38.82
C TRP C 149 23.57 -25.56 -40.36
N ILE C 150 23.90 -26.71 -40.96
CA ILE C 150 24.19 -26.79 -42.41
C ILE C 150 23.01 -27.36 -43.19
N GLN C 151 22.03 -27.99 -42.52
CA GLN C 151 20.94 -28.79 -43.18
C GLN C 151 20.29 -27.98 -44.30
N PRO C 152 19.95 -26.68 -44.12
CA PRO C 152 19.26 -25.92 -45.16
C PRO C 152 20.05 -25.72 -46.46
N TYR C 153 21.37 -25.94 -46.45
CA TYR C 153 22.27 -25.72 -47.61
C TYR C 153 22.65 -27.06 -48.27
N LEU C 154 22.20 -28.19 -47.73
CA LEU C 154 22.53 -29.53 -48.29
C LEU C 154 21.64 -29.80 -49.50
N SER C 155 22.17 -30.49 -50.51
CA SER C 155 21.36 -31.14 -51.59
C SER C 155 20.47 -32.21 -50.94
N ASP C 156 19.34 -32.54 -51.58
CA ASP C 156 18.42 -33.61 -51.08
C ASP C 156 19.24 -34.89 -50.86
N GLU C 157 20.14 -35.21 -51.79
CA GLU C 157 21.00 -36.42 -51.75
C GLU C 157 21.85 -36.38 -50.48
N ASP C 158 22.58 -35.29 -50.22
CA ASP C 158 23.50 -35.14 -49.06
C ASP C 158 22.70 -35.20 -47.74
N ASP C 159 21.52 -34.59 -47.68
CA ASP C 159 20.64 -34.60 -46.48
C ASP C 159 20.30 -36.05 -46.14
N GLU C 160 19.84 -36.84 -47.10
CA GLU C 160 19.45 -38.26 -46.85
C GLU C 160 20.68 -39.06 -46.37
N ILE C 161 21.86 -38.86 -46.99
CA ILE C 161 23.13 -39.54 -46.63
C ILE C 161 23.45 -39.24 -45.16
N ILE C 162 23.48 -37.96 -44.81
CA ILE C 162 23.93 -37.51 -43.45
C ILE C 162 22.89 -37.95 -42.41
N ARG C 163 21.59 -37.87 -42.72
CA ARG C 163 20.50 -38.31 -41.81
C ARG C 163 20.68 -39.79 -41.48
N GLU C 164 20.98 -40.62 -42.48
CA GLU C 164 21.13 -42.09 -42.32
C GLU C 164 22.29 -42.36 -41.34
N ARG C 165 23.40 -41.63 -41.48
CA ARG C 165 24.57 -41.71 -40.56
C ARG C 165 24.17 -41.31 -39.13
N LEU C 166 23.48 -40.19 -38.94
CA LEU C 166 23.08 -39.69 -37.59
C LEU C 166 22.07 -40.67 -36.97
N ALA C 167 21.11 -41.17 -37.76
CA ALA C 167 20.05 -42.10 -37.31
C ALA C 167 20.64 -43.44 -36.84
N LYS C 168 21.65 -43.94 -37.56
CA LYS C 168 22.42 -45.17 -37.23
C LYS C 168 23.02 -45.04 -35.83
N GLU C 169 23.78 -43.97 -35.58
CA GLU C 169 24.45 -43.74 -34.27
C GLU C 169 23.36 -43.63 -33.19
N ALA C 170 22.25 -42.93 -33.46
CA ALA C 170 21.12 -42.83 -32.49
C ALA C 170 20.60 -44.24 -32.16
N GLN C 171 20.38 -45.08 -33.17
CA GLN C 171 19.82 -46.44 -32.97
C GLN C 171 20.79 -47.26 -32.11
N VAL C 172 22.08 -47.17 -32.43
CA VAL C 172 23.15 -47.97 -31.76
C VAL C 172 23.23 -47.53 -30.29
N VAL C 173 23.20 -46.22 -30.02
CA VAL C 173 23.22 -45.67 -28.63
C VAL C 173 21.94 -46.14 -27.91
N TYR C 174 20.78 -45.99 -28.54
CA TYR C 174 19.47 -46.41 -27.97
C TYR C 174 19.53 -47.89 -27.53
N GLU C 175 20.04 -48.76 -28.40
CA GLU C 175 20.07 -50.23 -28.20
C GLU C 175 21.09 -50.61 -27.12
N ASN C 176 22.17 -49.84 -26.92
CA ASN C 176 23.37 -50.26 -26.13
C ASN C 176 23.55 -49.41 -24.87
N LEU C 177 22.74 -48.37 -24.66
CA LEU C 177 22.94 -47.36 -23.58
C LEU C 177 23.20 -48.10 -22.25
N TYR C 178 22.30 -49.03 -21.91
CA TYR C 178 22.26 -49.74 -20.61
C TYR C 178 23.32 -50.84 -20.57
N THR C 179 23.78 -51.39 -21.70
CA THR C 179 24.92 -52.33 -21.78
C THR C 179 26.24 -51.59 -21.57
N TRP C 180 26.44 -50.46 -22.26
CA TRP C 180 27.66 -49.61 -22.13
C TRP C 180 27.74 -48.97 -20.74
N GLY C 181 26.59 -48.61 -20.17
CA GLY C 181 26.46 -47.93 -18.87
C GLY C 181 25.58 -48.74 -17.91
N PRO C 182 26.03 -49.91 -17.43
CA PRO C 182 25.20 -50.76 -16.59
C PRO C 182 25.03 -50.19 -15.17
N ARG C 183 25.81 -49.16 -14.83
CA ARG C 183 25.69 -48.42 -13.55
C ARG C 183 25.49 -46.94 -13.87
N PRO C 184 24.53 -46.28 -13.19
CA PRO C 184 24.04 -44.96 -13.63
C PRO C 184 24.96 -43.77 -13.35
N HIS C 185 26.28 -43.94 -13.50
CA HIS C 185 27.26 -42.83 -13.39
C HIS C 185 27.32 -42.06 -14.73
N ASN C 186 28.32 -41.19 -14.88
CA ASN C 186 28.42 -40.25 -16.02
C ASN C 186 28.56 -41.02 -17.34
N HIS C 187 28.97 -42.31 -17.32
CA HIS C 187 29.02 -43.17 -18.54
C HIS C 187 27.60 -43.47 -19.05
N LEU C 188 26.58 -43.35 -18.20
CA LEU C 188 25.17 -43.51 -18.64
C LEU C 188 24.62 -42.14 -19.03
N SER C 189 24.77 -41.13 -18.17
CA SER C 189 24.10 -39.81 -18.33
C SER C 189 24.62 -39.10 -19.60
N LYS C 190 25.94 -39.06 -19.80
CA LYS C 190 26.58 -38.33 -20.92
C LYS C 190 26.04 -38.81 -22.25
N PRO C 191 26.13 -40.10 -22.63
CA PRO C 191 25.59 -40.55 -23.91
C PRO C 191 24.05 -40.48 -23.95
N ALA C 192 23.37 -40.49 -22.80
CA ALA C 192 21.90 -40.27 -22.75
C ALA C 192 21.58 -38.86 -23.28
N TRP C 193 22.31 -37.85 -22.83
CA TRP C 193 22.16 -36.43 -23.27
C TRP C 193 22.55 -36.30 -24.76
N GLY C 194 23.57 -37.03 -25.20
CA GLY C 194 23.91 -37.17 -26.63
C GLY C 194 22.76 -37.73 -27.44
N LEU C 195 22.13 -38.82 -26.98
CA LEU C 195 20.97 -39.44 -27.65
C LEU C 195 19.82 -38.44 -27.70
N GLY C 196 19.59 -37.71 -26.60
CA GLY C 196 18.58 -36.65 -26.51
C GLY C 196 18.74 -35.61 -27.61
N THR C 197 19.96 -35.07 -27.75
CA THR C 197 20.31 -34.12 -28.83
C THR C 197 20.00 -34.73 -30.19
N LEU C 198 20.43 -35.97 -30.47
CA LEU C 198 20.20 -36.64 -31.77
C LEU C 198 18.69 -36.72 -32.04
N ALA C 199 17.88 -37.09 -31.05
CA ALA C 199 16.42 -37.28 -31.20
C ALA C 199 15.77 -35.94 -31.55
N LEU C 200 16.22 -34.86 -30.91
CA LEU C 200 15.68 -33.49 -31.10
C LEU C 200 16.12 -32.94 -32.47
N THR C 201 17.32 -33.31 -32.93
CA THR C 201 17.85 -32.96 -34.27
C THR C 201 17.02 -33.68 -35.34
N LEU C 202 16.76 -34.98 -35.16
CA LEU C 202 16.02 -35.82 -36.14
C LEU C 202 14.59 -36.03 -35.64
N SER C 203 13.92 -34.96 -35.15
CA SER C 203 12.59 -35.04 -34.47
C SER C 203 11.52 -35.67 -35.39
N ASP C 204 11.70 -35.66 -36.72
CA ASP C 204 10.74 -36.27 -37.67
C ASP C 204 11.04 -37.75 -37.91
N HIS C 205 12.21 -38.25 -37.50
CA HIS C 205 12.54 -39.70 -37.64
C HIS C 205 11.50 -40.51 -36.87
N PRO C 206 11.00 -41.64 -37.43
CA PRO C 206 9.95 -42.42 -36.75
C PRO C 206 10.31 -42.92 -35.34
N ASP C 207 11.58 -43.07 -34.99
CA ASP C 207 12.03 -43.63 -33.68
C ASP C 207 12.44 -42.51 -32.70
N ALA C 208 12.30 -41.24 -33.07
CA ALA C 208 12.78 -40.08 -32.28
C ALA C 208 12.13 -40.05 -30.89
N SER C 209 10.83 -40.38 -30.78
CA SER C 209 10.07 -40.47 -29.50
C SER C 209 10.72 -41.49 -28.57
N LYS C 210 10.93 -42.71 -29.07
CA LYS C 210 11.57 -43.82 -28.33
C LYS C 210 12.95 -43.38 -27.85
N TRP C 211 13.78 -42.81 -28.74
CA TRP C 211 15.15 -42.32 -28.42
C TRP C 211 15.10 -41.31 -27.27
N LEU C 212 14.28 -40.26 -27.40
CA LEU C 212 14.22 -39.14 -26.42
C LEU C 212 13.76 -39.67 -25.06
N ASN C 213 12.75 -40.55 -25.06
CA ASN C 213 12.19 -41.17 -23.84
C ASN C 213 13.29 -41.95 -23.10
N ARG C 214 14.04 -42.79 -23.81
CA ARG C 214 15.10 -43.62 -23.18
C ARG C 214 16.20 -42.70 -22.68
N ALA C 215 16.55 -41.67 -23.45
CA ALA C 215 17.55 -40.65 -23.05
C ALA C 215 17.18 -40.06 -21.69
N LEU C 216 15.92 -39.64 -21.55
CA LEU C 216 15.39 -38.98 -20.31
C LEU C 216 15.38 -39.99 -19.16
N GLU C 217 14.89 -41.21 -19.43
CA GLU C 217 14.83 -42.32 -18.45
C GLU C 217 16.24 -42.59 -17.90
N ALA C 218 17.22 -42.76 -18.78
CA ALA C 218 18.62 -43.12 -18.44
C ALA C 218 19.25 -41.97 -17.62
N ALA C 219 19.09 -40.73 -18.05
CA ALA C 219 19.64 -39.54 -17.35
C ALA C 219 19.03 -39.44 -15.95
N ASN C 220 17.73 -39.74 -15.81
CA ASN C 220 17.01 -39.73 -14.52
C ASN C 220 17.65 -40.71 -13.53
N THR C 221 18.10 -41.90 -13.97
CA THR C 221 18.72 -42.89 -13.05
C THR C 221 20.04 -42.31 -12.51
N ASN C 222 20.71 -41.43 -13.25
CA ASN C 222 21.92 -40.72 -12.76
C ASN C 222 21.51 -39.62 -11.77
N THR C 223 20.54 -38.78 -12.10
CA THR C 223 20.18 -37.59 -11.26
C THR C 223 19.51 -38.06 -9.95
N LEU C 224 18.88 -39.24 -9.93
CA LEU C 224 18.21 -39.80 -8.74
C LEU C 224 19.25 -40.31 -7.71
N TYR C 225 20.42 -40.78 -8.16
CA TYR C 225 21.42 -41.51 -7.34
C TYR C 225 22.70 -40.69 -7.12
N PHE C 226 23.28 -40.10 -8.16
CA PHE C 226 24.57 -39.37 -8.02
C PHE C 226 24.33 -37.90 -7.63
N PHE C 227 23.18 -37.33 -7.98
CA PHE C 227 22.81 -35.96 -7.52
C PHE C 227 21.94 -36.08 -6.28
N ASN C 228 22.09 -35.12 -5.38
CA ASN C 228 21.10 -34.80 -4.32
C ASN C 228 20.12 -33.78 -4.89
N LYS C 229 18.87 -33.75 -4.39
CA LYS C 229 17.90 -32.66 -4.63
C LYS C 229 18.58 -31.30 -4.43
N ASP C 230 19.52 -31.19 -3.49
CA ASP C 230 20.12 -29.86 -3.16
C ASP C 230 21.20 -29.51 -4.20
N GLY C 231 21.46 -30.36 -5.19
CA GLY C 231 22.36 -30.03 -6.32
C GLY C 231 23.75 -30.64 -6.22
N HIS C 232 24.12 -31.17 -5.05
CA HIS C 232 25.43 -31.84 -4.82
C HIS C 232 25.60 -33.01 -5.80
N TYR C 233 26.78 -33.17 -6.40
CA TYR C 233 27.12 -34.32 -7.28
C TYR C 233 28.12 -35.25 -6.56
N ARG C 234 27.73 -36.51 -6.32
CA ARG C 234 28.48 -37.42 -5.43
C ARG C 234 29.74 -37.98 -6.10
N GLU C 235 29.93 -37.86 -7.44
CA GLU C 235 31.18 -38.31 -8.11
C GLU C 235 32.26 -37.23 -7.98
N GLY C 236 31.91 -36.05 -7.47
CA GLY C 236 32.87 -34.93 -7.27
C GLY C 236 32.79 -33.92 -8.41
N ALA C 237 33.56 -32.86 -8.26
CA ALA C 237 33.51 -31.62 -9.08
C ALA C 237 33.96 -31.93 -10.51
N HIS C 238 35.01 -32.75 -10.66
CA HIS C 238 35.59 -33.08 -11.97
C HIS C 238 34.54 -33.82 -12.83
N TYR C 239 33.87 -34.84 -12.30
CA TYR C 239 32.88 -35.63 -13.07
C TYR C 239 31.57 -34.86 -13.19
N TYR C 240 31.31 -33.88 -12.32
CA TYR C 240 30.19 -32.92 -12.46
C TYR C 240 30.40 -32.08 -13.73
N VAL C 241 31.55 -31.41 -13.83
CA VAL C 241 31.89 -30.58 -15.02
C VAL C 241 31.86 -31.48 -16.25
N TYR C 242 32.45 -32.67 -16.18
CA TYR C 242 32.49 -33.65 -17.30
C TYR C 242 31.05 -33.95 -17.75
N SER C 243 30.11 -34.07 -16.82
CA SER C 243 28.66 -34.28 -17.10
C SER C 243 28.07 -33.03 -17.78
N LEU C 244 28.45 -31.83 -17.31
CA LEU C 244 27.90 -30.54 -17.83
C LEU C 244 28.21 -30.41 -19.33
N VAL C 245 29.29 -31.03 -19.81
CA VAL C 245 29.71 -30.94 -21.24
C VAL C 245 28.56 -31.42 -22.14
N ASN C 246 27.82 -32.45 -21.73
CA ASN C 246 26.67 -32.98 -22.52
C ASN C 246 25.33 -32.45 -21.98
N LEU C 247 25.21 -32.23 -20.66
CA LEU C 247 23.93 -31.81 -20.02
C LEU C 247 23.54 -30.39 -20.44
N ILE C 248 24.47 -29.44 -20.37
CA ILE C 248 24.16 -28.01 -20.63
C ILE C 248 23.64 -27.87 -22.07
N PRO C 249 24.33 -28.42 -23.11
CA PRO C 249 23.76 -28.40 -24.45
C PRO C 249 22.37 -29.05 -24.53
N PHE C 250 22.18 -30.22 -23.94
CA PHE C 250 20.87 -30.93 -23.98
C PHE C 250 19.76 -30.02 -23.40
N LEU C 251 20.00 -29.33 -22.30
CA LEU C 251 18.98 -28.48 -21.62
C LEU C 251 18.53 -27.37 -22.58
N TYR C 252 19.48 -26.69 -23.21
CA TYR C 252 19.20 -25.65 -24.25
C TYR C 252 18.47 -26.30 -25.44
N HIS C 253 18.97 -27.43 -25.94
CA HIS C 253 18.37 -28.14 -27.12
C HIS C 253 16.89 -28.42 -26.84
N TYR C 254 16.56 -28.97 -25.67
CA TYR C 254 15.19 -29.45 -25.38
C TYR C 254 14.27 -28.23 -25.22
N LYS C 255 14.76 -27.16 -24.60
CA LYS C 255 14.02 -25.89 -24.46
C LYS C 255 13.80 -25.26 -25.84
N ASN C 256 14.87 -25.06 -26.62
CA ASN C 256 14.84 -24.39 -27.95
C ASN C 256 14.00 -25.21 -28.92
N VAL C 257 14.12 -26.55 -28.98
CA VAL C 257 13.44 -27.35 -30.05
C VAL C 257 11.99 -27.65 -29.66
N SER C 258 11.72 -28.09 -28.43
CA SER C 258 10.40 -28.65 -28.03
C SER C 258 9.67 -27.73 -27.05
N GLY C 259 10.34 -26.72 -26.50
CA GLY C 259 9.77 -25.84 -25.47
C GLY C 259 9.76 -26.46 -24.08
N VAL C 260 10.41 -27.60 -23.87
CA VAL C 260 10.50 -28.24 -22.52
C VAL C 260 11.70 -27.60 -21.81
N ASN C 261 11.41 -26.81 -20.77
CA ASN C 261 12.39 -26.01 -20.01
C ASN C 261 12.66 -26.72 -18.67
N TYR C 262 13.79 -27.40 -18.53
CA TYR C 262 14.20 -28.15 -17.33
C TYR C 262 15.15 -27.30 -16.49
N PHE C 263 15.44 -26.06 -16.89
CA PHE C 263 16.39 -25.21 -16.15
C PHE C 263 15.92 -25.03 -14.70
N PRO C 264 14.60 -24.84 -14.41
CA PRO C 264 14.14 -24.76 -13.03
C PRO C 264 14.49 -26.02 -12.20
N GLU C 265 14.24 -27.21 -12.75
CA GLU C 265 14.47 -28.48 -12.02
C GLU C 265 15.96 -28.76 -11.82
N TYR C 266 16.85 -28.20 -12.63
CA TYR C 266 18.34 -28.43 -12.54
C TYR C 266 19.02 -27.27 -11.80
N LYS C 267 18.26 -26.23 -11.43
CA LYS C 267 18.79 -25.00 -10.80
C LYS C 267 19.80 -25.32 -9.68
N ASN C 268 19.47 -26.25 -8.78
CA ASN C 268 20.30 -26.51 -7.58
C ASN C 268 21.71 -26.98 -7.96
N ILE C 269 21.90 -27.67 -9.10
CA ILE C 269 23.24 -28.22 -9.44
C ILE C 269 24.20 -27.04 -9.71
N PHE C 270 23.68 -25.88 -10.14
CA PHE C 270 24.50 -24.68 -10.42
C PHE C 270 24.73 -23.88 -9.12
N GLU C 271 23.69 -23.74 -8.30
CA GLU C 271 23.79 -23.03 -6.99
C GLU C 271 24.77 -23.78 -6.08
N TRP C 272 24.78 -25.12 -6.14
CA TRP C 272 25.70 -25.99 -5.38
C TRP C 272 27.16 -25.53 -5.59
N ALA C 273 27.56 -25.29 -6.83
CA ALA C 273 28.94 -24.90 -7.19
C ALA C 273 29.31 -23.58 -6.51
N VAL C 274 28.36 -22.63 -6.42
CA VAL C 274 28.60 -21.30 -5.81
C VAL C 274 28.71 -21.49 -4.29
N LYS C 275 27.90 -22.37 -3.72
CA LYS C 275 27.91 -22.64 -2.25
C LYS C 275 29.26 -23.24 -1.81
N ILE C 276 29.98 -24.00 -2.64
CA ILE C 276 31.20 -24.72 -2.16
C ILE C 276 32.49 -24.10 -2.69
N ARG C 277 32.41 -23.03 -3.47
CA ARG C 277 33.60 -22.36 -4.05
C ARG C 277 34.50 -21.86 -2.92
N ASN C 278 35.81 -22.00 -3.09
CA ASN C 278 36.81 -21.35 -2.20
C ASN C 278 36.92 -19.88 -2.63
N GLY C 279 37.82 -19.12 -2.00
CA GLY C 279 37.99 -17.67 -2.21
C GLY C 279 38.41 -17.34 -3.63
N ARG C 280 38.93 -18.29 -4.40
CA ARG C 280 39.36 -18.08 -5.81
C ARG C 280 38.40 -18.80 -6.77
N GLY C 281 37.25 -19.27 -6.28
CA GLY C 281 36.18 -19.82 -7.13
C GLY C 281 36.38 -21.29 -7.47
N TRP C 282 37.27 -22.00 -6.76
CA TRP C 282 37.58 -23.42 -7.09
C TRP C 282 36.66 -24.34 -6.29
N MET C 283 36.02 -25.27 -6.99
CA MET C 283 35.31 -26.40 -6.36
C MET C 283 36.39 -27.34 -5.77
N PRO C 284 36.11 -28.03 -4.65
CA PRO C 284 37.15 -28.81 -3.95
C PRO C 284 37.58 -30.12 -4.65
N ASN C 285 38.82 -30.53 -4.35
CA ASN C 285 39.43 -31.80 -4.81
C ASN C 285 38.98 -32.93 -3.88
N VAL C 286 37.67 -33.21 -3.87
CA VAL C 286 36.98 -34.18 -2.98
C VAL C 286 36.37 -35.29 -3.84
N GLU C 287 36.44 -36.54 -3.38
CA GLU C 287 36.24 -37.79 -4.18
C GLU C 287 37.33 -37.87 -5.27
N ASP C 288 37.06 -38.59 -6.36
CA ASP C 288 37.97 -38.63 -7.54
C ASP C 288 37.83 -37.30 -8.29
N SER C 289 38.39 -36.22 -7.75
CA SER C 289 38.28 -34.86 -8.31
C SER C 289 39.58 -34.07 -8.12
N TRP C 290 39.82 -33.15 -9.06
CA TRP C 290 40.79 -32.05 -9.01
C TRP C 290 40.06 -30.80 -8.51
N ILE C 291 40.78 -29.70 -8.28
CA ILE C 291 40.17 -28.35 -8.20
C ILE C 291 39.57 -28.04 -9.58
N LYS C 292 38.40 -27.39 -9.61
CA LYS C 292 37.66 -27.13 -10.86
C LYS C 292 37.04 -25.74 -10.75
N PRO C 293 36.92 -24.99 -11.88
CA PRO C 293 35.98 -23.89 -11.97
C PRO C 293 34.61 -24.49 -12.29
N ALA C 294 33.53 -23.74 -12.07
CA ALA C 294 32.17 -24.15 -12.45
C ALA C 294 31.67 -23.19 -13.54
N PRO C 295 31.34 -23.68 -14.75
CA PRO C 295 30.96 -22.81 -15.86
C PRO C 295 29.53 -22.25 -15.73
N THR C 296 29.26 -21.50 -14.66
CA THR C 296 27.90 -21.04 -14.27
C THR C 296 27.43 -19.92 -15.22
N HIS C 297 28.36 -19.25 -15.90
CA HIS C 297 28.07 -18.24 -16.98
C HIS C 297 27.29 -18.87 -18.13
N MET C 298 27.38 -20.17 -18.36
CA MET C 298 26.75 -20.80 -19.55
C MET C 298 25.27 -21.10 -19.30
N VAL C 299 24.78 -20.92 -18.06
CA VAL C 299 23.35 -21.13 -17.75
C VAL C 299 22.77 -19.89 -17.05
N ALA C 300 23.59 -18.89 -16.72
CA ALA C 300 23.17 -17.66 -16.00
C ALA C 300 21.91 -17.08 -16.66
N SER C 301 21.89 -17.03 -17.99
CA SER C 301 20.81 -16.40 -18.80
C SER C 301 19.45 -17.05 -18.51
N GLN C 302 19.40 -18.25 -17.95
CA GLN C 302 18.10 -18.97 -17.73
C GLN C 302 17.58 -18.74 -16.30
N TYR C 303 18.26 -17.93 -15.48
CA TYR C 303 17.92 -17.78 -14.04
C TYR C 303 17.71 -16.29 -13.69
N LYS C 304 17.29 -15.49 -14.67
CA LYS C 304 17.06 -14.03 -14.52
C LYS C 304 15.78 -13.75 -13.71
N ASP C 305 14.90 -14.75 -13.57
CA ASP C 305 13.62 -14.69 -12.83
C ASP C 305 13.59 -15.72 -11.71
N THR C 306 14.76 -16.13 -11.20
CA THR C 306 14.92 -17.14 -10.13
C THR C 306 15.48 -16.48 -8.87
N ASP C 307 14.75 -16.58 -7.76
CA ASP C 307 15.21 -16.14 -6.42
C ASP C 307 16.32 -17.07 -5.95
N THR C 308 17.24 -16.57 -5.13
CA THR C 308 18.35 -17.35 -4.51
C THR C 308 18.52 -16.91 -3.06
N ASP C 309 18.81 -17.86 -2.17
CA ASP C 309 19.24 -17.63 -0.76
C ASP C 309 20.56 -16.88 -0.74
N LEU C 310 21.26 -16.74 -1.87
CA LEU C 310 22.61 -16.13 -1.89
C LEU C 310 22.53 -14.60 -1.97
N HIS C 311 21.35 -14.01 -2.18
CA HIS C 311 21.20 -12.54 -2.20
C HIS C 311 19.84 -12.08 -1.66
N SER C 312 19.88 -10.98 -0.92
CA SER C 312 18.67 -10.31 -0.34
C SER C 312 17.72 -9.89 -1.45
N THR C 313 18.24 -9.37 -2.58
CA THR C 313 17.41 -8.80 -3.68
C THR C 313 17.76 -9.42 -5.05
N ALA C 314 19.03 -9.62 -5.40
CA ALA C 314 19.44 -9.97 -6.78
C ALA C 314 18.97 -11.39 -7.13
N LYS C 315 18.74 -11.64 -8.42
CA LYS C 315 18.31 -12.96 -8.96
C LYS C 315 19.52 -13.87 -9.16
N LEU C 316 19.30 -15.18 -9.19
CA LEU C 316 20.37 -16.21 -9.28
C LEU C 316 21.31 -15.90 -10.46
N ALA C 317 20.74 -15.45 -11.59
CA ALA C 317 21.49 -15.17 -12.83
C ALA C 317 22.73 -14.32 -12.51
N ASN C 318 22.56 -13.25 -11.72
CA ASN C 318 23.64 -12.27 -11.43
C ASN C 318 24.72 -12.92 -10.58
N ILE C 319 24.34 -13.86 -9.69
CA ILE C 319 25.29 -14.56 -8.77
C ILE C 319 26.05 -15.62 -9.59
N LEU C 320 25.35 -16.39 -10.44
CA LEU C 320 25.98 -17.35 -11.39
C LEU C 320 27.02 -16.65 -12.26
N GLN C 321 26.72 -15.43 -12.71
CA GLN C 321 27.63 -14.64 -13.58
C GLN C 321 28.83 -14.17 -12.75
N TRP C 322 28.57 -13.66 -11.56
CA TRP C 322 29.63 -13.23 -10.58
C TRP C 322 30.60 -14.39 -10.34
N SER C 323 30.08 -15.60 -10.12
CA SER C 323 30.86 -16.75 -9.61
C SER C 323 31.91 -17.16 -10.65
N TYR C 324 31.51 -17.33 -11.90
CA TYR C 324 32.43 -17.75 -12.99
C TYR C 324 33.54 -16.70 -13.14
N PHE C 325 33.20 -15.42 -13.23
CA PHE C 325 34.19 -14.37 -13.57
C PHE C 325 35.05 -14.06 -12.34
N ASN C 326 34.62 -14.38 -11.12
CA ASN C 326 35.47 -14.26 -9.90
C ASN C 326 36.09 -15.63 -9.60
N THR C 327 36.81 -16.16 -10.59
CA THR C 327 37.57 -17.42 -10.52
C THR C 327 38.99 -17.15 -11.00
N ASP C 328 39.99 -17.71 -10.32
CA ASP C 328 41.40 -17.68 -10.76
C ASP C 328 41.57 -18.78 -11.80
N PHE C 329 41.80 -18.44 -13.07
CA PHE C 329 41.85 -19.40 -14.20
C PHE C 329 43.31 -19.77 -14.51
N ARG C 330 44.28 -19.27 -13.75
CA ARG C 330 45.72 -19.51 -14.00
C ARG C 330 46.03 -21.01 -14.01
N PRO C 331 45.46 -21.88 -13.14
CA PRO C 331 45.72 -23.32 -13.24
C PRO C 331 45.28 -24.00 -14.55
N TRP C 332 44.58 -23.29 -15.43
CA TRP C 332 44.19 -23.83 -16.76
C TRP C 332 44.89 -23.08 -17.90
N GLU C 333 45.76 -22.10 -17.62
CA GLU C 333 46.66 -21.46 -18.62
C GLU C 333 47.72 -22.47 -19.06
N PRO C 334 48.26 -22.38 -20.29
CA PRO C 334 47.84 -21.39 -21.29
C PRO C 334 46.69 -21.89 -22.17
N ASP C 335 46.58 -23.22 -22.34
CA ASP C 335 45.53 -23.98 -23.08
C ASP C 335 44.13 -23.44 -22.79
N GLY C 336 43.71 -23.47 -21.52
CA GLY C 336 42.43 -22.91 -21.05
C GLY C 336 41.37 -23.97 -20.78
N SER C 337 41.62 -25.25 -21.10
CA SER C 337 40.61 -26.33 -20.96
C SER C 337 40.52 -26.85 -19.52
N TYR C 338 39.30 -26.86 -18.98
CA TYR C 338 38.92 -27.42 -17.65
C TYR C 338 37.76 -28.41 -17.80
N THR C 339 37.31 -28.74 -19.02
CA THR C 339 36.11 -29.61 -19.20
C THR C 339 36.42 -31.09 -18.97
N GLY C 340 37.68 -31.50 -19.16
CA GLY C 340 38.12 -32.90 -19.22
C GLY C 340 37.90 -33.53 -20.59
N ALA C 341 37.45 -32.74 -21.58
CA ALA C 341 37.02 -33.25 -22.90
C ALA C 341 37.71 -32.47 -24.03
N SER C 342 38.97 -32.09 -23.83
CA SER C 342 39.74 -31.15 -24.68
C SER C 342 40.13 -31.75 -26.03
N TYR C 343 39.89 -33.05 -26.29
CA TYR C 343 40.08 -33.67 -27.63
C TYR C 343 38.78 -33.59 -28.44
N ASP C 344 37.65 -33.36 -27.76
CA ASP C 344 36.30 -33.59 -28.34
C ASP C 344 35.44 -32.31 -28.37
N ASP C 345 35.52 -31.46 -27.35
CA ASP C 345 34.53 -30.40 -27.06
C ASP C 345 34.70 -29.20 -28.03
N THR C 346 33.71 -28.32 -28.08
CA THR C 346 33.77 -27.02 -28.80
C THR C 346 33.38 -25.95 -27.79
N TRP C 347 34.17 -25.81 -26.74
CA TRP C 347 33.81 -25.04 -25.53
C TRP C 347 33.73 -23.54 -25.87
N ASP C 348 34.58 -23.08 -26.79
CA ASP C 348 34.60 -21.64 -27.20
C ASP C 348 33.27 -21.30 -27.89
N ILE C 349 32.79 -22.15 -28.82
CA ILE C 349 31.48 -21.99 -29.51
C ILE C 349 30.35 -22.01 -28.47
N ASP C 350 30.31 -23.03 -27.61
CA ASP C 350 29.20 -23.24 -26.63
C ASP C 350 29.14 -22.03 -25.67
N GLN C 351 30.29 -21.45 -25.30
CA GLN C 351 30.35 -20.22 -24.45
C GLN C 351 29.82 -19.02 -25.26
N TYR C 352 30.29 -18.85 -26.50
CA TYR C 352 29.88 -17.75 -27.39
C TYR C 352 28.37 -17.77 -27.54
N LEU C 353 27.73 -18.95 -27.56
CA LEU C 353 26.28 -19.09 -27.78
C LEU C 353 25.50 -18.93 -26.46
N THR C 354 26.08 -19.18 -25.29
CA THR C 354 25.31 -19.22 -24.02
C THR C 354 25.51 -17.95 -23.20
N TYR C 355 26.70 -17.36 -23.24
CA TYR C 355 27.07 -16.17 -22.45
C TYR C 355 26.14 -15.01 -22.76
N ASP C 356 25.63 -14.37 -21.71
CA ASP C 356 24.74 -13.19 -21.81
C ASP C 356 25.54 -12.00 -21.29
N SER C 357 25.95 -11.09 -22.18
CA SER C 357 26.81 -9.93 -21.84
C SER C 357 26.01 -8.85 -21.09
N THR C 358 24.70 -9.00 -20.94
CA THR C 358 23.82 -7.99 -20.25
C THR C 358 23.58 -8.38 -18.78
N ILE C 359 24.03 -9.55 -18.32
CA ILE C 359 23.84 -9.95 -16.90
C ILE C 359 24.96 -9.35 -16.04
N GLU C 360 24.61 -8.44 -15.14
CA GLU C 360 25.55 -7.78 -14.21
C GLU C 360 26.03 -8.84 -13.21
N GLN C 361 27.34 -8.81 -12.91
CA GLN C 361 27.97 -9.64 -11.86
C GLN C 361 27.63 -9.04 -10.50
N ILE C 362 26.90 -9.78 -9.67
CA ILE C 362 26.54 -9.33 -8.30
C ILE C 362 27.03 -10.37 -7.29
N LYS C 363 27.93 -9.95 -6.42
CA LYS C 363 28.49 -10.74 -5.30
C LYS C 363 27.38 -11.08 -4.33
N PRO C 364 27.28 -12.35 -3.84
CA PRO C 364 26.32 -12.70 -2.78
C PRO C 364 26.49 -11.72 -1.61
N ASP C 365 25.38 -11.32 -0.99
CA ASP C 365 25.40 -10.30 0.11
C ASP C 365 25.00 -10.97 1.44
N VAL C 366 24.68 -12.26 1.44
CA VAL C 366 24.27 -13.02 2.65
C VAL C 366 25.53 -13.51 3.40
N SER C 367 25.28 -14.10 4.57
CA SER C 367 26.28 -14.82 5.39
C SER C 367 27.02 -15.81 4.49
N GLY C 368 28.36 -15.83 4.62
CA GLY C 368 29.23 -16.78 3.89
C GLY C 368 28.92 -18.23 4.25
N THR C 369 28.55 -18.50 5.50
CA THR C 369 28.38 -19.88 6.02
C THR C 369 27.07 -20.46 5.47
N VAL C 370 27.13 -21.70 4.97
CA VAL C 370 25.96 -22.40 4.37
C VAL C 370 26.00 -23.86 4.85
N PHE C 371 24.82 -24.38 5.15
CA PHE C 371 24.59 -25.74 5.67
C PHE C 371 23.74 -26.45 4.63
N MET C 372 24.29 -27.45 3.93
CA MET C 372 23.51 -28.23 2.94
C MET C 372 23.35 -29.65 3.47
N ASN C 373 22.49 -29.78 4.48
CA ASN C 373 22.41 -30.95 5.39
C ASN C 373 21.79 -32.11 4.64
N ASN C 374 21.05 -31.85 3.57
CA ASN C 374 20.41 -32.96 2.78
C ASN C 374 21.49 -33.80 2.11
N SER C 375 22.53 -33.19 1.54
CA SER C 375 23.67 -33.90 0.92
C SER C 375 24.77 -34.17 1.94
N GLY C 376 24.98 -33.20 2.84
CA GLY C 376 25.86 -33.32 4.01
C GLY C 376 27.15 -32.52 3.87
N GLN C 377 27.17 -31.51 3.02
CA GLN C 377 28.32 -30.58 2.94
C GLN C 377 27.92 -29.29 3.66
N THR C 378 28.84 -28.77 4.47
CA THR C 378 28.72 -27.47 5.15
C THR C 378 29.95 -26.65 4.80
N VAL C 379 29.78 -25.35 4.57
CA VAL C 379 30.92 -24.44 4.38
C VAL C 379 30.85 -23.33 5.43
N PHE C 380 31.91 -23.18 6.19
CA PHE C 380 32.14 -22.04 7.09
C PHE C 380 32.94 -21.04 6.26
N ARG C 381 32.43 -19.83 6.09
CA ARG C 381 33.00 -18.81 5.17
C ARG C 381 32.83 -17.43 5.78
N SER C 382 33.92 -16.67 5.94
CA SER C 382 33.90 -15.31 6.53
C SER C 382 33.17 -14.37 5.57
N ASP C 383 33.49 -14.44 4.27
CA ASP C 383 33.02 -13.48 3.25
C ASP C 383 33.10 -14.12 1.86
N TRP C 384 32.52 -13.45 0.86
CA TRP C 384 32.47 -13.91 -0.54
C TRP C 384 33.54 -13.21 -1.35
N ASN C 385 34.46 -12.50 -0.71
CA ASN C 385 35.51 -11.74 -1.43
C ASN C 385 36.35 -12.69 -2.28
N PHE C 386 36.75 -12.21 -3.46
CA PHE C 386 37.58 -12.94 -4.46
C PHE C 386 39.04 -12.62 -4.18
N ASN C 387 39.86 -13.65 -3.98
CA ASN C 387 41.33 -13.53 -3.96
C ASN C 387 41.75 -12.54 -2.87
N ASN C 388 41.07 -12.58 -1.72
CA ASN C 388 41.35 -11.71 -0.54
C ASN C 388 41.95 -12.58 0.56
N PRO C 389 43.18 -12.28 1.04
CA PRO C 389 43.84 -13.14 2.03
C PRO C 389 43.14 -13.13 3.40
N ASN C 390 42.28 -12.15 3.68
CA ASN C 390 41.56 -12.02 4.97
C ASN C 390 40.39 -13.03 5.01
N SER C 391 39.99 -13.59 3.87
CA SER C 391 38.91 -14.61 3.80
C SER C 391 39.33 -15.90 4.52
N ARG C 392 38.36 -16.61 5.07
CA ARG C 392 38.52 -17.96 5.63
C ARG C 392 37.40 -18.82 5.07
N TYR C 393 37.75 -20.01 4.61
CA TYR C 393 36.84 -21.04 4.07
C TYR C 393 37.25 -22.39 4.70
N LEU C 394 36.26 -23.12 5.20
CA LEU C 394 36.41 -24.56 5.56
C LEU C 394 35.20 -25.28 5.01
N LEU C 395 35.45 -26.33 4.23
CA LEU C 395 34.41 -27.28 3.79
C LEU C 395 34.43 -28.46 4.76
N PHE C 396 33.26 -28.80 5.29
CA PHE C 396 33.01 -29.91 6.21
C PHE C 396 32.24 -30.95 5.41
N GLN C 397 32.89 -32.08 5.12
CA GLN C 397 32.43 -33.12 4.18
C GLN C 397 31.76 -34.25 4.97
N GLY C 398 30.47 -34.51 4.73
CA GLY C 398 29.70 -35.58 5.39
C GLY C 398 28.64 -36.14 4.48
N VAL C 399 29.03 -36.60 3.30
CA VAL C 399 28.11 -37.06 2.22
C VAL C 399 28.04 -38.59 2.26
N ALA C 400 26.83 -39.14 2.13
CA ALA C 400 26.64 -40.60 1.99
C ALA C 400 27.46 -41.07 0.78
N GLU C 401 28.15 -42.20 0.93
CA GLU C 401 29.07 -42.74 -0.10
C GLU C 401 28.24 -43.26 -1.28
N ALA C 402 28.71 -42.96 -2.49
CA ALA C 402 28.18 -43.54 -3.75
C ALA C 402 29.16 -44.63 -4.23
N ASP C 403 28.70 -45.56 -5.08
CA ASP C 403 29.50 -46.73 -5.51
C ASP C 403 30.45 -46.40 -6.67
N ASN C 404 30.62 -45.14 -7.08
CA ASN C 404 31.59 -44.78 -8.14
C ASN C 404 32.38 -43.53 -7.73
N HIS C 405 33.70 -43.57 -7.91
CA HIS C 405 34.67 -42.45 -7.77
C HIS C 405 34.80 -42.04 -6.30
N TYR C 406 34.49 -42.94 -5.38
CA TYR C 406 34.38 -42.63 -3.92
C TYR C 406 35.78 -42.63 -3.29
N HIS C 407 35.96 -41.69 -2.35
CA HIS C 407 37.07 -41.60 -1.38
C HIS C 407 36.46 -41.77 0.01
N TYR C 408 37.22 -42.29 0.97
CA TYR C 408 36.78 -42.38 2.39
C TYR C 408 37.14 -41.05 3.06
N ASP C 409 36.17 -40.13 3.12
CA ASP C 409 36.41 -38.74 3.58
C ASP C 409 35.34 -38.28 4.59
N HIS C 410 34.53 -39.18 5.16
CA HIS C 410 33.46 -38.83 6.14
C HIS C 410 34.03 -37.97 7.27
N LEU C 411 33.41 -36.82 7.49
CA LEU C 411 33.68 -35.88 8.62
C LEU C 411 35.05 -35.21 8.43
N SER C 412 35.62 -35.29 7.23
CA SER C 412 36.87 -34.57 6.86
C SER C 412 36.56 -33.09 6.57
N PHE C 413 37.60 -32.30 6.36
CA PHE C 413 37.51 -30.85 6.10
C PHE C 413 38.72 -30.41 5.26
N ILE C 414 38.54 -29.34 4.48
CA ILE C 414 39.65 -28.62 3.80
C ILE C 414 39.50 -27.13 4.11
N ILE C 415 40.60 -26.41 4.10
CA ILE C 415 40.66 -24.96 4.47
C ILE C 415 41.29 -24.19 3.30
N HIS C 416 40.72 -23.02 3.00
CA HIS C 416 41.28 -22.02 2.06
C HIS C 416 41.30 -20.68 2.77
N ALA C 417 42.44 -20.03 2.85
CA ALA C 417 42.66 -18.83 3.69
C ALA C 417 44.02 -18.23 3.36
N GLU C 418 44.18 -16.93 3.59
CA GLU C 418 45.40 -16.17 3.24
C GLU C 418 45.76 -16.43 1.78
N ASN C 419 44.75 -16.66 0.93
CA ASN C 419 44.89 -16.87 -0.53
C ASN C 419 45.77 -18.09 -0.81
N GLN C 420 45.68 -19.11 0.04
CA GLN C 420 46.41 -20.39 -0.15
C GLN C 420 45.51 -21.56 0.26
N MET C 421 45.64 -22.66 -0.46
CA MET C 421 45.02 -23.95 -0.08
C MET C 421 45.83 -24.54 1.07
N MET C 422 45.16 -24.80 2.18
CA MET C 422 45.79 -25.25 3.46
C MET C 422 45.33 -26.69 3.76
N ALA C 423 44.86 -26.97 4.98
CA ALA C 423 44.37 -28.32 5.37
C ALA C 423 43.68 -28.96 4.16
N SER C 424 44.12 -30.17 3.77
CA SER C 424 43.94 -30.74 2.41
C SER C 424 43.20 -32.08 2.40
N ASP C 425 42.45 -32.28 1.32
CA ASP C 425 42.08 -33.61 0.77
C ASP C 425 43.24 -33.95 -0.18
N SER C 426 43.65 -35.21 -0.27
CA SER C 426 44.87 -35.62 -1.04
C SER C 426 44.59 -35.54 -2.56
N GLY C 427 43.33 -35.43 -2.96
CA GLY C 427 42.93 -35.34 -4.37
C GLY C 427 42.72 -36.70 -5.02
N TYR C 428 42.35 -36.67 -6.30
CA TYR C 428 41.92 -37.80 -7.17
C TYR C 428 42.97 -38.90 -7.14
N SER C 429 44.16 -38.60 -7.64
CA SER C 429 45.24 -39.56 -7.94
C SER C 429 46.48 -38.78 -8.35
N ARG C 430 47.52 -39.46 -8.81
CA ARG C 430 48.63 -38.80 -9.54
C ARG C 430 48.13 -38.27 -10.89
N ASN C 431 47.42 -39.10 -11.65
CA ASN C 431 47.03 -38.80 -13.04
C ASN C 431 45.63 -39.32 -13.34
N SER C 432 45.29 -40.56 -12.96
CA SER C 432 44.09 -41.24 -13.50
C SER C 432 43.55 -42.31 -12.55
N TYR C 433 42.36 -42.78 -12.89
CA TYR C 433 41.51 -43.74 -12.14
C TYR C 433 42.26 -45.05 -11.91
N GLY C 434 42.96 -45.55 -12.94
CA GLY C 434 43.48 -46.94 -12.98
C GLY C 434 44.77 -47.14 -12.21
N GLU C 435 45.48 -46.08 -11.83
CA GLU C 435 46.80 -46.19 -11.13
C GLU C 435 46.62 -46.90 -9.78
N GLY C 436 47.50 -47.85 -9.46
CA GLY C 436 47.50 -48.57 -8.17
C GLY C 436 47.46 -47.63 -6.97
N ILE C 437 48.22 -46.52 -7.02
CA ILE C 437 48.38 -45.53 -5.93
C ILE C 437 47.02 -44.89 -5.59
N ARG C 438 46.04 -44.88 -6.50
CA ARG C 438 44.69 -44.35 -6.17
C ARG C 438 44.03 -45.24 -5.11
N THR C 439 44.20 -46.56 -5.22
CA THR C 439 43.59 -47.56 -4.28
C THR C 439 44.44 -47.68 -3.01
N SER C 440 45.77 -47.65 -3.14
CA SER C 440 46.70 -47.85 -2.00
C SER C 440 46.78 -46.56 -1.17
N TRP C 441 46.54 -45.39 -1.76
CA TRP C 441 46.72 -44.10 -1.02
C TRP C 441 45.51 -43.16 -1.16
N TYR C 442 45.25 -42.62 -2.35
CA TYR C 442 44.43 -41.39 -2.54
C TYR C 442 43.00 -41.59 -2.02
N LEU C 443 42.35 -42.72 -2.30
CA LEU C 443 40.95 -42.95 -1.86
C LEU C 443 40.89 -43.35 -0.37
N THR C 444 42.01 -43.74 0.26
CA THR C 444 42.01 -44.34 1.63
C THR C 444 41.70 -43.28 2.68
N ALA C 445 41.20 -43.70 3.82
CA ALA C 445 40.86 -42.84 4.97
C ALA C 445 42.09 -42.01 5.34
N GLU C 446 43.26 -42.63 5.37
CA GLU C 446 44.48 -42.00 5.93
C GLU C 446 44.90 -40.79 5.08
N ALA C 447 44.47 -40.71 3.82
CA ALA C 447 44.80 -39.60 2.89
C ALA C 447 43.94 -38.35 3.18
N HIS C 448 43.08 -38.41 4.21
CA HIS C 448 42.06 -37.37 4.54
C HIS C 448 42.18 -36.95 6.00
N ASN C 449 41.56 -35.81 6.33
CA ASN C 449 41.54 -35.23 7.69
C ASN C 449 40.43 -35.93 8.49
N VAL C 450 40.63 -37.20 8.82
CA VAL C 450 39.62 -38.04 9.51
C VAL C 450 40.22 -38.68 10.76
N ILE C 451 39.36 -39.38 11.49
CA ILE C 451 39.75 -40.25 12.64
C ILE C 451 39.29 -41.67 12.29
N THR C 452 40.24 -42.61 12.25
CA THR C 452 39.94 -44.06 12.10
C THR C 452 39.98 -44.73 13.46
N ALA C 453 39.28 -45.86 13.56
CA ALA C 453 39.22 -46.75 14.73
C ALA C 453 39.69 -48.13 14.26
N ASN C 454 40.85 -48.58 14.72
CA ASN C 454 41.52 -49.81 14.21
C ASN C 454 41.56 -49.76 12.67
N GLY C 455 41.89 -48.60 12.11
CA GLY C 455 42.03 -48.39 10.65
C GLY C 455 40.70 -48.26 9.92
N GLU C 456 39.57 -48.54 10.58
CA GLU C 456 38.21 -48.44 9.97
C GLU C 456 37.84 -46.97 9.80
N HIS C 457 37.29 -46.62 8.64
CA HIS C 457 36.89 -45.21 8.34
C HIS C 457 35.52 -44.95 8.94
N PRO C 458 35.23 -43.69 9.31
CA PRO C 458 33.88 -43.30 9.68
C PRO C 458 33.02 -43.48 8.43
N LYS C 459 31.78 -43.95 8.58
CA LYS C 459 30.92 -44.31 7.44
C LYS C 459 29.44 -44.12 7.76
N ASP C 460 28.59 -44.37 6.77
CA ASP C 460 27.11 -44.20 6.81
C ASP C 460 26.54 -45.20 7.81
N VAL C 461 25.49 -44.80 8.53
CA VAL C 461 24.63 -45.69 9.35
C VAL C 461 23.98 -46.71 8.42
N SER C 462 23.53 -46.28 7.24
CA SER C 462 22.92 -47.17 6.21
C SER C 462 23.13 -46.58 4.83
N GLU C 463 23.02 -47.42 3.80
CA GLU C 463 23.31 -47.04 2.40
C GLU C 463 22.45 -45.82 2.03
N ASN C 464 23.08 -44.80 1.46
CA ASN C 464 22.42 -43.61 0.83
C ASN C 464 21.76 -42.72 1.90
N THR C 465 22.04 -42.91 3.19
CA THR C 465 21.52 -42.03 4.27
C THR C 465 22.60 -41.04 4.65
N THR C 466 22.32 -39.75 4.50
CA THR C 466 23.29 -38.69 4.83
C THR C 466 23.64 -38.79 6.31
N PRO C 467 24.95 -38.73 6.68
CA PRO C 467 25.32 -38.51 8.07
C PRO C 467 24.53 -37.35 8.68
N VAL C 468 23.97 -37.58 9.87
CA VAL C 468 23.13 -36.63 10.64
C VAL C 468 24.00 -35.42 11.01
N SER C 469 23.44 -34.22 10.82
CA SER C 469 23.96 -32.91 11.30
C SER C 469 23.12 -32.45 12.49
N ARG C 470 23.70 -31.65 13.39
CA ARG C 470 22.99 -31.04 14.55
C ARG C 470 23.69 -29.74 14.98
N TYR C 471 22.94 -28.88 15.70
CA TYR C 471 23.42 -27.70 16.42
C TYR C 471 23.94 -26.63 15.45
N ASP C 472 23.45 -26.63 14.21
CA ASP C 472 23.79 -25.57 13.20
C ASP C 472 23.59 -24.21 13.87
N MET C 473 24.62 -23.36 13.84
CA MET C 473 24.53 -21.97 14.32
C MET C 473 25.41 -21.10 13.42
N ASP C 474 24.86 -19.96 12.98
CA ASP C 474 25.57 -18.96 12.15
C ASP C 474 25.36 -17.58 12.78
N THR C 475 26.45 -16.89 13.13
CA THR C 475 26.45 -15.53 13.72
C THR C 475 27.61 -14.77 13.07
N ASP C 476 27.80 -13.53 13.47
CA ASP C 476 28.92 -12.63 13.08
C ASP C 476 30.25 -13.10 13.68
N PHE C 477 30.23 -13.88 14.76
CA PHE C 477 31.38 -14.03 15.68
C PHE C 477 31.74 -15.50 15.93
N PHE C 478 30.83 -16.44 15.65
CA PHE C 478 31.03 -17.88 15.92
C PHE C 478 29.98 -18.70 15.16
N ASP C 479 30.44 -19.67 14.36
CA ASP C 479 29.58 -20.63 13.64
C ASP C 479 29.92 -22.03 14.14
N PHE C 480 28.98 -22.96 14.01
CA PHE C 480 29.05 -24.28 14.65
C PHE C 480 28.18 -25.27 13.89
N GLN C 481 28.66 -26.50 13.78
CA GLN C 481 27.85 -27.70 13.42
C GLN C 481 28.60 -28.95 13.89
N GLU C 482 27.85 -30.00 14.22
CA GLU C 482 28.38 -31.35 14.49
C GLU C 482 27.77 -32.31 13.49
N LYS C 483 28.54 -33.34 13.12
CA LYS C 483 28.10 -34.42 12.23
C LYS C 483 28.48 -35.74 12.91
N GLU C 484 27.69 -36.78 12.66
CA GLU C 484 27.83 -38.10 13.31
C GLU C 484 27.97 -39.17 12.22
N ALA C 485 29.01 -39.99 12.36
CA ALA C 485 29.24 -41.19 11.53
C ALA C 485 29.66 -42.37 12.43
N VAL C 486 29.49 -43.59 11.91
CA VAL C 486 29.71 -44.84 12.68
C VAL C 486 30.87 -45.62 12.03
N TYR C 487 31.54 -46.46 12.80
CA TYR C 487 32.68 -47.28 12.31
C TYR C 487 32.16 -48.61 11.77
N ASP C 488 31.04 -49.10 12.30
CA ASP C 488 30.48 -50.43 11.93
C ASP C 488 29.23 -50.22 11.08
N GLY C 489 29.31 -49.39 10.05
CA GLY C 489 28.15 -49.08 9.19
C GLY C 489 28.36 -49.59 7.79
N PHE C 490 27.91 -48.80 6.81
CA PHE C 490 27.79 -49.19 5.39
C PHE C 490 28.88 -48.48 4.61
N THR C 491 29.60 -49.21 3.76
CA THR C 491 30.63 -48.62 2.87
C THR C 491 30.72 -49.43 1.57
N PHE C 492 31.64 -49.03 0.70
CA PHE C 492 32.04 -49.74 -0.54
C PHE C 492 33.56 -49.93 -0.49
N PRO C 493 34.10 -51.10 -0.85
CA PRO C 493 33.30 -52.31 -1.06
C PRO C 493 32.60 -52.73 0.24
N GLU C 494 31.57 -53.56 0.11
CA GLU C 494 30.65 -53.86 1.23
C GLU C 494 31.37 -54.76 2.24
N LYS C 495 31.14 -54.49 3.52
CA LYS C 495 31.74 -55.17 4.69
C LYS C 495 30.63 -55.26 5.73
N ASN C 496 30.27 -56.47 6.17
CA ASN C 496 29.02 -56.73 6.92
C ASN C 496 29.27 -56.84 8.43
N SER C 497 30.49 -57.17 8.84
CA SER C 497 30.79 -57.48 10.27
C SER C 497 32.12 -56.86 10.71
N TYR C 498 32.14 -56.38 11.95
CA TYR C 498 33.22 -55.61 12.60
C TYR C 498 33.47 -56.24 13.98
N ASP C 499 34.67 -56.08 14.54
CA ASP C 499 35.05 -56.65 15.86
C ASP C 499 34.55 -55.73 16.97
N PHE C 500 33.94 -54.60 16.61
CA PHE C 500 33.48 -53.60 17.59
C PHE C 500 32.38 -52.75 16.97
N SER C 501 31.79 -51.91 17.81
CA SER C 501 30.74 -50.93 17.45
C SER C 501 31.18 -49.58 18.00
N GLY C 502 31.19 -48.55 17.16
CA GLY C 502 31.70 -47.23 17.54
C GLY C 502 31.18 -46.12 16.64
N LYS C 503 31.37 -44.89 17.08
CA LYS C 503 30.91 -43.71 16.32
C LYS C 503 31.82 -42.52 16.64
N GLN C 504 31.84 -41.57 15.70
CA GLN C 504 32.51 -40.26 15.85
C GLN C 504 31.44 -39.18 15.76
N ILE C 505 31.47 -38.21 16.68
CA ILE C 505 30.70 -36.95 16.59
C ILE C 505 31.73 -35.84 16.46
N ARG C 506 31.81 -35.24 15.27
CA ARG C 506 32.77 -34.17 14.98
C ARG C 506 32.00 -32.85 14.95
N ALA C 507 32.45 -31.91 15.77
CA ALA C 507 31.95 -30.54 15.82
C ALA C 507 33.06 -29.66 15.26
N ILE C 508 32.69 -28.72 14.39
CA ILE C 508 33.59 -27.65 13.93
C ILE C 508 33.00 -26.30 14.36
N GLY C 509 33.87 -25.42 14.87
CA GLY C 509 33.55 -24.04 15.25
C GLY C 509 34.47 -23.07 14.55
N PHE C 510 33.99 -21.85 14.36
CA PHE C 510 34.63 -20.81 13.53
C PHE C 510 34.83 -19.57 14.40
N PRO C 511 35.67 -19.66 15.46
CA PRO C 511 35.88 -18.54 16.37
C PRO C 511 36.35 -17.25 15.68
N ARG C 512 35.62 -16.17 15.93
CA ARG C 512 35.86 -14.80 15.37
C ARG C 512 35.78 -14.82 13.84
N GLN C 513 35.17 -15.85 13.25
CA GLN C 513 35.23 -16.15 11.79
C GLN C 513 36.69 -16.01 11.30
N ASP C 514 37.68 -16.40 12.11
CA ASP C 514 39.12 -16.12 11.85
C ASP C 514 39.98 -17.40 11.84
N TYR C 515 39.63 -18.41 12.63
CA TYR C 515 40.33 -19.71 12.69
C TYR C 515 39.33 -20.78 13.06
N PHE C 516 39.78 -22.02 13.29
CA PHE C 516 38.88 -23.19 13.40
C PHE C 516 39.25 -24.03 14.63
N VAL C 517 38.21 -24.61 15.23
CA VAL C 517 38.33 -25.63 16.28
C VAL C 517 37.57 -26.86 15.74
N VAL C 518 38.23 -28.02 15.81
CA VAL C 518 37.63 -29.32 15.45
C VAL C 518 37.62 -30.15 16.73
N ALA C 519 36.44 -30.47 17.23
CA ALA C 519 36.22 -31.11 18.54
C ALA C 519 35.49 -32.44 18.31
N ASP C 520 36.18 -33.54 18.62
CA ASP C 520 35.69 -34.92 18.35
C ASP C 520 35.30 -35.57 19.67
N GLN C 521 34.13 -36.22 19.67
CA GLN C 521 33.73 -37.24 20.64
C GLN C 521 33.81 -38.60 19.95
N LEU C 522 34.43 -39.58 20.59
CA LEU C 522 34.58 -40.97 20.07
C LEU C 522 34.00 -41.93 21.11
N PHE C 523 33.09 -42.81 20.68
CA PHE C 523 32.43 -43.85 21.51
C PHE C 523 32.67 -45.21 20.85
N SER C 524 33.07 -46.19 21.65
CA SER C 524 33.25 -47.60 21.21
C SER C 524 32.81 -48.54 22.34
N ASP C 525 32.33 -49.73 21.99
CA ASP C 525 31.97 -50.78 22.98
C ASP C 525 33.23 -51.56 23.40
N LYS C 526 34.39 -51.26 22.81
CA LYS C 526 35.68 -51.97 23.07
C LYS C 526 36.85 -50.99 22.97
N GLU C 527 37.96 -51.34 23.61
CA GLU C 527 39.24 -50.61 23.45
C GLU C 527 39.68 -50.73 21.97
N VAL C 528 39.96 -49.60 21.33
CA VAL C 528 40.44 -49.56 19.92
C VAL C 528 41.55 -48.52 19.83
N GLN C 529 42.28 -48.51 18.71
CA GLN C 529 43.29 -47.47 18.41
C GLN C 529 42.62 -46.40 17.52
N TYR C 530 42.57 -45.18 18.01
CA TYR C 530 42.09 -43.99 17.27
C TYR C 530 43.29 -43.29 16.64
N ASP C 531 43.27 -43.13 15.32
CA ASP C 531 44.29 -42.36 14.55
C ASP C 531 43.60 -41.15 13.93
N LEU C 532 44.04 -39.97 14.36
CA LEU C 532 43.62 -38.66 13.80
C LEU C 532 44.71 -38.26 12.82
N TYR C 533 44.31 -37.94 11.59
CA TYR C 533 45.23 -37.43 10.54
C TYR C 533 44.90 -35.96 10.27
N LEU C 534 45.92 -35.11 10.28
CA LEU C 534 45.85 -33.70 9.84
C LEU C 534 46.86 -33.50 8.71
N HIS C 535 46.36 -33.29 7.49
CA HIS C 535 47.15 -32.97 6.28
C HIS C 535 47.15 -31.46 6.07
N GLY C 536 48.32 -30.86 5.87
CA GLY C 536 48.47 -29.41 5.71
C GLY C 536 48.63 -29.00 4.25
N GLY C 537 48.12 -29.79 3.31
CA GLY C 537 48.32 -29.53 1.87
C GLY C 537 49.79 -29.44 1.49
N ARG C 538 50.10 -28.63 0.48
CA ARG C 538 51.43 -28.55 -0.17
C ARG C 538 52.32 -27.60 0.62
N GLY C 539 52.53 -27.85 1.92
CA GLY C 539 53.41 -27.01 2.76
C GLY C 539 54.54 -27.81 3.41
N GLU C 540 55.65 -27.14 3.74
CA GLU C 540 56.76 -27.66 4.56
C GLU C 540 56.27 -27.79 6.00
N MET C 541 56.24 -29.02 6.54
CA MET C 541 55.79 -29.29 7.92
C MET C 541 56.99 -29.16 8.88
N SER C 542 56.82 -28.39 9.95
CA SER C 542 57.77 -28.24 11.07
C SER C 542 56.97 -28.36 12.37
N GLY C 543 57.64 -28.42 13.51
CA GLY C 543 57.02 -28.45 14.85
C GLY C 543 57.24 -29.78 15.57
N GLU C 544 57.19 -29.75 16.90
CA GLU C 544 57.34 -30.93 17.78
C GLU C 544 56.17 -30.99 18.78
N GLY C 545 56.07 -32.10 19.50
CA GLY C 545 54.97 -32.36 20.46
C GLY C 545 53.62 -32.33 19.76
N ASN C 546 52.67 -31.55 20.31
CA ASN C 546 51.27 -31.48 19.82
C ASN C 546 51.09 -30.32 18.83
N TYR C 547 52.18 -29.69 18.38
CA TYR C 547 52.18 -28.48 17.50
C TYR C 547 52.79 -28.81 16.13
N ARG C 548 52.11 -28.44 15.06
CA ARG C 548 52.66 -28.52 13.67
C ARG C 548 52.39 -27.20 12.95
N LEU C 549 53.38 -26.76 12.19
CA LEU C 549 53.29 -25.60 11.25
C LEU C 549 53.54 -26.09 9.82
N TRP C 550 52.64 -25.77 8.91
CA TRP C 550 52.84 -25.94 7.45
C TRP C 550 53.09 -24.56 6.82
N THR C 551 54.25 -24.39 6.19
CA THR C 551 54.66 -23.13 5.50
C THR C 551 54.52 -23.33 3.99
N TYR C 552 53.72 -22.48 3.34
CA TYR C 552 53.46 -22.49 1.88
C TYR C 552 54.34 -21.43 1.22
N GLU C 553 54.59 -21.60 -0.07
CA GLU C 553 55.29 -20.57 -0.90
C GLU C 553 54.34 -20.13 -2.01
N ASP C 554 54.70 -19.06 -2.73
CA ASP C 554 54.02 -18.64 -3.98
C ASP C 554 54.05 -19.83 -4.94
N ASP C 555 52.90 -20.42 -5.27
CA ASP C 555 52.86 -21.60 -6.18
C ASP C 555 51.65 -21.44 -7.11
N ARG C 556 51.29 -22.50 -7.84
CA ARG C 556 50.22 -22.45 -8.85
C ARG C 556 48.85 -22.31 -8.19
N TYR C 557 48.76 -22.44 -6.86
CA TYR C 557 47.47 -22.59 -6.14
C TYR C 557 47.27 -21.41 -5.18
N GLY C 558 48.27 -20.56 -4.93
CA GLY C 558 48.16 -19.55 -3.86
C GLY C 558 49.46 -18.86 -3.53
N GLN C 559 49.43 -18.06 -2.47
CA GLN C 559 50.53 -17.18 -2.04
C GLN C 559 51.26 -17.82 -0.85
N GLU C 560 52.48 -17.35 -0.59
CA GLU C 560 53.21 -17.54 0.68
C GLU C 560 52.23 -17.34 1.84
N ALA C 561 52.22 -18.25 2.80
CA ALA C 561 51.35 -18.23 3.98
C ALA C 561 51.76 -19.40 4.89
N LYS C 562 51.05 -19.62 5.98
CA LYS C 562 51.30 -20.79 6.84
C LYS C 562 50.02 -21.14 7.61
N MET C 563 49.95 -22.39 8.09
CA MET C 563 48.83 -22.91 8.90
C MET C 563 49.44 -23.54 10.17
N ALA C 564 49.07 -23.00 11.33
CA ALA C 564 49.51 -23.50 12.66
C ALA C 564 48.41 -24.39 13.21
N ALA C 565 48.76 -25.55 13.76
CA ALA C 565 47.79 -26.48 14.38
C ALA C 565 48.33 -27.00 15.71
N TRP C 566 47.44 -27.15 16.69
CA TRP C 566 47.67 -27.79 17.99
C TRP C 566 46.64 -28.91 18.17
N VAL C 567 47.05 -30.01 18.78
CA VAL C 567 46.13 -31.15 19.07
C VAL C 567 46.12 -31.38 20.57
N PHE C 568 44.91 -31.52 21.13
CA PHE C 568 44.61 -31.92 22.52
C PHE C 568 43.89 -33.27 22.48
N PRO C 569 44.02 -34.17 23.48
CA PRO C 569 44.91 -34.00 24.63
C PRO C 569 46.35 -34.49 24.50
N SER C 570 47.29 -33.55 24.61
CA SER C 570 48.77 -33.68 24.67
C SER C 570 49.19 -34.94 25.44
N LYS C 571 48.67 -35.09 26.65
CA LYS C 571 49.16 -36.03 27.67
C LYS C 571 48.60 -37.44 27.45
N GLU C 572 47.55 -37.61 26.65
CA GLU C 572 46.89 -38.93 26.43
C GLU C 572 47.15 -39.45 24.99
N SER C 573 47.89 -38.71 24.17
CA SER C 573 48.09 -38.98 22.72
C SER C 573 49.57 -39.01 22.41
N ILE C 574 49.93 -39.70 21.33
CA ILE C 574 51.31 -39.60 20.75
C ILE C 574 51.17 -38.97 19.37
N PHE C 575 52.23 -38.32 18.92
CA PHE C 575 52.26 -37.52 17.68
C PHE C 575 53.30 -38.12 16.74
N ILE C 576 52.87 -38.60 15.57
CA ILE C 576 53.74 -39.29 14.58
C ILE C 576 53.75 -38.45 13.29
N ASP C 577 54.94 -38.07 12.85
CA ASP C 577 55.17 -37.41 11.54
C ASP C 577 55.13 -38.46 10.45
N LYS C 578 54.36 -38.23 9.40
CA LYS C 578 54.30 -39.11 8.22
C LYS C 578 54.43 -38.24 6.98
N GLU C 579 54.48 -38.86 5.80
CA GLU C 579 54.63 -38.19 4.49
C GLU C 579 53.63 -38.81 3.53
N GLY C 580 52.93 -37.98 2.76
CA GLY C 580 51.87 -38.46 1.85
C GLY C 580 51.70 -37.54 0.65
N GLU C 581 51.17 -38.08 -0.44
CA GLU C 581 51.00 -37.31 -1.70
C GLU C 581 49.77 -36.42 -1.55
N VAL C 582 49.90 -35.15 -1.95
CA VAL C 582 48.78 -34.20 -2.12
C VAL C 582 48.76 -33.76 -3.58
N ASN C 583 47.62 -33.87 -4.24
CA ASN C 583 47.53 -33.50 -5.68
C ASN C 583 46.23 -32.76 -5.95
N TYR C 584 46.33 -31.56 -6.55
CA TYR C 584 45.18 -30.69 -6.88
C TYR C 584 44.82 -30.81 -8.37
N GLU C 585 45.71 -31.32 -9.23
CA GLU C 585 45.48 -31.44 -10.70
C GLU C 585 46.36 -32.57 -11.26
N ALA C 586 45.92 -33.22 -12.35
CA ALA C 586 46.62 -34.32 -13.04
C ALA C 586 48.10 -33.97 -13.22
N GLY C 587 49.01 -34.86 -12.79
CA GLY C 587 50.45 -34.77 -13.06
C GLY C 587 51.23 -33.91 -12.05
N ALA C 588 50.58 -33.26 -11.08
CA ALA C 588 51.24 -32.26 -10.19
C ALA C 588 51.44 -32.81 -8.76
N PHE C 589 51.46 -34.13 -8.59
CA PHE C 589 51.56 -34.81 -7.27
C PHE C 589 52.96 -34.56 -6.69
N ASN C 590 53.00 -34.36 -5.38
CA ASN C 590 54.24 -34.26 -4.56
C ASN C 590 53.89 -34.75 -3.16
N SER C 591 54.92 -35.02 -2.36
CA SER C 591 54.82 -35.59 -0.98
C SER C 591 55.01 -34.47 0.05
N TYR C 592 54.18 -34.45 1.07
CA TYR C 592 54.28 -33.45 2.17
C TYR C 592 54.05 -34.14 3.50
N GLY C 593 54.63 -33.56 4.56
CA GLY C 593 54.42 -34.00 5.94
C GLY C 593 52.95 -33.93 6.32
N TYR C 594 52.43 -34.96 6.98
CA TYR C 594 51.15 -34.87 7.71
C TYR C 594 51.35 -35.44 9.13
N LEU C 595 50.41 -35.09 10.01
CA LEU C 595 50.45 -35.47 11.45
C LEU C 595 49.50 -36.65 11.67
N ASN C 596 49.96 -37.65 12.42
CA ASN C 596 49.14 -38.78 12.93
C ASN C 596 49.17 -38.67 14.46
N ALA C 597 48.06 -38.22 15.06
CA ALA C 597 47.86 -38.24 16.53
C ALA C 597 47.13 -39.54 16.88
N ARG C 598 47.54 -40.21 17.95
CA ARG C 598 47.03 -41.56 18.27
C ARG C 598 46.69 -41.67 19.76
N GLN C 599 45.56 -42.32 20.03
CA GLN C 599 45.15 -42.75 21.38
C GLN C 599 44.73 -44.21 21.29
N ILE C 600 44.86 -44.93 22.38
CA ILE C 600 44.19 -46.25 22.60
C ILE C 600 43.20 -46.00 23.74
N ALA C 601 41.93 -46.28 23.49
CA ALA C 601 40.82 -45.79 24.32
C ALA C 601 39.53 -46.48 23.91
N LYS C 602 38.50 -46.33 24.74
CA LYS C 602 37.13 -46.80 24.44
C LYS C 602 36.32 -45.58 24.01
N ASP C 603 35.85 -44.80 24.96
CA ASP C 603 35.21 -43.46 24.77
C ASP C 603 36.30 -42.41 25.03
N THR C 604 36.50 -41.44 24.14
CA THR C 604 37.55 -40.40 24.32
C THR C 604 37.22 -39.19 23.42
N MET C 605 38.13 -38.23 23.38
CA MET C 605 37.97 -36.97 22.64
C MET C 605 39.32 -36.56 22.04
N PHE C 606 39.28 -35.84 20.94
CA PHE C 606 40.39 -35.01 20.43
C PHE C 606 39.86 -33.60 20.20
N MET C 607 40.76 -32.63 20.20
CA MET C 607 40.47 -31.26 19.75
C MET C 607 41.65 -30.79 18.89
N GLN C 608 41.38 -30.15 17.76
CA GLN C 608 42.38 -29.43 16.95
C GLN C 608 42.05 -27.94 16.97
N ILE C 609 43.06 -27.13 17.21
CA ILE C 609 43.05 -25.67 16.96
C ILE C 609 43.85 -25.43 15.67
N ILE C 610 43.23 -24.91 14.62
CA ILE C 610 43.85 -24.75 13.28
C ILE C 610 43.71 -23.28 12.84
N VAL C 611 44.84 -22.58 12.69
CA VAL C 611 44.93 -21.10 12.53
C VAL C 611 45.62 -20.76 11.21
N PRO C 612 44.90 -20.28 10.18
CA PRO C 612 45.55 -19.69 9.02
C PRO C 612 46.31 -18.43 9.44
N LEU C 613 47.51 -18.22 8.88
CA LEU C 613 48.38 -17.07 9.21
C LEU C 613 49.06 -16.56 7.93
N SER C 614 49.25 -15.25 7.81
CA SER C 614 50.09 -14.62 6.76
C SER C 614 51.54 -15.02 7.01
N LYS C 615 52.34 -14.92 5.95
CA LYS C 615 53.80 -15.22 5.91
C LYS C 615 54.47 -14.88 7.26
N TYR C 616 54.39 -13.63 7.72
CA TYR C 616 55.23 -13.12 8.83
C TYR C 616 54.39 -12.89 10.09
N ALA C 617 53.19 -13.46 10.18
CA ALA C 617 52.32 -13.32 11.36
C ALA C 617 52.97 -14.00 12.57
N ASP C 618 52.76 -13.44 13.77
CA ASP C 618 53.08 -14.10 15.06
C ASP C 618 52.33 -15.41 15.13
N ILE C 619 52.93 -16.44 15.74
CA ILE C 619 52.25 -17.72 16.08
C ILE C 619 51.45 -17.46 17.35
N PRO C 620 50.13 -17.75 17.39
CA PRO C 620 49.37 -17.61 18.63
C PRO C 620 49.97 -18.41 19.81
N GLU C 621 49.75 -17.96 21.05
CA GLU C 621 50.08 -18.71 22.29
C GLU C 621 48.89 -19.62 22.61
N VAL C 622 49.11 -20.92 22.54
CA VAL C 622 48.05 -21.97 22.73
C VAL C 622 48.52 -22.88 23.87
N VAL C 623 47.67 -23.07 24.88
CA VAL C 623 47.98 -23.90 26.07
C VAL C 623 46.92 -25.00 26.17
N ASP C 624 47.36 -26.26 26.24
CA ASP C 624 46.49 -27.45 26.46
C ASP C 624 46.13 -27.47 27.94
N LEU C 625 44.86 -27.44 28.29
CA LEU C 625 44.41 -27.51 29.71
C LEU C 625 43.59 -28.79 29.89
N SER C 626 43.68 -29.75 28.95
CA SER C 626 43.00 -31.06 29.05
C SER C 626 43.35 -31.77 30.37
N THR C 627 42.37 -32.42 30.99
CA THR C 627 42.51 -33.26 32.20
C THR C 627 41.70 -34.52 31.97
N ASP C 628 41.41 -35.25 33.05
CA ASP C 628 40.66 -36.53 33.09
C ASP C 628 39.48 -36.52 32.09
N ASP C 629 38.44 -35.73 32.35
CA ASP C 629 37.10 -35.86 31.70
C ASP C 629 36.86 -34.73 30.68
N VAL C 630 37.84 -33.82 30.58
CA VAL C 630 37.70 -32.50 29.90
C VAL C 630 38.89 -32.31 28.96
N VAL C 631 38.59 -31.99 27.69
CA VAL C 631 39.62 -31.67 26.68
C VAL C 631 39.41 -30.24 26.21
N GLY C 632 40.49 -29.47 26.11
CA GLY C 632 40.46 -28.12 25.55
C GLY C 632 41.66 -27.32 25.98
N GLY C 633 41.62 -26.01 25.77
CA GLY C 633 42.74 -25.10 26.05
C GLY C 633 42.41 -23.66 25.72
N THR C 634 43.43 -22.81 25.75
CA THR C 634 43.32 -21.35 25.49
C THR C 634 44.17 -20.98 24.28
N VAL C 635 43.72 -19.96 23.57
CA VAL C 635 44.40 -19.38 22.39
C VAL C 635 44.46 -17.88 22.60
N VAL C 636 45.66 -17.31 22.66
CA VAL C 636 45.88 -15.84 22.72
C VAL C 636 46.37 -15.43 21.33
N LYS C 637 45.51 -14.72 20.59
CA LYS C 637 45.74 -14.26 19.20
C LYS C 637 45.24 -12.82 19.09
N ASP C 638 46.05 -11.92 18.54
CA ASP C 638 45.69 -10.49 18.33
C ASP C 638 45.17 -9.90 19.63
N ASN C 639 45.81 -10.21 20.75
CA ASN C 639 45.60 -9.60 22.10
C ASN C 639 44.26 -10.01 22.70
N GLU C 640 43.65 -11.11 22.24
CA GLU C 640 42.38 -11.63 22.82
C GLU C 640 42.57 -13.10 23.17
N LYS C 641 42.01 -13.54 24.29
CA LYS C 641 42.10 -14.93 24.78
C LYS C 641 40.75 -15.64 24.56
N ASP C 642 40.80 -16.72 23.77
CA ASP C 642 39.66 -17.64 23.54
C ASP C 642 39.90 -18.89 24.39
N THR C 643 38.83 -19.54 24.81
CA THR C 643 38.87 -20.81 25.56
C THR C 643 37.93 -21.81 24.89
N PHE C 644 38.38 -23.06 24.77
CA PHE C 644 37.59 -24.17 24.20
C PHE C 644 37.57 -25.30 25.20
N MET C 645 36.40 -25.90 25.41
CA MET C 645 36.21 -27.02 26.36
C MET C 645 35.26 -28.02 25.71
N GLN C 646 35.54 -29.30 25.87
CA GLN C 646 34.68 -30.41 25.40
C GLN C 646 34.69 -31.48 26.48
N GLN C 647 33.55 -32.15 26.64
CA GLN C 647 33.44 -33.37 27.49
C GLN C 647 32.41 -34.28 26.83
N LEU C 648 32.31 -35.52 27.34
CA LEU C 648 31.46 -36.58 26.76
C LEU C 648 30.08 -36.58 27.41
N ASN C 649 29.95 -35.94 28.58
CA ASN C 649 28.73 -35.94 29.43
C ASN C 649 28.36 -34.51 29.85
N ASN C 650 27.11 -34.35 30.27
CA ASN C 650 26.61 -33.11 30.93
C ASN C 650 26.95 -33.21 32.42
N ALA C 651 28.19 -32.90 32.77
CA ALA C 651 28.68 -32.86 34.16
C ALA C 651 29.36 -31.51 34.36
N GLU C 652 29.17 -30.89 35.53
CA GLU C 652 29.81 -29.60 35.84
C GLU C 652 31.33 -29.84 35.88
N ASN C 653 32.06 -29.16 35.00
CA ASN C 653 33.54 -29.18 34.94
C ASN C 653 34.05 -27.79 34.62
N SER C 654 35.33 -27.58 34.87
CA SER C 654 36.03 -26.30 34.63
C SER C 654 37.19 -26.53 33.66
N LEU C 655 37.53 -25.52 32.87
CA LEU C 655 38.78 -25.49 32.08
C LEU C 655 39.11 -24.03 31.85
N GLY C 656 40.33 -23.61 32.21
CA GLY C 656 40.70 -22.19 32.34
C GLY C 656 39.61 -21.43 33.06
N ASP C 657 39.11 -20.34 32.48
CA ASP C 657 38.13 -19.44 33.14
C ASP C 657 36.69 -19.98 33.00
N ILE C 658 36.47 -21.07 32.27
CA ILE C 658 35.11 -21.61 32.01
C ILE C 658 34.72 -22.62 33.09
N THR C 659 33.48 -22.55 33.57
CA THR C 659 32.81 -23.66 34.28
C THR C 659 31.45 -23.86 33.62
N THR C 660 31.09 -25.11 33.32
CA THR C 660 29.86 -25.45 32.55
C THR C 660 29.60 -26.94 32.67
N ASP C 661 28.34 -27.35 32.50
CA ASP C 661 27.93 -28.75 32.26
C ASP C 661 27.75 -29.04 30.76
N ALA C 662 28.12 -28.08 29.89
CA ALA C 662 27.97 -28.19 28.41
C ALA C 662 28.98 -29.19 27.85
N THR C 663 28.62 -29.95 26.81
CA THR C 663 29.54 -30.93 26.14
C THR C 663 30.51 -30.20 25.21
N PHE C 664 30.26 -28.93 24.89
CA PHE C 664 31.22 -28.02 24.21
C PHE C 664 30.99 -26.59 24.69
N ALA C 665 32.04 -25.80 24.85
CA ALA C 665 31.93 -24.38 25.22
C ALA C 665 33.06 -23.62 24.57
N TYR C 666 32.76 -22.40 24.11
CA TYR C 666 33.69 -21.43 23.51
C TYR C 666 33.49 -20.10 24.23
N THR C 667 34.58 -19.41 24.56
CA THR C 667 34.55 -18.01 25.08
C THR C 667 35.61 -17.19 24.37
N ASN C 668 35.30 -15.93 24.09
CA ASN C 668 36.23 -14.90 23.58
C ASN C 668 36.22 -13.73 24.57
N GLU C 669 37.41 -13.24 24.94
CA GLU C 669 37.64 -11.99 25.70
C GLU C 669 38.16 -10.90 24.78
N ASN C 670 38.12 -9.64 25.22
CA ASN C 670 38.81 -8.50 24.57
C ASN C 670 40.15 -8.27 25.27
N SER C 671 40.95 -7.34 24.73
CA SER C 671 42.16 -6.70 25.32
C SER C 671 42.07 -6.59 26.85
N ASN C 672 40.88 -6.31 27.39
CA ASN C 672 40.66 -5.93 28.81
C ASN C 672 40.20 -7.12 29.67
N ASN C 673 40.30 -8.33 29.14
CA ASN C 673 40.01 -9.60 29.87
C ASN C 673 38.53 -9.67 30.26
N GLU C 674 37.67 -9.01 29.48
CA GLU C 674 36.19 -9.04 29.65
C GLU C 674 35.63 -10.08 28.67
N LEU C 675 34.76 -10.98 29.14
CA LEU C 675 33.99 -11.89 28.26
C LEU C 675 33.23 -11.03 27.24
N GLN C 676 33.33 -11.36 25.95
CA GLN C 676 32.69 -10.60 24.84
C GLN C 676 31.73 -11.49 24.05
N HIS C 677 32.10 -12.76 23.84
CA HIS C 677 31.30 -13.75 23.08
C HIS C 677 31.41 -15.11 23.75
N PHE C 678 30.37 -15.91 23.67
CA PHE C 678 30.41 -17.32 24.12
C PHE C 678 29.43 -18.16 23.29
N SER C 679 29.61 -19.48 23.31
CA SER C 679 28.67 -20.48 22.76
C SER C 679 28.75 -21.76 23.58
N VAL C 680 27.66 -22.51 23.67
CA VAL C 680 27.63 -23.82 24.38
C VAL C 680 26.82 -24.81 23.56
N ARG C 681 27.22 -26.08 23.63
CA ARG C 681 26.44 -27.24 23.16
C ARG C 681 25.80 -27.91 24.37
N GLN C 682 24.47 -27.89 24.45
CA GLN C 682 23.65 -28.65 25.43
C GLN C 682 24.11 -28.32 26.87
N GLY C 683 24.25 -27.04 27.20
CA GLY C 683 24.53 -26.56 28.57
C GLY C 683 23.26 -26.18 29.31
N THR C 684 23.29 -26.27 30.64
CA THR C 684 22.26 -25.66 31.53
C THR C 684 22.89 -24.55 32.37
N SER C 685 24.18 -24.27 32.19
CA SER C 685 24.91 -23.22 32.97
C SER C 685 26.28 -22.94 32.37
N LEU C 686 26.72 -21.70 32.45
CA LEU C 686 28.11 -21.29 32.14
C LEU C 686 28.51 -20.18 33.10
N ASP C 687 29.67 -20.34 33.74
CA ASP C 687 30.36 -19.28 34.53
C ASP C 687 31.65 -18.94 33.80
N TYR C 688 32.14 -17.70 33.95
CA TYR C 688 33.43 -17.22 33.39
C TYR C 688 34.13 -16.44 34.50
N LYS C 689 35.31 -16.90 34.92
CA LYS C 689 36.03 -16.39 36.12
C LYS C 689 35.11 -16.42 37.35
N GLY C 690 34.30 -17.47 37.52
CA GLY C 690 33.45 -17.67 38.72
C GLY C 690 32.13 -16.91 38.67
N GLU C 691 31.90 -16.03 37.68
CA GLU C 691 30.64 -15.24 37.50
C GLU C 691 29.69 -15.98 36.54
N ASN C 692 28.46 -16.28 37.00
CA ASN C 692 27.45 -16.95 36.15
C ASN C 692 27.01 -16.00 35.02
N ILE C 693 26.99 -16.52 33.78
CA ILE C 693 26.61 -15.78 32.55
C ILE C 693 25.18 -16.15 32.16
N PHE C 694 24.80 -17.43 32.30
CA PHE C 694 23.44 -17.92 32.01
C PHE C 694 23.18 -19.21 32.78
N VAL C 695 21.90 -19.50 33.00
CA VAL C 695 21.40 -20.84 33.46
C VAL C 695 20.13 -21.14 32.66
N SER C 696 19.80 -22.41 32.50
CA SER C 696 18.55 -22.87 31.84
C SER C 696 18.00 -24.06 32.62
N ASN C 697 16.71 -24.35 32.48
CA ASN C 697 16.06 -25.48 33.19
C ASN C 697 16.26 -26.77 32.40
N LYS C 698 16.72 -26.68 31.16
CA LYS C 698 17.00 -27.84 30.27
C LYS C 698 18.18 -27.51 29.38
N PRO C 699 18.87 -28.52 28.82
CA PRO C 699 20.04 -28.28 27.97
C PRO C 699 19.64 -27.46 26.76
N ILE C 700 20.47 -26.47 26.43
CA ILE C 700 20.27 -25.55 25.29
C ILE C 700 21.62 -25.36 24.58
N THR C 701 21.56 -25.23 23.25
CA THR C 701 22.71 -24.90 22.39
C THR C 701 22.49 -23.52 21.79
N PHE C 702 23.40 -22.58 22.03
CA PHE C 702 23.26 -21.19 21.52
C PHE C 702 24.62 -20.51 21.53
N ALA C 703 24.65 -19.31 20.96
CA ALA C 703 25.84 -18.44 20.85
C ALA C 703 25.36 -17.01 21.10
N LEU C 704 26.10 -16.24 21.90
CA LEU C 704 25.68 -14.88 22.28
C LEU C 704 26.87 -13.92 22.24
N ASP C 705 26.64 -12.76 21.66
CA ASP C 705 27.54 -11.59 21.65
C ASP C 705 27.05 -10.66 22.76
N ILE C 706 27.89 -10.40 23.77
CA ILE C 706 27.56 -9.56 24.95
C ILE C 706 28.49 -8.35 24.94
N SER C 707 29.09 -8.02 23.80
CA SER C 707 30.01 -6.86 23.60
C SER C 707 29.22 -5.54 23.66
N ASP C 708 27.95 -5.54 23.26
CA ASP C 708 27.09 -4.32 23.28
C ASP C 708 26.15 -4.37 24.50
N GLU C 709 26.37 -3.51 25.48
CA GLU C 709 25.60 -3.51 26.76
C GLU C 709 24.18 -2.97 26.57
N THR C 710 23.84 -2.45 25.37
CA THR C 710 22.46 -2.02 25.00
C THR C 710 21.73 -3.15 24.27
N GLN C 711 22.44 -4.18 23.82
CA GLN C 711 21.81 -5.27 23.03
C GLN C 711 22.74 -6.48 22.95
N TYR C 712 22.38 -7.56 23.64
CA TYR C 712 22.98 -8.90 23.46
C TYR C 712 22.33 -9.51 22.23
N LYS C 713 23.12 -10.15 21.36
CA LYS C 713 22.61 -10.69 20.07
C LYS C 713 23.30 -12.03 19.81
N GLY C 714 22.54 -12.97 19.29
CA GLY C 714 23.10 -14.24 18.82
C GLY C 714 22.03 -15.14 18.25
N THR C 715 22.20 -16.44 18.41
CA THR C 715 21.30 -17.41 17.78
C THR C 715 21.19 -18.62 18.70
N ILE C 716 20.04 -19.27 18.63
CA ILE C 716 19.71 -20.47 19.42
C ILE C 716 19.50 -21.58 18.39
N ALA C 717 20.24 -22.68 18.52
CA ALA C 717 20.08 -23.86 17.64
C ALA C 717 18.68 -24.45 17.85
N ALA C 718 18.22 -25.27 16.90
CA ALA C 718 16.86 -25.84 16.85
C ALA C 718 16.52 -26.47 18.20
N LEU C 719 15.28 -26.34 18.67
CA LEU C 719 14.83 -26.79 20.01
C LEU C 719 13.78 -27.90 19.86
N ASN C 720 13.97 -29.02 20.58
CA ASN C 720 13.03 -30.18 20.62
C ASN C 720 11.83 -29.85 21.50
N GLU C 721 12.05 -29.07 22.57
CA GLU C 721 11.02 -28.70 23.59
C GLU C 721 11.25 -27.27 24.09
N THR C 722 10.33 -26.76 24.90
CA THR C 722 10.42 -25.40 25.50
C THR C 722 11.46 -25.40 26.61
N VAL C 723 12.36 -24.41 26.58
CA VAL C 723 13.43 -24.21 27.58
C VAL C 723 13.22 -22.86 28.25
N GLU C 724 13.32 -22.81 29.57
CA GLU C 724 13.44 -21.53 30.30
C GLU C 724 14.93 -21.15 30.37
N LEU C 725 15.29 -20.08 29.69
CA LEU C 725 16.67 -19.55 29.61
C LEU C 725 16.73 -18.27 30.46
N ARG C 726 17.84 -18.09 31.18
CA ARG C 726 18.06 -16.94 32.10
C ARG C 726 19.46 -16.39 31.79
N VAL C 727 19.53 -15.18 31.25
CA VAL C 727 20.79 -14.53 30.83
C VAL C 727 21.02 -13.33 31.75
N LYS C 728 22.23 -13.20 32.28
CA LYS C 728 22.60 -12.12 33.23
C LYS C 728 22.67 -10.81 32.46
N ASN C 729 21.97 -9.78 32.95
CA ASN C 729 21.97 -8.41 32.37
C ASN C 729 23.29 -7.74 32.71
N PRO C 730 23.75 -6.75 31.91
CA PRO C 730 24.76 -5.81 32.39
C PRO C 730 24.24 -5.26 33.73
N VAL C 731 25.12 -5.06 34.70
CA VAL C 731 24.70 -4.73 36.10
C VAL C 731 23.92 -3.41 36.05
N GLY C 732 22.75 -3.38 36.69
CA GLY C 732 21.91 -2.17 36.90
C GLY C 732 21.14 -1.76 35.65
N VAL C 733 21.04 -2.64 34.66
CA VAL C 733 20.46 -2.30 33.33
C VAL C 733 19.14 -3.07 33.17
N PRO C 734 18.01 -2.39 32.85
CA PRO C 734 16.75 -3.08 32.63
C PRO C 734 16.72 -3.73 31.22
N THR C 735 15.83 -4.70 31.06
CA THR C 735 15.47 -5.29 29.75
C THR C 735 14.23 -4.58 29.18
N GLU C 736 14.26 -4.19 27.90
CA GLU C 736 13.14 -3.47 27.23
C GLU C 736 12.35 -4.42 26.32
N SER C 737 13.02 -5.36 25.66
CA SER C 737 12.32 -6.41 24.87
C SER C 737 13.28 -7.56 24.55
N VAL C 738 12.69 -8.68 24.18
CA VAL C 738 13.41 -9.87 23.67
C VAL C 738 12.73 -10.28 22.37
N VAL C 739 13.51 -10.28 21.28
CA VAL C 739 13.03 -10.63 19.92
C VAL C 739 13.75 -11.90 19.48
N VAL C 740 12.97 -12.92 19.12
CA VAL C 740 13.43 -14.24 18.59
C VAL C 740 12.68 -14.44 17.28
N ASN C 741 13.39 -14.50 16.13
CA ASN C 741 12.75 -14.65 14.79
C ASN C 741 11.82 -13.47 14.51
N GLY C 742 12.26 -12.24 14.81
CA GLY C 742 11.56 -11.00 14.44
C GLY C 742 10.31 -10.73 15.26
N GLU C 743 10.03 -11.56 16.29
CA GLU C 743 8.82 -11.39 17.14
C GLU C 743 9.22 -11.23 18.60
N ASN C 744 8.59 -10.28 19.28
CA ASN C 744 8.62 -10.17 20.76
C ASN C 744 8.30 -11.54 21.36
N ILE C 745 9.06 -11.96 22.36
CA ILE C 745 8.63 -13.09 23.24
C ILE C 745 8.46 -12.51 24.66
N GLU C 746 7.65 -13.17 25.47
CA GLU C 746 7.45 -12.76 26.87
C GLU C 746 8.78 -12.86 27.62
N PHE C 747 9.09 -11.85 28.43
CA PHE C 747 10.27 -11.85 29.34
C PHE C 747 9.88 -11.31 30.72
N SER C 748 10.61 -11.75 31.73
CA SER C 748 10.69 -11.09 33.06
C SER C 748 12.16 -10.85 33.39
N VAL C 749 12.43 -10.01 34.39
CA VAL C 749 13.78 -9.77 34.96
C VAL C 749 13.73 -10.16 36.44
N GLU C 750 14.59 -11.09 36.86
CA GLU C 750 14.66 -11.62 38.24
C GLU C 750 16.13 -11.70 38.64
N ASP C 751 16.48 -11.06 39.77
CA ASP C 751 17.85 -10.99 40.32
C ASP C 751 18.86 -10.61 39.21
N GLY C 752 18.53 -9.62 38.39
CA GLY C 752 19.43 -9.07 37.34
C GLY C 752 19.65 -10.02 36.16
N TYR C 753 18.72 -10.94 35.91
CA TYR C 753 18.71 -11.86 34.74
C TYR C 753 17.42 -11.64 33.93
N THR C 754 17.53 -11.62 32.61
CA THR C 754 16.40 -11.76 31.66
C THR C 754 15.98 -13.23 31.63
N VAL C 755 14.70 -13.50 31.91
CA VAL C 755 14.09 -14.86 31.94
C VAL C 755 13.08 -14.95 30.80
N ILE C 756 13.28 -15.93 29.92
CA ILE C 756 12.43 -16.20 28.72
C ILE C 756 12.17 -17.69 28.59
N GLN C 757 10.96 -18.07 28.20
CA GLN C 757 10.59 -19.40 27.66
C GLN C 757 10.86 -19.38 26.16
N VAL C 758 11.73 -20.24 25.63
CA VAL C 758 12.01 -20.34 24.18
C VAL C 758 11.59 -21.72 23.69
N ALA C 759 10.65 -21.77 22.75
CA ALA C 759 10.05 -23.03 22.23
C ALA C 759 10.61 -23.32 20.83
N GLU C 760 11.35 -22.39 20.25
CA GLU C 760 11.95 -22.60 18.91
C GLU C 760 13.20 -21.74 18.80
N GLY C 761 14.19 -22.26 18.09
CA GLY C 761 15.48 -21.58 17.91
C GLY C 761 15.38 -20.51 16.84
N GLY C 762 16.49 -19.83 16.63
CA GLY C 762 16.58 -18.71 15.71
C GLY C 762 17.41 -17.62 16.32
N ASP C 763 17.48 -16.49 15.63
CA ASP C 763 18.27 -15.30 16.06
C ASP C 763 17.52 -14.66 17.23
N ILE C 764 18.29 -14.14 18.19
CA ILE C 764 17.76 -13.52 19.44
C ILE C 764 18.46 -12.19 19.63
N ASN C 765 17.66 -11.18 19.97
CA ASN C 765 18.11 -9.87 20.50
C ASN C 765 17.51 -9.72 21.90
N ILE C 766 18.35 -9.46 22.89
CA ILE C 766 17.92 -8.95 24.23
C ILE C 766 18.24 -7.45 24.23
N ASN C 767 17.20 -6.62 24.13
CA ASN C 767 17.32 -5.15 24.05
C ASN C 767 17.25 -4.59 25.47
N PHE C 768 18.29 -3.85 25.88
CA PHE C 768 18.40 -3.21 27.20
C PHE C 768 18.15 -1.70 27.10
N GLY C 769 17.68 -1.09 28.19
CA GLY C 769 17.63 0.38 28.38
C GLY C 769 18.85 0.83 29.18
N GLU C 770 18.83 2.06 29.71
CA GLU C 770 19.89 2.57 30.62
C GLU C 770 19.44 2.39 32.07
N ALA D 1 45.42 38.21 6.22
CA ALA D 1 45.82 37.66 4.90
C ALA D 1 46.00 38.79 3.89
N ASN D 2 47.04 38.70 3.06
CA ASN D 2 47.28 39.64 1.92
C ASN D 2 46.52 39.13 0.69
N TYR D 3 45.47 39.84 0.28
CA TYR D 3 44.58 39.45 -0.85
C TYR D 3 45.19 39.86 -2.20
N GLU D 4 46.34 40.55 -2.20
CA GLU D 4 46.88 41.20 -3.42
C GLU D 4 48.15 40.50 -3.93
N THR D 5 48.67 39.49 -3.25
CA THR D 5 50.05 38.96 -3.47
C THR D 5 50.04 37.61 -4.21
N TYR D 6 48.90 37.07 -4.63
CA TYR D 6 48.83 35.79 -5.39
C TYR D 6 48.89 36.09 -6.89
N ASP D 7 49.58 35.26 -7.68
CA ASP D 7 49.76 35.41 -9.15
C ASP D 7 48.50 34.91 -9.88
N GLY D 8 47.34 35.54 -9.64
CA GLY D 8 46.07 35.25 -10.34
C GLY D 8 45.94 36.05 -11.64
N PHE D 9 44.71 36.34 -12.08
CA PHE D 9 44.44 37.11 -13.32
C PHE D 9 43.31 38.11 -13.06
N LYS D 10 43.19 39.11 -13.94
CA LYS D 10 42.10 40.13 -13.89
C LYS D 10 41.87 40.61 -15.33
N VAL D 11 40.69 41.16 -15.62
CA VAL D 11 40.32 41.69 -16.96
C VAL D 11 40.03 43.19 -16.78
N SER D 12 39.93 43.94 -17.88
CA SER D 12 39.52 45.36 -17.87
C SER D 12 38.21 45.51 -17.09
N GLU D 13 38.07 46.59 -16.32
CA GLU D 13 36.86 46.93 -15.55
C GLU D 13 36.04 48.02 -16.25
N GLU D 14 36.43 48.43 -17.46
CA GLU D 14 35.75 49.52 -18.23
C GLU D 14 34.33 49.05 -18.57
N PRO D 15 33.26 49.72 -18.08
CA PRO D 15 31.91 49.26 -18.39
C PRO D 15 31.53 49.64 -19.83
N VAL D 16 31.32 48.67 -20.73
CA VAL D 16 30.92 48.91 -22.14
C VAL D 16 29.52 48.34 -22.36
N LEU D 17 28.59 49.15 -22.88
CA LEU D 17 27.16 48.75 -23.12
C LEU D 17 26.79 48.99 -24.57
N PRO D 18 25.81 48.22 -25.12
CA PRO D 18 25.30 48.52 -26.47
C PRO D 18 24.59 49.89 -26.53
N GLU D 19 24.41 50.44 -27.74
CA GLU D 19 23.87 51.81 -27.99
C GLU D 19 22.45 51.91 -27.43
N LYS D 20 21.66 50.83 -27.57
CA LYS D 20 20.31 50.68 -26.98
C LYS D 20 20.12 49.22 -26.52
N GLU D 21 19.20 48.98 -25.58
CA GLU D 21 18.80 47.61 -25.16
C GLU D 21 18.26 46.85 -26.39
N VAL D 22 18.68 45.60 -26.59
CA VAL D 22 18.05 44.64 -27.54
C VAL D 22 17.61 43.44 -26.71
N HIS D 23 16.39 42.95 -26.91
CA HIS D 23 15.89 41.72 -26.24
C HIS D 23 15.20 40.86 -27.29
N PRO D 24 15.56 39.57 -27.48
CA PRO D 24 16.63 38.95 -26.70
C PRO D 24 18.03 39.29 -27.23
N SER D 25 19.05 39.22 -26.37
CA SER D 25 20.49 39.38 -26.72
C SER D 25 21.40 38.61 -25.75
N LEU D 26 21.00 38.39 -24.49
CA LEU D 26 21.83 37.76 -23.44
C LEU D 26 22.40 36.42 -23.94
N TRP D 27 21.56 35.54 -24.49
CA TRP D 27 21.92 34.18 -24.96
C TRP D 27 21.91 34.11 -26.49
N PHE D 28 21.03 34.86 -27.14
CA PHE D 28 20.77 34.80 -28.61
C PHE D 28 19.93 36.02 -29.00
N THR D 29 19.81 36.33 -30.30
CA THR D 29 19.00 37.45 -30.85
C THR D 29 17.70 36.90 -31.47
N LYS D 30 16.75 37.77 -31.83
CA LYS D 30 15.46 37.43 -32.48
C LYS D 30 15.71 36.45 -33.65
N SER D 31 16.72 36.73 -34.49
CA SER D 31 17.07 35.98 -35.73
C SER D 31 17.50 34.53 -35.41
N ASP D 32 18.01 34.26 -34.21
CA ASP D 32 18.54 32.92 -33.82
C ASP D 32 17.41 31.95 -33.43
N ILE D 33 16.18 32.44 -33.17
CA ILE D 33 15.10 31.69 -32.46
C ILE D 33 14.80 30.35 -33.15
N GLN D 34 14.64 30.36 -34.48
CA GLN D 34 14.24 29.19 -35.30
C GLN D 34 15.35 28.12 -35.24
N LYS D 35 16.62 28.53 -35.32
CA LYS D 35 17.80 27.65 -35.14
C LYS D 35 17.77 27.02 -33.73
N ILE D 36 17.45 27.81 -32.69
CA ILE D 36 17.31 27.33 -31.28
C ILE D 36 16.13 26.32 -31.19
N LYS D 37 15.00 26.59 -31.85
CA LYS D 37 13.83 25.66 -31.88
C LYS D 37 14.23 24.32 -32.51
N GLU D 38 15.03 24.36 -33.59
CA GLU D 38 15.48 23.20 -34.41
C GLU D 38 16.62 22.44 -33.71
N LYS D 39 17.33 23.09 -32.77
CA LYS D 39 18.57 22.58 -32.12
C LYS D 39 18.33 21.21 -31.49
N LYS D 40 17.11 20.93 -31.04
CA LYS D 40 16.74 19.66 -30.34
C LYS D 40 17.06 18.44 -31.25
N ASN D 41 17.03 18.62 -32.57
CA ASN D 41 17.15 17.53 -33.57
C ASN D 41 18.61 17.29 -33.99
N GLU D 42 19.59 18.05 -33.47
CA GLU D 42 21.01 18.03 -33.91
C GLU D 42 21.68 16.67 -33.63
N ASP D 43 21.59 16.17 -32.39
CA ASP D 43 22.29 14.95 -31.90
C ASP D 43 21.59 14.42 -30.64
N SER D 44 22.04 13.28 -30.11
CA SER D 44 21.45 12.60 -28.92
C SER D 44 21.48 13.51 -27.68
N PHE D 45 22.51 14.36 -27.57
CA PHE D 45 22.75 15.29 -26.43
C PHE D 45 21.68 16.39 -26.45
N THR D 46 21.52 17.08 -27.58
CA THR D 46 20.48 18.13 -27.80
C THR D 46 19.09 17.53 -27.54
N ALA D 47 18.84 16.29 -27.98
CA ALA D 47 17.56 15.56 -27.80
C ALA D 47 17.28 15.36 -26.29
N GLU D 48 18.29 14.89 -25.54
CA GLU D 48 18.19 14.66 -24.07
C GLU D 48 17.88 15.99 -23.36
N LEU D 49 18.62 17.06 -23.69
CA LEU D 49 18.48 18.41 -23.10
C LEU D 49 17.04 18.89 -23.34
N TRP D 50 16.55 18.72 -24.58
CA TRP D 50 15.19 19.17 -25.01
C TRP D 50 14.12 18.42 -24.20
N GLU D 51 14.26 17.09 -24.09
CA GLU D 51 13.38 16.21 -23.27
C GLU D 51 13.31 16.72 -21.81
N GLU D 52 14.42 17.14 -21.22
CA GLU D 52 14.48 17.68 -19.84
C GLU D 52 13.75 19.04 -19.77
N ILE D 53 14.12 19.99 -20.65
CA ILE D 53 13.59 21.39 -20.62
C ILE D 53 12.06 21.34 -20.79
N SER D 54 11.59 20.64 -21.83
CA SER D 54 10.17 20.61 -22.26
C SER D 54 9.30 19.82 -21.27
N ASN D 55 9.89 19.08 -20.32
CA ASN D 55 9.12 18.30 -19.30
C ASN D 55 9.37 18.89 -17.91
N SER D 56 9.96 20.09 -17.79
CA SER D 56 10.31 20.71 -16.49
C SER D 56 9.04 20.83 -15.65
N PRO D 57 9.02 20.36 -14.38
CA PRO D 57 7.84 20.59 -13.52
C PRO D 57 7.50 22.08 -13.37
N TYR D 58 8.47 22.98 -13.63
CA TYR D 58 8.34 24.45 -13.50
C TYR D 58 7.39 25.01 -14.57
N LEU D 59 7.10 24.24 -15.62
CA LEU D 59 6.15 24.60 -16.70
C LEU D 59 4.71 24.37 -16.25
N THR D 60 4.47 23.39 -15.37
CA THR D 60 3.11 22.92 -14.94
C THR D 60 2.80 23.30 -13.49
N MET D 61 3.80 23.58 -12.63
CA MET D 61 3.57 23.81 -11.18
C MET D 61 2.67 25.04 -10.99
N GLU D 62 1.74 25.02 -10.03
CA GLU D 62 0.92 26.20 -9.67
C GLU D 62 1.88 27.29 -9.21
N ILE D 63 1.75 28.50 -9.75
CA ILE D 63 2.51 29.71 -9.28
C ILE D 63 2.07 29.91 -7.84
N PRO D 64 2.99 29.92 -6.85
CA PRO D 64 2.54 29.86 -5.45
C PRO D 64 1.76 31.13 -5.08
N THR D 65 0.55 30.98 -4.54
CA THR D 65 -0.32 32.10 -4.05
C THR D 65 0.20 32.58 -2.69
N ASP D 66 0.83 31.68 -1.93
CA ASP D 66 1.44 31.98 -0.59
C ASP D 66 2.87 32.48 -0.79
N ILE D 67 3.10 33.80 -0.63
CA ILE D 67 4.45 34.43 -0.45
C ILE D 67 4.91 34.17 0.99
N PRO D 68 6.12 33.62 1.22
CA PRO D 68 6.52 33.31 2.59
C PRO D 68 6.70 34.59 3.42
N SER D 69 6.71 34.47 4.76
CA SER D 69 6.96 35.58 5.71
C SER D 69 8.43 35.53 6.17
N ALA D 70 8.95 36.60 6.77
CA ALA D 70 10.30 36.69 7.37
C ALA D 70 10.51 35.58 8.44
N THR D 71 9.42 35.02 9.01
CA THR D 71 9.45 34.01 10.10
C THR D 71 9.27 32.57 9.59
N ASP D 72 9.30 32.31 8.27
CA ASP D 72 9.32 30.94 7.69
C ASP D 72 10.75 30.39 7.78
N SER D 73 10.95 29.09 7.56
CA SER D 73 12.29 28.45 7.53
C SER D 73 13.18 29.12 6.46
N ASP D 74 14.49 29.11 6.68
CA ASP D 74 15.53 29.53 5.70
C ASP D 74 15.38 28.70 4.41
N THR D 75 15.11 27.38 4.56
CA THR D 75 14.86 26.43 3.45
C THR D 75 13.65 26.89 2.63
N ASP D 76 12.54 27.21 3.28
CA ASP D 76 11.27 27.64 2.63
C ASP D 76 11.50 28.95 1.86
N ILE D 77 12.22 29.91 2.45
CA ILE D 77 12.49 31.25 1.82
C ILE D 77 13.34 31.02 0.56
N HIS D 78 14.41 30.20 0.67
CA HIS D 78 15.31 29.79 -0.44
C HIS D 78 14.47 29.18 -1.58
N LYS D 79 13.64 28.17 -1.27
CA LYS D 79 12.80 27.44 -2.26
C LYS D 79 11.82 28.41 -2.93
N TYR D 80 11.23 29.37 -2.19
CA TYR D 80 10.32 30.40 -2.73
C TYR D 80 11.01 31.15 -3.90
N TYR D 81 12.18 31.74 -3.65
CA TYR D 81 12.94 32.57 -4.63
C TYR D 81 13.44 31.67 -5.78
N GLY D 82 14.00 30.50 -5.45
CA GLY D 82 14.42 29.49 -6.43
C GLY D 82 13.28 29.13 -7.38
N ASN D 83 12.11 28.78 -6.83
CA ASN D 83 10.89 28.37 -7.58
C ASN D 83 10.42 29.53 -8.48
N MET D 84 10.34 30.76 -7.93
CA MET D 84 9.89 31.96 -8.70
C MET D 84 10.86 32.20 -9.87
N SER D 85 12.17 32.17 -9.61
CA SER D 85 13.24 32.37 -10.62
C SER D 85 13.10 31.30 -11.72
N ARG D 86 12.79 30.05 -11.34
CA ARG D 86 12.68 28.89 -12.26
C ARG D 86 11.41 29.03 -13.11
N ILE D 87 10.29 29.42 -12.48
CA ILE D 87 8.99 29.69 -13.16
C ILE D 87 9.26 30.72 -14.27
N ALA D 88 9.88 31.86 -13.93
CA ALA D 88 10.23 32.94 -14.88
C ALA D 88 10.97 32.34 -16.09
N LYS D 89 12.11 31.67 -15.85
CA LYS D 89 13.08 31.24 -16.90
C LYS D 89 12.48 30.11 -17.78
N TYR D 90 11.93 29.06 -17.17
CA TYR D 90 11.35 27.88 -17.88
C TYR D 90 10.19 28.34 -18.80
N ASN D 91 9.27 29.14 -18.26
CA ASN D 91 8.03 29.62 -18.94
C ASN D 91 8.44 30.57 -20.08
N ALA D 92 9.39 31.49 -19.83
CA ALA D 92 9.93 32.43 -20.84
C ALA D 92 10.53 31.62 -22.01
N PHE D 93 11.33 30.60 -21.70
CA PHE D 93 12.04 29.76 -22.71
C PHE D 93 11.01 29.04 -23.57
N MET D 94 10.05 28.35 -22.93
CA MET D 94 9.02 27.53 -23.62
C MET D 94 8.09 28.43 -24.46
N TYR D 95 7.90 29.70 -24.07
CA TYR D 95 7.14 30.72 -24.85
C TYR D 95 7.87 30.96 -26.18
N LEU D 96 9.17 31.23 -26.12
CA LEU D 96 10.04 31.43 -27.31
C LEU D 96 10.02 30.16 -28.17
N MET D 97 10.09 28.97 -27.57
CA MET D 97 10.16 27.69 -28.31
C MET D 97 8.80 27.33 -28.95
N THR D 98 7.67 27.64 -28.30
CA THR D 98 6.33 27.08 -28.68
C THR D 98 5.31 28.19 -29.03
N GLY D 99 5.36 29.35 -28.38
CA GLY D 99 4.34 30.41 -28.50
C GLY D 99 3.00 30.09 -27.81
N LYS D 100 2.96 29.05 -26.96
CA LYS D 100 1.76 28.73 -26.14
C LYS D 100 1.46 29.89 -25.18
N SER D 101 0.27 30.47 -25.27
CA SER D 101 -0.23 31.61 -24.47
C SER D 101 0.12 31.46 -22.99
N GLU D 102 -0.14 30.27 -22.41
CA GLU D 102 0.03 29.96 -20.96
C GLU D 102 1.48 30.27 -20.56
N TYR D 103 2.46 29.93 -21.41
CA TYR D 103 3.91 30.16 -21.17
C TYR D 103 4.19 31.66 -20.97
N ARG D 104 3.62 32.53 -21.82
CA ARG D 104 3.81 34.00 -21.73
C ARG D 104 3.16 34.51 -20.42
N LEU D 105 1.94 34.04 -20.11
CA LEU D 105 1.15 34.48 -18.93
C LEU D 105 1.92 34.11 -17.67
N ARG D 106 2.42 32.85 -17.58
CA ARG D 106 3.17 32.30 -16.43
C ARG D 106 4.48 33.07 -16.25
N ALA D 107 5.22 33.30 -17.35
CA ALA D 107 6.51 34.03 -17.36
C ALA D 107 6.27 35.45 -16.83
N THR D 108 5.19 36.09 -17.29
CA THR D 108 4.77 37.47 -16.95
C THR D 108 4.44 37.54 -15.45
N GLU D 109 3.61 36.64 -14.93
CA GLU D 109 3.18 36.66 -13.49
C GLU D 109 4.41 36.49 -12.58
N ALA D 110 5.27 35.50 -12.87
CA ALA D 110 6.53 35.22 -12.14
C ALA D 110 7.42 36.47 -12.11
N LEU D 111 7.61 37.12 -13.26
CA LEU D 111 8.47 38.32 -13.39
C LEU D 111 7.88 39.49 -12.59
N LYS D 112 6.55 39.64 -12.61
CA LYS D 112 5.83 40.72 -11.88
C LYS D 112 6.04 40.54 -10.37
N ARG D 113 6.29 39.30 -9.91
CA ARG D 113 6.47 38.94 -8.48
C ARG D 113 7.96 38.70 -8.15
N ALA D 114 8.89 39.08 -9.03
CA ALA D 114 10.35 38.92 -8.83
C ALA D 114 10.76 39.68 -7.56
N PHE D 115 11.32 38.99 -6.56
CA PHE D 115 11.82 39.61 -5.31
C PHE D 115 10.70 40.33 -4.57
N ASP D 116 9.47 39.78 -4.61
CA ASP D 116 8.39 40.08 -3.62
C ASP D 116 8.77 39.44 -2.28
N GLY D 117 7.85 39.36 -1.31
CA GLY D 117 8.04 38.57 -0.07
C GLY D 117 9.07 39.17 0.88
N PRO D 118 9.72 38.36 1.74
CA PRO D 118 10.54 38.90 2.84
C PRO D 118 11.97 39.36 2.49
N ILE D 119 12.45 39.08 1.27
CA ILE D 119 13.88 39.21 0.84
C ILE D 119 14.52 40.52 1.34
N TYR D 120 13.87 41.67 1.11
CA TYR D 120 14.44 43.02 1.38
C TYR D 120 14.36 43.33 2.89
N GLU D 121 13.56 42.56 3.64
CA GLU D 121 13.46 42.66 5.13
C GLU D 121 14.60 41.87 5.78
N MET D 122 15.24 40.94 5.05
CA MET D 122 16.28 40.02 5.60
C MET D 122 17.67 40.65 5.47
N ASP D 123 18.62 40.20 6.28
CA ASP D 123 20.06 40.64 6.25
C ASP D 123 20.91 39.44 5.82
N PRO D 124 21.40 39.42 4.55
CA PRO D 124 22.08 38.23 4.02
C PRO D 124 23.43 37.91 4.66
N THR D 125 24.01 38.83 5.44
CA THR D 125 25.26 38.65 6.22
C THR D 125 25.02 37.71 7.41
N VAL D 126 23.76 37.45 7.77
CA VAL D 126 23.40 36.47 8.85
C VAL D 126 23.63 35.06 8.32
N SER D 127 24.52 34.30 8.96
CA SER D 127 24.88 32.90 8.59
C SER D 127 23.60 32.11 8.31
N GLY D 128 23.53 31.44 7.15
CA GLY D 128 22.41 30.57 6.75
C GLY D 128 21.16 31.31 6.28
N SER D 129 21.23 32.62 6.03
CA SER D 129 20.13 33.42 5.41
C SER D 129 19.60 32.69 4.18
N GLY D 130 18.28 32.53 4.09
CA GLY D 130 17.56 31.99 2.91
C GLY D 130 17.73 32.87 1.68
N VAL D 131 18.24 34.10 1.84
CA VAL D 131 18.48 35.08 0.74
C VAL D 131 19.97 35.46 0.72
N ASP D 132 20.85 34.50 1.05
CA ASP D 132 22.33 34.66 0.93
C ASP D 132 22.67 35.11 -0.51
N GLU D 133 23.69 35.95 -0.64
CA GLU D 133 24.24 36.48 -1.92
C GLU D 133 24.48 35.33 -2.93
N ILE D 134 24.90 34.15 -2.46
CA ILE D 134 25.27 32.98 -3.32
C ILE D 134 24.03 32.47 -4.08
N TYR D 135 22.84 32.55 -3.47
CA TYR D 135 21.57 32.04 -4.03
C TYR D 135 20.96 33.08 -4.98
N ARG D 136 20.94 34.35 -4.57
CA ARG D 136 20.26 35.45 -5.30
C ARG D 136 21.07 35.83 -6.55
N ALA D 137 22.34 35.40 -6.64
CA ALA D 137 23.18 35.47 -7.85
C ALA D 137 22.48 34.70 -8.97
N VAL D 138 22.06 33.46 -8.69
CA VAL D 138 21.32 32.55 -9.63
C VAL D 138 19.93 33.16 -9.88
N TRP D 139 19.25 33.60 -8.83
CA TRP D 139 17.88 34.19 -8.94
C TRP D 139 17.92 35.36 -9.93
N ALA D 140 18.89 36.27 -9.76
CA ALA D 140 19.08 37.49 -10.59
C ALA D 140 19.26 37.04 -12.04
N GLN D 141 20.13 36.07 -12.31
CA GLN D 141 20.40 35.58 -13.69
C GLN D 141 19.12 34.96 -14.25
N ASN D 142 18.38 34.16 -13.46
CA ASN D 142 17.11 33.49 -13.84
C ASN D 142 16.09 34.57 -14.28
N PHE D 143 15.83 35.55 -13.41
CA PHE D 143 14.80 36.60 -13.63
C PHE D 143 15.23 37.49 -14.81
N ALA D 144 16.49 37.92 -14.86
CA ALA D 144 17.06 38.79 -15.92
C ALA D 144 16.90 38.10 -17.29
N THR D 145 17.20 36.80 -17.37
CA THR D 145 17.14 35.99 -18.62
C THR D 145 15.68 35.88 -19.07
N ALA D 146 14.76 35.58 -18.14
CA ALA D 146 13.30 35.52 -18.40
C ALA D 146 12.84 36.86 -19.00
N TYR D 147 13.30 37.98 -18.43
CA TYR D 147 12.98 39.36 -18.89
C TYR D 147 13.53 39.56 -20.31
N ASP D 148 14.80 39.22 -20.53
CA ASP D 148 15.50 39.29 -21.85
C ASP D 148 14.67 38.54 -22.90
N TRP D 149 14.10 37.38 -22.56
CA TRP D 149 13.35 36.48 -23.47
C TRP D 149 11.92 37.02 -23.72
N ILE D 150 11.26 37.58 -22.68
CA ILE D 150 9.80 37.88 -22.74
C ILE D 150 9.56 39.37 -23.01
N GLN D 151 10.55 40.24 -22.82
CA GLN D 151 10.46 41.73 -22.90
C GLN D 151 9.65 42.16 -24.12
N PRO D 152 9.92 41.63 -25.34
CA PRO D 152 9.23 42.11 -26.54
C PRO D 152 7.71 41.85 -26.56
N TYR D 153 7.20 40.94 -25.72
CA TYR D 153 5.76 40.56 -25.67
C TYR D 153 5.04 41.24 -24.49
N LEU D 154 5.74 42.02 -23.65
CA LEU D 154 5.13 42.64 -22.43
C LEU D 154 4.30 43.85 -22.84
N SER D 155 3.17 44.10 -22.16
CA SER D 155 2.45 45.41 -22.18
C SER D 155 3.40 46.50 -21.65
N ASP D 156 3.21 47.76 -22.02
CA ASP D 156 3.98 48.90 -21.46
C ASP D 156 3.94 48.83 -19.92
N GLU D 157 2.75 48.57 -19.36
CA GLU D 157 2.51 48.45 -17.90
C GLU D 157 3.42 47.34 -17.32
N ASP D 158 3.36 46.13 -17.88
CA ASP D 158 4.13 44.93 -17.42
C ASP D 158 5.65 45.21 -17.51
N ASP D 159 6.11 45.83 -18.60
CA ASP D 159 7.55 46.19 -18.81
C ASP D 159 8.02 47.07 -17.65
N GLU D 160 7.29 48.15 -17.33
CA GLU D 160 7.62 49.08 -16.22
C GLU D 160 7.70 48.31 -14.89
N ILE D 161 6.72 47.44 -14.61
CA ILE D 161 6.61 46.63 -13.35
C ILE D 161 7.87 45.76 -13.24
N ILE D 162 8.18 45.00 -14.30
CA ILE D 162 9.28 43.99 -14.31
C ILE D 162 10.62 44.72 -14.20
N ARG D 163 10.79 45.82 -14.94
CA ARG D 163 12.03 46.64 -14.92
C ARG D 163 12.30 47.11 -13.48
N GLU D 164 11.27 47.60 -12.78
CA GLU D 164 11.38 48.15 -11.40
C GLU D 164 11.89 47.04 -10.46
N ARG D 165 11.36 45.83 -10.59
CA ARG D 165 11.77 44.63 -9.82
C ARG D 165 13.26 44.32 -10.09
N LEU D 166 13.66 44.23 -11.36
CA LEU D 166 15.06 43.89 -11.77
C LEU D 166 16.02 44.99 -11.27
N ALA D 167 15.64 46.26 -11.44
CA ALA D 167 16.45 47.46 -11.12
C ALA D 167 16.70 47.54 -9.61
N LYS D 168 15.68 47.23 -8.80
CA LYS D 168 15.77 47.23 -7.31
C LYS D 168 16.82 46.21 -6.87
N GLU D 169 16.74 44.96 -7.36
CA GLU D 169 17.72 43.89 -7.03
C GLU D 169 19.12 44.35 -7.46
N ALA D 170 19.26 44.93 -8.64
CA ALA D 170 20.55 45.46 -9.15
C ALA D 170 21.10 46.51 -8.16
N GLN D 171 20.26 47.47 -7.74
CA GLN D 171 20.66 48.57 -6.83
C GLN D 171 21.13 47.96 -5.50
N VAL D 172 20.37 47.00 -4.96
CA VAL D 172 20.63 46.37 -3.63
C VAL D 172 21.97 45.62 -3.71
N VAL D 173 22.20 44.86 -4.79
CA VAL D 173 23.48 44.11 -5.01
C VAL D 173 24.62 45.13 -5.12
N TYR D 174 24.45 46.16 -5.96
CA TYR D 174 25.45 47.24 -6.19
C TYR D 174 25.86 47.86 -4.85
N GLU D 175 24.89 48.21 -4.00
CA GLU D 175 25.09 48.93 -2.72
C GLU D 175 25.75 48.01 -1.69
N ASN D 176 25.53 46.70 -1.74
CA ASN D 176 25.86 45.76 -0.63
C ASN D 176 26.95 44.76 -1.01
N LEU D 177 27.44 44.75 -2.27
CA LEU D 177 28.39 43.72 -2.78
C LEU D 177 29.50 43.48 -1.75
N TYR D 178 30.18 44.55 -1.33
CA TYR D 178 31.38 44.54 -0.46
C TYR D 178 31.00 44.25 1.00
N THR D 179 29.79 44.61 1.43
CA THR D 179 29.24 44.28 2.77
C THR D 179 28.89 42.79 2.84
N TRP D 180 28.18 42.26 1.84
CA TRP D 180 27.78 40.82 1.75
C TRP D 180 29.01 39.93 1.53
N GLY D 181 30.01 40.42 0.79
CA GLY D 181 31.25 39.70 0.44
C GLY D 181 32.50 40.45 0.89
N PRO D 182 32.74 40.55 2.22
CA PRO D 182 33.89 41.32 2.72
C PRO D 182 35.25 40.68 2.40
N ARG D 183 35.27 39.42 1.94
CA ARG D 183 36.50 38.69 1.51
C ARG D 183 36.27 38.19 0.09
N PRO D 184 37.28 38.27 -0.79
CA PRO D 184 37.05 38.04 -2.23
C PRO D 184 36.92 36.57 -2.67
N HIS D 185 36.21 35.75 -1.90
CA HIS D 185 35.90 34.34 -2.25
C HIS D 185 34.73 34.28 -3.24
N ASN D 186 34.19 33.08 -3.48
CA ASN D 186 33.00 32.84 -4.34
C ASN D 186 31.78 33.63 -3.83
N HIS D 187 31.74 34.04 -2.56
CA HIS D 187 30.67 34.91 -2.00
C HIS D 187 30.72 36.31 -2.63
N LEU D 188 31.87 36.72 -3.14
CA LEU D 188 32.04 38.02 -3.84
C LEU D 188 31.78 37.79 -5.34
N SER D 189 32.43 36.79 -5.94
CA SER D 189 32.41 36.53 -7.41
C SER D 189 30.97 36.25 -7.87
N LYS D 190 30.25 35.35 -7.18
CA LYS D 190 28.88 34.89 -7.56
C LYS D 190 27.93 36.08 -7.75
N PRO D 191 27.69 36.90 -6.70
CA PRO D 191 26.83 38.07 -6.86
C PRO D 191 27.39 39.13 -7.84
N ALA D 192 28.71 39.18 -8.02
CA ALA D 192 29.38 40.08 -9.01
C ALA D 192 28.89 39.72 -10.41
N TRP D 193 28.92 38.41 -10.76
CA TRP D 193 28.46 37.86 -12.06
C TRP D 193 26.95 38.12 -12.23
N GLY D 194 26.18 37.95 -11.15
CA GLY D 194 24.74 38.30 -11.09
C GLY D 194 24.52 39.77 -11.41
N LEU D 195 25.28 40.68 -10.79
CA LEU D 195 25.20 42.15 -11.03
C LEU D 195 25.51 42.41 -12.51
N GLY D 196 26.55 41.77 -13.04
CA GLY D 196 26.96 41.86 -14.45
C GLY D 196 25.80 41.55 -15.39
N THR D 197 25.15 40.40 -15.19
CA THR D 197 23.96 39.95 -15.96
C THR D 197 22.88 41.05 -15.88
N LEU D 198 22.54 41.53 -14.68
CA LEU D 198 21.49 42.56 -14.47
C LEU D 198 21.82 43.81 -15.29
N ALA D 199 23.08 44.28 -15.24
CA ALA D 199 23.54 45.52 -15.90
C ALA D 199 23.38 45.38 -17.41
N LEU D 200 23.75 44.20 -17.95
CA LEU D 200 23.73 43.90 -19.40
C LEU D 200 22.26 43.75 -19.87
N THR D 201 21.38 43.22 -19.02
CA THR D 201 19.91 43.10 -19.27
C THR D 201 19.31 44.52 -19.32
N LEU D 202 19.64 45.36 -18.34
CA LEU D 202 19.08 46.74 -18.22
C LEU D 202 20.12 47.75 -18.70
N SER D 203 20.77 47.50 -19.84
CA SER D 203 21.86 48.35 -20.41
C SER D 203 21.44 49.83 -20.57
N ASP D 204 20.14 50.14 -20.69
CA ASP D 204 19.62 51.53 -20.81
C ASP D 204 19.36 52.16 -19.42
N HIS D 205 19.32 51.36 -18.35
CA HIS D 205 19.02 51.85 -16.98
C HIS D 205 20.08 52.88 -16.60
N PRO D 206 19.71 54.00 -15.94
CA PRO D 206 20.67 55.05 -15.60
C PRO D 206 21.95 54.60 -14.84
N ASP D 207 21.86 53.55 -14.03
CA ASP D 207 22.95 53.08 -13.14
C ASP D 207 23.75 51.92 -13.77
N ALA D 208 23.39 51.47 -14.97
CA ALA D 208 23.94 50.25 -15.63
C ALA D 208 25.47 50.29 -15.72
N SER D 209 26.07 51.43 -16.09
CA SER D 209 27.54 51.64 -16.21
C SER D 209 28.22 51.39 -14.85
N LYS D 210 27.73 52.05 -13.80
CA LYS D 210 28.20 51.91 -12.40
C LYS D 210 28.13 50.44 -11.99
N TRP D 211 26.99 49.79 -12.20
CA TRP D 211 26.72 48.36 -11.86
C TRP D 211 27.76 47.47 -12.53
N LEU D 212 27.92 47.57 -13.85
CA LEU D 212 28.81 46.69 -14.66
C LEU D 212 30.26 46.85 -14.19
N ASN D 213 30.68 48.10 -13.97
CA ASN D 213 32.04 48.46 -13.49
C ASN D 213 32.32 47.78 -12.13
N ARG D 214 31.40 47.90 -11.18
CA ARG D 214 31.57 47.33 -9.82
C ARG D 214 31.58 45.80 -9.93
N ALA D 215 30.72 45.23 -10.77
CA ALA D 215 30.64 43.77 -11.05
C ALA D 215 32.04 43.28 -11.47
N LEU D 216 32.66 43.96 -12.45
CA LEU D 216 33.98 43.59 -13.02
C LEU D 216 35.07 43.76 -11.95
N GLU D 217 35.05 44.88 -11.22
CA GLU D 217 36.01 45.20 -10.13
C GLU D 217 35.97 44.08 -9.09
N ALA D 218 34.77 43.73 -8.60
CA ALA D 218 34.53 42.73 -7.54
C ALA D 218 35.02 41.35 -8.00
N ALA D 219 34.63 40.93 -9.22
CA ALA D 219 35.02 39.63 -9.82
C ALA D 219 36.55 39.55 -9.92
N ASN D 220 37.20 40.65 -10.31
CA ASN D 220 38.69 40.75 -10.43
C ASN D 220 39.36 40.42 -9.07
N THR D 221 38.81 40.89 -7.95
CA THR D 221 39.38 40.64 -6.59
C THR D 221 39.39 39.12 -6.33
N ASN D 222 38.40 38.38 -6.85
CA ASN D 222 38.33 36.90 -6.74
C ASN D 222 39.36 36.25 -7.67
N THR D 223 39.41 36.66 -8.95
CA THR D 223 40.28 36.02 -9.97
C THR D 223 41.77 36.27 -9.66
N LEU D 224 42.09 37.38 -8.99
CA LEU D 224 43.49 37.75 -8.64
C LEU D 224 44.03 36.87 -7.48
N TYR D 225 43.15 36.42 -6.56
CA TYR D 225 43.52 35.78 -5.27
C TYR D 225 43.18 34.28 -5.26
N PHE D 226 41.96 33.89 -5.65
CA PHE D 226 41.50 32.48 -5.60
C PHE D 226 41.95 31.70 -6.85
N PHE D 227 42.10 32.36 -7.99
CA PHE D 227 42.61 31.72 -9.24
C PHE D 227 44.11 32.00 -9.34
N ASN D 228 44.87 31.03 -9.85
CA ASN D 228 46.24 31.24 -10.39
C ASN D 228 46.09 31.57 -11.88
N LYS D 229 47.05 32.31 -12.45
CA LYS D 229 47.18 32.56 -13.91
C LYS D 229 47.05 31.23 -14.67
N ASP D 230 47.49 30.10 -14.09
CA ASP D 230 47.50 28.78 -14.78
C ASP D 230 46.08 28.20 -14.82
N GLY D 231 45.11 28.83 -14.15
CA GLY D 231 43.68 28.41 -14.20
C GLY D 231 43.24 27.62 -12.97
N HIS D 232 44.17 27.17 -12.13
CA HIS D 232 43.88 26.46 -10.86
C HIS D 232 43.01 27.34 -9.96
N TYR D 233 42.01 26.74 -9.29
CA TYR D 233 41.14 27.41 -8.29
C TYR D 233 41.50 26.93 -6.88
N ARG D 234 41.89 27.86 -6.01
CA ARG D 234 42.38 27.58 -4.63
C ARG D 234 41.26 27.11 -3.69
N GLU D 235 39.98 27.35 -4.01
CA GLU D 235 38.80 26.93 -3.18
C GLU D 235 38.48 25.46 -3.44
N GLY D 236 39.08 24.84 -4.46
CA GLY D 236 38.88 23.42 -4.80
C GLY D 236 37.81 23.22 -5.86
N ALA D 237 37.59 21.97 -6.29
CA ALA D 237 36.74 21.57 -7.43
C ALA D 237 35.27 21.97 -7.19
N HIS D 238 34.78 21.76 -5.97
CA HIS D 238 33.38 22.05 -5.57
C HIS D 238 33.08 23.54 -5.78
N TYR D 239 33.91 24.43 -5.22
CA TYR D 239 33.73 25.91 -5.28
C TYR D 239 34.04 26.42 -6.70
N TYR D 240 34.87 25.70 -7.47
CA TYR D 240 35.12 25.97 -8.91
C TYR D 240 33.81 25.81 -9.69
N VAL D 241 33.19 24.63 -9.61
CA VAL D 241 31.88 24.35 -10.29
C VAL D 241 30.86 25.39 -9.82
N TYR D 242 30.78 25.63 -8.51
CA TYR D 242 29.85 26.60 -7.88
C TYR D 242 30.05 27.98 -8.52
N SER D 243 31.30 28.36 -8.78
CA SER D 243 31.69 29.64 -9.46
C SER D 243 31.21 29.61 -10.92
N LEU D 244 31.35 28.47 -11.62
CA LEU D 244 30.99 28.32 -13.06
C LEU D 244 29.51 28.65 -13.27
N VAL D 245 28.67 28.39 -12.25
CA VAL D 245 27.19 28.59 -12.32
C VAL D 245 26.91 30.04 -12.70
N ASN D 246 27.66 31.00 -12.15
CA ASN D 246 27.47 32.46 -12.39
C ASN D 246 28.44 32.97 -13.46
N LEU D 247 29.68 32.44 -13.51
CA LEU D 247 30.77 32.91 -14.42
C LEU D 247 30.41 32.60 -15.88
N ILE D 248 30.01 31.36 -16.17
CA ILE D 248 29.70 30.89 -17.56
C ILE D 248 28.60 31.76 -18.15
N PRO D 249 27.45 31.97 -17.44
CA PRO D 249 26.42 32.89 -17.92
C PRO D 249 26.97 34.30 -18.20
N PHE D 250 27.71 34.88 -17.25
CA PHE D 250 28.30 36.25 -17.36
C PHE D 250 29.13 36.34 -18.65
N LEU D 251 30.00 35.36 -18.94
CA LEU D 251 30.92 35.37 -20.10
C LEU D 251 30.11 35.48 -21.41
N TYR D 252 29.08 34.64 -21.55
CA TYR D 252 28.16 34.64 -22.72
C TYR D 252 27.44 36.01 -22.78
N HIS D 253 26.86 36.42 -21.64
CA HIS D 253 26.06 37.67 -21.54
C HIS D 253 26.90 38.85 -22.02
N TYR D 254 28.15 38.98 -21.56
CA TYR D 254 29.02 40.15 -21.82
C TYR D 254 29.38 40.18 -23.30
N LYS D 255 29.69 39.00 -23.87
CA LYS D 255 30.00 38.84 -25.31
C LYS D 255 28.76 39.22 -26.15
N ASN D 256 27.61 38.58 -25.88
CA ASN D 256 26.34 38.78 -26.62
C ASN D 256 25.88 40.25 -26.50
N VAL D 257 25.86 40.82 -25.30
CA VAL D 257 25.17 42.13 -25.02
C VAL D 257 26.07 43.31 -25.42
N SER D 258 27.35 43.30 -25.01
CA SER D 258 28.26 44.46 -25.15
C SER D 258 29.27 44.23 -26.30
N GLY D 259 29.54 42.97 -26.66
CA GLY D 259 30.60 42.62 -27.62
C GLY D 259 31.96 42.41 -26.95
N VAL D 260 32.03 42.38 -25.63
CA VAL D 260 33.30 42.13 -24.88
C VAL D 260 33.43 40.61 -24.74
N ASN D 261 34.42 40.02 -25.42
CA ASN D 261 34.72 38.55 -25.40
C ASN D 261 35.87 38.25 -24.43
N TYR D 262 35.56 37.73 -23.26
CA TYR D 262 36.51 37.41 -22.17
C TYR D 262 36.87 35.92 -22.22
N PHE D 263 36.35 35.17 -23.20
CA PHE D 263 36.65 33.72 -23.34
C PHE D 263 38.18 33.49 -23.37
N PRO D 264 38.92 34.29 -24.19
CA PRO D 264 40.38 34.19 -24.24
C PRO D 264 41.05 34.37 -22.86
N GLU D 265 40.68 35.41 -22.12
CA GLU D 265 41.29 35.76 -20.82
C GLU D 265 40.98 34.70 -19.74
N TYR D 266 39.86 33.96 -19.85
CA TYR D 266 39.41 32.95 -18.86
C TYR D 266 39.83 31.53 -19.27
N LYS D 267 40.41 31.39 -20.47
CA LYS D 267 40.75 30.08 -21.10
C LYS D 267 41.39 29.11 -20.11
N ASN D 268 42.39 29.54 -19.35
CA ASN D 268 43.19 28.66 -18.45
C ASN D 268 42.28 27.95 -17.42
N ILE D 269 41.22 28.61 -16.95
CA ILE D 269 40.37 28.05 -15.85
C ILE D 269 39.66 26.79 -16.39
N PHE D 270 39.43 26.70 -17.70
CA PHE D 270 38.76 25.54 -18.36
C PHE D 270 39.81 24.44 -18.65
N GLU D 271 40.99 24.83 -19.16
CA GLU D 271 42.10 23.89 -19.44
C GLU D 271 42.54 23.22 -18.13
N TRP D 272 42.55 23.96 -17.03
CA TRP D 272 42.90 23.49 -15.66
C TRP D 272 42.11 22.21 -15.35
N ALA D 273 40.79 22.22 -15.58
CA ALA D 273 39.89 21.08 -15.29
C ALA D 273 40.35 19.83 -16.06
N VAL D 274 40.76 20.01 -17.32
CA VAL D 274 41.20 18.89 -18.21
C VAL D 274 42.54 18.37 -17.70
N LYS D 275 43.43 19.26 -17.27
CA LYS D 275 44.77 18.91 -16.73
C LYS D 275 44.65 18.02 -15.47
N ILE D 276 43.64 18.19 -14.62
CA ILE D 276 43.61 17.52 -13.28
C ILE D 276 42.62 16.34 -13.24
N ARG D 277 41.88 16.08 -14.33
CA ARG D 277 40.81 15.03 -14.34
C ARG D 277 41.43 13.65 -14.05
N ASN D 278 40.77 12.82 -13.24
CA ASN D 278 41.14 11.41 -13.00
C ASN D 278 40.63 10.59 -14.20
N GLY D 279 40.82 9.27 -14.16
CA GLY D 279 40.53 8.35 -15.27
C GLY D 279 39.07 8.34 -15.69
N ARG D 280 38.16 8.78 -14.80
CA ARG D 280 36.70 8.83 -15.07
C ARG D 280 36.23 10.28 -15.26
N GLY D 281 37.16 11.24 -15.37
CA GLY D 281 36.85 12.66 -15.62
C GLY D 281 36.46 13.43 -14.35
N TRP D 282 36.78 12.91 -13.16
CA TRP D 282 36.44 13.56 -11.87
C TRP D 282 37.55 14.54 -11.49
N MET D 283 37.19 15.80 -11.16
CA MET D 283 38.09 16.75 -10.44
C MET D 283 38.30 16.20 -9.03
N PRO D 284 39.49 16.37 -8.40
CA PRO D 284 39.77 15.69 -7.12
C PRO D 284 39.08 16.29 -5.89
N ASN D 285 38.88 15.47 -4.86
CA ASN D 285 38.26 15.84 -3.56
C ASN D 285 39.33 16.48 -2.65
N VAL D 286 39.97 17.57 -3.10
CA VAL D 286 41.08 18.29 -2.41
C VAL D 286 40.59 19.70 -2.02
N GLU D 287 41.02 20.18 -0.85
CA GLU D 287 40.40 21.34 -0.14
C GLU D 287 38.97 20.96 0.29
N ASP D 288 38.10 21.96 0.50
CA ASP D 288 36.66 21.75 0.79
C ASP D 288 35.97 21.35 -0.54
N SER D 289 36.20 20.12 -0.99
CA SER D 289 35.68 19.62 -2.29
C SER D 289 35.25 18.15 -2.19
N TRP D 290 34.24 17.79 -2.98
CA TRP D 290 33.90 16.39 -3.38
C TRP D 290 34.56 16.12 -4.73
N ILE D 291 34.42 14.90 -5.25
CA ILE D 291 34.63 14.59 -6.70
C ILE D 291 33.59 15.42 -7.47
N LYS D 292 33.98 16.01 -8.60
CA LYS D 292 33.07 16.87 -9.42
C LYS D 292 33.33 16.55 -10.89
N PRO D 293 32.27 16.57 -11.74
CA PRO D 293 32.46 16.66 -13.19
C PRO D 293 32.75 18.13 -13.53
N ALA D 294 33.39 18.41 -14.67
CA ALA D 294 33.71 19.77 -15.15
C ALA D 294 32.88 20.04 -16.40
N PRO D 295 31.98 21.07 -16.39
CA PRO D 295 31.09 21.29 -17.54
C PRO D 295 31.79 21.92 -18.76
N THR D 296 32.81 21.26 -19.30
CA THR D 296 33.72 21.78 -20.37
C THR D 296 32.96 21.91 -21.69
N HIS D 297 31.90 21.11 -21.87
CA HIS D 297 31.01 21.11 -23.07
C HIS D 297 30.32 22.48 -23.22
N MET D 298 30.10 23.20 -22.12
CA MET D 298 29.26 24.44 -22.12
C MET D 298 30.09 25.64 -22.65
N VAL D 299 31.42 25.49 -22.73
CA VAL D 299 32.34 26.58 -23.14
C VAL D 299 33.19 26.14 -24.36
N ALA D 300 33.11 24.86 -24.77
CA ALA D 300 33.89 24.30 -25.89
C ALA D 300 33.81 25.24 -27.11
N SER D 301 32.60 25.73 -27.43
CA SER D 301 32.28 26.58 -28.60
C SER D 301 33.17 27.83 -28.65
N GLN D 302 33.72 28.28 -27.53
CA GLN D 302 34.51 29.55 -27.46
C GLN D 302 36.01 29.29 -27.62
N TYR D 303 36.45 28.06 -27.87
CA TYR D 303 37.89 27.67 -27.94
C TYR D 303 38.20 27.03 -29.30
N LYS D 304 37.40 27.34 -30.34
CA LYS D 304 37.45 26.71 -31.68
C LYS D 304 38.69 27.18 -32.46
N ASP D 305 39.30 28.29 -32.05
CA ASP D 305 40.52 28.88 -32.67
C ASP D 305 41.60 29.08 -31.60
N THR D 306 41.64 28.21 -30.59
CA THR D 306 42.65 28.24 -29.49
C THR D 306 43.51 26.99 -29.57
N ASP D 307 44.83 27.13 -29.72
CA ASP D 307 45.83 26.03 -29.59
C ASP D 307 45.88 25.61 -28.11
N THR D 308 46.16 24.34 -27.86
CA THR D 308 46.26 23.74 -26.48
C THR D 308 47.46 22.80 -26.44
N ASP D 309 48.22 22.83 -25.33
CA ASP D 309 49.35 21.91 -25.06
C ASP D 309 48.83 20.46 -24.94
N LEU D 310 47.51 20.25 -24.91
CA LEU D 310 46.90 18.92 -24.72
C LEU D 310 46.81 18.12 -26.02
N HIS D 311 47.18 18.67 -27.20
CA HIS D 311 46.85 18.02 -28.50
C HIS D 311 47.92 18.30 -29.57
N SER D 312 48.33 17.25 -30.30
CA SER D 312 49.30 17.33 -31.41
C SER D 312 48.79 18.29 -32.50
N THR D 313 47.50 18.23 -32.84
CA THR D 313 46.89 18.98 -33.97
C THR D 313 45.62 19.75 -33.55
N ALA D 314 44.73 19.15 -32.77
CA ALA D 314 43.36 19.65 -32.50
C ALA D 314 43.40 20.97 -31.74
N LYS D 315 42.37 21.80 -31.91
CA LYS D 315 42.11 23.03 -31.09
C LYS D 315 41.49 22.64 -29.74
N LEU D 316 41.61 23.53 -28.75
CA LEU D 316 41.15 23.30 -27.35
C LEU D 316 39.68 22.87 -27.36
N ALA D 317 38.85 23.46 -28.23
CA ALA D 317 37.40 23.19 -28.32
C ALA D 317 37.15 21.68 -28.32
N ASN D 318 37.89 20.94 -29.15
CA ASN D 318 37.69 19.48 -29.35
C ASN D 318 38.05 18.71 -28.07
N ILE D 319 39.06 19.18 -27.33
CA ILE D 319 39.55 18.57 -26.06
C ILE D 319 38.55 18.87 -24.95
N LEU D 320 38.08 20.12 -24.83
CA LEU D 320 37.00 20.55 -23.88
C LEU D 320 35.77 19.66 -24.08
N GLN D 321 35.40 19.38 -25.34
CA GLN D 321 34.22 18.55 -25.69
C GLN D 321 34.47 17.10 -25.27
N TRP D 322 35.65 16.57 -25.62
CA TRP D 322 36.11 15.20 -25.24
C TRP D 322 36.01 15.02 -23.71
N SER D 323 36.48 16.00 -22.94
CA SER D 323 36.66 15.90 -21.46
C SER D 323 35.30 15.68 -20.80
N TYR D 324 34.32 16.52 -21.11
CA TYR D 324 32.95 16.48 -20.54
C TYR D 324 32.34 15.10 -20.83
N PHE D 325 32.34 14.67 -22.09
CA PHE D 325 31.65 13.46 -22.58
C PHE D 325 32.37 12.20 -22.08
N ASN D 326 33.67 12.27 -21.78
CA ASN D 326 34.44 11.15 -21.17
C ASN D 326 34.46 11.31 -19.64
N THR D 327 33.28 11.41 -19.02
CA THR D 327 33.08 11.52 -17.56
C THR D 327 32.07 10.44 -17.14
N ASP D 328 32.32 9.74 -16.03
CA ASP D 328 31.36 8.80 -15.41
C ASP D 328 30.35 9.63 -14.60
N PHE D 329 29.09 9.67 -15.03
CA PHE D 329 28.02 10.53 -14.45
C PHE D 329 27.21 9.77 -13.39
N ARG D 330 27.54 8.50 -13.11
CA ARG D 330 26.82 7.62 -12.17
C ARG D 330 26.65 8.29 -10.80
N PRO D 331 27.70 8.93 -10.23
CA PRO D 331 27.56 9.60 -8.93
C PRO D 331 26.53 10.75 -8.86
N TRP D 332 25.97 11.16 -10.00
CA TRP D 332 24.94 12.24 -10.06
C TRP D 332 23.58 11.69 -10.48
N GLU D 333 23.47 10.39 -10.83
CA GLU D 333 22.19 9.74 -11.22
C GLU D 333 21.32 9.56 -9.97
N PRO D 334 19.97 9.52 -10.10
CA PRO D 334 19.28 9.76 -11.38
C PRO D 334 18.95 11.25 -11.58
N ASP D 335 18.81 12.02 -10.49
CA ASP D 335 18.52 13.47 -10.41
C ASP D 335 19.39 14.26 -11.41
N GLY D 336 20.73 14.17 -11.31
CA GLY D 336 21.65 14.66 -12.34
C GLY D 336 22.34 15.97 -11.97
N SER D 337 22.04 16.56 -10.80
CA SER D 337 22.56 17.89 -10.37
C SER D 337 24.00 17.78 -9.83
N TYR D 338 24.93 18.55 -10.41
CA TYR D 338 26.37 18.60 -10.03
C TYR D 338 26.80 20.05 -9.76
N THR D 339 25.91 21.04 -9.92
CA THR D 339 26.24 22.49 -9.86
C THR D 339 26.44 22.95 -8.40
N GLY D 340 25.82 22.25 -7.44
CA GLY D 340 25.69 22.68 -6.04
C GLY D 340 24.49 23.60 -5.84
N ALA D 341 23.72 23.85 -6.90
CA ALA D 341 22.59 24.82 -6.94
C ALA D 341 21.35 24.14 -7.50
N SER D 342 21.05 22.91 -7.06
CA SER D 342 19.92 22.06 -7.56
C SER D 342 18.54 22.63 -7.19
N TYR D 343 18.45 23.62 -6.30
CA TYR D 343 17.19 24.31 -5.93
C TYR D 343 16.99 25.55 -6.83
N ASP D 344 18.05 26.03 -7.49
CA ASP D 344 18.11 27.39 -8.08
C ASP D 344 18.38 27.38 -9.60
N ASP D 345 19.33 26.54 -10.06
CA ASP D 345 19.96 26.63 -11.41
C ASP D 345 19.02 26.05 -12.47
N THR D 346 19.25 26.38 -13.75
CA THR D 346 18.53 25.84 -14.92
C THR D 346 19.57 25.20 -15.85
N TRP D 347 20.23 24.14 -15.37
CA TRP D 347 21.35 23.44 -16.04
C TRP D 347 20.93 22.90 -17.42
N ASP D 348 19.70 22.37 -17.53
CA ASP D 348 19.15 21.79 -18.78
C ASP D 348 19.11 22.89 -19.87
N ILE D 349 18.52 24.04 -19.54
CA ILE D 349 18.43 25.23 -20.44
C ILE D 349 19.84 25.71 -20.83
N ASP D 350 20.70 25.95 -19.83
CA ASP D 350 22.06 26.52 -20.03
C ASP D 350 22.88 25.58 -20.92
N GLN D 351 22.73 24.26 -20.77
CA GLN D 351 23.40 23.23 -21.62
C GLN D 351 22.83 23.32 -23.04
N TYR D 352 21.50 23.33 -23.18
CA TYR D 352 20.78 23.40 -24.47
C TYR D 352 21.30 24.62 -25.25
N LEU D 353 21.60 25.74 -24.57
CA LEU D 353 22.02 27.02 -25.19
C LEU D 353 23.53 27.04 -25.51
N THR D 354 24.36 26.27 -24.79
CA THR D 354 25.85 26.38 -24.88
C THR D 354 26.43 25.26 -25.76
N TYR D 355 25.83 24.05 -25.71
CA TYR D 355 26.36 22.83 -26.37
C TYR D 355 26.51 23.08 -27.88
N ASP D 356 27.66 22.74 -28.43
CA ASP D 356 27.94 22.86 -29.90
C ASP D 356 28.05 21.45 -30.47
N SER D 357 27.04 20.99 -31.21
CA SER D 357 26.98 19.66 -31.86
C SER D 357 27.94 19.58 -33.06
N THR D 358 28.63 20.67 -33.44
CA THR D 358 29.59 20.71 -34.59
C THR D 358 31.04 20.44 -34.12
N ILE D 359 31.32 20.49 -32.82
CA ILE D 359 32.71 20.30 -32.29
C ILE D 359 32.98 18.80 -32.09
N GLU D 360 33.91 18.22 -32.86
CA GLU D 360 34.32 16.79 -32.74
C GLU D 360 34.99 16.56 -31.39
N GLN D 361 34.61 15.49 -30.67
CA GLN D 361 35.22 15.08 -29.38
C GLN D 361 36.56 14.40 -29.67
N ILE D 362 37.66 14.97 -29.21
CA ILE D 362 39.02 14.40 -29.40
C ILE D 362 39.69 14.23 -28.04
N LYS D 363 40.15 13.01 -27.75
CA LYS D 363 41.03 12.68 -26.59
C LYS D 363 42.38 13.37 -26.81
N PRO D 364 42.97 13.97 -25.75
CA PRO D 364 44.32 14.53 -25.84
C PRO D 364 45.29 13.51 -26.48
N ASP D 365 46.23 13.99 -27.31
CA ASP D 365 47.22 13.14 -28.04
C ASP D 365 48.63 13.37 -27.47
N VAL D 366 48.80 14.31 -26.55
CA VAL D 366 50.11 14.66 -25.92
C VAL D 366 50.39 13.70 -24.75
N SER D 367 51.64 13.71 -24.24
CA SER D 367 52.08 12.97 -23.04
C SER D 367 51.10 13.23 -21.88
N GLY D 368 50.67 12.16 -21.20
CA GLY D 368 49.66 12.21 -20.12
C GLY D 368 50.12 13.04 -18.94
N THR D 369 51.41 12.96 -18.58
CA THR D 369 51.96 13.62 -17.36
C THR D 369 52.08 15.13 -17.62
N VAL D 370 51.59 15.97 -16.71
CA VAL D 370 51.65 17.46 -16.82
C VAL D 370 52.12 18.02 -15.48
N PHE D 371 53.10 18.93 -15.50
CA PHE D 371 53.67 19.61 -14.32
C PHE D 371 53.28 21.09 -14.39
N MET D 372 52.39 21.54 -13.51
CA MET D 372 51.79 22.90 -13.55
C MET D 372 52.32 23.68 -12.35
N ASN D 373 53.61 24.06 -12.44
CA ASN D 373 54.43 24.58 -11.33
C ASN D 373 53.96 25.97 -10.93
N ASN D 374 53.24 26.68 -11.81
CA ASN D 374 52.70 28.03 -11.52
C ASN D 374 51.68 27.94 -10.36
N SER D 375 50.77 26.98 -10.41
CA SER D 375 49.75 26.74 -9.34
C SER D 375 50.33 25.78 -8.29
N GLY D 376 51.06 24.77 -8.76
CA GLY D 376 51.77 23.76 -7.96
C GLY D 376 51.09 22.41 -7.95
N GLN D 377 50.28 22.09 -8.96
CA GLN D 377 49.71 20.73 -9.12
C GLN D 377 50.50 20.04 -10.24
N THR D 378 50.94 18.79 -10.00
CA THR D 378 51.51 17.91 -11.03
C THR D 378 50.64 16.65 -11.11
N VAL D 379 50.33 16.18 -12.31
CA VAL D 379 49.58 14.90 -12.52
C VAL D 379 50.50 13.96 -13.33
N PHE D 380 50.80 12.79 -12.77
CA PHE D 380 51.42 11.65 -13.48
C PHE D 380 50.26 10.82 -14.01
N ARG D 381 50.19 10.63 -15.32
CA ARG D 381 49.05 9.97 -16.00
C ARG D 381 49.55 9.09 -17.15
N SER D 382 49.36 7.77 -17.04
CA SER D 382 49.86 6.77 -18.01
C SER D 382 49.12 6.96 -19.33
N ASP D 383 47.79 7.09 -19.28
CA ASP D 383 46.91 7.13 -20.49
C ASP D 383 45.83 8.22 -20.30
N TRP D 384 45.27 8.69 -21.41
CA TRP D 384 44.07 9.56 -21.45
C TRP D 384 42.82 8.68 -21.65
N ASN D 385 42.94 7.35 -21.57
CA ASN D 385 41.78 6.42 -21.66
C ASN D 385 40.74 6.79 -20.59
N PHE D 386 39.46 6.75 -20.94
CA PHE D 386 38.32 6.98 -20.00
C PHE D 386 37.88 5.60 -19.46
N ASN D 387 37.88 5.41 -18.14
CA ASN D 387 37.26 4.22 -17.50
C ASN D 387 38.00 2.96 -17.95
N ASN D 388 39.33 3.00 -17.97
CA ASN D 388 40.19 1.82 -18.29
C ASN D 388 40.93 1.37 -17.04
N PRO D 389 40.88 0.08 -16.66
CA PRO D 389 41.64 -0.43 -15.51
C PRO D 389 43.17 -0.32 -15.65
N ASN D 390 43.66 -0.23 -16.90
CA ASN D 390 45.10 -0.14 -17.23
C ASN D 390 45.62 1.27 -16.92
N SER D 391 44.75 2.27 -16.81
CA SER D 391 45.12 3.69 -16.55
C SER D 391 45.77 3.84 -15.17
N ARG D 392 46.66 4.81 -15.02
CA ARG D 392 47.26 5.21 -13.72
C ARG D 392 47.25 6.73 -13.66
N TYR D 393 46.76 7.30 -12.56
CA TYR D 393 46.71 8.75 -12.27
C TYR D 393 47.22 8.97 -10.84
N LEU D 394 48.16 9.90 -10.66
CA LEU D 394 48.59 10.39 -9.33
C LEU D 394 48.64 11.92 -9.41
N LEU D 395 47.88 12.60 -8.56
CA LEU D 395 47.93 14.08 -8.42
C LEU D 395 48.88 14.37 -7.26
N PHE D 396 49.88 15.22 -7.49
CA PHE D 396 50.86 15.71 -6.49
C PHE D 396 50.50 17.17 -6.21
N GLN D 397 49.98 17.42 -5.01
CA GLN D 397 49.31 18.70 -4.61
C GLN D 397 50.32 19.56 -3.85
N GLY D 398 50.64 20.75 -4.38
CA GLY D 398 51.57 21.71 -3.77
C GLY D 398 51.18 23.15 -4.06
N VAL D 399 49.93 23.51 -3.77
CA VAL D 399 49.39 24.88 -4.03
C VAL D 399 49.43 25.66 -2.71
N ALA D 400 49.91 26.91 -2.75
CA ALA D 400 49.87 27.81 -1.58
C ALA D 400 48.44 27.89 -1.04
N GLU D 401 48.28 27.82 0.28
CA GLU D 401 46.98 27.92 0.97
C GLU D 401 46.39 29.33 0.78
N ALA D 402 45.10 29.42 0.52
CA ALA D 402 44.30 30.66 0.46
C ALA D 402 43.49 30.82 1.76
N ASP D 403 42.83 31.94 1.95
CA ASP D 403 42.17 32.31 3.23
C ASP D 403 40.71 31.81 3.28
N ASN D 404 40.35 30.70 2.62
CA ASN D 404 38.97 30.16 2.65
C ASN D 404 38.94 28.79 1.99
N HIS D 405 38.26 27.82 2.62
CA HIS D 405 37.96 26.45 2.10
C HIS D 405 39.23 25.60 2.03
N TYR D 406 40.31 25.95 2.74
CA TYR D 406 41.62 25.27 2.69
C TYR D 406 41.60 23.99 3.55
N HIS D 407 42.22 22.91 3.06
CA HIS D 407 42.62 21.70 3.82
C HIS D 407 44.15 21.66 3.84
N TYR D 408 44.77 21.22 4.94
CA TYR D 408 46.25 21.25 5.10
C TYR D 408 46.84 20.00 4.46
N ASP D 409 47.24 20.09 3.19
CA ASP D 409 47.59 18.91 2.34
C ASP D 409 48.81 19.22 1.47
N HIS D 410 49.69 20.13 1.87
CA HIS D 410 50.95 20.46 1.13
C HIS D 410 51.77 19.19 0.89
N LEU D 411 52.11 18.91 -0.37
CA LEU D 411 53.00 17.81 -0.80
C LEU D 411 52.27 16.46 -0.66
N SER D 412 50.95 16.48 -0.49
CA SER D 412 50.08 15.27 -0.49
C SER D 412 49.87 14.77 -1.93
N PHE D 413 49.23 13.60 -2.08
CA PHE D 413 48.97 12.95 -3.38
C PHE D 413 47.73 12.05 -3.27
N ILE D 414 47.04 11.85 -4.39
CA ILE D 414 45.93 10.86 -4.53
C ILE D 414 46.21 10.04 -5.79
N ILE D 415 45.78 8.77 -5.80
CA ILE D 415 45.98 7.82 -6.93
C ILE D 415 44.61 7.33 -7.43
N HIS D 416 44.41 7.28 -8.74
CA HIS D 416 43.25 6.64 -9.41
C HIS D 416 43.79 5.64 -10.42
N ALA D 417 43.45 4.36 -10.30
CA ALA D 417 44.01 3.26 -11.12
C ALA D 417 43.12 2.03 -10.99
N GLU D 418 43.19 1.11 -11.96
CA GLU D 418 42.33 -0.11 -11.99
C GLU D 418 40.87 0.32 -11.89
N ASN D 419 40.52 1.51 -12.41
CA ASN D 419 39.14 2.06 -12.44
C ASN D 419 38.58 2.19 -11.01
N GLN D 420 39.44 2.54 -10.05
CA GLN D 420 39.03 2.77 -8.64
C GLN D 420 39.86 3.90 -8.02
N MET D 421 39.26 4.70 -7.14
CA MET D 421 39.98 5.70 -6.31
C MET D 421 40.75 4.94 -5.23
N MET D 422 42.06 5.13 -5.16
CA MET D 422 42.99 4.46 -4.19
C MET D 422 43.50 5.51 -3.19
N ALA D 423 44.82 5.62 -2.98
CA ALA D 423 45.43 6.62 -2.06
C ALA D 423 44.57 7.90 -2.09
N SER D 424 44.07 8.35 -0.93
CA SER D 424 42.91 9.28 -0.81
C SER D 424 43.27 10.57 -0.07
N ASP D 425 42.67 11.69 -0.51
CA ASP D 425 42.38 12.89 0.32
C ASP D 425 41.05 12.59 1.02
N SER D 426 40.87 13.00 2.28
CA SER D 426 39.73 12.57 3.14
C SER D 426 38.41 13.21 2.67
N GLY D 427 38.51 14.28 1.88
CA GLY D 427 37.35 15.01 1.35
C GLY D 427 36.89 16.14 2.26
N TYR D 428 35.88 16.90 1.81
CA TYR D 428 35.42 18.21 2.36
C TYR D 428 35.09 18.06 3.86
N SER D 429 34.07 17.27 4.16
CA SER D 429 33.49 17.09 5.51
C SER D 429 32.49 15.93 5.44
N ARG D 430 31.65 15.75 6.45
CA ARG D 430 30.52 14.78 6.40
C ARG D 430 29.46 15.28 5.41
N ASN D 431 29.06 16.54 5.54
CA ASN D 431 27.79 17.06 4.94
C ASN D 431 27.97 18.52 4.51
N SER D 432 28.47 19.38 5.40
CA SER D 432 28.55 20.86 5.16
C SER D 432 29.80 21.49 5.78
N TYR D 433 29.99 22.79 5.49
CA TYR D 433 31.11 23.66 5.96
C TYR D 433 31.21 23.68 7.49
N GLY D 434 30.07 23.75 8.18
CA GLY D 434 30.00 24.06 9.63
C GLY D 434 30.01 22.82 10.51
N GLU D 435 30.06 21.60 9.97
CA GLU D 435 30.11 20.34 10.78
C GLU D 435 31.38 20.33 11.63
N GLY D 436 31.28 20.00 12.94
CA GLY D 436 32.45 19.95 13.85
C GLY D 436 33.58 19.08 13.31
N ILE D 437 33.24 17.94 12.70
CA ILE D 437 34.19 16.94 12.15
C ILE D 437 35.09 17.57 11.07
N ARG D 438 34.63 18.61 10.37
CA ARG D 438 35.46 19.32 9.35
C ARG D 438 36.69 19.94 10.03
N THR D 439 36.52 20.54 11.22
CA THR D 439 37.58 21.24 11.99
C THR D 439 38.43 20.23 12.76
N SER D 440 37.80 19.20 13.35
CA SER D 440 38.49 18.19 14.18
C SER D 440 39.27 17.21 13.30
N TRP D 441 38.81 16.95 12.08
CA TRP D 441 39.35 15.83 11.24
C TRP D 441 39.64 16.24 9.79
N TYR D 442 38.61 16.60 9.00
CA TYR D 442 38.64 16.70 7.52
C TYR D 442 39.75 17.66 7.04
N LEU D 443 39.88 18.84 7.66
CA LEU D 443 40.89 19.85 7.23
C LEU D 443 42.31 19.48 7.69
N THR D 444 42.42 18.61 8.71
CA THR D 444 43.67 18.38 9.50
C THR D 444 44.70 17.63 8.66
N ALA D 445 45.98 17.86 8.94
CA ALA D 445 47.12 17.25 8.22
C ALA D 445 46.95 15.73 8.20
N GLU D 446 46.55 15.14 9.33
CA GLU D 446 46.52 13.68 9.55
C GLU D 446 45.56 13.00 8.55
N ALA D 447 44.58 13.73 8.01
CA ALA D 447 43.56 13.20 7.07
C ALA D 447 44.12 13.10 5.64
N HIS D 448 45.42 13.41 5.44
CA HIS D 448 46.09 13.50 4.11
C HIS D 448 47.32 12.58 4.01
N ASN D 449 47.82 12.38 2.79
CA ASN D 449 49.08 11.66 2.51
C ASN D 449 50.25 12.64 2.72
N VAL D 450 50.51 13.03 3.98
CA VAL D 450 51.59 13.99 4.34
C VAL D 450 52.54 13.38 5.37
N ILE D 451 53.68 14.04 5.61
CA ILE D 451 54.57 13.78 6.77
C ILE D 451 54.58 15.06 7.61
N THR D 452 54.14 14.97 8.87
CA THR D 452 54.18 16.07 9.86
C THR D 452 55.42 15.91 10.75
N ALA D 453 55.99 17.02 11.23
CA ALA D 453 57.18 17.09 12.09
C ALA D 453 56.77 17.81 13.39
N ASN D 454 56.82 17.10 14.51
CA ASN D 454 56.24 17.57 15.81
C ASN D 454 54.78 18.00 15.57
N GLY D 455 54.02 17.25 14.76
CA GLY D 455 52.61 17.52 14.46
C GLY D 455 52.41 18.63 13.44
N GLU D 456 53.43 19.44 13.13
CA GLU D 456 53.33 20.60 12.21
C GLU D 456 53.21 20.10 10.76
N HIS D 457 52.30 20.67 9.98
CA HIS D 457 52.08 20.31 8.55
C HIS D 457 53.14 20.99 7.69
N PRO D 458 53.58 20.37 6.57
CA PRO D 458 54.45 21.06 5.62
C PRO D 458 53.66 22.25 5.09
N LYS D 459 54.32 23.39 4.89
CA LYS D 459 53.63 24.68 4.62
C LYS D 459 54.48 25.59 3.73
N ASP D 460 53.88 26.69 3.29
CA ASP D 460 54.50 27.72 2.41
C ASP D 460 55.64 28.41 3.16
N VAL D 461 56.72 28.74 2.44
CA VAL D 461 57.87 29.51 2.97
C VAL D 461 57.36 30.90 3.37
N SER D 462 56.48 31.50 2.55
CA SER D 462 55.82 32.80 2.84
C SER D 462 54.44 32.83 2.16
N GLU D 463 53.60 33.75 2.60
CA GLU D 463 52.20 33.92 2.11
C GLU D 463 52.21 34.01 0.59
N ASN D 464 51.36 33.20 -0.07
CA ASN D 464 51.04 33.29 -1.52
C ASN D 464 52.23 32.85 -2.39
N THR D 465 53.28 32.23 -1.84
CA THR D 465 54.38 31.65 -2.64
C THR D 465 54.16 30.15 -2.79
N THR D 466 53.90 29.64 -3.99
CA THR D 466 53.67 28.20 -4.23
C THR D 466 54.94 27.45 -3.83
N PRO D 467 54.83 26.34 -3.06
CA PRO D 467 55.99 25.47 -2.83
C PRO D 467 56.69 25.12 -4.15
N VAL D 468 58.02 25.27 -4.18
CA VAL D 468 58.87 25.07 -5.40
C VAL D 468 58.82 23.61 -5.83
N SER D 469 58.61 23.35 -7.12
CA SER D 469 58.77 22.03 -7.79
C SER D 469 60.04 22.06 -8.66
N ARG D 470 60.77 20.94 -8.79
CA ARG D 470 62.07 20.88 -9.49
C ARG D 470 62.41 19.44 -9.89
N TYR D 471 63.38 19.29 -10.80
CA TYR D 471 63.90 18.00 -11.34
C TYR D 471 62.83 17.32 -12.20
N ASP D 472 61.88 18.08 -12.73
CA ASP D 472 60.79 17.57 -13.61
C ASP D 472 61.44 16.70 -14.71
N MET D 473 61.00 15.46 -14.85
CA MET D 473 61.33 14.58 -16.01
C MET D 473 60.06 13.84 -16.42
N ASP D 474 59.74 13.83 -17.72
CA ASP D 474 58.53 13.18 -18.30
C ASP D 474 58.97 12.38 -19.53
N THR D 475 58.65 11.09 -19.56
CA THR D 475 59.08 10.16 -20.63
C THR D 475 57.96 9.13 -20.81
N ASP D 476 58.27 8.00 -21.44
CA ASP D 476 57.40 6.80 -21.48
C ASP D 476 58.04 5.66 -20.68
N PHE D 477 59.04 5.92 -19.84
CA PHE D 477 59.69 4.88 -18.97
C PHE D 477 59.59 5.26 -17.48
N PHE D 478 59.71 6.57 -17.20
CA PHE D 478 59.72 7.14 -15.82
C PHE D 478 59.38 8.63 -15.87
N ASP D 479 58.50 9.06 -14.96
CA ASP D 479 58.23 10.50 -14.63
C ASP D 479 58.73 10.75 -13.20
N PHE D 480 59.23 11.95 -12.93
CA PHE D 480 59.87 12.31 -11.64
C PHE D 480 59.73 13.81 -11.41
N GLN D 481 59.53 14.19 -10.15
CA GLN D 481 59.45 15.60 -9.70
C GLN D 481 59.57 15.61 -8.16
N GLU D 482 60.23 16.63 -7.62
CA GLU D 482 60.30 16.88 -6.16
C GLU D 482 59.64 18.23 -5.87
N LYS D 483 59.00 18.34 -4.70
CA LYS D 483 58.43 19.61 -4.17
C LYS D 483 59.01 19.82 -2.77
N GLU D 484 59.20 21.08 -2.40
CA GLU D 484 59.86 21.49 -1.12
C GLU D 484 58.89 22.37 -0.33
N ALA D 485 58.62 21.98 0.91
CA ALA D 485 57.82 22.73 1.90
C ALA D 485 58.55 22.77 3.25
N VAL D 486 58.26 23.78 4.07
CA VAL D 486 58.92 24.01 5.39
C VAL D 486 57.91 23.74 6.52
N TYR D 487 58.43 23.39 7.70
CA TYR D 487 57.60 23.05 8.89
C TYR D 487 57.26 24.33 9.66
N ASP D 488 58.14 25.32 9.66
CA ASP D 488 57.94 26.60 10.40
C ASP D 488 57.59 27.72 9.40
N GLY D 489 56.50 27.57 8.65
CA GLY D 489 56.21 28.51 7.54
C GLY D 489 54.93 29.30 7.77
N PHE D 490 54.23 29.62 6.69
CA PHE D 490 52.95 30.38 6.69
C PHE D 490 51.81 29.39 6.45
N THR D 491 50.76 29.49 7.28
CA THR D 491 49.49 28.74 7.16
C THR D 491 48.35 29.63 7.70
N PHE D 492 47.13 29.09 7.81
CA PHE D 492 45.92 29.83 8.27
C PHE D 492 45.25 29.00 9.35
N PRO D 493 44.82 29.58 10.49
CA PRO D 493 45.14 30.96 10.84
C PRO D 493 46.66 31.12 11.04
N GLU D 494 47.15 32.36 11.02
CA GLU D 494 48.60 32.68 10.98
C GLU D 494 49.22 32.30 12.32
N LYS D 495 50.42 31.70 12.29
CA LYS D 495 51.19 31.21 13.47
C LYS D 495 52.62 31.71 13.33
N ASN D 496 53.13 32.39 14.36
CA ASN D 496 54.35 33.23 14.27
C ASN D 496 55.61 32.49 14.76
N SER D 497 55.45 31.50 15.64
CA SER D 497 56.60 30.83 16.31
C SER D 497 56.32 29.34 16.52
N TYR D 498 57.40 28.54 16.55
CA TYR D 498 57.36 27.06 16.70
C TYR D 498 58.44 26.65 17.70
N ASP D 499 58.74 25.34 17.75
CA ASP D 499 59.78 24.77 18.65
C ASP D 499 60.84 24.09 17.77
N PHE D 500 60.99 24.54 16.53
CA PHE D 500 61.95 23.93 15.59
C PHE D 500 61.93 24.68 14.25
N SER D 501 62.82 24.30 13.35
CA SER D 501 62.91 24.81 11.96
C SER D 501 63.32 23.62 11.10
N GLY D 502 62.69 23.44 9.95
CA GLY D 502 63.01 22.31 9.06
C GLY D 502 62.15 22.29 7.81
N LYS D 503 62.41 21.30 6.95
CA LYS D 503 61.75 21.20 5.63
C LYS D 503 61.56 19.74 5.25
N GLN D 504 60.64 19.51 4.32
CA GLN D 504 60.43 18.23 3.61
C GLN D 504 60.73 18.47 2.12
N ILE D 505 61.50 17.58 1.51
CA ILE D 505 61.64 17.47 0.03
C ILE D 505 60.99 16.13 -0.34
N ARG D 506 59.82 16.20 -0.99
CA ARG D 506 59.06 15.01 -1.43
C ARG D 506 59.27 14.83 -2.94
N ALA D 507 59.80 13.68 -3.33
CA ALA D 507 59.98 13.26 -4.73
C ALA D 507 58.98 12.15 -5.02
N ILE D 508 58.27 12.25 -6.14
CA ILE D 508 57.36 11.18 -6.64
C ILE D 508 57.88 10.73 -8.00
N GLY D 509 57.95 9.41 -8.21
CA GLY D 509 58.37 8.77 -9.45
C GLY D 509 57.33 7.77 -9.91
N PHE D 510 57.26 7.53 -11.22
CA PHE D 510 56.24 6.71 -11.90
C PHE D 510 56.96 5.62 -12.67
N PRO D 511 57.62 4.66 -11.96
CA PRO D 511 58.37 3.59 -12.65
C PRO D 511 57.50 2.76 -13.62
N ARG D 512 57.95 2.67 -14.87
CA ARG D 512 57.29 1.91 -15.98
C ARG D 512 55.89 2.48 -16.25
N GLN D 513 55.59 3.72 -15.80
CA GLN D 513 54.22 4.30 -15.75
C GLN D 513 53.23 3.25 -15.22
N ASP D 514 53.65 2.42 -14.25
CA ASP D 514 52.88 1.22 -13.79
C ASP D 514 52.63 1.23 -12.28
N TYR D 515 53.49 1.86 -11.48
CA TYR D 515 53.38 1.96 -10.01
C TYR D 515 54.06 3.28 -9.60
N PHE D 516 54.11 3.56 -8.29
CA PHE D 516 54.63 4.84 -7.75
C PHE D 516 55.67 4.59 -6.65
N VAL D 517 56.69 5.44 -6.61
CA VAL D 517 57.64 5.57 -5.47
C VAL D 517 57.48 7.00 -4.94
N VAL D 518 57.25 7.14 -3.63
CA VAL D 518 57.18 8.46 -2.93
C VAL D 518 58.35 8.47 -1.94
N ALA D 519 59.34 9.33 -2.20
CA ALA D 519 60.62 9.39 -1.45
C ALA D 519 60.76 10.75 -0.78
N ASP D 520 60.74 10.77 0.56
CA ASP D 520 60.80 12.02 1.37
C ASP D 520 62.19 12.15 2.00
N GLN D 521 62.80 13.33 1.88
CA GLN D 521 63.98 13.76 2.68
C GLN D 521 63.48 14.79 3.70
N LEU D 522 63.81 14.62 4.98
CA LEU D 522 63.36 15.52 6.08
C LEU D 522 64.59 16.04 6.82
N PHE D 523 64.73 17.37 6.92
CA PHE D 523 65.85 18.06 7.60
C PHE D 523 65.27 19.01 8.65
N SER D 524 65.85 18.99 9.86
CA SER D 524 65.43 19.83 11.00
C SER D 524 66.67 20.30 11.79
N ASP D 525 66.55 21.40 12.52
CA ASP D 525 67.65 22.00 13.29
C ASP D 525 67.77 21.30 14.65
N LYS D 526 66.88 20.36 14.99
CA LYS D 526 66.91 19.61 16.28
C LYS D 526 66.45 18.16 16.09
N GLU D 527 65.89 17.56 17.14
CA GLU D 527 65.26 16.22 17.11
C GLU D 527 63.74 16.39 17.16
N VAL D 528 63.02 15.83 16.18
CA VAL D 528 61.54 16.01 16.02
C VAL D 528 60.92 14.65 15.69
N GLN D 529 59.62 14.51 15.90
CA GLN D 529 58.86 13.27 15.59
C GLN D 529 58.20 13.44 14.23
N TYR D 530 58.57 12.60 13.26
CA TYR D 530 57.95 12.55 11.91
C TYR D 530 56.85 11.49 11.91
N ASP D 531 55.62 11.88 11.58
CA ASP D 531 54.47 10.97 11.33
C ASP D 531 54.11 11.04 9.84
N LEU D 532 54.31 9.93 9.14
CA LEU D 532 53.94 9.75 7.71
C LEU D 532 52.60 9.03 7.71
N TYR D 533 51.59 9.59 7.02
CA TYR D 533 50.24 8.99 6.88
C TYR D 533 50.04 8.57 5.43
N LEU D 534 49.58 7.32 5.23
CA LEU D 534 49.12 6.79 3.93
C LEU D 534 47.67 6.31 4.12
N HIS D 535 46.71 7.02 3.51
CA HIS D 535 45.27 6.66 3.45
C HIS D 535 45.02 5.92 2.13
N GLY D 536 44.35 4.77 2.19
CA GLY D 536 44.05 3.92 1.02
C GLY D 536 42.63 4.10 0.51
N GLY D 537 42.02 5.28 0.72
CA GLY D 537 40.62 5.53 0.33
C GLY D 537 39.66 4.55 1.00
N ARG D 538 38.56 4.23 0.33
CA ARG D 538 37.42 3.46 0.91
C ARG D 538 37.69 1.95 0.76
N GLY D 539 38.83 1.48 1.26
CA GLY D 539 39.22 0.05 1.16
C GLY D 539 39.44 -0.59 2.52
N GLU D 540 39.27 -1.92 2.61
CA GLU D 540 39.63 -2.75 3.79
C GLU D 540 41.16 -2.81 3.87
N MET D 541 41.76 -2.26 4.93
CA MET D 541 43.24 -2.28 5.15
C MET D 541 43.62 -3.57 5.89
N SER D 542 44.57 -4.34 5.36
CA SER D 542 45.17 -5.55 5.98
C SER D 542 46.70 -5.38 5.90
N GLY D 543 47.45 -6.21 6.65
CA GLY D 543 48.92 -6.25 6.60
C GLY D 543 49.56 -5.79 7.89
N GLU D 544 50.78 -6.28 8.18
CA GLU D 544 51.60 -5.94 9.37
C GLU D 544 53.02 -5.55 8.91
N GLY D 545 53.83 -5.03 9.83
CA GLY D 545 55.22 -4.61 9.54
C GLY D 545 55.25 -3.51 8.49
N ASN D 546 56.06 -3.67 7.44
CA ASN D 546 56.31 -2.64 6.40
C ASN D 546 55.30 -2.77 5.24
N TYR D 547 54.33 -3.68 5.31
CA TYR D 547 53.40 -4.03 4.19
C TYR D 547 51.95 -3.72 4.57
N ARG D 548 51.22 -3.05 3.69
CA ARG D 548 49.77 -2.75 3.87
C ARG D 548 49.05 -2.94 2.54
N LEU D 549 47.88 -3.59 2.56
CA LEU D 549 47.01 -3.80 1.38
C LEU D 549 45.62 -3.19 1.67
N TRP D 550 45.13 -2.34 0.76
CA TRP D 550 43.73 -1.85 0.75
C TRP D 550 42.97 -2.57 -0.36
N THR D 551 41.89 -3.28 -0.01
CA THR D 551 41.00 -4.01 -0.95
C THR D 551 39.71 -3.21 -1.13
N TYR D 552 39.39 -2.81 -2.38
CA TYR D 552 38.15 -2.09 -2.76
C TYR D 552 37.13 -3.09 -3.31
N GLU D 553 35.85 -2.75 -3.26
CA GLU D 553 34.75 -3.53 -3.89
C GLU D 553 34.11 -2.70 -5.02
N ASP D 554 33.26 -3.31 -5.86
CA ASP D 554 32.38 -2.58 -6.81
C ASP D 554 31.53 -1.60 -5.99
N ASP D 555 31.75 -0.29 -6.13
CA ASP D 555 31.08 0.73 -5.30
C ASP D 555 30.68 1.91 -6.19
N ARG D 556 30.23 3.01 -5.59
CA ARG D 556 29.79 4.23 -6.34
C ARG D 556 31.00 4.89 -7.01
N TYR D 557 32.23 4.51 -6.65
CA TYR D 557 33.47 5.23 -7.04
C TYR D 557 34.33 4.40 -8.00
N GLY D 558 34.05 3.11 -8.22
CA GLY D 558 34.92 2.26 -9.06
C GLY D 558 34.67 0.78 -8.92
N GLN D 559 35.62 -0.03 -9.44
CA GLN D 559 35.51 -1.51 -9.52
C GLN D 559 36.32 -2.15 -8.38
N GLU D 560 36.03 -3.41 -8.06
CA GLU D 560 36.88 -4.29 -7.21
C GLU D 560 38.33 -4.16 -7.70
N ALA D 561 39.27 -3.97 -6.76
CA ALA D 561 40.74 -4.08 -7.01
C ALA D 561 41.45 -3.83 -5.66
N LYS D 562 42.78 -3.68 -5.66
CA LYS D 562 43.57 -3.51 -4.42
C LYS D 562 44.75 -2.57 -4.68
N MET D 563 45.25 -1.94 -3.61
CA MET D 563 46.48 -1.10 -3.62
C MET D 563 47.43 -1.66 -2.55
N ALA D 564 48.61 -2.15 -2.98
CA ALA D 564 49.65 -2.73 -2.11
C ALA D 564 50.70 -1.65 -1.86
N ALA D 565 51.15 -1.50 -0.61
CA ALA D 565 52.18 -0.52 -0.21
C ALA D 565 53.23 -1.20 0.66
N TRP D 566 54.49 -0.80 0.46
CA TRP D 566 55.65 -1.06 1.36
C TRP D 566 56.20 0.29 1.83
N VAL D 567 56.61 0.37 3.10
CA VAL D 567 57.27 1.59 3.66
C VAL D 567 58.71 1.23 4.06
N PHE D 568 59.68 2.01 3.57
CA PHE D 568 61.13 1.88 3.90
C PHE D 568 61.57 3.15 4.61
N PRO D 569 62.53 3.12 5.57
CA PRO D 569 63.18 1.89 6.04
C PRO D 569 62.48 1.14 7.19
N SER D 570 62.21 -0.14 6.92
CA SER D 570 61.59 -1.16 7.82
C SER D 570 62.10 -1.04 9.26
N LYS D 571 63.42 -0.98 9.44
CA LYS D 571 64.09 -1.17 10.76
C LYS D 571 64.13 0.15 11.55
N GLU D 572 63.89 1.29 10.92
CA GLU D 572 64.09 2.64 11.52
C GLU D 572 62.75 3.36 11.75
N SER D 573 61.64 2.74 11.34
CA SER D 573 60.27 3.31 11.45
C SER D 573 59.38 2.31 12.21
N ILE D 574 58.37 2.78 12.94
CA ILE D 574 57.33 1.92 13.56
C ILE D 574 55.99 2.21 12.85
N PHE D 575 55.08 1.24 12.86
CA PHE D 575 53.84 1.24 12.07
C PHE D 575 52.64 1.21 13.02
N ILE D 576 51.75 2.19 12.92
CA ILE D 576 50.47 2.26 13.68
C ILE D 576 49.31 2.21 12.69
N ASP D 577 48.40 1.23 12.84
CA ASP D 577 47.09 1.23 12.15
C ASP D 577 46.16 2.23 12.87
N LYS D 578 45.54 3.15 12.14
CA LYS D 578 44.48 4.05 12.67
C LYS D 578 43.24 3.91 11.78
N GLU D 579 42.11 4.48 12.18
CA GLU D 579 40.82 4.44 11.42
C GLU D 579 40.29 5.87 11.29
N GLY D 580 39.92 6.29 10.08
CA GLY D 580 39.49 7.66 9.79
C GLY D 580 38.41 7.73 8.73
N GLU D 581 37.62 8.80 8.71
CA GLU D 581 36.53 9.01 7.72
C GLU D 581 37.16 9.40 6.37
N VAL D 582 36.71 8.75 5.30
CA VAL D 582 36.97 9.14 3.88
C VAL D 582 35.61 9.46 3.25
N ASN D 583 35.46 10.66 2.66
CA ASN D 583 34.17 11.10 2.06
C ASN D 583 34.42 11.70 0.67
N TYR D 584 33.73 11.19 -0.37
CA TYR D 584 33.87 11.63 -1.79
C TYR D 584 32.76 12.62 -2.16
N GLU D 585 31.62 12.60 -1.46
CA GLU D 585 30.45 13.49 -1.72
C GLU D 585 29.60 13.60 -0.43
N ALA D 586 28.82 14.67 -0.29
CA ALA D 586 28.01 14.98 0.92
C ALA D 586 27.24 13.73 1.36
N GLY D 587 27.32 13.36 2.64
CA GLY D 587 26.49 12.30 3.25
C GLY D 587 27.06 10.89 3.12
N ALA D 588 28.18 10.69 2.42
CA ALA D 588 28.80 9.36 2.22
C ALA D 588 30.14 9.32 2.98
N PHE D 589 30.14 9.72 4.25
CA PHE D 589 31.30 9.48 5.17
C PHE D 589 31.21 8.02 5.64
N ASN D 590 32.34 7.30 5.65
CA ASN D 590 32.54 5.96 6.25
C ASN D 590 33.99 5.91 6.76
N SER D 591 34.31 4.98 7.67
CA SER D 591 35.61 4.86 8.36
C SER D 591 36.45 3.75 7.71
N TYR D 592 37.73 4.00 7.43
CA TYR D 592 38.66 3.01 6.83
C TYR D 592 40.02 3.12 7.54
N GLY D 593 40.76 2.01 7.57
CA GLY D 593 42.14 1.98 8.06
C GLY D 593 43.04 2.93 7.28
N TYR D 594 43.90 3.68 7.97
CA TYR D 594 45.08 4.37 7.37
C TYR D 594 46.33 3.98 8.17
N LEU D 595 47.51 4.05 7.53
CA LEU D 595 48.80 3.63 8.13
C LEU D 595 49.57 4.87 8.59
N ASN D 596 50.10 4.83 9.82
CA ASN D 596 50.90 5.93 10.42
C ASN D 596 52.28 5.34 10.71
N ALA D 597 53.27 5.69 9.89
CA ALA D 597 54.70 5.34 10.08
C ALA D 597 55.36 6.48 10.86
N ARG D 598 56.22 6.14 11.83
CA ARG D 598 56.79 7.12 12.79
C ARG D 598 58.30 6.91 12.92
N GLN D 599 59.02 8.03 13.01
CA GLN D 599 60.46 8.10 13.34
C GLN D 599 60.67 9.31 14.25
N ILE D 600 61.64 9.23 15.14
CA ILE D 600 62.20 10.40 15.86
C ILE D 600 63.62 10.55 15.34
N ALA D 601 63.97 11.71 14.80
CA ALA D 601 65.28 11.97 14.17
C ALA D 601 65.49 13.48 14.01
N LYS D 602 66.66 13.86 13.51
CA LYS D 602 67.00 15.25 13.10
C LYS D 602 66.78 15.35 11.58
N ASP D 603 67.69 14.75 10.78
CA ASP D 603 67.48 14.42 9.36
C ASP D 603 66.99 12.97 9.27
N THR D 604 66.02 12.68 8.41
CA THR D 604 65.51 11.30 8.18
C THR D 604 64.98 11.20 6.75
N MET D 605 64.66 9.98 6.33
CA MET D 605 63.97 9.69 5.04
C MET D 605 62.85 8.67 5.30
N PHE D 606 61.77 8.77 4.54
CA PHE D 606 60.78 7.69 4.34
C PHE D 606 60.65 7.45 2.84
N MET D 607 60.33 6.23 2.43
CA MET D 607 59.99 5.90 1.03
C MET D 607 58.75 5.00 1.08
N GLN D 608 57.80 5.28 0.19
CA GLN D 608 56.63 4.38 -0.06
C GLN D 608 56.77 3.81 -1.48
N ILE D 609 56.59 2.50 -1.61
CA ILE D 609 56.33 1.80 -2.89
C ILE D 609 54.82 1.49 -2.92
N ILE D 610 54.07 2.09 -3.85
CA ILE D 610 52.58 2.02 -3.90
C ILE D 610 52.18 1.46 -5.27
N VAL D 611 51.55 0.28 -5.29
CA VAL D 611 51.28 -0.51 -6.52
C VAL D 611 49.78 -0.74 -6.66
N PRO D 612 49.10 -0.10 -7.64
CA PRO D 612 47.73 -0.50 -8.00
C PRO D 612 47.75 -1.93 -8.56
N LEU D 613 46.76 -2.75 -8.20
CA LEU D 613 46.61 -4.14 -8.69
C LEU D 613 45.13 -4.39 -9.02
N SER D 614 44.84 -5.09 -10.10
CA SER D 614 43.46 -5.22 -10.63
C SER D 614 42.89 -6.62 -10.39
N LYS D 615 42.55 -6.95 -9.13
CA LYS D 615 41.63 -8.08 -8.77
C LYS D 615 42.37 -9.43 -8.76
N TYR D 616 43.00 -9.83 -9.87
CA TYR D 616 43.55 -11.18 -10.10
C TYR D 616 45.08 -11.21 -9.87
N ALA D 617 45.72 -10.05 -9.91
CA ALA D 617 47.20 -9.96 -9.94
C ALA D 617 47.78 -10.39 -8.59
N ASP D 618 48.93 -11.07 -8.57
CA ASP D 618 49.71 -11.35 -7.33
C ASP D 618 50.25 -10.03 -6.78
N ILE D 619 50.62 -10.01 -5.50
CA ILE D 619 51.26 -8.83 -4.84
C ILE D 619 52.75 -8.87 -5.18
N PRO D 620 53.34 -7.80 -5.76
CA PRO D 620 54.76 -7.84 -6.10
C PRO D 620 55.68 -8.11 -4.88
N GLU D 621 56.86 -8.69 -5.11
CA GLU D 621 57.88 -8.98 -4.06
C GLU D 621 58.75 -7.73 -3.92
N VAL D 622 58.70 -7.08 -2.76
CA VAL D 622 59.49 -5.85 -2.44
C VAL D 622 60.37 -6.16 -1.22
N VAL D 623 61.67 -5.85 -1.32
CA VAL D 623 62.65 -6.01 -0.21
C VAL D 623 63.21 -4.63 0.14
N ASP D 624 63.10 -4.22 1.40
CA ASP D 624 63.70 -2.99 1.95
C ASP D 624 65.20 -3.25 2.16
N LEU D 625 66.07 -2.47 1.52
CA LEU D 625 67.53 -2.66 1.60
C LEU D 625 68.16 -1.46 2.30
N SER D 626 67.36 -0.61 2.96
CA SER D 626 67.81 0.63 3.66
C SER D 626 68.94 0.30 4.65
N THR D 627 69.97 1.15 4.70
CA THR D 627 71.18 0.99 5.55
C THR D 627 71.54 2.36 6.12
N ASP D 628 72.77 2.53 6.59
CA ASP D 628 73.26 3.76 7.29
C ASP D 628 72.80 5.03 6.57
N ASP D 629 73.27 5.28 5.34
CA ASP D 629 73.17 6.60 4.66
C ASP D 629 72.11 6.58 3.55
N VAL D 630 71.47 5.43 3.32
CA VAL D 630 70.65 5.12 2.13
C VAL D 630 69.33 4.48 2.55
N VAL D 631 68.23 5.00 2.00
CA VAL D 631 66.87 4.37 2.11
C VAL D 631 66.43 3.93 0.71
N GLY D 632 65.89 2.73 0.59
CA GLY D 632 65.43 2.21 -0.70
C GLY D 632 65.29 0.70 -0.68
N GLY D 633 64.98 0.10 -1.82
CA GLY D 633 64.73 -1.35 -1.95
C GLY D 633 64.51 -1.78 -3.39
N THR D 634 64.13 -3.04 -3.58
CA THR D 634 63.92 -3.67 -4.91
C THR D 634 62.47 -4.17 -4.99
N VAL D 635 61.90 -4.13 -6.19
CA VAL D 635 60.51 -4.55 -6.49
C VAL D 635 60.56 -5.49 -7.69
N VAL D 636 60.09 -6.73 -7.52
CA VAL D 636 59.92 -7.71 -8.62
C VAL D 636 58.43 -7.75 -8.93
N LYS D 637 58.05 -7.21 -10.10
CA LYS D 637 56.65 -7.17 -10.61
C LYS D 637 56.66 -7.61 -12.08
N ASP D 638 55.78 -8.55 -12.43
CA ASP D 638 55.66 -9.12 -13.80
C ASP D 638 57.04 -9.53 -14.32
N ASN D 639 57.88 -10.15 -13.49
CA ASN D 639 59.17 -10.79 -13.88
C ASN D 639 60.24 -9.74 -14.22
N GLU D 640 60.09 -8.49 -13.78
CA GLU D 640 61.10 -7.42 -13.97
C GLU D 640 61.46 -6.83 -12.60
N LYS D 641 62.74 -6.54 -12.36
CA LYS D 641 63.27 -6.05 -11.05
C LYS D 641 63.63 -4.57 -11.17
N ASP D 642 62.94 -3.72 -10.40
CA ASP D 642 63.27 -2.27 -10.25
C ASP D 642 64.04 -2.07 -8.93
N THR D 643 64.91 -1.07 -8.87
CA THR D 643 65.67 -0.69 -7.66
C THR D 643 65.50 0.81 -7.44
N PHE D 644 65.32 1.23 -6.18
CA PHE D 644 65.14 2.63 -5.77
C PHE D 644 66.11 2.93 -4.64
N MET D 645 66.78 4.09 -4.69
CA MET D 645 67.73 4.53 -3.65
C MET D 645 67.56 6.03 -3.44
N GLN D 646 67.56 6.48 -2.19
CA GLN D 646 67.55 7.92 -1.81
C GLN D 646 68.57 8.13 -0.70
N GLN D 647 69.30 9.24 -0.75
CA GLN D 647 70.29 9.64 0.28
C GLN D 647 70.17 11.16 0.47
N LEU D 648 70.72 11.68 1.57
CA LEU D 648 70.53 13.08 2.02
C LEU D 648 71.66 13.96 1.48
N ASN D 649 72.78 13.36 1.02
CA ASN D 649 73.98 14.08 0.50
C ASN D 649 74.41 13.48 -0.84
N ASN D 650 75.23 14.22 -1.61
CA ASN D 650 75.91 13.71 -2.83
C ASN D 650 77.19 13.00 -2.37
N ALA D 651 77.06 11.77 -1.89
CA ALA D 651 78.18 10.90 -1.45
C ALA D 651 78.00 9.54 -2.11
N GLU D 652 79.10 8.89 -2.50
CA GLU D 652 79.07 7.56 -3.15
C GLU D 652 78.48 6.55 -2.14
N ASN D 653 77.34 5.96 -2.48
CA ASN D 653 76.69 4.87 -1.69
C ASN D 653 76.21 3.80 -2.68
N SER D 654 75.95 2.59 -2.17
CA SER D 654 75.47 1.44 -2.97
C SER D 654 74.14 0.95 -2.39
N LEU D 655 73.27 0.42 -3.25
CA LEU D 655 71.96 -0.16 -2.86
C LEU D 655 71.59 -1.16 -3.96
N GLY D 656 71.26 -2.39 -3.59
CA GLY D 656 71.06 -3.49 -4.56
C GLY D 656 72.20 -3.50 -5.57
N ASP D 657 71.87 -3.52 -6.86
CA ASP D 657 72.89 -3.62 -7.95
C ASP D 657 73.24 -2.21 -8.44
N ILE D 658 73.28 -1.21 -7.56
CA ILE D 658 73.55 0.21 -7.94
C ILE D 658 74.62 0.82 -7.03
N THR D 659 75.47 1.65 -7.61
CA THR D 659 76.37 2.60 -6.91
C THR D 659 76.17 3.96 -7.54
N THR D 660 76.03 5.02 -6.75
CA THR D 660 75.89 6.42 -7.24
C THR D 660 76.15 7.40 -6.10
N ASP D 661 76.52 8.63 -6.44
CA ASP D 661 76.54 9.81 -5.53
C ASP D 661 75.25 10.64 -5.70
N ALA D 662 74.26 10.14 -6.45
CA ALA D 662 72.95 10.81 -6.69
C ALA D 662 72.10 10.76 -5.41
N THR D 663 71.29 11.81 -5.17
CA THR D 663 70.37 11.91 -4.00
C THR D 663 69.14 11.03 -4.23
N PHE D 664 68.88 10.61 -5.47
CA PHE D 664 67.81 9.62 -5.82
C PHE D 664 68.23 8.86 -7.08
N ALA D 665 67.86 7.58 -7.18
CA ALA D 665 68.20 6.75 -8.34
C ALA D 665 67.14 5.67 -8.52
N TYR D 666 66.76 5.40 -9.77
CA TYR D 666 65.80 4.34 -10.17
C TYR D 666 66.43 3.53 -11.30
N THR D 667 66.29 2.20 -11.27
CA THR D 667 66.72 1.28 -12.36
C THR D 667 65.62 0.25 -12.59
N ASN D 668 65.37 -0.12 -13.84
CA ASN D 668 64.41 -1.18 -14.27
C ASN D 668 65.17 -2.18 -15.14
N GLU D 669 64.99 -3.48 -14.88
CA GLU D 669 65.59 -4.60 -15.67
C GLU D 669 64.48 -5.33 -16.41
N ASN D 670 64.85 -6.18 -17.38
CA ASN D 670 63.93 -7.04 -18.15
C ASN D 670 63.94 -8.45 -17.55
N SER D 671 63.09 -9.35 -18.06
CA SER D 671 63.05 -10.81 -17.81
C SER D 671 64.44 -11.40 -17.60
N ASN D 672 65.46 -10.92 -18.33
CA ASN D 672 66.81 -11.55 -18.41
C ASN D 672 67.83 -10.78 -17.53
N ASN D 673 67.36 -9.96 -16.59
CA ASN D 673 68.21 -9.23 -15.62
C ASN D 673 69.14 -8.25 -16.32
N GLU D 674 68.76 -7.74 -17.50
CA GLU D 674 69.51 -6.69 -18.25
C GLU D 674 68.90 -5.31 -17.95
N LEU D 675 69.72 -4.32 -17.58
CA LEU D 675 69.27 -2.93 -17.33
C LEU D 675 68.55 -2.44 -18.59
N GLN D 676 67.34 -1.89 -18.46
CA GLN D 676 66.48 -1.40 -19.58
C GLN D 676 66.26 0.12 -19.47
N HIS D 677 66.06 0.64 -18.25
CA HIS D 677 65.84 2.09 -17.98
C HIS D 677 66.49 2.47 -16.65
N PHE D 678 66.91 3.73 -16.52
CA PHE D 678 67.48 4.27 -15.25
C PHE D 678 67.32 5.80 -15.23
N SER D 679 67.33 6.38 -14.02
CA SER D 679 67.24 7.85 -13.79
C SER D 679 67.97 8.20 -12.50
N VAL D 680 68.55 9.39 -12.42
CA VAL D 680 69.28 9.90 -11.22
C VAL D 680 68.89 11.36 -10.99
N ARG D 681 68.81 11.75 -9.72
CA ARG D 681 68.67 13.16 -9.27
C ARG D 681 70.04 13.64 -8.79
N GLN D 682 70.62 14.62 -9.48
CA GLN D 682 71.86 15.35 -9.10
C GLN D 682 73.01 14.34 -8.87
N GLY D 683 73.21 13.41 -9.81
CA GLY D 683 74.36 12.48 -9.83
C GLY D 683 75.51 13.00 -10.67
N THR D 684 76.73 12.57 -10.35
CA THR D 684 77.95 12.75 -11.19
C THR D 684 78.43 11.38 -11.69
N SER D 685 77.79 10.29 -11.28
CA SER D 685 78.15 8.90 -11.66
C SER D 685 77.08 7.91 -11.21
N LEU D 686 76.85 6.87 -12.00
CA LEU D 686 75.93 5.75 -11.65
C LEU D 686 76.49 4.47 -12.25
N ASP D 687 76.65 3.42 -11.44
CA ASP D 687 77.05 2.06 -11.87
C ASP D 687 75.88 1.12 -11.59
N TYR D 688 75.75 0.04 -12.37
CA TYR D 688 74.75 -1.04 -12.18
C TYR D 688 75.47 -2.37 -12.31
N LYS D 689 75.48 -3.19 -11.25
CA LYS D 689 76.14 -4.51 -11.20
C LYS D 689 77.63 -4.35 -11.56
N GLY D 690 78.30 -3.33 -11.03
CA GLY D 690 79.76 -3.15 -11.16
C GLY D 690 80.17 -2.40 -12.43
N GLU D 691 79.26 -2.19 -13.39
CA GLU D 691 79.56 -1.43 -14.64
C GLU D 691 79.10 0.03 -14.49
N ASN D 692 80.00 1.00 -14.64
CA ASN D 692 79.63 2.45 -14.75
C ASN D 692 78.81 2.68 -16.02
N ILE D 693 77.65 3.34 -15.90
CA ILE D 693 76.67 3.57 -16.99
C ILE D 693 76.82 5.00 -17.52
N PHE D 694 77.15 5.97 -16.66
CA PHE D 694 77.45 7.36 -17.05
C PHE D 694 78.26 8.05 -15.94
N VAL D 695 78.97 9.12 -16.31
CA VAL D 695 79.67 10.06 -15.40
C VAL D 695 79.49 11.47 -15.96
N SER D 696 79.51 12.50 -15.10
CA SER D 696 79.37 13.92 -15.52
C SER D 696 80.36 14.76 -14.70
N ASN D 697 80.67 15.96 -15.17
CA ASN D 697 81.63 16.88 -14.53
C ASN D 697 80.91 17.71 -13.45
N LYS D 698 79.58 17.63 -13.35
CA LYS D 698 78.77 18.31 -12.30
C LYS D 698 77.59 17.42 -11.95
N PRO D 699 76.79 17.76 -10.90
CA PRO D 699 75.53 17.06 -10.67
C PRO D 699 74.58 17.31 -11.85
N ILE D 700 73.94 16.26 -12.37
CA ILE D 700 72.91 16.32 -13.44
C ILE D 700 71.74 15.40 -13.05
N THR D 701 70.53 15.78 -13.43
CA THR D 701 69.28 14.99 -13.23
C THR D 701 68.76 14.60 -14.61
N PHE D 702 68.62 13.30 -14.88
CA PHE D 702 68.16 12.80 -16.21
C PHE D 702 67.60 11.40 -16.06
N ALA D 703 66.99 10.90 -17.13
CA ALA D 703 66.44 9.53 -17.28
C ALA D 703 66.77 9.04 -18.68
N LEU D 704 67.14 7.76 -18.83
CA LEU D 704 67.50 7.17 -20.14
C LEU D 704 66.86 5.79 -20.28
N ASP D 705 66.28 5.53 -21.47
CA ASP D 705 65.86 4.19 -21.95
C ASP D 705 67.01 3.65 -22.80
N ILE D 706 67.57 2.50 -22.38
CA ILE D 706 68.75 1.85 -23.01
C ILE D 706 68.32 0.48 -23.58
N SER D 707 67.03 0.30 -23.85
CA SER D 707 66.45 -0.95 -24.38
C SER D 707 66.74 -1.08 -25.89
N ASP D 708 66.90 0.02 -26.61
CA ASP D 708 67.02 0.01 -28.10
C ASP D 708 68.49 0.24 -28.48
N GLU D 709 69.16 -0.79 -29.00
CA GLU D 709 70.61 -0.80 -29.32
C GLU D 709 70.92 0.06 -30.55
N THR D 710 69.89 0.57 -31.26
CA THR D 710 70.01 1.51 -32.40
C THR D 710 69.81 2.97 -31.93
N GLN D 711 69.43 3.19 -30.67
CA GLN D 711 69.24 4.58 -30.15
C GLN D 711 68.76 4.54 -28.69
N TYR D 712 69.56 5.09 -27.78
CA TYR D 712 69.16 5.40 -26.38
C TYR D 712 68.36 6.71 -26.42
N LYS D 713 67.26 6.79 -25.67
CA LYS D 713 66.41 8.01 -25.60
C LYS D 713 66.00 8.28 -24.15
N GLY D 714 65.89 9.55 -23.77
CA GLY D 714 65.32 9.97 -22.48
C GLY D 714 65.22 11.49 -22.38
N THR D 715 65.33 12.04 -21.18
CA THR D 715 65.18 13.50 -20.95
C THR D 715 66.19 13.95 -19.89
N ILE D 716 66.64 15.20 -20.01
CA ILE D 716 67.56 15.84 -19.04
C ILE D 716 66.80 17.03 -18.46
N ALA D 717 66.69 17.11 -17.13
CA ALA D 717 66.06 18.24 -16.41
C ALA D 717 66.79 19.54 -16.73
N ALA D 718 66.14 20.70 -16.54
CA ALA D 718 66.66 22.05 -16.88
C ALA D 718 68.07 22.20 -16.29
N LEU D 719 69.00 22.85 -17.01
CA LEU D 719 70.43 22.97 -16.63
C LEU D 719 70.76 24.41 -16.20
N ASN D 720 71.33 24.57 -15.00
CA ASN D 720 71.70 25.88 -14.38
C ASN D 720 72.97 26.41 -15.05
N GLU D 721 73.90 25.52 -15.42
CA GLU D 721 75.08 25.81 -16.27
C GLU D 721 75.39 24.62 -17.19
N THR D 722 76.51 24.67 -17.91
CA THR D 722 76.95 23.61 -18.86
C THR D 722 77.46 22.42 -18.07
N VAL D 723 76.98 21.21 -18.40
CA VAL D 723 77.47 19.93 -17.82
C VAL D 723 78.08 19.10 -18.96
N GLU D 724 79.29 18.56 -18.75
CA GLU D 724 79.87 17.53 -19.63
C GLU D 724 79.36 16.16 -19.17
N LEU D 725 78.50 15.53 -19.96
CA LEU D 725 77.87 14.21 -19.66
C LEU D 725 78.54 13.17 -20.55
N ARG D 726 78.86 12.00 -19.98
CA ARG D 726 79.55 10.89 -20.67
C ARG D 726 78.74 9.61 -20.42
N VAL D 727 78.12 9.08 -21.47
CA VAL D 727 77.25 7.88 -21.39
C VAL D 727 77.98 6.72 -22.09
N LYS D 728 78.07 5.57 -21.42
CA LYS D 728 78.73 4.35 -21.95
C LYS D 728 77.86 3.80 -23.08
N ASN D 729 78.45 3.57 -24.26
CA ASN D 729 77.73 2.98 -25.43
C ASN D 729 77.52 1.49 -25.18
N PRO D 730 76.51 0.84 -25.81
CA PRO D 730 76.56 -0.63 -25.94
C PRO D 730 77.93 -0.98 -26.54
N VAL D 731 78.60 -2.03 -26.06
CA VAL D 731 80.05 -2.24 -26.32
C VAL D 731 80.27 -2.33 -27.84
N GLY D 732 81.23 -1.56 -28.37
CA GLY D 732 81.82 -1.79 -29.70
C GLY D 732 81.01 -1.21 -30.83
N VAL D 733 79.94 -0.46 -30.56
CA VAL D 733 79.10 0.19 -31.62
C VAL D 733 79.33 1.70 -31.57
N PRO D 734 79.68 2.36 -32.70
CA PRO D 734 79.95 3.80 -32.66
C PRO D 734 78.67 4.65 -32.64
N THR D 735 78.76 5.88 -32.14
CA THR D 735 77.62 6.85 -32.06
C THR D 735 77.66 7.79 -33.27
N GLU D 736 76.51 7.98 -33.94
CA GLU D 736 76.40 8.70 -35.24
C GLU D 736 75.91 10.13 -35.03
N SER D 737 74.96 10.35 -34.11
CA SER D 737 74.38 11.69 -33.83
C SER D 737 73.79 11.74 -32.42
N VAL D 738 73.84 12.91 -31.79
CA VAL D 738 73.23 13.17 -30.45
C VAL D 738 72.35 14.41 -30.63
N VAL D 739 71.06 14.24 -30.35
CA VAL D 739 70.01 15.30 -30.43
C VAL D 739 69.53 15.61 -29.01
N VAL D 740 69.59 16.87 -28.60
CA VAL D 740 69.01 17.43 -27.35
C VAL D 740 68.08 18.57 -27.75
N ASN D 741 66.80 18.46 -27.42
CA ASN D 741 65.73 19.43 -27.79
C ASN D 741 65.66 19.58 -29.31
N GLY D 742 65.68 18.48 -30.05
CA GLY D 742 65.46 18.44 -31.51
C GLY D 742 66.62 19.03 -32.33
N GLU D 743 67.74 19.36 -31.70
CA GLU D 743 68.96 19.89 -32.40
C GLU D 743 70.14 18.95 -32.17
N ASN D 744 70.86 18.59 -33.23
CA ASN D 744 72.19 17.94 -33.13
C ASN D 744 73.06 18.78 -32.19
N ILE D 745 73.78 18.14 -31.28
CA ILE D 745 74.76 18.83 -30.39
C ILE D 745 76.14 18.24 -30.69
N GLU D 746 77.21 19.01 -30.52
CA GLU D 746 78.60 18.51 -30.69
C GLU D 746 78.84 17.39 -29.68
N PHE D 747 79.41 16.28 -30.12
CA PHE D 747 79.62 15.06 -29.31
C PHE D 747 80.82 14.30 -29.87
N SER D 748 81.61 13.67 -29.00
CA SER D 748 82.78 12.82 -29.36
C SER D 748 82.65 11.50 -28.61
N VAL D 749 83.49 10.52 -28.93
CA VAL D 749 83.53 9.19 -28.27
C VAL D 749 84.94 8.99 -27.71
N GLU D 750 85.05 8.68 -26.42
CA GLU D 750 86.33 8.40 -25.72
C GLU D 750 86.14 7.13 -24.88
N ASP D 751 86.99 6.12 -25.11
CA ASP D 751 86.98 4.82 -24.38
C ASP D 751 85.56 4.26 -24.32
N GLY D 752 84.81 4.29 -25.43
CA GLY D 752 83.47 3.67 -25.55
C GLY D 752 82.38 4.44 -24.79
N TYR D 753 82.58 5.73 -24.54
CA TYR D 753 81.58 6.66 -23.94
C TYR D 753 81.32 7.81 -24.91
N THR D 754 80.05 8.14 -25.15
CA THR D 754 79.59 9.37 -25.85
C THR D 754 79.74 10.54 -24.89
N VAL D 755 80.51 11.57 -25.27
CA VAL D 755 80.82 12.77 -24.45
C VAL D 755 80.19 13.99 -25.11
N ILE D 756 79.28 14.68 -24.41
CA ILE D 756 78.56 15.88 -24.89
C ILE D 756 78.56 16.95 -23.78
N GLN D 757 78.67 18.22 -24.18
CA GLN D 757 78.38 19.40 -23.34
C GLN D 757 76.89 19.72 -23.50
N VAL D 758 76.13 19.72 -22.39
CA VAL D 758 74.69 20.10 -22.41
C VAL D 758 74.53 21.38 -21.58
N ALA D 759 74.01 22.44 -22.20
CA ALA D 759 73.94 23.81 -21.63
C ALA D 759 72.54 24.10 -21.07
N GLU D 760 71.55 23.28 -21.46
CA GLU D 760 70.19 23.31 -20.87
C GLU D 760 69.72 21.87 -20.63
N GLY D 761 68.43 21.60 -20.87
CA GLY D 761 67.86 20.25 -20.77
C GLY D 761 66.93 19.95 -21.93
N GLY D 762 66.11 18.90 -21.80
CA GLY D 762 65.15 18.50 -22.84
C GLY D 762 65.28 17.02 -23.14
N ASP D 763 64.63 16.54 -24.19
CA ASP D 763 64.74 15.15 -24.69
C ASP D 763 66.14 14.96 -25.29
N ILE D 764 66.76 13.80 -25.06
CA ILE D 764 68.11 13.43 -25.57
C ILE D 764 67.97 12.10 -26.31
N ASN D 765 68.41 12.05 -27.57
CA ASN D 765 68.53 10.82 -28.39
C ASN D 765 70.00 10.64 -28.74
N ILE D 766 70.60 9.52 -28.34
CA ILE D 766 71.97 9.13 -28.76
C ILE D 766 71.79 8.02 -29.80
N ASN D 767 71.98 8.33 -31.09
CA ASN D 767 71.81 7.37 -32.20
C ASN D 767 73.15 6.70 -32.48
N PHE D 768 73.26 5.38 -32.32
CA PHE D 768 74.46 4.58 -32.68
C PHE D 768 74.21 3.83 -34.00
N GLY D 769 75.25 3.68 -34.83
CA GLY D 769 75.24 2.77 -36.00
C GLY D 769 75.88 1.44 -35.63
N GLU D 770 76.18 0.60 -36.63
CA GLU D 770 76.70 -0.78 -36.42
C GLU D 770 78.23 -0.78 -36.23
#